data_5SCB
#
_entry.id   5SCB
#
_cell.length_a   207.633
_cell.length_b   112.468
_cell.length_c   188.257
_cell.angle_alpha   90.000
_cell.angle_beta   91.980
_cell.angle_gamma   90.000
#
_symmetry.space_group_name_H-M   'C 1 2 1'
#
loop_
_entity.id
_entity.type
_entity.pdbx_description
1 polymer 'Pyruvate kinase'
2 non-polymer 1,6-di-O-phosphono-beta-D-fructofuranose
3 non-polymer 'OXALATE ION'
4 non-polymer '(3R)-1-(3,4-dihydroxy-9,10-dioxo-9,10-dihydroanthracene-2-sulfonyl)piperidine-3-carboxylic acid'
5 non-polymer 'MAGNESIUM ION'
6 non-polymer 'POTASSIUM ION'
7 water water
#
_entity_poly.entity_id   1
_entity_poly.type   'polypeptide(L)'
_entity_poly.pdbx_seq_one_letter_code
;GSMEGPAGYLRRADVAQLTQELGTAFFQQQQLPAAMADTFLEHLCLLDIDSEPVAARSTSIIATIGPASRSVERLKEMIK
AGMNIARLNFSHGSHEYHAESIANVREAVESFAGSPLSYRPVAIALDTKGPGSGPGLSEQDVRDLRFGVEHGVDIVFASF
VRKASDVAAVRAALGPEGHGIKIISKIENHEGVKRFDEILEVSDGIMVARGDLGIEIPAEKVFLAQKMMIGRCNLAGKPV
VCATQMLESMITKPRPTRAETSDVANAVLDGADCIMLSGETAKGNFPVEAVKMQHAIAREAEAAVYHRQLFEELRRAAPL
SRDPTEVTAIGAVEAAFKCCAAAIIVLTTTGRSAQLLSRYRPRAAVIAVTRSAQAARQVHLCRGVFPLLYREPPEAIWAD
DVDRRVQFGIESGKLRGFLRVGDLVIVVTGWRPGSGYTNIMRVLSIS
;
_entity_poly.pdbx_strand_id   A,B,C,D,E,F,G,H
#
loop_
_chem_comp.id
_chem_comp.type
_chem_comp.name
_chem_comp.formula
FBP D-saccharide, beta linking 1,6-di-O-phosphono-beta-D-fructofuranose 'C6 H14 O12 P2'
I7V non-polymer '(3R)-1-(3,4-dihydroxy-9,10-dioxo-9,10-dihydroanthracene-2-sulfonyl)piperidine-3-carboxylic acid' 'C20 H17 N O8 S'
K non-polymer 'POTASSIUM ION' 'K 1'
MG non-polymer 'MAGNESIUM ION' 'Mg 2'
OXL non-polymer 'OXALATE ION' 'C2 O4 -2'
#
# COMPACT_ATOMS: atom_id res chain seq x y z
N GLN A 28 16.27 8.86 25.39
CA GLN A 28 17.21 9.38 26.38
C GLN A 28 16.96 10.85 26.74
N GLN A 29 17.44 11.21 27.94
CA GLN A 29 17.43 12.48 28.63
C GLN A 29 18.34 13.53 27.96
N GLN A 30 18.29 14.77 28.47
CA GLN A 30 19.09 15.92 28.07
C GLN A 30 19.25 16.08 26.55
N GLN A 31 18.17 15.83 25.81
CA GLN A 31 18.13 15.95 24.34
C GLN A 31 19.26 15.20 23.65
N LEU A 32 19.69 14.06 24.23
CA LEU A 32 20.79 13.29 23.63
C LEU A 32 20.46 12.76 22.22
N PRO A 33 19.23 12.32 21.89
CA PRO A 33 18.95 11.97 20.48
C PRO A 33 19.16 13.16 19.53
N ALA A 34 18.72 14.38 19.94
CA ALA A 34 18.96 15.57 19.11
C ALA A 34 20.45 15.94 19.05
N ALA A 35 21.19 15.65 20.13
CA ALA A 35 22.62 15.94 20.20
C ALA A 35 23.42 15.06 19.24
N MET A 36 22.95 13.83 18.97
CA MET A 36 23.66 12.92 18.06
C MET A 36 23.33 13.14 16.58
N ALA A 37 22.44 14.09 16.24
CA ALA A 37 22.06 14.32 14.86
C ALA A 37 23.20 14.78 13.98
N ASP A 38 23.14 14.43 12.69
CA ASP A 38 24.20 14.75 11.73
C ASP A 38 24.09 16.13 11.10
N THR A 39 22.91 16.78 11.19
CA THR A 39 22.75 18.14 10.68
C THR A 39 22.00 18.98 11.74
N PHE A 40 22.09 20.31 11.65
CA PHE A 40 21.37 21.20 12.55
C PHE A 40 19.85 21.02 12.34
N LEU A 41 19.41 20.86 11.09
CA LEU A 41 17.99 20.65 10.78
C LEU A 41 17.48 19.37 11.47
N GLU A 42 18.22 18.25 11.36
CA GLU A 42 17.83 16.99 12.00
CA GLU A 42 17.80 17.00 12.00
C GLU A 42 17.84 17.15 13.53
N HIS A 43 18.78 17.94 14.06
CA HIS A 43 18.88 18.20 15.50
C HIS A 43 17.59 18.88 15.98
N LEU A 44 17.09 19.88 15.23
CA LEU A 44 15.84 20.56 15.61
C LEU A 44 14.67 19.58 15.55
N CYS A 45 14.60 18.74 14.49
CA CYS A 45 13.54 17.76 14.31
C CYS A 45 13.48 16.73 15.45
N LEU A 46 14.62 16.48 16.13
CA LEU A 46 14.69 15.50 17.21
C LEU A 46 14.51 16.07 18.61
N LEU A 47 14.33 17.41 18.74
CA LEU A 47 14.08 18.02 20.07
C LEU A 47 12.79 17.45 20.64
N ASP A 48 12.81 17.03 21.90
CA ASP A 48 11.72 16.32 22.52
C ASP A 48 11.32 16.96 23.84
N ILE A 49 10.05 17.40 23.95
CA ILE A 49 9.57 18.02 25.19
C ILE A 49 9.58 17.04 26.39
N ASP A 50 9.63 15.72 26.14
CA ASP A 50 9.69 14.73 27.21
C ASP A 50 11.13 14.33 27.59
N SER A 51 12.14 14.88 26.91
CA SER A 51 13.53 14.58 27.24
C SER A 51 13.94 15.57 28.33
N GLU A 52 13.99 15.10 29.58
CA GLU A 52 14.26 15.97 30.72
C GLU A 52 15.70 16.41 30.87
N PRO A 53 15.92 17.69 31.21
CA PRO A 53 17.29 18.16 31.43
C PRO A 53 17.88 17.51 32.68
N VAL A 54 19.15 17.09 32.63
CA VAL A 54 19.78 16.48 33.81
C VAL A 54 20.95 17.33 34.30
N ALA A 55 21.67 18.00 33.38
CA ALA A 55 22.79 18.85 33.76
C ALA A 55 22.37 20.06 34.57
N ALA A 56 23.30 20.57 35.40
CA ALA A 56 23.03 21.76 36.20
C ALA A 56 22.95 22.96 35.26
N ARG A 57 22.12 23.96 35.64
CA ARG A 57 21.92 25.14 34.84
C ARG A 57 23.23 25.93 34.73
N SER A 58 23.70 26.12 33.48
CA SER A 58 24.95 26.77 33.13
C SER A 58 24.95 28.27 32.96
N THR A 59 23.85 28.86 32.48
CA THR A 59 23.80 30.29 32.21
C THR A 59 23.48 31.03 33.49
N SER A 60 24.33 31.95 33.93
CA SER A 60 24.08 32.68 35.18
C SER A 60 22.93 33.64 35.08
N ILE A 61 22.27 33.86 36.20
CA ILE A 61 21.16 34.80 36.28
C ILE A 61 21.59 36.01 37.07
N ILE A 62 21.42 37.20 36.48
CA ILE A 62 21.70 38.45 37.16
C ILE A 62 20.35 39.06 37.55
N ALA A 63 20.14 39.33 38.85
CA ALA A 63 18.89 39.94 39.31
C ALA A 63 19.16 41.34 39.81
N THR A 64 18.31 42.29 39.45
CA THR A 64 18.46 43.67 39.89
C THR A 64 17.83 43.80 41.26
N ILE A 65 18.59 44.36 42.21
CA ILE A 65 18.11 44.50 43.56
C ILE A 65 17.45 45.86 43.78
N GLY A 66 16.22 45.84 44.27
CA GLY A 66 15.47 47.06 44.55
C GLY A 66 14.43 46.85 45.63
N PRO A 67 13.42 47.73 45.68
CA PRO A 67 12.38 47.61 46.72
C PRO A 67 11.72 46.24 46.85
N ALA A 68 11.47 45.53 45.72
CA ALA A 68 10.82 44.23 45.78
C ALA A 68 11.73 43.07 46.15
N SER A 69 13.04 43.27 46.16
CA SER A 69 13.98 42.19 46.38
C SER A 69 15.14 42.61 47.31
N ARG A 70 14.85 43.50 48.27
CA ARG A 70 15.87 44.03 49.16
C ARG A 70 16.03 43.35 50.49
N SER A 71 14.95 42.77 51.03
CA SER A 71 15.00 42.15 52.34
C SER A 71 15.85 40.89 52.35
N VAL A 72 16.44 40.57 53.50
CA VAL A 72 17.29 39.41 53.68
C VAL A 72 16.52 38.13 53.39
N GLU A 73 15.28 38.05 53.88
CA GLU A 73 14.44 36.88 53.69
C GLU A 73 14.12 36.65 52.21
N ARG A 74 13.83 37.73 51.48
CA ARG A 74 13.51 37.68 50.07
C ARG A 74 14.78 37.29 49.27
N LEU A 75 15.94 37.85 49.65
CA LEU A 75 17.21 37.53 49.02
C LEU A 75 17.60 36.07 49.20
N LYS A 76 17.28 35.46 50.34
CA LYS A 76 17.55 34.03 50.55
C LYS A 76 16.74 33.21 49.56
N GLU A 77 15.46 33.60 49.34
CA GLU A 77 14.57 32.92 48.40
CA GLU A 77 14.61 32.89 48.40
C GLU A 77 15.11 33.07 46.97
N MET A 78 15.66 34.24 46.63
CA MET A 78 16.21 34.49 45.30
CA MET A 78 16.20 34.49 45.30
C MET A 78 17.48 33.69 45.05
N ILE A 79 18.31 33.51 46.09
CA ILE A 79 19.53 32.72 45.98
C ILE A 79 19.13 31.26 45.75
N LYS A 80 18.13 30.77 46.49
CA LYS A 80 17.65 29.39 46.33
C LYS A 80 17.01 29.18 44.94
N ALA A 81 16.33 30.20 44.42
CA ALA A 81 15.71 30.14 43.11
C ALA A 81 16.75 30.14 41.96
N GLY A 82 17.96 30.64 42.22
CA GLY A 82 19.02 30.62 41.20
C GLY A 82 19.80 31.89 40.95
N MET A 83 19.54 32.99 41.67
CA MET A 83 20.30 34.23 41.46
C MET A 83 21.81 34.03 41.69
N ASN A 84 22.64 34.39 40.71
CA ASN A 84 24.09 34.24 40.83
C ASN A 84 24.80 35.57 40.98
N ILE A 85 24.22 36.64 40.40
CA ILE A 85 24.80 37.98 40.43
C ILE A 85 23.71 38.98 40.83
N ALA A 86 24.01 39.86 41.80
CA ALA A 86 23.08 40.88 42.26
C ALA A 86 23.51 42.18 41.61
N ARG A 87 22.62 42.80 40.85
CA ARG A 87 22.94 44.05 40.15
C ARG A 87 22.36 45.25 40.94
N LEU A 88 23.16 46.29 41.13
CA LEU A 88 22.70 47.49 41.83
C LEU A 88 22.73 48.57 40.81
N ASN A 89 21.58 49.17 40.54
CA ASN A 89 21.49 50.18 39.51
C ASN A 89 21.69 51.57 40.09
N PHE A 90 22.88 52.15 39.84
CA PHE A 90 23.19 53.47 40.37
C PHE A 90 22.49 54.61 39.63
N SER A 91 21.58 54.30 38.68
CA SER A 91 20.75 55.33 38.05
C SER A 91 19.64 55.78 39.05
N HIS A 92 19.35 54.96 40.08
CA HIS A 92 18.33 55.20 41.08
C HIS A 92 18.90 54.98 42.49
N GLY A 93 18.21 55.48 43.51
CA GLY A 93 18.63 55.31 44.90
C GLY A 93 19.83 56.15 45.27
N SER A 94 20.31 55.97 46.48
CA SER A 94 21.46 56.71 46.99
C SER A 94 22.58 55.74 47.38
N HIS A 95 23.75 56.26 47.78
CA HIS A 95 24.85 55.43 48.25
C HIS A 95 24.43 54.66 49.50
N GLU A 96 23.69 55.32 50.41
CA GLU A 96 23.20 54.67 51.62
C GLU A 96 22.23 53.54 51.31
N TYR A 97 21.34 53.78 50.34
CA TYR A 97 20.35 52.77 49.94
C TYR A 97 21.07 51.53 49.36
N HIS A 98 22.00 51.74 48.44
CA HIS A 98 22.74 50.65 47.83
C HIS A 98 23.67 49.94 48.79
N ALA A 99 24.25 50.66 49.76
CA ALA A 99 25.10 50.01 50.78
C ALA A 99 24.27 49.05 51.61
N GLU A 100 23.02 49.43 51.94
CA GLU A 100 22.14 48.55 52.70
C GLU A 100 21.75 47.33 51.87
N SER A 101 21.53 47.51 50.55
CA SER A 101 21.21 46.39 49.66
C SER A 101 22.37 45.40 49.63
N ILE A 102 23.63 45.91 49.50
CA ILE A 102 24.84 45.09 49.52
C ILE A 102 24.95 44.30 50.81
N ALA A 103 24.73 44.97 51.96
CA ALA A 103 24.81 44.30 53.26
C ALA A 103 23.77 43.19 53.37
N ASN A 104 22.56 43.42 52.86
CA ASN A 104 21.50 42.40 52.90
C ASN A 104 21.83 41.22 52.00
N VAL A 105 22.42 41.47 50.83
CA VAL A 105 22.86 40.40 49.92
C VAL A 105 23.91 39.53 50.62
N ARG A 106 24.93 40.19 51.20
CA ARG A 106 25.99 39.47 51.92
C ARG A 106 25.46 38.66 53.11
N GLU A 107 24.48 39.22 53.85
CA GLU A 107 23.90 38.49 54.97
C GLU A 107 23.13 37.25 54.46
N ALA A 108 22.35 37.41 53.39
CA ALA A 108 21.60 36.28 52.83
C ALA A 108 22.56 35.20 52.31
N VAL A 109 23.64 35.60 51.63
CA VAL A 109 24.64 34.67 51.08
C VAL A 109 25.34 33.89 52.20
N GLU A 110 25.79 34.62 53.24
CA GLU A 110 26.51 33.97 54.33
C GLU A 110 25.63 33.11 55.22
N SER A 111 24.30 33.25 55.14
CA SER A 111 23.41 32.38 55.92
C SER A 111 23.51 30.90 55.49
N PHE A 112 24.09 30.62 54.29
CA PHE A 112 24.27 29.26 53.78
C PHE A 112 25.73 28.73 53.92
N ALA A 113 26.64 29.55 54.49
CA ALA A 113 28.06 29.20 54.64
C ALA A 113 28.35 28.00 55.58
N GLY A 114 27.38 27.61 56.40
CA GLY A 114 27.54 26.48 57.31
C GLY A 114 27.63 25.12 56.65
N SER A 115 27.32 25.06 55.35
CA SER A 115 27.42 23.83 54.56
C SER A 115 28.38 24.15 53.42
N PRO A 116 29.70 24.00 53.66
CA PRO A 116 30.68 24.39 52.63
C PRO A 116 30.62 23.63 51.30
N LEU A 117 30.13 22.38 51.31
CA LEU A 117 30.02 21.62 50.06
C LEU A 117 28.87 22.11 49.17
N SER A 118 27.91 22.89 49.71
CA SER A 118 26.80 23.38 48.89
C SER A 118 26.71 24.92 48.82
N TYR A 119 27.55 25.66 49.58
CA TYR A 119 27.54 27.13 49.62
C TYR A 119 27.62 27.73 48.21
N ARG A 120 26.77 28.72 47.94
CA ARG A 120 26.76 29.38 46.65
C ARG A 120 27.22 30.84 46.71
N PRO A 121 28.41 31.12 46.15
CA PRO A 121 28.85 32.52 46.06
C PRO A 121 27.89 33.37 45.19
N VAL A 122 27.74 34.66 45.49
CA VAL A 122 26.88 35.56 44.70
C VAL A 122 27.69 36.81 44.43
N ALA A 123 27.87 37.18 43.16
CA ALA A 123 28.63 38.38 42.82
C ALA A 123 27.81 39.64 43.01
N ILE A 124 28.47 40.76 43.26
CA ILE A 124 27.81 42.05 43.39
C ILE A 124 28.30 42.91 42.27
N ALA A 125 27.38 43.39 41.43
CA ALA A 125 27.72 44.19 40.28
C ALA A 125 27.14 45.59 40.42
N LEU A 126 27.92 46.60 40.08
CA LEU A 126 27.48 47.99 40.15
C LEU A 126 27.21 48.46 38.74
N ASP A 127 25.99 48.89 38.45
CA ASP A 127 25.65 49.38 37.11
C ASP A 127 25.65 50.91 37.17
N THR A 128 26.52 51.56 36.41
CA THR A 128 26.65 53.02 36.46
C THR A 128 25.51 53.79 35.82
N LYS A 129 25.34 55.05 36.25
CA LYS A 129 24.31 55.94 35.72
C LYS A 129 24.62 56.29 34.27
N GLY A 130 25.88 56.53 33.95
CA GLY A 130 26.28 56.82 32.59
C GLY A 130 26.72 58.25 32.35
N PRO A 131 27.18 58.53 31.11
CA PRO A 131 27.69 59.87 30.79
C PRO A 131 26.63 60.95 30.62
N GLY A 132 25.38 60.56 30.37
CA GLY A 132 24.31 61.51 30.14
C GLY A 132 24.54 62.30 28.88
N SER A 133 24.51 63.65 28.98
CA SER A 133 24.76 64.52 27.83
C SER A 133 26.25 64.79 27.55
N GLY A 134 27.13 64.40 28.48
CA GLY A 134 28.56 64.62 28.34
C GLY A 134 29.23 63.68 27.36
N GLY A 136 32.07 61.73 27.95
CA GLY A 136 32.99 60.92 28.74
C GLY A 136 32.49 60.65 30.14
N LEU A 137 33.40 60.18 31.02
CA LEU A 137 33.06 59.82 32.40
C LEU A 137 32.54 60.99 33.23
N SER A 138 31.30 60.88 33.71
CA SER A 138 30.66 61.91 34.52
C SER A 138 31.22 61.95 35.94
N GLU A 139 30.99 63.05 36.66
CA GLU A 139 31.45 63.17 38.04
C GLU A 139 30.69 62.25 38.97
N GLN A 140 29.40 62.00 38.69
CA GLN A 140 28.63 61.09 39.52
C GLN A 140 29.17 59.67 39.36
N ASP A 141 29.59 59.28 38.14
CA ASP A 141 30.16 57.97 37.90
C ASP A 141 31.48 57.81 38.64
N VAL A 142 32.29 58.87 38.73
CA VAL A 142 33.56 58.81 39.48
C VAL A 142 33.28 58.50 40.96
N ARG A 143 32.27 59.16 41.53
CA ARG A 143 31.89 58.94 42.92
C ARG A 143 31.28 57.56 43.15
N ASP A 144 30.44 57.10 42.22
CA ASP A 144 29.82 55.78 42.32
C ASP A 144 30.87 54.67 42.15
N LEU A 145 31.83 54.85 41.25
CA LEU A 145 32.90 53.88 41.05
C LEU A 145 33.78 53.79 42.29
N ARG A 146 34.02 54.93 42.95
CA ARG A 146 34.80 54.95 44.20
C ARG A 146 34.02 54.23 45.29
N PHE A 147 32.69 54.42 45.34
CA PHE A 147 31.83 53.72 46.30
C PHE A 147 31.95 52.19 46.07
N GLY A 148 31.95 51.77 44.81
CA GLY A 148 32.08 50.36 44.46
C GLY A 148 33.36 49.74 44.96
N VAL A 149 34.49 50.44 44.77
CA VAL A 149 35.77 49.95 45.26
C VAL A 149 35.76 49.86 46.79
N GLU A 150 35.25 50.91 47.47
CA GLU A 150 35.19 50.92 48.93
C GLU A 150 34.29 49.85 49.50
N HIS A 151 33.25 49.44 48.74
CA HIS A 151 32.34 48.39 49.20
C HIS A 151 32.65 47.00 48.65
N GLY A 152 33.79 46.83 47.97
CA GLY A 152 34.23 45.55 47.45
C GLY A 152 33.36 44.90 46.40
N VAL A 153 32.82 45.69 45.45
CA VAL A 153 32.01 45.11 44.38
C VAL A 153 32.90 44.27 43.46
N ASP A 154 32.32 43.26 42.83
CA ASP A 154 33.08 42.36 41.98
C ASP A 154 33.12 42.79 40.52
N ILE A 155 32.05 43.42 40.05
CA ILE A 155 31.88 43.76 38.65
C ILE A 155 31.30 45.14 38.50
N VAL A 156 31.64 45.81 37.42
CA VAL A 156 31.05 47.08 37.05
C VAL A 156 30.39 46.88 35.67
N PHE A 157 29.11 47.23 35.55
CA PHE A 157 28.43 47.22 34.26
C PHE A 157 28.50 48.70 33.87
N ALA A 158 29.40 49.06 32.95
CA ALA A 158 29.60 50.46 32.57
C ALA A 158 28.60 50.89 31.50
N SER A 159 27.72 51.84 31.84
CA SER A 159 26.70 52.33 30.91
C SER A 159 27.24 53.15 29.77
N PHE A 160 26.57 53.03 28.62
CA PHE A 160 26.84 53.78 27.40
C PHE A 160 28.31 53.83 26.98
N VAL A 161 28.97 52.66 26.91
CA VAL A 161 30.34 52.61 26.44
C VAL A 161 30.31 52.79 24.93
N ARG A 162 30.99 53.81 24.40
CA ARG A 162 30.99 54.02 22.94
C ARG A 162 32.38 53.96 22.30
N LYS A 163 33.43 53.78 23.09
CA LYS A 163 34.78 53.67 22.56
C LYS A 163 35.73 53.12 23.63
N ALA A 164 36.92 52.65 23.21
CA ALA A 164 37.91 52.10 24.12
C ALA A 164 38.32 53.07 25.23
N SER A 165 38.40 54.37 24.94
CA SER A 165 38.79 55.36 25.96
C SER A 165 37.77 55.48 27.09
N ASP A 166 36.49 55.13 26.84
CA ASP A 166 35.48 55.13 27.91
C ASP A 166 35.83 54.04 28.93
N VAL A 167 36.30 52.87 28.45
CA VAL A 167 36.68 51.76 29.33
C VAL A 167 37.93 52.16 30.14
N ALA A 168 38.91 52.79 29.49
CA ALA A 168 40.13 53.25 30.17
C ALA A 168 39.78 54.24 31.29
N ALA A 169 38.81 55.14 31.04
CA ALA A 169 38.38 56.10 32.05
C ALA A 169 37.75 55.40 33.26
N VAL A 170 36.92 54.35 33.02
CA VAL A 170 36.32 53.60 34.12
C VAL A 170 37.39 52.90 34.94
N ARG A 171 38.35 52.28 34.24
CA ARG A 171 39.46 51.58 34.88
C ARG A 171 40.29 52.55 35.76
N ALA A 172 40.56 53.76 35.25
CA ALA A 172 41.31 54.76 35.99
C ALA A 172 40.53 55.21 37.23
N ALA A 173 39.21 55.39 37.10
CA ALA A 173 38.36 55.79 38.22
C ALA A 173 38.24 54.72 39.31
N LEU A 174 38.53 53.45 38.98
CA LEU A 174 38.53 52.39 39.99
C LEU A 174 39.82 52.42 40.86
N GLY A 175 40.86 53.08 40.36
CA GLY A 175 42.12 53.27 41.07
C GLY A 175 42.96 52.03 41.28
N PRO A 176 43.98 52.15 42.13
CA PRO A 176 44.87 51.02 42.37
C PRO A 176 44.24 49.88 43.15
N GLU A 177 43.23 50.17 43.98
CA GLU A 177 42.57 49.13 44.77
C GLU A 177 41.48 48.35 43.99
N GLY A 178 41.09 48.87 42.83
CA GLY A 178 40.04 48.24 42.02
C GLY A 178 40.54 47.52 40.79
N HIS A 179 41.84 47.20 40.73
CA HIS A 179 42.45 46.50 39.59
C HIS A 179 41.82 45.13 39.28
N GLY A 180 41.25 44.50 40.29
CA GLY A 180 40.65 43.18 40.16
C GLY A 180 39.19 43.16 39.76
N ILE A 181 38.54 44.34 39.75
CA ILE A 181 37.12 44.43 39.38
C ILE A 181 36.94 44.23 37.87
N LYS A 182 35.98 43.37 37.48
CA LYS A 182 35.71 43.13 36.06
C LYS A 182 34.89 44.27 35.49
N ILE A 183 35.27 44.76 34.31
CA ILE A 183 34.51 45.81 33.65
C ILE A 183 33.74 45.19 32.47
N ILE A 184 32.43 45.18 32.58
CA ILE A 184 31.55 44.68 31.52
C ILE A 184 30.99 45.91 30.85
N SER A 185 31.38 46.16 29.61
CA SER A 185 30.90 47.32 28.87
C SER A 185 29.50 47.14 28.33
N LYS A 186 28.61 48.08 28.64
CA LYS A 186 27.24 48.04 28.14
C LYS A 186 27.18 48.74 26.78
N ILE A 187 26.71 48.03 25.75
CA ILE A 187 26.58 48.57 24.40
C ILE A 187 25.13 48.98 24.27
N GLU A 188 24.89 50.29 24.17
CA GLU A 188 23.55 50.86 24.22
C GLU A 188 23.20 51.79 23.06
N ASN A 189 24.09 52.00 22.11
CA ASN A 189 23.82 52.92 21.00
C ASN A 189 24.56 52.53 19.72
N HIS A 190 24.31 53.27 18.62
CA HIS A 190 24.93 52.97 17.34
C HIS A 190 26.45 52.99 17.39
N GLU A 191 27.03 53.98 18.07
CA GLU A 191 28.49 54.10 18.15
C GLU A 191 29.14 52.91 18.85
N GLY A 192 28.55 52.47 19.95
CA GLY A 192 29.03 51.28 20.66
C GLY A 192 29.00 50.05 19.80
N VAL A 193 27.95 49.89 18.98
CA VAL A 193 27.86 48.74 18.08
C VAL A 193 28.93 48.83 16.99
N LYS A 194 29.10 50.01 16.38
CA LYS A 194 30.11 50.19 15.32
C LYS A 194 31.55 50.08 15.81
N ARG A 195 31.81 50.53 17.03
CA ARG A 195 33.15 50.42 17.61
C ARG A 195 33.28 49.22 18.56
N PHE A 196 32.42 48.20 18.37
CA PHE A 196 32.40 47.01 19.21
C PHE A 196 33.77 46.33 19.36
N ASP A 197 34.48 46.07 18.26
CA ASP A 197 35.77 45.39 18.33
C ASP A 197 36.78 46.08 19.26
N GLU A 198 36.89 47.41 19.17
CA GLU A 198 37.82 48.13 20.03
C GLU A 198 37.38 48.14 21.49
N ILE A 199 36.06 48.15 21.74
CA ILE A 199 35.53 48.12 23.09
C ILE A 199 35.77 46.74 23.71
N LEU A 200 35.44 45.66 22.97
CA LEU A 200 35.61 44.30 23.49
C LEU A 200 37.08 44.01 23.82
N GLU A 201 38.00 44.49 22.98
CA GLU A 201 39.44 44.30 23.15
CA GLU A 201 39.44 44.29 23.16
C GLU A 201 39.93 44.73 24.55
N VAL A 202 39.44 45.86 25.06
CA VAL A 202 39.85 46.37 26.36
C VAL A 202 38.89 46.07 27.50
N SER A 203 37.74 45.43 27.24
CA SER A 203 36.78 45.13 28.31
C SER A 203 36.95 43.69 28.78
N ASP A 204 36.46 43.39 29.97
CA ASP A 204 36.44 42.00 30.44
C ASP A 204 35.25 41.21 29.79
N GLY A 205 34.24 41.94 29.32
CA GLY A 205 33.06 41.37 28.71
C GLY A 205 32.07 42.43 28.27
N ILE A 206 30.89 42.01 27.80
CA ILE A 206 29.92 42.93 27.23
C ILE A 206 28.52 42.68 27.73
N MET A 207 27.72 43.74 27.82
CA MET A 207 26.31 43.59 28.09
C MET A 207 25.55 44.16 26.89
N VAL A 208 24.62 43.36 26.32
CA VAL A 208 23.76 43.84 25.24
C VAL A 208 22.60 44.50 25.98
N ALA A 209 22.71 45.83 26.15
CA ALA A 209 21.73 46.60 26.92
C ALA A 209 20.60 47.00 25.99
N ARG A 210 19.63 46.08 25.80
CA ARG A 210 18.58 46.23 24.79
C ARG A 210 17.58 47.36 25.02
N GLY A 211 17.44 47.84 26.26
CA GLY A 211 16.53 48.94 26.59
C GLY A 211 16.88 50.19 25.80
N ASP A 212 18.06 50.76 26.08
CA ASP A 212 18.54 51.91 25.35
C ASP A 212 18.84 51.59 23.91
N LEU A 213 19.41 50.40 23.61
CA LEU A 213 19.74 50.02 22.24
C LEU A 213 18.50 50.07 21.33
N GLY A 214 17.35 49.62 21.85
CA GLY A 214 16.09 49.62 21.13
C GLY A 214 15.44 50.98 20.92
N ILE A 215 15.99 52.02 21.55
CA ILE A 215 15.57 53.42 21.39
C ILE A 215 16.59 54.16 20.54
N GLU A 216 17.89 53.81 20.65
CA GLU A 216 18.99 54.44 19.92
C GLU A 216 19.10 53.97 18.49
N ILE A 217 18.74 52.70 18.22
CA ILE A 217 18.73 52.17 16.86
C ILE A 217 17.30 51.64 16.59
N PRO A 218 16.88 51.42 15.33
CA PRO A 218 15.53 50.88 15.09
C PRO A 218 15.28 49.58 15.89
N ALA A 219 14.12 49.48 16.55
CA ALA A 219 13.79 48.31 17.38
C ALA A 219 13.94 46.98 16.65
N GLU A 220 13.60 46.96 15.36
CA GLU A 220 13.69 45.76 14.51
C GLU A 220 15.12 45.33 14.17
N LYS A 221 16.13 46.12 14.58
CA LYS A 221 17.53 45.76 14.30
C LYS A 221 18.25 45.26 15.57
N VAL A 222 17.65 45.37 16.75
CA VAL A 222 18.30 44.97 18.00
C VAL A 222 18.73 43.51 17.98
N PHE A 223 17.90 42.59 17.41
CA PHE A 223 18.27 41.19 17.38
C PHE A 223 19.57 40.95 16.59
N LEU A 224 19.85 41.77 15.55
CA LEU A 224 21.06 41.63 14.75
C LEU A 224 22.28 42.04 15.61
N ALA A 225 22.17 43.14 16.36
CA ALA A 225 23.24 43.61 17.24
C ALA A 225 23.47 42.57 18.35
N GLN A 226 22.39 42.01 18.92
CA GLN A 226 22.51 41.00 19.96
C GLN A 226 23.25 39.75 19.45
N LYS A 227 22.82 39.20 18.31
CA LYS A 227 23.41 37.98 17.78
C LYS A 227 24.88 38.20 17.36
N MET A 228 25.17 39.36 16.76
CA MET A 228 26.54 39.70 16.36
C MET A 228 27.45 39.82 17.60
N MET A 229 27.02 40.55 18.64
CA MET A 229 27.84 40.75 19.82
C MET A 229 28.04 39.46 20.61
N ILE A 230 27.00 38.63 20.70
CA ILE A 230 27.13 37.34 21.38
C ILE A 230 28.13 36.45 20.62
N GLY A 231 28.01 36.40 19.29
CA GLY A 231 28.92 35.63 18.45
C GLY A 231 30.36 36.09 18.60
N ARG A 232 30.60 37.41 18.58
CA ARG A 232 31.96 37.94 18.74
C ARG A 232 32.55 37.70 20.11
N CYS A 233 31.73 37.79 21.18
CA CYS A 233 32.20 37.50 22.52
C CYS A 233 32.52 36.02 22.65
N ASN A 234 31.70 35.14 22.06
CA ASN A 234 31.97 33.71 22.08
C ASN A 234 33.32 33.42 21.37
N LEU A 235 33.57 34.10 20.26
CA LEU A 235 34.81 33.94 19.51
CA LEU A 235 34.81 33.94 19.51
C LEU A 235 36.01 34.42 20.36
N ALA A 236 35.85 35.55 21.05
CA ALA A 236 36.91 36.11 21.89
C ALA A 236 37.10 35.36 23.23
N GLY A 237 36.17 34.49 23.60
CA GLY A 237 36.22 33.80 24.87
C GLY A 237 35.94 34.74 26.04
N LYS A 238 35.12 35.79 25.82
CA LYS A 238 34.79 36.74 26.89
C LYS A 238 33.29 36.72 27.22
N PRO A 239 32.93 36.91 28.50
CA PRO A 239 31.50 36.87 28.86
C PRO A 239 30.60 37.89 28.18
N VAL A 240 29.38 37.46 27.86
CA VAL A 240 28.38 38.35 27.26
C VAL A 240 27.06 38.17 28.00
N VAL A 241 26.43 39.27 28.36
CA VAL A 241 25.18 39.27 29.08
C VAL A 241 24.07 39.74 28.15
N CYS A 242 22.94 39.03 28.13
CA CYS A 242 21.78 39.52 27.40
C CYS A 242 20.89 40.17 28.45
N ALA A 243 20.42 41.40 28.19
CA ALA A 243 19.65 42.13 29.20
C ALA A 243 18.44 42.84 28.66
N THR A 244 17.47 43.11 29.57
CA THR A 244 16.30 44.01 29.48
C THR A 244 15.08 43.44 28.80
N GLN A 245 13.96 43.49 29.54
CA GLN A 245 12.62 43.08 29.13
C GLN A 245 12.52 41.61 28.76
N MET A 246 13.40 40.76 29.31
CA MET A 246 13.36 39.33 28.98
C MET A 246 12.08 38.70 29.48
N LEU A 247 11.62 39.08 30.69
CA LEU A 247 10.38 38.55 31.27
C LEU A 247 9.52 39.73 31.77
N GLU A 248 9.50 40.84 31.02
CA GLU A 248 8.84 42.08 31.37
C GLU A 248 7.43 41.97 31.97
N SER A 249 6.53 41.19 31.35
CA SER A 249 5.17 41.04 31.84
C SER A 249 5.10 40.47 33.28
N MET A 250 6.16 39.76 33.72
CA MET A 250 6.20 39.24 35.09
C MET A 250 6.37 40.32 36.16
N ILE A 251 6.48 41.60 35.77
CA ILE A 251 6.48 42.70 36.74
C ILE A 251 5.07 42.71 37.43
N THR A 252 4.00 42.43 36.67
CA THR A 252 2.66 42.39 37.25
C THR A 252 1.97 41.01 37.18
N LYS A 253 2.40 40.11 36.27
CA LYS A 253 1.74 38.81 36.14
C LYS A 253 2.58 37.64 36.64
N PRO A 254 1.96 36.58 37.20
CA PRO A 254 2.75 35.46 37.72
C PRO A 254 3.39 34.55 36.66
N ARG A 255 2.94 34.65 35.40
CA ARG A 255 3.47 33.83 34.31
C ARG A 255 3.86 34.75 33.15
N PRO A 256 4.96 34.42 32.43
CA PRO A 256 5.38 35.28 31.32
C PRO A 256 4.61 34.99 30.02
N THR A 257 4.81 35.86 29.00
CA THR A 257 4.18 35.62 27.71
C THR A 257 4.99 34.55 26.93
N ARG A 258 4.43 34.04 25.82
CA ARG A 258 5.12 33.10 24.97
C ARG A 258 6.37 33.72 24.34
N ALA A 259 6.33 35.02 24.03
CA ALA A 259 7.49 35.70 23.45
C ALA A 259 8.63 35.83 24.46
N GLU A 260 8.29 36.00 25.73
CA GLU A 260 9.30 36.14 26.78
C GLU A 260 10.03 34.86 27.05
N THR A 261 9.32 33.71 27.10
CA THR A 261 10.04 32.43 27.30
C THR A 261 10.93 32.13 26.10
N SER A 262 10.44 32.43 24.89
CA SER A 262 11.17 32.26 23.65
C SER A 262 12.44 33.16 23.68
N ASP A 263 12.31 34.42 24.11
CA ASP A 263 13.44 35.34 24.19
C ASP A 263 14.55 34.81 25.12
N VAL A 264 14.19 34.28 26.29
CA VAL A 264 15.17 33.75 27.22
C VAL A 264 15.87 32.54 26.59
N ALA A 265 15.11 31.61 26.02
CA ALA A 265 15.65 30.42 25.42
C ALA A 265 16.58 30.76 24.27
N ASN A 266 16.19 31.74 23.42
CA ASN A 266 16.99 32.15 22.28
C ASN A 266 18.25 32.89 22.69
N ALA A 267 18.25 33.62 23.82
CA ALA A 267 19.48 34.27 24.30
C ALA A 267 20.51 33.17 24.67
N VAL A 268 20.05 32.09 25.33
CA VAL A 268 20.92 30.96 25.68
C VAL A 268 21.42 30.24 24.41
N LEU A 269 20.50 29.95 23.48
CA LEU A 269 20.89 29.30 22.22
C LEU A 269 21.82 30.19 21.39
N ASP A 270 21.69 31.52 21.47
CA ASP A 270 22.58 32.47 20.77
C ASP A 270 24.03 32.33 21.29
N GLY A 271 24.19 31.99 22.57
CA GLY A 271 25.48 31.84 23.21
C GLY A 271 25.73 32.74 24.41
N ALA A 272 24.69 33.37 24.98
CA ALA A 272 24.87 34.29 26.11
C ALA A 272 25.41 33.56 27.31
N ASP A 273 26.38 34.16 28.00
CA ASP A 273 26.91 33.57 29.24
C ASP A 273 25.95 33.85 30.41
N CYS A 274 25.31 35.03 30.41
CA CYS A 274 24.39 35.43 31.48
C CYS A 274 23.12 35.98 30.89
N ILE A 275 22.04 35.88 31.65
CA ILE A 275 20.78 36.51 31.32
C ILE A 275 20.41 37.39 32.53
N MET A 276 19.65 38.45 32.30
CA MET A 276 19.36 39.41 33.34
C MET A 276 17.90 39.72 33.54
N LEU A 277 17.57 40.14 34.77
CA LEU A 277 16.25 40.60 35.17
C LEU A 277 16.45 42.01 35.74
N SER A 278 15.64 42.95 35.28
CA SER A 278 15.70 44.34 35.74
C SER A 278 14.46 44.68 36.56
N GLY A 279 13.43 45.31 35.97
CA GLY A 279 12.21 45.64 36.70
C GLY A 279 11.53 44.44 37.31
N GLU A 280 11.71 43.24 36.67
CA GLU A 280 11.12 41.97 37.10
C GLU A 280 11.50 41.63 38.53
N THR A 281 12.71 42.01 38.96
CA THR A 281 13.16 41.70 40.32
C THR A 281 13.30 42.96 41.19
N ALA A 282 13.58 44.12 40.57
CA ALA A 282 13.76 45.35 41.34
C ALA A 282 12.46 45.89 41.90
N LYS A 283 11.33 45.79 41.15
CA LYS A 283 10.08 46.38 41.63
C LYS A 283 8.81 45.55 41.40
N GLY A 284 8.91 44.46 40.66
CA GLY A 284 7.75 43.65 40.34
C GLY A 284 7.17 42.84 41.48
N ASN A 285 5.96 42.31 41.28
CA ASN A 285 5.27 41.52 42.27
C ASN A 285 5.75 40.08 42.38
N PHE A 286 6.55 39.59 41.41
CA PHE A 286 6.99 38.19 41.42
C PHE A 286 8.50 38.03 41.20
N PRO A 287 9.36 38.69 42.03
CA PRO A 287 10.81 38.58 41.81
C PRO A 287 11.36 37.18 41.88
N VAL A 288 10.91 36.37 42.86
CA VAL A 288 11.39 35.01 43.01
C VAL A 288 10.93 34.14 41.84
N GLU A 289 9.67 34.29 41.43
CA GLU A 289 9.12 33.53 40.31
C GLU A 289 9.84 33.87 38.99
N ALA A 290 10.27 35.13 38.82
CA ALA A 290 10.98 35.56 37.62
C ALA A 290 12.34 34.87 37.55
N VAL A 291 13.03 34.73 38.71
CA VAL A 291 14.31 34.04 38.75
C VAL A 291 14.09 32.56 38.45
N LYS A 292 13.04 31.96 39.05
CA LYS A 292 12.72 30.55 38.82
C LYS A 292 12.41 30.27 37.35
N MET A 293 11.73 31.20 36.70
CA MET A 293 11.36 31.03 35.28
C MET A 293 12.62 31.10 34.42
N GLN A 294 13.53 32.06 34.68
CA GLN A 294 14.79 32.11 33.91
C GLN A 294 15.61 30.85 34.13
N HIS A 295 15.63 30.33 35.37
CA HIS A 295 16.35 29.09 35.67
C HIS A 295 15.77 27.92 34.85
N ALA A 296 14.44 27.74 34.87
CA ALA A 296 13.79 26.63 34.19
C ALA A 296 13.99 26.69 32.67
N ILE A 297 13.86 27.88 32.07
CA ILE A 297 14.06 28.02 30.61
C ILE A 297 15.50 27.78 30.24
N ALA A 298 16.47 28.37 30.98
CA ALA A 298 17.88 28.20 30.67
C ALA A 298 18.30 26.73 30.69
N ARG A 299 17.83 25.96 31.65
CA ARG A 299 18.18 24.55 31.75
C ARG A 299 17.67 23.78 30.51
N GLU A 300 16.44 24.07 30.08
CA GLU A 300 15.88 23.42 28.89
C GLU A 300 16.67 23.81 27.66
N ALA A 301 16.98 25.12 27.50
CA ALA A 301 17.70 25.63 26.34
C ALA A 301 19.12 25.13 26.26
N GLU A 302 19.81 24.97 27.39
CA GLU A 302 21.18 24.46 27.39
C GLU A 302 21.27 23.03 26.87
N ALA A 303 20.27 22.20 27.21
CA ALA A 303 20.24 20.82 26.69
C ALA A 303 19.98 20.80 25.18
N ALA A 304 19.28 21.82 24.66
CA ALA A 304 18.96 21.94 23.23
C ALA A 304 20.09 22.56 22.39
N VAL A 305 21.24 22.92 23.00
CA VAL A 305 22.37 23.44 22.25
C VAL A 305 22.93 22.30 21.37
N TYR A 306 23.22 22.58 20.10
CA TYR A 306 23.76 21.58 19.19
C TYR A 306 25.29 21.59 19.35
N HIS A 307 25.82 20.92 20.39
CA HIS A 307 27.26 20.88 20.69
C HIS A 307 28.11 20.35 19.58
N ARG A 308 27.61 19.40 18.78
CA ARG A 308 28.38 18.83 17.68
C ARG A 308 28.88 19.93 16.71
N GLN A 309 28.00 20.86 16.34
CA GLN A 309 28.40 21.95 15.47
C GLN A 309 29.12 23.04 16.25
N LEU A 310 28.59 23.38 17.43
CA LEU A 310 29.16 24.45 18.24
C LEU A 310 30.62 24.21 18.62
N PHE A 311 30.94 23.01 19.15
CA PHE A 311 32.32 22.69 19.52
C PHE A 311 33.20 22.72 18.30
N GLU A 312 32.75 22.12 17.17
CA GLU A 312 33.55 22.11 15.95
CA GLU A 312 33.57 22.12 15.96
C GLU A 312 33.88 23.54 15.49
N GLU A 313 32.87 24.43 15.51
CA GLU A 313 33.09 25.80 15.08
C GLU A 313 33.95 26.60 16.06
N LEU A 314 33.77 26.39 17.38
CA LEU A 314 34.59 27.10 18.36
C LEU A 314 36.04 26.63 18.27
N ARG A 315 36.25 25.32 18.13
CA ARG A 315 37.56 24.74 17.98
C ARG A 315 38.26 25.26 16.71
N ARG A 316 37.57 25.28 15.56
CA ARG A 316 38.12 25.74 14.29
C ARG A 316 38.49 27.21 14.33
N ALA A 317 37.63 28.05 14.92
CA ALA A 317 37.86 29.48 14.96
C ALA A 317 38.83 29.95 16.03
N ALA A 318 39.01 29.19 17.12
CA ALA A 318 39.94 29.58 18.18
C ALA A 318 41.36 29.51 17.64
N PRO A 319 42.15 30.57 17.77
CA PRO A 319 43.48 30.56 17.14
C PRO A 319 44.42 29.55 17.74
N LEU A 320 45.45 29.17 16.98
CA LEU A 320 46.52 28.31 17.51
C LEU A 320 47.23 29.10 18.62
N SER A 321 47.69 28.40 19.65
CA SER A 321 48.27 29.08 20.79
C SER A 321 49.40 28.33 21.37
N ARG A 322 50.38 29.04 21.90
CA ARG A 322 51.50 28.43 22.61
CA ARG A 322 51.48 28.38 22.61
C ARG A 322 51.37 28.61 24.13
N ASP A 323 50.22 29.11 24.63
CA ASP A 323 49.97 29.32 26.04
C ASP A 323 49.54 27.97 26.60
N PRO A 324 50.27 27.41 27.58
CA PRO A 324 49.89 26.08 28.10
C PRO A 324 48.50 25.99 28.72
N THR A 325 47.96 27.08 29.31
CA THR A 325 46.61 27.04 29.88
C THR A 325 45.59 26.83 28.75
N GLU A 326 45.75 27.57 27.64
CA GLU A 326 44.89 27.51 26.46
C GLU A 326 44.97 26.09 25.83
N VAL A 327 46.19 25.56 25.69
CA VAL A 327 46.42 24.24 25.11
C VAL A 327 45.82 23.15 25.98
N THR A 328 45.99 23.25 27.31
CA THR A 328 45.43 22.25 28.22
C THR A 328 43.91 22.31 28.18
N ALA A 329 43.33 23.54 28.12
CA ALA A 329 41.88 23.72 28.09
C ALA A 329 41.21 22.99 26.92
N ILE A 330 41.76 23.13 25.69
CA ILE A 330 41.14 22.47 24.53
C ILE A 330 41.33 20.94 24.62
N GLY A 331 42.47 20.49 25.12
CA GLY A 331 42.70 19.07 25.32
C GLY A 331 41.74 18.48 26.34
N ALA A 332 41.46 19.22 27.42
CA ALA A 332 40.53 18.81 28.47
C ALA A 332 39.08 18.75 27.96
N VAL A 333 38.66 19.74 27.16
CA VAL A 333 37.29 19.75 26.63
C VAL A 333 37.11 18.61 25.60
N GLU A 334 38.13 18.36 24.77
CA GLU A 334 38.10 17.27 23.80
C GLU A 334 37.99 15.93 24.54
N ALA A 335 38.80 15.76 25.61
CA ALA A 335 38.76 14.53 26.43
C ALA A 335 37.42 14.35 27.10
N ALA A 336 36.82 15.44 27.62
CA ALA A 336 35.50 15.37 28.28
C ALA A 336 34.43 14.88 27.31
N PHE A 337 34.43 15.37 26.05
CA PHE A 337 33.44 14.94 25.08
C PHE A 337 33.65 13.47 24.69
N LYS A 338 34.90 13.01 24.60
CA LYS A 338 35.21 11.64 24.24
C LYS A 338 34.62 10.60 25.21
N CYS A 339 34.60 10.92 26.52
CA CYS A 339 34.12 9.97 27.51
C CYS A 339 32.81 10.37 28.13
N CYS A 340 32.12 11.43 27.64
CA CYS A 340 30.90 11.94 28.26
C CYS A 340 31.15 12.24 29.73
N ALA A 341 32.27 12.94 30.02
CA ALA A 341 32.63 13.27 31.40
C ALA A 341 31.54 14.06 32.07
N ALA A 342 31.24 13.71 33.31
CA ALA A 342 30.22 14.42 34.08
C ALA A 342 30.71 15.83 34.43
N ALA A 343 32.02 16.03 34.61
CA ALA A 343 32.56 17.32 34.99
C ALA A 343 34.04 17.46 34.63
N ILE A 344 34.51 18.70 34.54
CA ILE A 344 35.90 19.08 34.42
C ILE A 344 36.17 19.85 35.73
N ILE A 345 37.01 19.31 36.60
CA ILE A 345 37.36 19.97 37.84
C ILE A 345 38.63 20.73 37.61
N VAL A 346 38.61 22.04 37.86
CA VAL A 346 39.78 22.86 37.60
C VAL A 346 40.16 23.67 38.84
N LEU A 347 41.46 23.78 39.12
CA LEU A 347 41.93 24.60 40.23
C LEU A 347 42.28 25.94 39.61
N THR A 348 41.80 27.03 40.21
CA THR A 348 42.09 28.36 39.67
C THR A 348 42.24 29.43 40.78
N THR A 349 43.14 30.37 40.57
CA THR A 349 43.37 31.45 41.52
C THR A 349 42.58 32.69 41.10
N THR A 350 42.65 33.06 39.81
CA THR A 350 41.98 34.24 39.28
C THR A 350 40.68 33.94 38.52
N GLY A 351 40.43 32.67 38.20
CA GLY A 351 39.30 32.25 37.39
C GLY A 351 39.66 31.99 35.94
N ARG A 352 40.84 32.44 35.49
CA ARG A 352 41.28 32.32 34.11
C ARG A 352 41.27 30.87 33.54
N SER A 353 41.80 29.87 34.27
CA SER A 353 41.81 28.50 33.76
C SER A 353 40.37 27.99 33.52
N ALA A 354 39.41 28.42 34.36
CA ALA A 354 38.01 28.02 34.19
C ALA A 354 37.38 28.75 32.99
N GLN A 355 37.73 30.02 32.79
CA GLN A 355 37.23 30.80 31.66
C GLN A 355 37.68 30.18 30.33
N LEU A 356 38.95 29.72 30.26
CA LEU A 356 39.46 29.11 29.03
C LEU A 356 38.81 27.75 28.74
N LEU A 357 38.31 27.05 29.75
CA LEU A 357 37.59 25.82 29.54
C LEU A 357 36.17 26.19 29.04
N SER A 358 35.52 27.17 29.68
CA SER A 358 34.19 27.66 29.37
CA SER A 358 34.18 27.63 29.35
C SER A 358 34.03 28.15 27.92
N ARG A 359 35.08 28.74 27.36
CA ARG A 359 35.01 29.27 25.98
C ARG A 359 34.76 28.16 24.93
N TYR A 360 35.10 26.90 25.25
CA TYR A 360 34.85 25.77 24.35
C TYR A 360 33.48 25.12 24.56
N ARG A 361 32.64 25.70 25.45
CA ARG A 361 31.30 25.23 25.74
C ARG A 361 31.18 23.72 25.94
N PRO A 362 31.93 23.14 26.91
CA PRO A 362 31.76 21.70 27.17
C PRO A 362 30.36 21.40 27.68
N ARG A 363 29.84 20.20 27.41
CA ARG A 363 28.58 19.75 28.03
C ARG A 363 28.88 19.46 29.53
N ALA A 364 30.10 18.98 29.84
CA ALA A 364 30.56 18.71 31.20
C ALA A 364 30.59 20.00 32.01
N ALA A 365 30.09 19.99 33.24
CA ALA A 365 30.13 21.14 34.13
C ALA A 365 31.60 21.46 34.46
N VAL A 366 31.97 22.74 34.51
CA VAL A 366 33.33 23.12 34.88
C VAL A 366 33.27 23.50 36.36
N ILE A 367 33.73 22.62 37.24
CA ILE A 367 33.74 22.88 38.68
C ILE A 367 35.05 23.58 39.03
N ALA A 368 34.99 24.88 39.35
CA ALA A 368 36.19 25.64 39.61
C ALA A 368 36.45 25.74 41.11
N VAL A 369 37.51 25.08 41.59
CA VAL A 369 37.87 25.12 43.02
C VAL A 369 38.84 26.26 43.22
N THR A 370 38.48 27.25 44.05
CA THR A 370 39.34 28.41 44.29
C THR A 370 39.32 28.84 45.74
N ARG A 371 40.42 29.42 46.21
CA ARG A 371 40.50 30.00 47.55
C ARG A 371 40.08 31.49 47.51
N SER A 372 40.09 32.13 46.31
CA SER A 372 39.72 33.53 46.20
C SER A 372 38.20 33.71 46.20
N ALA A 373 37.65 34.36 47.25
CA ALA A 373 36.22 34.62 47.34
C ALA A 373 35.77 35.51 46.17
N GLN A 374 36.60 36.49 45.77
CA GLN A 374 36.26 37.35 44.67
C GLN A 374 36.24 36.59 43.34
N ALA A 375 37.24 35.72 43.08
CA ALA A 375 37.26 34.93 41.84
C ALA A 375 36.05 34.02 41.79
N ALA A 376 35.66 33.43 42.94
CA ALA A 376 34.50 32.55 42.99
C ALA A 376 33.22 33.31 42.60
N ARG A 377 33.11 34.58 42.99
CA ARG A 377 31.95 35.39 42.64
C ARG A 377 32.01 35.80 41.17
N GLN A 378 33.18 36.25 40.69
CA GLN A 378 33.32 36.74 39.31
C GLN A 378 33.16 35.66 38.25
N VAL A 379 33.55 34.44 38.54
CA VAL A 379 33.51 33.35 37.57
C VAL A 379 32.05 32.95 37.16
N HIS A 380 31.03 33.50 37.85
CA HIS A 380 29.63 33.37 37.45
C HIS A 380 29.40 34.05 36.08
N LEU A 381 30.28 34.97 35.66
CA LEU A 381 30.16 35.62 34.36
C LEU A 381 30.38 34.62 33.19
N CYS A 382 31.05 33.47 33.44
CA CYS A 382 31.39 32.49 32.40
C CYS A 382 30.44 31.33 32.42
N ARG A 383 29.76 31.05 31.28
CA ARG A 383 28.81 29.95 31.24
C ARG A 383 29.42 28.61 31.61
N GLY A 384 28.70 27.83 32.40
CA GLY A 384 29.13 26.49 32.74
C GLY A 384 30.20 26.37 33.80
N VAL A 385 30.53 27.47 34.47
CA VAL A 385 31.50 27.45 35.56
C VAL A 385 30.76 27.51 36.86
N PHE A 386 30.96 26.48 37.70
CA PHE A 386 30.35 26.32 39.01
C PHE A 386 31.45 26.55 40.06
N PRO A 387 31.48 27.75 40.67
CA PRO A 387 32.54 28.04 41.62
C PRO A 387 32.36 27.39 42.99
N LEU A 388 33.45 26.83 43.53
CA LEU A 388 33.45 26.26 44.86
C LEU A 388 34.52 27.00 45.65
N LEU A 389 34.10 27.70 46.71
CA LEU A 389 35.05 28.45 47.53
C LEU A 389 35.66 27.49 48.58
N TYR A 390 36.97 27.24 48.47
CA TYR A 390 37.69 26.30 49.30
C TYR A 390 38.11 26.97 50.60
N ARG A 391 37.57 26.48 51.72
CA ARG A 391 37.87 27.03 53.05
C ARG A 391 38.33 25.92 54.00
N GLU A 392 39.14 24.99 53.49
CA GLU A 392 39.62 23.90 54.31
CA GLU A 392 39.64 23.89 54.31
C GLU A 392 41.09 24.16 54.69
N PRO A 393 41.55 23.57 55.83
CA PRO A 393 42.94 23.82 56.26
C PRO A 393 43.94 23.36 55.22
N PRO A 394 45.05 24.08 55.09
CA PRO A 394 46.04 23.69 54.08
C PRO A 394 46.82 22.41 54.40
N GLU A 395 47.35 21.79 53.36
CA GLU A 395 48.20 20.62 53.52
C GLU A 395 49.65 21.13 53.46
N ALA A 396 50.55 20.50 54.23
CA ALA A 396 51.95 20.91 54.26
C ALA A 396 52.61 20.62 52.91
N ILE A 397 52.26 19.49 52.28
CA ILE A 397 52.83 19.13 50.98
C ILE A 397 51.94 19.67 49.86
N TRP A 398 52.48 20.51 48.98
CA TRP A 398 51.71 21.14 47.90
C TRP A 398 50.96 20.14 47.02
N ALA A 399 51.59 19.02 46.65
CA ALA A 399 50.90 17.98 45.88
C ALA A 399 49.70 17.43 46.64
N ASP A 400 49.80 17.30 47.97
CA ASP A 400 48.67 16.85 48.79
C ASP A 400 47.60 17.93 48.87
N ASP A 401 47.99 19.19 48.89
CA ASP A 401 47.04 20.30 48.98
C ASP A 401 46.19 20.36 47.67
N VAL A 402 46.85 20.09 46.53
CA VAL A 402 46.24 20.06 45.19
C VAL A 402 45.25 18.94 45.19
N ASP A 403 45.69 17.72 45.61
CA ASP A 403 44.86 16.52 45.68
CA ASP A 403 44.85 16.54 45.66
C ASP A 403 43.64 16.72 46.55
N ARG A 404 43.79 17.41 47.71
CA ARG A 404 42.63 17.62 48.57
C ARG A 404 41.66 18.60 47.95
N ARG A 405 42.13 19.62 47.22
CA ARG A 405 41.20 20.51 46.52
C ARG A 405 40.42 19.76 45.43
N VAL A 406 41.06 18.80 44.76
CA VAL A 406 40.41 17.96 43.75
C VAL A 406 39.36 17.08 44.42
N GLN A 407 39.68 16.45 45.57
CA GLN A 407 38.72 15.64 46.31
C GLN A 407 37.55 16.50 46.82
N PHE A 408 37.78 17.76 47.15
CA PHE A 408 36.74 18.68 47.58
C PHE A 408 35.76 18.96 46.39
N GLY A 409 36.32 19.10 45.19
CA GLY A 409 35.53 19.31 43.97
C GLY A 409 34.65 18.11 43.73
N ILE A 410 35.22 16.89 43.90
CA ILE A 410 34.50 15.64 43.73
C ILE A 410 33.39 15.47 44.78
N GLU A 411 33.70 15.69 46.08
CA GLU A 411 32.69 15.56 47.13
C GLU A 411 31.58 16.59 47.00
N SER A 412 31.91 17.86 46.67
CA SER A 412 30.87 18.87 46.42
C SER A 412 30.02 18.47 45.20
N GLY A 413 30.66 17.92 44.17
CA GLY A 413 29.99 17.45 42.97
C GLY A 413 29.02 16.32 43.24
N LYS A 414 29.40 15.37 44.08
CA LYS A 414 28.52 14.26 44.45
C LYS A 414 27.34 14.78 45.26
N LEU A 415 27.60 15.67 46.23
CA LEU A 415 26.56 16.23 47.08
C LEU A 415 25.55 17.03 46.27
N ARG A 416 26.01 17.78 45.25
CA ARG A 416 25.13 18.61 44.44
C ARG A 416 24.47 17.92 43.26
N GLY A 417 24.77 16.64 43.04
CA GLY A 417 24.16 15.91 41.93
C GLY A 417 24.91 15.97 40.61
N PHE A 418 26.07 16.63 40.58
CA PHE A 418 26.88 16.72 39.36
C PHE A 418 27.52 15.38 39.03
N LEU A 419 27.96 14.65 40.06
CA LEU A 419 28.72 13.41 39.89
C LEU A 419 28.14 12.26 40.66
N ARG A 420 28.41 11.06 40.17
CA ARG A 420 28.05 9.82 40.82
C ARG A 420 29.23 8.85 40.70
N VAL A 421 29.26 7.83 41.55
CA VAL A 421 30.28 6.79 41.51
C VAL A 421 30.24 6.10 40.15
N GLY A 422 31.39 5.91 39.52
CA GLY A 422 31.44 5.32 38.19
C GLY A 422 31.61 6.35 37.09
N ASP A 423 31.31 7.63 37.35
CA ASP A 423 31.49 8.67 36.35
C ASP A 423 32.98 8.89 36.08
N LEU A 424 33.28 9.46 34.91
CA LEU A 424 34.64 9.89 34.61
C LEU A 424 34.64 11.42 34.71
N VAL A 425 35.72 11.98 35.22
CA VAL A 425 35.90 13.42 35.28
C VAL A 425 37.27 13.76 34.70
N ILE A 426 37.41 14.99 34.21
CA ILE A 426 38.68 15.48 33.73
C ILE A 426 39.15 16.45 34.81
N VAL A 427 40.42 16.36 35.21
CA VAL A 427 40.96 17.23 36.26
C VAL A 427 42.06 18.09 35.69
N VAL A 428 41.93 19.41 35.86
CA VAL A 428 42.88 20.36 35.29
C VAL A 428 43.63 21.09 36.41
N THR A 429 44.96 20.91 36.44
CA THR A 429 45.83 21.51 37.47
C THR A 429 47.11 22.09 36.79
N GLY A 430 48.01 22.68 37.59
CA GLY A 430 49.27 23.24 37.13
C GLY A 430 50.48 22.57 37.77
N TRP A 431 51.67 22.91 37.30
CA TRP A 431 52.90 22.27 37.75
C TRP A 431 53.56 22.91 38.97
N ARG A 432 53.11 24.12 39.36
CA ARG A 432 53.65 24.84 40.50
C ARG A 432 52.59 25.87 41.03
N PRO A 433 52.71 26.33 42.29
CA PRO A 433 51.71 27.26 42.84
C PRO A 433 51.67 28.62 42.15
N GLY A 434 50.62 29.37 42.38
CA GLY A 434 50.45 30.68 41.76
C GLY A 434 49.71 30.57 40.44
N SER A 435 49.12 31.68 40.04
CA SER A 435 48.33 31.80 38.82
CA SER A 435 48.34 31.75 38.81
C SER A 435 49.23 31.70 37.58
N GLY A 436 48.70 31.16 36.48
CA GLY A 436 49.40 31.12 35.21
C GLY A 436 50.17 29.87 34.85
N TYR A 437 50.11 28.82 35.68
CA TYR A 437 50.90 27.62 35.41
C TYR A 437 50.07 26.39 35.11
N THR A 438 48.76 26.53 34.76
CA THR A 438 47.93 25.36 34.41
C THR A 438 48.54 24.68 33.17
N ASN A 439 48.81 23.40 33.27
CA ASN A 439 49.40 22.65 32.15
C ASN A 439 49.10 21.15 32.20
N ILE A 440 48.22 20.69 33.10
CA ILE A 440 47.99 19.26 33.26
C ILE A 440 46.52 18.91 33.17
N MET A 441 46.24 17.82 32.46
CA MET A 441 44.89 17.27 32.36
CA MET A 441 44.89 17.26 32.28
C MET A 441 44.98 15.79 32.70
N ARG A 442 44.08 15.33 33.57
CA ARG A 442 44.07 13.96 34.05
C ARG A 442 42.67 13.37 33.93
N VAL A 443 42.57 12.10 33.58
CA VAL A 443 41.29 11.41 33.49
C VAL A 443 41.14 10.60 34.77
N LEU A 444 40.09 10.87 35.53
CA LEU A 444 39.87 10.21 36.80
C LEU A 444 38.49 9.52 36.88
N SER A 445 38.44 8.30 37.43
CA SER A 445 37.19 7.58 37.64
CA SER A 445 37.20 7.57 37.64
C SER A 445 36.70 7.88 39.06
N ILE A 446 35.44 8.24 39.21
CA ILE A 446 34.86 8.59 40.49
C ILE A 446 34.58 7.40 41.36
N SER A 447 35.12 7.51 42.58
CA SER A 447 35.09 6.67 43.78
C SER A 447 35.86 5.42 43.61
N ARG B 12 43.03 33.56 8.29
CA ARG B 12 44.25 34.21 8.75
C ARG B 12 44.23 34.55 10.24
N ALA B 13 43.08 34.98 10.79
CA ALA B 13 42.98 35.31 12.21
C ALA B 13 43.21 34.11 13.14
N ASP B 14 42.92 32.89 12.66
CA ASP B 14 43.13 31.66 13.42
C ASP B 14 44.62 31.27 13.52
N VAL B 15 45.49 31.84 12.65
CA VAL B 15 46.92 31.55 12.70
C VAL B 15 47.79 32.81 12.82
N ALA B 16 47.19 34.01 12.97
CA ALA B 16 47.93 35.28 13.00
C ALA B 16 48.94 35.41 14.13
N GLN B 17 48.55 35.12 15.38
CA GLN B 17 49.46 35.21 16.50
C GLN B 17 50.58 34.21 16.38
N LEU B 18 50.27 32.96 15.99
CA LEU B 18 51.32 31.96 15.82
C LEU B 18 52.23 32.24 14.63
N THR B 19 51.71 32.92 13.59
CA THR B 19 52.54 33.30 12.44
C THR B 19 53.52 34.38 12.87
N GLN B 20 53.09 35.33 13.72
CA GLN B 20 53.97 36.38 14.21
C GLN B 20 55.05 35.78 15.12
N GLU B 21 54.67 34.82 15.98
CA GLU B 21 55.60 34.18 16.90
C GLU B 21 56.57 33.20 16.24
N LEU B 22 56.06 32.26 15.41
CA LEU B 22 56.90 31.25 14.76
C LEU B 22 57.51 31.70 13.41
N GLY B 23 56.95 32.73 12.80
CA GLY B 23 57.47 33.27 11.54
C GLY B 23 56.79 32.76 10.30
N THR B 24 56.81 33.55 9.21
CA THR B 24 56.20 33.14 7.97
C THR B 24 56.93 31.98 7.36
N ALA B 25 58.27 31.86 7.53
CA ALA B 25 59.00 30.73 6.96
C ALA B 25 58.52 29.41 7.55
N PHE B 26 58.21 29.39 8.86
CA PHE B 26 57.68 28.18 9.51
C PHE B 26 56.38 27.72 8.83
N PHE B 27 55.46 28.67 8.56
CA PHE B 27 54.16 28.35 7.97
C PHE B 27 54.20 28.13 6.45
N GLN B 28 55.36 28.23 5.80
CA GLN B 28 55.48 27.92 4.37
C GLN B 28 55.96 26.48 4.16
N GLN B 29 56.68 25.89 5.15
CA GLN B 29 57.22 24.55 5.11
C GLN B 29 56.14 23.50 5.40
N GLN B 30 56.49 22.23 5.22
CA GLN B 30 55.69 21.04 5.51
C GLN B 30 54.23 21.15 5.06
N GLN B 31 53.99 21.77 3.90
CA GLN B 31 52.65 21.93 3.33
C GLN B 31 51.66 22.57 4.29
N LEU B 32 52.14 23.45 5.19
CA LEU B 32 51.25 24.09 6.15
C LEU B 32 50.19 24.98 5.49
N PRO B 33 50.45 25.72 4.37
CA PRO B 33 49.34 26.46 3.71
C PRO B 33 48.24 25.49 3.26
N ALA B 34 48.61 24.32 2.69
CA ALA B 34 47.63 23.31 2.28
C ALA B 34 46.92 22.71 3.48
N ALA B 35 47.62 22.59 4.62
CA ALA B 35 47.05 22.04 5.85
C ALA B 35 45.97 22.94 6.44
N MET B 36 46.09 24.26 6.26
CA MET B 36 45.11 25.19 6.80
C MET B 36 43.88 25.41 5.90
N ALA B 37 43.81 24.74 4.73
CA ALA B 37 42.69 24.93 3.81
C ALA B 37 41.37 24.49 4.39
N ASP B 38 40.27 25.13 3.94
CA ASP B 38 38.93 24.84 4.43
C ASP B 38 38.25 23.67 3.73
N THR B 39 38.72 23.28 2.54
CA THR B 39 38.15 22.12 1.83
C THR B 39 39.28 21.22 1.31
N PHE B 40 38.97 19.96 0.99
CA PHE B 40 39.97 19.04 0.45
C PHE B 40 40.43 19.55 -0.93
N LEU B 41 39.51 20.08 -1.74
CA LEU B 41 39.86 20.64 -3.05
C LEU B 41 40.86 21.80 -2.91
N GLU B 42 40.61 22.74 -1.98
CA GLU B 42 41.53 23.87 -1.73
CA GLU B 42 41.54 23.86 -1.77
C GLU B 42 42.87 23.34 -1.21
N HIS B 43 42.84 22.28 -0.38
CA HIS B 43 44.05 21.68 0.16
C HIS B 43 44.93 21.17 -0.99
N LEU B 44 44.33 20.48 -1.99
CA LEU B 44 45.08 19.99 -3.15
C LEU B 44 45.66 21.15 -3.93
N CYS B 45 44.85 22.22 -4.17
CA CYS B 45 45.27 23.40 -4.92
C CYS B 45 46.47 24.11 -4.26
N LEU B 46 46.62 23.98 -2.93
CA LEU B 46 47.69 24.65 -2.21
C LEU B 46 48.94 23.81 -2.01
N LEU B 47 48.97 22.54 -2.47
CA LEU B 47 50.18 21.70 -2.37
C LEU B 47 51.29 22.36 -3.19
N ASP B 48 52.48 22.46 -2.63
CA ASP B 48 53.57 23.22 -3.20
C ASP B 48 54.84 22.39 -3.23
N ILE B 49 55.42 22.20 -4.42
CA ILE B 49 56.69 21.48 -4.55
C ILE B 49 57.88 22.20 -3.84
N ASP B 50 57.76 23.50 -3.56
CA ASP B 50 58.81 24.23 -2.86
C ASP B 50 58.60 24.25 -1.32
N SER B 51 57.52 23.63 -0.82
CA SER B 51 57.28 23.56 0.60
C SER B 51 57.98 22.32 1.10
N GLU B 52 59.14 22.48 1.71
CA GLU B 52 59.98 21.37 2.12
C GLU B 52 59.50 20.65 3.37
N PRO B 53 59.60 19.31 3.37
CA PRO B 53 59.22 18.57 4.57
C PRO B 53 60.23 18.83 5.69
N VAL B 54 59.77 18.98 6.92
CA VAL B 54 60.65 19.26 8.06
C VAL B 54 60.58 18.09 9.07
N ALA B 55 59.40 17.52 9.27
CA ALA B 55 59.20 16.44 10.25
C ALA B 55 59.96 15.17 9.88
N ALA B 56 60.29 14.36 10.90
CA ALA B 56 60.92 13.05 10.68
C ALA B 56 59.88 12.13 9.99
N ARG B 57 60.38 11.22 9.17
CA ARG B 57 59.55 10.31 8.40
C ARG B 57 58.82 9.38 9.34
N SER B 58 57.50 9.35 9.24
CA SER B 58 56.67 8.61 10.15
C SER B 58 56.20 7.24 9.65
N THR B 59 56.11 7.00 8.33
CA THR B 59 55.67 5.71 7.81
C THR B 59 56.87 4.76 7.82
N SER B 60 56.77 3.62 8.51
CA SER B 60 57.90 2.69 8.58
C SER B 60 58.16 1.99 7.27
N ILE B 61 59.42 1.65 7.04
CA ILE B 61 59.81 0.93 5.85
C ILE B 61 60.19 -0.47 6.24
N ILE B 62 59.55 -1.46 5.59
CA ILE B 62 59.87 -2.86 5.76
C ILE B 62 60.72 -3.28 4.55
N ALA B 63 61.94 -3.79 4.78
CA ALA B 63 62.79 -4.24 3.69
C ALA B 63 62.95 -5.74 3.77
N THR B 64 62.78 -6.44 2.65
CA THR B 64 62.94 -7.89 2.61
C THR B 64 64.42 -8.19 2.53
N ILE B 65 64.91 -9.09 3.40
CA ILE B 65 66.33 -9.42 3.45
C ILE B 65 66.62 -10.62 2.57
N GLY B 66 67.60 -10.46 1.69
CA GLY B 66 68.00 -11.54 0.79
C GLY B 66 69.44 -11.40 0.34
N PRO B 67 69.82 -12.09 -0.76
CA PRO B 67 71.21 -12.01 -1.23
C PRO B 67 71.78 -10.62 -1.40
N ALA B 68 70.95 -9.66 -1.83
CA ALA B 68 71.43 -8.31 -2.07
C ALA B 68 71.54 -7.43 -0.83
N SER B 69 70.97 -7.87 0.30
CA SER B 69 70.90 -7.04 1.51
C SER B 69 71.22 -7.85 2.78
N ARG B 70 72.12 -8.83 2.66
CA ARG B 70 72.43 -9.75 3.75
C ARG B 70 73.65 -9.43 4.56
N SER B 71 74.68 -8.84 3.95
CA SER B 71 75.92 -8.55 4.66
C SER B 71 75.72 -7.51 5.75
N VAL B 72 76.56 -7.59 6.79
CA VAL B 72 76.49 -6.66 7.91
C VAL B 72 76.74 -5.22 7.46
N GLU B 73 77.71 -5.03 6.57
CA GLU B 73 78.07 -3.71 6.05
C GLU B 73 76.89 -3.10 5.25
N ARG B 74 76.23 -3.92 4.43
CA ARG B 74 75.09 -3.50 3.61
C ARG B 74 73.89 -3.18 4.54
N LEU B 75 73.68 -4.01 5.57
CA LEU B 75 72.60 -3.79 6.54
C LEU B 75 72.78 -2.52 7.34
N LYS B 76 74.03 -2.11 7.64
CA LYS B 76 74.27 -0.85 8.33
C LYS B 76 73.84 0.30 7.42
N GLU B 77 74.13 0.20 6.11
CA GLU B 77 73.74 1.22 5.12
CA GLU B 77 73.73 1.24 5.16
C GLU B 77 72.21 1.30 5.02
N MET B 78 71.53 0.15 5.07
CA MET B 78 70.07 0.11 4.98
CA MET B 78 70.07 0.12 4.98
C MET B 78 69.41 0.69 6.23
N ILE B 79 70.02 0.49 7.42
CA ILE B 79 69.50 1.06 8.65
C ILE B 79 69.67 2.59 8.58
N LYS B 80 70.83 3.07 8.10
CA LYS B 80 71.06 4.51 7.95
C LYS B 80 70.12 5.13 6.89
N ALA B 81 69.78 4.36 5.84
CA ALA B 81 68.87 4.84 4.79
C ALA B 81 67.41 4.92 5.27
N GLY B 82 67.07 4.17 6.34
CA GLY B 82 65.73 4.23 6.89
C GLY B 82 64.98 2.93 7.15
N MET B 83 65.60 1.76 6.93
CA MET B 83 64.91 0.49 7.19
C MET B 83 64.53 0.37 8.69
N ASN B 84 63.25 0.09 8.97
CA ASN B 84 62.78 -0.04 10.35
C ASN B 84 62.44 -1.47 10.71
N ILE B 85 61.98 -2.27 9.71
CA ILE B 85 61.59 -3.66 9.88
C ILE B 85 62.29 -4.51 8.82
N ALA B 86 62.93 -5.61 9.22
CA ALA B 86 63.59 -6.55 8.32
C ALA B 86 62.65 -7.73 8.13
N ARG B 87 62.25 -8.00 6.89
CA ARG B 87 61.32 -9.09 6.61
C ARG B 87 62.10 -10.30 6.09
N LEU B 88 61.78 -11.50 6.63
CA LEU B 88 62.41 -12.74 6.15
C LEU B 88 61.30 -13.54 5.52
N ASN B 89 61.39 -13.78 4.21
CA ASN B 89 60.35 -14.50 3.52
C ASN B 89 60.69 -15.98 3.55
N PHE B 90 59.92 -16.75 4.34
CA PHE B 90 60.09 -18.18 4.51
C PHE B 90 59.54 -19.00 3.33
N SER B 91 59.10 -18.34 2.24
CA SER B 91 58.74 -19.04 1.00
C SER B 91 60.03 -19.50 0.28
N HIS B 92 61.18 -18.90 0.58
CA HIS B 92 62.48 -19.17 -0.01
C HIS B 92 63.55 -19.34 1.09
N GLY B 93 64.70 -19.90 0.74
CA GLY B 93 65.79 -20.13 1.68
C GLY B 93 65.52 -21.25 2.65
N SER B 94 66.41 -21.43 3.60
CA SER B 94 66.28 -22.47 4.62
C SER B 94 66.32 -21.83 6.03
N HIS B 95 66.09 -22.62 7.08
CA HIS B 95 66.19 -22.11 8.44
C HIS B 95 67.60 -21.59 8.72
N GLU B 96 68.63 -22.29 8.24
CA GLU B 96 70.02 -21.87 8.42
C GLU B 96 70.29 -20.55 7.71
N TYR B 97 69.75 -20.38 6.50
CA TYR B 97 69.95 -19.15 5.74
C TYR B 97 69.32 -17.96 6.46
N HIS B 98 68.06 -18.12 6.90
CA HIS B 98 67.35 -17.06 7.62
C HIS B 98 67.94 -16.77 8.99
N ALA B 99 68.47 -17.78 9.70
CA ALA B 99 69.11 -17.56 11.00
C ALA B 99 70.36 -16.70 10.82
N GLU B 100 71.11 -16.90 9.73
CA GLU B 100 72.29 -16.09 9.46
C GLU B 100 71.88 -14.66 9.11
N SER B 101 70.78 -14.48 8.37
CA SER B 101 70.27 -13.15 8.03
C SER B 101 69.87 -12.40 9.32
N ILE B 102 69.16 -13.08 10.25
CA ILE B 102 68.77 -12.52 11.54
C ILE B 102 70.01 -12.08 12.34
N ALA B 103 71.04 -12.95 12.40
CA ALA B 103 72.27 -12.63 13.14
C ALA B 103 72.97 -11.41 12.55
N ASN B 104 72.99 -11.29 11.20
CA ASN B 104 73.60 -10.14 10.56
C ASN B 104 72.81 -8.86 10.82
N VAL B 105 71.46 -8.94 10.83
CA VAL B 105 70.61 -7.78 11.15
C VAL B 105 70.93 -7.32 12.58
N ARG B 106 70.92 -8.26 13.53
CA ARG B 106 71.23 -7.94 14.93
C ARG B 106 72.63 -7.36 15.12
N GLU B 107 73.63 -7.87 14.38
CA GLU B 107 74.98 -7.32 14.47
C GLU B 107 75.02 -5.88 13.94
N ALA B 108 74.36 -5.63 12.79
CA ALA B 108 74.32 -4.28 12.22
C ALA B 108 73.57 -3.32 13.16
N VAL B 109 72.45 -3.76 13.75
CA VAL B 109 71.68 -2.93 14.69
C VAL B 109 72.51 -2.58 15.93
N GLU B 110 73.15 -3.60 16.53
CA GLU B 110 73.94 -3.38 17.75
C GLU B 110 75.21 -2.59 17.53
N SER B 111 75.67 -2.44 16.27
CA SER B 111 76.84 -1.60 15.99
C SER B 111 76.59 -0.10 16.31
N PHE B 112 75.31 0.31 16.44
CA PHE B 112 74.94 1.69 16.77
C PHE B 112 74.49 1.84 18.24
N ALA B 113 74.52 0.76 19.04
CA ALA B 113 74.07 0.70 20.44
C ALA B 113 74.85 1.52 21.44
N GLY B 114 75.94 2.15 21.02
CA GLY B 114 76.73 2.96 21.94
C GLY B 114 76.03 4.14 22.59
N SER B 115 74.90 4.61 22.03
CA SER B 115 74.18 5.77 22.56
C SER B 115 72.74 5.83 22.05
N PRO B 116 71.80 6.42 22.83
CA PRO B 116 70.42 6.57 22.31
C PRO B 116 70.28 7.51 21.10
N LEU B 117 71.30 8.32 20.82
CA LEU B 117 71.28 9.23 19.67
C LEU B 117 71.55 8.47 18.35
N SER B 118 72.35 7.42 18.42
CA SER B 118 72.70 6.62 17.26
C SER B 118 71.88 5.34 17.17
N TYR B 119 71.39 4.81 18.30
CA TYR B 119 70.66 3.56 18.32
C TYR B 119 69.34 3.63 17.55
N ARG B 120 69.07 2.59 16.76
CA ARG B 120 67.85 2.50 15.98
C ARG B 120 67.34 1.07 16.09
N PRO B 121 66.30 0.82 16.91
CA PRO B 121 65.73 -0.53 16.96
C PRO B 121 65.19 -0.94 15.59
N VAL B 122 65.41 -2.19 15.22
CA VAL B 122 64.92 -2.71 13.96
C VAL B 122 64.15 -3.96 14.27
N ALA B 123 62.88 -4.05 13.87
CA ALA B 123 62.07 -5.23 14.13
C ALA B 123 62.42 -6.35 13.16
N ILE B 124 62.20 -7.59 13.56
CA ILE B 124 62.44 -8.74 12.69
C ILE B 124 61.12 -9.42 12.48
N ALA B 125 60.69 -9.52 11.23
CA ALA B 125 59.40 -10.08 10.88
C ALA B 125 59.57 -11.34 10.06
N LEU B 126 58.78 -12.36 10.36
CA LEU B 126 58.85 -13.62 9.65
C LEU B 126 57.63 -13.71 8.77
N ASP B 127 57.81 -13.87 7.46
CA ASP B 127 56.69 -13.97 6.52
C ASP B 127 56.54 -15.44 6.16
N THR B 128 55.41 -16.05 6.49
CA THR B 128 55.20 -17.48 6.26
C THR B 128 55.00 -17.88 4.81
N LYS B 129 55.28 -19.15 4.50
CA LYS B 129 55.10 -19.70 3.17
C LYS B 129 53.62 -19.75 2.79
N GLY B 130 52.78 -20.13 3.73
CA GLY B 130 51.35 -20.18 3.51
C GLY B 130 50.76 -21.56 3.44
N PRO B 131 49.43 -21.63 3.30
CA PRO B 131 48.75 -22.94 3.28
C PRO B 131 48.91 -23.76 2.01
N GLY B 132 49.24 -23.11 0.89
CA GLY B 132 49.36 -23.80 -0.38
C GLY B 132 47.99 -24.27 -0.85
N SER B 133 47.88 -25.55 -1.22
CA SER B 133 46.60 -26.12 -1.64
C SER B 133 45.72 -26.60 -0.45
N GLY B 134 46.29 -26.65 0.76
CA GLY B 134 45.58 -27.09 1.95
C GLY B 134 44.58 -26.09 2.50
N PRO B 135 43.67 -26.55 3.37
CA PRO B 135 42.64 -25.64 3.90
C PRO B 135 43.01 -24.82 5.13
N GLY B 136 44.19 -25.05 5.69
CA GLY B 136 44.61 -24.37 6.91
C GLY B 136 46.10 -24.37 7.12
N LEU B 137 46.55 -24.29 8.39
CA LEU B 137 47.98 -24.22 8.70
C LEU B 137 48.79 -25.43 8.25
N SER B 138 49.75 -25.21 7.36
CA SER B 138 50.61 -26.27 6.83
C SER B 138 51.66 -26.71 7.85
N GLU B 139 52.25 -27.91 7.65
CA GLU B 139 53.28 -28.42 8.54
C GLU B 139 54.55 -27.60 8.46
N GLN B 140 54.88 -27.07 7.26
CA GLN B 140 56.07 -26.23 7.12
C GLN B 140 55.88 -24.93 7.91
N ASP B 141 54.66 -24.37 7.91
CA ASP B 141 54.39 -23.16 8.67
C ASP B 141 54.52 -23.41 10.17
N VAL B 142 54.12 -24.59 10.66
CA VAL B 142 54.28 -24.94 12.08
C VAL B 142 55.77 -24.91 12.47
N ARG B 143 56.62 -25.49 11.62
CA ARG B 143 58.05 -25.51 11.86
C ARG B 143 58.69 -24.13 11.77
N ASP B 144 58.26 -23.33 10.78
CA ASP B 144 58.78 -21.98 10.61
C ASP B 144 58.35 -21.07 11.75
N LEU B 145 57.11 -21.20 12.22
CA LEU B 145 56.61 -20.43 13.35
C LEU B 145 57.37 -20.79 14.63
N ARG B 146 57.71 -22.08 14.81
CA ARG B 146 58.50 -22.49 15.98
C ARG B 146 59.91 -21.91 15.87
N PHE B 147 60.49 -21.87 14.65
CA PHE B 147 61.79 -21.25 14.41
C PHE B 147 61.75 -19.77 14.82
N GLY B 148 60.66 -19.08 14.47
CA GLY B 148 60.47 -17.68 14.80
C GLY B 148 60.47 -17.42 16.29
N VAL B 149 59.74 -18.24 17.05
CA VAL B 149 59.73 -18.12 18.51
C VAL B 149 61.12 -18.37 19.09
N GLU B 150 61.78 -19.43 18.63
CA GLU B 150 63.12 -19.76 19.11
C GLU B 150 64.17 -18.71 18.77
N HIS B 151 63.97 -17.97 17.67
CA HIS B 151 64.91 -16.91 17.29
C HIS B 151 64.46 -15.50 17.71
N GLY B 152 63.41 -15.40 18.52
CA GLY B 152 62.93 -14.12 19.04
C GLY B 152 62.45 -13.10 18.04
N VAL B 153 61.70 -13.56 17.01
CA VAL B 153 61.15 -12.62 16.03
C VAL B 153 60.08 -11.75 16.71
N ASP B 154 59.89 -10.54 16.21
CA ASP B 154 58.93 -9.61 16.78
C ASP B 154 57.55 -9.71 16.14
N ILE B 155 57.50 -10.04 14.85
CA ILE B 155 56.26 -10.02 14.07
C ILE B 155 56.16 -11.21 13.15
N VAL B 156 54.95 -11.64 12.87
CA VAL B 156 54.70 -12.68 11.89
C VAL B 156 53.76 -12.07 10.83
N PHE B 157 54.14 -12.15 9.55
CA PHE B 157 53.27 -11.74 8.46
C PHE B 157 52.68 -13.07 8.00
N ALA B 158 51.44 -13.36 8.36
CA ALA B 158 50.81 -14.64 8.03
C ALA B 158 50.21 -14.65 6.64
N SER B 159 50.77 -15.47 5.74
CA SER B 159 50.30 -15.55 4.36
C SER B 159 48.93 -16.19 4.20
N PHE B 160 48.18 -15.70 3.19
CA PHE B 160 46.87 -16.20 2.80
C PHE B 160 45.89 -16.42 3.95
N VAL B 161 45.68 -15.38 4.79
CA VAL B 161 44.70 -15.49 5.86
C VAL B 161 43.33 -15.32 5.23
N ARG B 162 42.46 -16.31 5.40
CA ARG B 162 41.14 -16.31 4.79
C ARG B 162 39.98 -16.21 5.78
N LYS B 163 40.25 -16.39 7.08
CA LYS B 163 39.22 -16.38 8.11
C LYS B 163 39.86 -16.28 9.49
N ALA B 164 39.05 -15.96 10.51
CA ALA B 164 39.54 -15.81 11.88
C ALA B 164 40.25 -17.05 12.41
N SER B 165 39.77 -18.26 12.05
CA SER B 165 40.40 -19.50 12.52
C SER B 165 41.83 -19.67 12.01
N ASP B 166 42.18 -19.05 10.86
CA ASP B 166 43.55 -19.13 10.36
C ASP B 166 44.50 -18.39 11.31
N VAL B 167 44.08 -17.24 11.84
CA VAL B 167 44.95 -16.48 12.73
C VAL B 167 45.01 -17.21 14.09
N ALA B 168 43.91 -17.83 14.56
CA ALA B 168 43.93 -18.62 15.82
C ALA B 168 44.93 -19.79 15.69
N ALA B 169 45.00 -20.43 14.51
CA ALA B 169 45.95 -21.51 14.27
C ALA B 169 47.39 -21.01 14.33
N VAL B 170 47.67 -19.82 13.77
CA VAL B 170 49.02 -19.23 13.82
C VAL B 170 49.39 -18.93 15.27
N ARG B 171 48.44 -18.36 16.02
CA ARG B 171 48.62 -18.02 17.43
CA ARG B 171 48.65 -18.03 17.44
C ARG B 171 48.95 -19.30 18.25
N ALA B 172 48.22 -20.40 18.00
CA ALA B 172 48.43 -21.67 18.69
C ALA B 172 49.81 -22.22 18.35
N ALA B 173 50.24 -22.13 17.08
CA ALA B 173 51.55 -22.61 16.65
C ALA B 173 52.70 -21.80 17.22
N LEU B 174 52.46 -20.55 17.67
CA LEU B 174 53.51 -19.76 18.32
C LEU B 174 53.73 -20.21 19.81
N GLY B 175 52.78 -20.95 20.37
CA GLY B 175 52.87 -21.49 21.70
C GLY B 175 52.80 -20.50 22.84
N PRO B 176 53.06 -20.97 24.07
CA PRO B 176 53.01 -20.07 25.22
C PRO B 176 54.15 -19.05 25.24
N GLU B 177 55.31 -19.38 24.62
CA GLU B 177 56.44 -18.44 24.60
C GLU B 177 56.35 -17.35 23.53
N GLY B 178 55.40 -17.48 22.59
CA GLY B 178 55.25 -16.50 21.53
C GLY B 178 54.02 -15.62 21.66
N HIS B 179 53.51 -15.46 22.89
CA HIS B 179 52.32 -14.66 23.16
C HIS B 179 52.49 -13.16 22.81
N GLY B 180 53.72 -12.67 22.90
CA GLY B 180 54.02 -11.26 22.62
C GLY B 180 54.26 -10.91 21.16
N ILE B 181 54.37 -11.92 20.29
CA ILE B 181 54.61 -11.70 18.86
C ILE B 181 53.37 -11.14 18.17
N LYS B 182 53.54 -10.07 17.36
CA LYS B 182 52.41 -9.47 16.65
C LYS B 182 52.08 -10.29 15.41
N ILE B 183 50.81 -10.56 15.19
CA ILE B 183 50.38 -11.29 14.00
C ILE B 183 49.72 -10.31 13.04
N ILE B 184 50.39 -10.09 11.90
CA ILE B 184 49.87 -9.23 10.84
C ILE B 184 49.32 -10.16 9.77
N SER B 185 48.01 -10.18 9.57
CA SER B 185 47.38 -11.06 8.59
C SER B 185 47.50 -10.52 7.17
N LYS B 186 48.01 -11.33 6.26
CA LYS B 186 48.14 -10.94 4.86
C LYS B 186 46.85 -11.29 4.15
N ILE B 187 46.19 -10.29 3.51
CA ILE B 187 44.96 -10.49 2.76
C ILE B 187 45.39 -10.60 1.29
N GLU B 188 45.22 -11.80 0.71
CA GLU B 188 45.73 -12.12 -0.61
C GLU B 188 44.72 -12.68 -1.58
N ASN B 189 43.45 -12.83 -1.19
CA ASN B 189 42.45 -13.39 -2.10
C ASN B 189 41.04 -12.85 -1.81
N HIS B 190 40.05 -13.26 -2.62
CA HIS B 190 38.69 -12.81 -2.49
C HIS B 190 38.08 -13.12 -1.11
N GLU B 191 38.33 -14.34 -0.59
CA GLU B 191 37.79 -14.72 0.71
C GLU B 191 38.30 -13.85 1.85
N GLY B 192 39.60 -13.56 1.86
CA GLY B 192 40.21 -12.68 2.85
C GLY B 192 39.59 -11.29 2.83
N VAL B 193 39.32 -10.76 1.61
CA VAL B 193 38.69 -9.45 1.48
C VAL B 193 37.26 -9.48 2.01
N LYS B 194 36.48 -10.49 1.63
CA LYS B 194 35.09 -10.62 2.08
C LYS B 194 34.94 -10.88 3.58
N ARG B 195 35.86 -11.63 4.17
CA ARG B 195 35.84 -11.89 5.62
C ARG B 195 36.80 -10.97 6.38
N PHE B 196 37.14 -9.80 5.81
CA PHE B 196 38.07 -8.86 6.42
C PHE B 196 37.75 -8.50 7.86
N ASP B 197 36.50 -8.13 8.15
CA ASP B 197 36.13 -7.70 9.51
C ASP B 197 36.45 -8.74 10.59
N GLU B 198 36.14 -10.02 10.32
CA GLU B 198 36.43 -11.07 11.30
C GLU B 198 37.93 -11.31 11.44
N ILE B 199 38.69 -11.15 10.35
CA ILE B 199 40.13 -11.33 10.38
C ILE B 199 40.79 -10.17 11.16
N LEU B 200 40.39 -8.94 10.88
CA LEU B 200 40.97 -7.77 11.57
C LEU B 200 40.71 -7.83 13.08
N GLU B 201 39.51 -8.27 13.47
CA GLU B 201 39.13 -8.38 14.88
C GLU B 201 40.12 -9.19 15.72
N VAL B 202 40.62 -10.29 15.17
CA VAL B 202 41.56 -11.15 15.89
C VAL B 202 43.03 -10.96 15.55
N SER B 203 43.34 -10.07 14.58
CA SER B 203 44.74 -9.83 14.19
C SER B 203 45.28 -8.59 14.88
N ASP B 204 46.60 -8.49 14.97
CA ASP B 204 47.23 -7.26 15.47
C ASP B 204 47.26 -6.16 14.35
N GLY B 205 47.16 -6.57 13.11
CA GLY B 205 47.18 -5.68 11.95
C GLY B 205 47.03 -6.45 10.67
N ILE B 206 47.13 -5.72 9.53
CA ILE B 206 46.88 -6.32 8.23
C ILE B 206 47.96 -5.95 7.22
N MET B 207 48.22 -6.83 6.26
CA MET B 207 49.08 -6.50 5.14
C MET B 207 48.22 -6.63 3.88
N VAL B 208 48.23 -5.59 3.03
CA VAL B 208 47.55 -5.64 1.74
C VAL B 208 48.59 -6.27 0.80
N ALA B 209 48.53 -7.58 0.62
CA ALA B 209 49.51 -8.32 -0.17
C ALA B 209 49.06 -8.29 -1.61
N ARG B 210 49.43 -7.20 -2.33
CA ARG B 210 48.93 -6.93 -3.68
C ARG B 210 49.40 -7.89 -4.78
N GLY B 211 50.52 -8.59 -4.58
CA GLY B 211 51.01 -9.55 -5.56
C GLY B 211 49.99 -10.65 -5.83
N ASP B 212 49.68 -11.44 -4.80
CA ASP B 212 48.67 -12.48 -4.93
C ASP B 212 47.29 -11.91 -5.11
N LEU B 213 46.96 -10.81 -4.42
CA LEU B 213 45.63 -10.20 -4.54
C LEU B 213 45.32 -9.83 -6.00
N GLY B 214 46.31 -9.29 -6.71
CA GLY B 214 46.19 -8.90 -8.12
C GLY B 214 46.07 -10.04 -9.12
N ILE B 215 46.28 -11.28 -8.66
CA ILE B 215 46.12 -12.50 -9.45
C ILE B 215 44.81 -13.19 -9.04
N GLU B 216 44.44 -13.13 -7.75
CA GLU B 216 43.24 -13.76 -7.19
C GLU B 216 41.96 -13.01 -7.53
N ILE B 217 42.04 -11.68 -7.62
CA ILE B 217 40.89 -10.85 -8.02
C ILE B 217 41.30 -10.03 -9.26
N PRO B 218 40.36 -9.46 -10.05
CA PRO B 218 40.78 -8.65 -11.22
C PRO B 218 41.77 -7.56 -10.83
N ALA B 219 42.85 -7.39 -11.60
CA ALA B 219 43.89 -6.43 -11.29
C ALA B 219 43.37 -5.00 -11.10
N GLU B 220 42.34 -4.64 -11.87
CA GLU B 220 41.75 -3.30 -11.80
C GLU B 220 40.93 -3.06 -10.52
N LYS B 221 40.74 -4.08 -9.65
CA LYS B 221 39.99 -3.94 -8.41
C LYS B 221 40.90 -3.88 -7.18
N VAL B 222 42.22 -4.14 -7.33
CA VAL B 222 43.12 -4.16 -6.18
C VAL B 222 43.12 -2.83 -5.42
N PHE B 223 43.06 -1.68 -6.13
CA PHE B 223 43.06 -0.38 -5.46
C PHE B 223 41.85 -0.21 -4.54
N LEU B 224 40.70 -0.81 -4.89
CA LEU B 224 39.49 -0.74 -4.06
C LEU B 224 39.72 -1.51 -2.77
N ALA B 225 40.28 -2.72 -2.87
CA ALA B 225 40.56 -3.55 -1.70
C ALA B 225 41.60 -2.85 -0.81
N GLN B 226 42.66 -2.27 -1.42
CA GLN B 226 43.69 -1.56 -0.66
C GLN B 226 43.09 -0.37 0.12
N LYS B 227 42.34 0.49 -0.55
CA LYS B 227 41.75 1.66 0.09
C LYS B 227 40.75 1.30 1.18
N MET B 228 39.93 0.28 0.93
CA MET B 228 38.95 -0.21 1.92
C MET B 228 39.67 -0.76 3.17
N MET B 229 40.68 -1.62 2.99
CA MET B 229 41.39 -2.22 4.12
C MET B 229 42.19 -1.21 4.91
N ILE B 230 42.80 -0.24 4.24
CA ILE B 230 43.55 0.82 4.93
C ILE B 230 42.57 1.67 5.75
N GLY B 231 41.43 2.01 5.17
CA GLY B 231 40.40 2.80 5.84
C GLY B 231 39.88 2.09 7.08
N ARG B 232 39.57 0.77 6.97
CA ARG B 232 39.07 0.01 8.11
C ARG B 232 40.11 -0.16 9.20
N CYS B 233 41.38 -0.36 8.83
CA CYS B 233 42.45 -0.45 9.83
C CYS B 233 42.63 0.88 10.53
N ASN B 234 42.56 1.99 9.79
CA ASN B 234 42.67 3.34 10.38
C ASN B 234 41.51 3.55 11.37
N LEU B 235 40.31 3.13 11.01
CA LEU B 235 39.14 3.26 11.88
C LEU B 235 39.31 2.39 13.13
N ALA B 236 39.86 1.17 13.00
CA ALA B 236 40.09 0.25 14.12
C ALA B 236 41.31 0.61 14.97
N GLY B 237 42.16 1.52 14.48
CA GLY B 237 43.38 1.87 15.20
C GLY B 237 44.41 0.76 15.16
N LYS B 238 44.42 -0.06 14.10
CA LYS B 238 45.39 -1.15 13.97
C LYS B 238 46.33 -0.96 12.77
N PRO B 239 47.61 -1.34 12.88
CA PRO B 239 48.55 -1.13 11.77
C PRO B 239 48.16 -1.81 10.46
N VAL B 240 48.45 -1.14 9.34
CA VAL B 240 48.20 -1.70 8.03
C VAL B 240 49.44 -1.45 7.17
N VAL B 241 49.86 -2.47 6.44
CA VAL B 241 51.04 -2.41 5.60
C VAL B 241 50.59 -2.44 4.14
N CYS B 242 51.14 -1.56 3.30
CA CYS B 242 50.90 -1.67 1.86
C CYS B 242 52.13 -2.38 1.29
N ALA B 243 51.92 -3.42 0.48
CA ALA B 243 53.04 -4.20 -0.02
C ALA B 243 52.97 -4.55 -1.50
N THR B 244 54.16 -4.84 -2.10
CA THR B 244 54.43 -5.50 -3.38
C THR B 244 54.39 -4.60 -4.62
N GLN B 245 55.51 -4.61 -5.35
CA GLN B 245 55.75 -3.88 -6.60
C GLN B 245 55.67 -2.37 -6.45
N MET B 246 55.90 -1.85 -5.23
CA MET B 246 55.85 -0.40 -5.03
C MET B 246 56.90 0.33 -5.83
N LEU B 247 58.13 -0.20 -5.87
CA LEU B 247 59.23 0.40 -6.62
C LEU B 247 59.88 -0.69 -7.49
N GLU B 248 59.08 -1.59 -8.06
CA GLU B 248 59.51 -2.75 -8.83
C GLU B 248 60.64 -2.51 -9.82
N SER B 249 60.57 -1.46 -10.64
CA SER B 249 61.61 -1.20 -11.65
C SER B 249 62.99 -0.96 -11.02
N MET B 250 63.05 -0.57 -9.74
CA MET B 250 64.33 -0.38 -9.04
C MET B 250 65.08 -1.70 -8.74
N ILE B 251 64.49 -2.86 -9.09
CA ILE B 251 65.20 -4.14 -9.01
C ILE B 251 66.40 -4.08 -9.99
N THR B 252 66.21 -3.44 -11.18
CA THR B 252 67.29 -3.32 -12.14
C THR B 252 67.72 -1.86 -12.42
N LYS B 253 66.87 -0.86 -12.17
CA LYS B 253 67.22 0.53 -12.48
C LYS B 253 67.47 1.39 -11.25
N PRO B 254 68.35 2.41 -11.35
CA PRO B 254 68.63 3.25 -10.17
C PRO B 254 67.52 4.23 -9.80
N ARG B 255 66.56 4.48 -10.71
CA ARG B 255 65.47 5.42 -10.48
C ARG B 255 64.13 4.74 -10.80
N PRO B 256 63.07 5.05 -10.03
CA PRO B 256 61.78 4.40 -10.29
C PRO B 256 60.97 5.09 -11.40
N THR B 257 59.85 4.46 -11.81
CA THR B 257 58.98 5.06 -12.80
C THR B 257 58.08 6.12 -12.11
N ARG B 258 57.36 6.93 -12.89
CA ARG B 258 56.42 7.91 -12.36
C ARG B 258 55.25 7.24 -11.66
N ALA B 259 54.84 6.05 -12.10
CA ALA B 259 53.75 5.31 -11.47
C ALA B 259 54.17 4.78 -10.10
N GLU B 260 55.42 4.37 -9.97
CA GLU B 260 55.96 3.85 -8.71
C GLU B 260 56.08 4.89 -7.63
N THR B 261 56.57 6.11 -7.94
CA THR B 261 56.63 7.16 -6.92
C THR B 261 55.22 7.56 -6.50
N SER B 262 54.29 7.62 -7.48
CA SER B 262 52.90 7.93 -7.24
C SER B 262 52.29 6.85 -6.31
N ASP B 263 52.57 5.58 -6.57
CA ASP B 263 52.04 4.47 -5.75
C ASP B 263 52.49 4.57 -4.29
N VAL B 264 53.77 4.87 -4.04
CA VAL B 264 54.25 5.01 -2.67
C VAL B 264 53.57 6.20 -1.99
N ALA B 265 53.49 7.34 -2.67
CA ALA B 265 52.89 8.54 -2.10
C ALA B 265 51.42 8.31 -1.79
N ASN B 266 50.69 7.63 -2.70
CA ASN B 266 49.28 7.35 -2.51
C ASN B 266 49.03 6.31 -1.43
N ALA B 267 49.95 5.36 -1.20
CA ALA B 267 49.77 4.40 -0.08
C ALA B 267 49.82 5.18 1.26
N VAL B 268 50.76 6.14 1.37
CA VAL B 268 50.88 6.97 2.58
C VAL B 268 49.63 7.86 2.73
N LEU B 269 49.18 8.51 1.62
CA LEU B 269 48.00 9.34 1.69
C LEU B 269 46.74 8.52 1.99
N ASP B 270 46.69 7.25 1.55
CA ASP B 270 45.55 6.36 1.84
C ASP B 270 45.46 6.10 3.36
N GLY B 271 46.60 6.10 4.05
CA GLY B 271 46.66 5.90 5.49
C GLY B 271 47.50 4.72 5.93
N ALA B 272 48.36 4.18 5.06
CA ALA B 272 49.20 3.03 5.44
C ALA B 272 50.14 3.37 6.56
N ASP B 273 50.29 2.48 7.56
CA ASP B 273 51.25 2.70 8.63
C ASP B 273 52.66 2.35 8.15
N CYS B 274 52.78 1.30 7.32
CA CYS B 274 54.07 0.84 6.79
C CYS B 274 53.99 0.67 5.28
N ILE B 275 55.15 0.80 4.65
CA ILE B 275 55.27 0.49 3.23
C ILE B 275 56.39 -0.57 3.13
N MET B 276 56.34 -1.41 2.10
CA MET B 276 57.25 -2.51 1.99
C MET B 276 58.02 -2.58 0.68
N LEU B 277 59.21 -3.18 0.74
CA LEU B 277 60.08 -3.48 -0.39
C LEU B 277 60.29 -4.98 -0.35
N SER B 278 60.10 -5.64 -1.50
CA SER B 278 60.28 -7.08 -1.61
CA SER B 278 60.30 -7.08 -1.59
C SER B 278 61.53 -7.38 -2.48
N GLY B 279 61.35 -7.68 -3.77
CA GLY B 279 62.48 -7.92 -4.68
C GLY B 279 63.43 -6.76 -4.77
N GLU B 280 62.93 -5.52 -4.53
CA GLU B 280 63.73 -4.30 -4.56
C GLU B 280 64.92 -4.35 -3.57
N THR B 281 64.74 -4.99 -2.39
CA THR B 281 65.83 -5.04 -1.40
C THR B 281 66.48 -6.42 -1.32
N ALA B 282 65.70 -7.45 -1.56
CA ALA B 282 66.13 -8.83 -1.51
C ALA B 282 67.09 -9.25 -2.64
N LYS B 283 66.81 -8.85 -3.88
CA LYS B 283 67.64 -9.27 -5.02
C LYS B 283 68.16 -8.13 -5.90
N GLY B 284 67.43 -7.05 -5.97
CA GLY B 284 67.78 -5.93 -6.83
C GLY B 284 69.18 -5.39 -6.70
N ASN B 285 69.58 -4.64 -7.71
CA ASN B 285 70.89 -4.01 -7.75
C ASN B 285 71.01 -2.75 -6.92
N PHE B 286 69.87 -2.20 -6.43
CA PHE B 286 69.91 -0.94 -5.68
C PHE B 286 69.11 -1.02 -4.36
N PRO B 287 69.41 -1.99 -3.46
CA PRO B 287 68.63 -2.09 -2.21
C PRO B 287 68.63 -0.85 -1.34
N VAL B 288 69.79 -0.20 -1.17
CA VAL B 288 69.91 0.98 -0.34
C VAL B 288 69.15 2.15 -0.98
N GLU B 289 69.28 2.30 -2.30
CA GLU B 289 68.61 3.37 -3.03
C GLU B 289 67.09 3.21 -3.00
N ALA B 290 66.59 1.97 -3.00
CA ALA B 290 65.16 1.69 -2.92
C ALA B 290 64.61 2.15 -1.55
N VAL B 291 65.36 1.88 -0.47
CA VAL B 291 64.97 2.32 0.87
C VAL B 291 64.99 3.84 0.92
N LYS B 292 66.05 4.47 0.37
CA LYS B 292 66.17 5.93 0.33
C LYS B 292 65.01 6.58 -0.43
N MET B 293 64.58 5.95 -1.52
CA MET B 293 63.49 6.49 -2.34
C MET B 293 62.17 6.41 -1.58
N GLN B 294 61.88 5.27 -0.92
CA GLN B 294 60.68 5.16 -0.09
C GLN B 294 60.71 6.17 1.03
N HIS B 295 61.87 6.40 1.65
CA HIS B 295 62.03 7.39 2.72
C HIS B 295 61.68 8.80 2.19
N ALA B 296 62.28 9.19 1.06
CA ALA B 296 62.05 10.52 0.50
C ALA B 296 60.58 10.76 0.11
N ILE B 297 59.95 9.78 -0.56
CA ILE B 297 58.54 9.93 -0.96
C ILE B 297 57.63 9.97 0.27
N ALA B 298 57.84 9.07 1.25
CA ALA B 298 57.00 9.05 2.45
C ALA B 298 57.03 10.36 3.21
N ARG B 299 58.19 11.02 3.34
CA ARG B 299 58.23 12.33 4.04
C ARG B 299 57.45 13.41 3.29
N GLU B 300 57.49 13.38 1.94
CA GLU B 300 56.75 14.37 1.16
C GLU B 300 55.26 14.10 1.32
N ALA B 301 54.85 12.83 1.24
CA ALA B 301 53.43 12.46 1.32
C ALA B 301 52.83 12.67 2.69
N GLU B 302 53.60 12.46 3.75
CA GLU B 302 53.11 12.68 5.11
C GLU B 302 52.77 14.14 5.34
N ALA B 303 53.59 15.05 4.82
CA ALA B 303 53.32 16.47 4.96
C ALA B 303 52.04 16.85 4.18
N ALA B 304 51.72 16.14 3.07
CA ALA B 304 50.57 16.42 2.23
C ALA B 304 49.26 15.83 2.75
N VAL B 305 49.28 15.10 3.88
CA VAL B 305 48.05 14.54 4.45
C VAL B 305 47.15 15.72 4.91
N TYR B 306 45.84 15.66 4.63
CA TYR B 306 44.92 16.71 5.02
C TYR B 306 44.42 16.40 6.43
N HIS B 307 45.23 16.71 7.44
CA HIS B 307 44.94 16.43 8.86
C HIS B 307 43.65 17.04 9.34
N ARG B 308 43.27 18.22 8.85
CA ARG B 308 42.04 18.88 9.29
C ARG B 308 40.81 17.98 9.07
N GLN B 309 40.70 17.34 7.90
CA GLN B 309 39.59 16.44 7.65
C GLN B 309 39.82 15.11 8.33
N LEU B 310 41.04 14.59 8.26
CA LEU B 310 41.36 13.29 8.82
C LEU B 310 41.06 13.22 10.33
N PHE B 311 41.54 14.19 11.09
CA PHE B 311 41.32 14.23 12.54
C PHE B 311 39.83 14.36 12.87
N GLU B 312 39.11 15.23 12.14
CA GLU B 312 37.66 15.41 12.30
C GLU B 312 36.92 14.10 12.05
N GLU B 313 37.27 13.39 10.98
CA GLU B 313 36.62 12.13 10.63
C GLU B 313 36.97 11.01 11.60
N LEU B 314 38.21 10.96 12.10
CA LEU B 314 38.61 9.93 13.06
C LEU B 314 37.81 10.18 14.36
N ARG B 315 37.56 11.44 14.76
CA ARG B 315 36.75 11.74 15.96
C ARG B 315 35.28 11.37 15.76
N ARG B 316 34.70 11.76 14.61
CA ARG B 316 33.31 11.50 14.30
C ARG B 316 33.01 9.99 14.20
N ALA B 317 33.93 9.22 13.59
CA ALA B 317 33.71 7.79 13.41
C ALA B 317 34.07 6.94 14.62
N ALA B 318 35.00 7.41 15.46
CA ALA B 318 35.42 6.63 16.62
C ALA B 318 34.32 6.71 17.67
N PRO B 319 33.94 5.56 18.24
CA PRO B 319 32.91 5.60 19.30
C PRO B 319 33.42 6.27 20.57
N LEU B 320 32.50 6.66 21.45
CA LEU B 320 32.85 7.22 22.74
C LEU B 320 33.62 6.16 23.54
N SER B 321 34.49 6.61 24.45
CA SER B 321 35.28 5.65 25.19
C SER B 321 35.39 5.99 26.62
N ARG B 322 35.35 4.97 27.47
CA ARG B 322 35.60 5.16 28.90
C ARG B 322 36.99 4.61 29.29
N ASP B 323 37.87 4.29 28.30
CA ASP B 323 39.20 3.81 28.57
C ASP B 323 40.06 5.05 28.76
N PRO B 324 40.68 5.25 29.93
CA PRO B 324 41.48 6.46 30.15
C PRO B 324 42.67 6.65 29.18
N THR B 325 43.27 5.55 28.67
CA THR B 325 44.37 5.68 27.71
C THR B 325 43.86 6.32 26.42
N GLU B 326 42.70 5.85 25.95
CA GLU B 326 42.04 6.36 24.75
C GLU B 326 41.63 7.82 24.92
N VAL B 327 41.05 8.15 26.08
CA VAL B 327 40.62 9.51 26.38
C VAL B 327 41.81 10.47 26.45
N THR B 328 42.90 10.04 27.09
CA THR B 328 44.09 10.86 27.21
C THR B 328 44.71 11.05 25.81
N ALA B 329 44.74 10.00 24.98
CA ALA B 329 45.33 10.05 23.66
C ALA B 329 44.68 11.11 22.77
N ILE B 330 43.33 11.19 22.76
CA ILE B 330 42.65 12.18 21.93
C ILE B 330 42.88 13.59 22.48
N GLY B 331 42.92 13.74 23.80
CA GLY B 331 43.20 15.05 24.40
C GLY B 331 44.60 15.50 24.09
N ALA B 332 45.57 14.56 24.09
CA ALA B 332 46.98 14.87 23.78
C ALA B 332 47.17 15.26 22.31
N VAL B 333 46.49 14.57 21.40
CA VAL B 333 46.58 14.87 19.97
C VAL B 333 45.92 16.23 19.70
N GLU B 334 44.78 16.51 20.33
CA GLU B 334 44.10 17.80 20.17
CA GLU B 334 44.10 17.80 20.17
C GLU B 334 45.01 18.93 20.68
N ALA B 335 45.66 18.72 21.83
CA ALA B 335 46.56 19.72 22.39
C ALA B 335 47.78 19.94 21.49
N ALA B 336 48.34 18.85 20.92
CA ALA B 336 49.49 18.95 20.04
C ALA B 336 49.14 19.81 18.78
N PHE B 337 47.96 19.60 18.20
CA PHE B 337 47.54 20.38 17.03
C PHE B 337 47.36 21.86 17.39
N LYS B 338 46.82 22.16 18.58
CA LYS B 338 46.57 23.53 19.03
C LYS B 338 47.82 24.39 19.13
N CYS B 339 48.94 23.81 19.52
CA CYS B 339 50.19 24.55 19.69
C CYS B 339 51.26 24.22 18.70
N CYS B 340 50.96 23.38 17.67
CA CYS B 340 51.97 22.92 16.70
C CYS B 340 53.12 22.25 17.44
N ALA B 341 52.78 21.37 18.41
CA ALA B 341 53.79 20.71 19.24
C ALA B 341 54.77 19.95 18.38
N ALA B 342 56.04 20.05 18.74
CA ALA B 342 57.08 19.36 17.99
C ALA B 342 56.97 17.84 18.21
N ALA B 343 56.56 17.42 19.42
CA ALA B 343 56.47 16.00 19.73
C ALA B 343 55.48 15.73 20.88
N ILE B 344 55.03 14.48 20.96
CA ILE B 344 54.24 13.93 22.04
C ILE B 344 55.15 12.86 22.64
N ILE B 345 55.63 13.06 23.88
CA ILE B 345 56.49 12.06 24.53
C ILE B 345 55.59 11.18 25.37
N VAL B 346 55.65 9.88 25.16
CA VAL B 346 54.80 8.95 25.89
C VAL B 346 55.61 7.83 26.52
N LEU B 347 55.28 7.48 27.78
CA LEU B 347 55.89 6.34 28.44
C LEU B 347 55.00 5.16 28.14
N THR B 348 55.60 4.03 27.74
CA THR B 348 54.81 2.85 27.42
C THR B 348 55.58 1.57 27.70
N THR B 349 54.88 0.55 28.17
CA THR B 349 55.49 -0.73 28.50
C THR B 349 55.32 -1.68 27.31
N THR B 350 54.10 -1.78 26.77
CA THR B 350 53.78 -2.67 25.66
C THR B 350 53.72 -1.98 24.29
N GLY B 351 53.72 -0.65 24.26
CA GLY B 351 53.55 0.13 23.04
C GLY B 351 52.12 0.63 22.85
N ARG B 352 51.14 0.10 23.61
CA ARG B 352 49.72 0.45 23.47
C ARG B 352 49.40 1.96 23.59
N SER B 353 49.97 2.68 24.58
CA SER B 353 49.69 4.10 24.71
C SER B 353 50.16 4.88 23.48
N ALA B 354 51.29 4.44 22.85
CA ALA B 354 51.81 5.08 21.65
C ALA B 354 50.90 4.75 20.44
N GLN B 355 50.38 3.51 20.38
CA GLN B 355 49.47 3.10 19.31
C GLN B 355 48.18 3.91 19.33
N LEU B 356 47.66 4.20 20.53
CA LEU B 356 46.43 4.99 20.64
C LEU B 356 46.64 6.45 20.28
N LEU B 357 47.87 6.97 20.45
CA LEU B 357 48.16 8.34 20.00
C LEU B 357 48.26 8.30 18.45
N SER B 358 48.98 7.31 17.91
CA SER B 358 49.19 7.11 16.49
C SER B 358 47.88 6.99 15.68
N ARG B 359 46.82 6.39 16.24
CA ARG B 359 45.55 6.23 15.53
C ARG B 359 44.88 7.58 15.19
N TYR B 360 45.20 8.66 15.93
CA TYR B 360 44.63 9.96 15.62
C TYR B 360 45.47 10.76 14.63
N ARG B 361 46.57 10.16 14.15
CA ARG B 361 47.47 10.72 13.16
C ARG B 361 47.93 12.13 13.50
N PRO B 362 48.58 12.35 14.65
CA PRO B 362 49.11 13.69 14.94
C PRO B 362 50.21 14.04 13.94
N ARG B 363 50.37 15.32 13.67
CA ARG B 363 51.49 15.79 12.88
C ARG B 363 52.78 15.70 13.79
N ALA B 364 52.63 15.92 15.12
CA ALA B 364 53.73 15.80 16.08
C ALA B 364 54.26 14.37 16.14
N ALA B 365 55.58 14.21 16.21
CA ALA B 365 56.21 12.91 16.33
C ALA B 365 55.84 12.31 17.71
N VAL B 366 55.54 11.00 17.76
CA VAL B 366 55.22 10.35 19.03
C VAL B 366 56.51 9.66 19.47
N ILE B 367 57.20 10.24 20.46
CA ILE B 367 58.43 9.66 20.99
C ILE B 367 58.06 8.70 22.13
N ALA B 368 58.20 7.41 21.88
CA ALA B 368 57.80 6.40 22.86
C ALA B 368 58.99 5.91 23.70
N VAL B 369 59.01 6.25 25.00
CA VAL B 369 60.08 5.83 25.89
C VAL B 369 59.68 4.54 26.55
N THR B 370 60.45 3.49 26.33
CA THR B 370 60.13 2.17 26.87
C THR B 370 61.36 1.43 27.36
N ARG B 371 61.18 0.55 28.35
CA ARG B 371 62.25 -0.33 28.81
C ARG B 371 62.22 -1.66 28.03
N SER B 372 61.10 -1.97 27.34
CA SER B 372 60.98 -3.22 26.60
C SER B 372 61.64 -3.11 25.21
N ALA B 373 62.74 -3.87 24.99
CA ALA B 373 63.41 -3.88 23.68
C ALA B 373 62.46 -4.39 22.59
N GLN B 374 61.63 -5.39 22.90
CA GLN B 374 60.67 -5.92 21.94
C GLN B 374 59.58 -4.88 21.60
N ALA B 375 59.05 -4.15 22.60
CA ALA B 375 58.04 -3.13 22.34
C ALA B 375 58.65 -2.02 21.48
N ALA B 376 59.91 -1.65 21.74
CA ALA B 376 60.59 -0.62 20.96
C ALA B 376 60.69 -1.06 19.47
N ARG B 377 60.91 -2.36 19.21
CA ARG B 377 60.97 -2.85 17.83
C ARG B 377 59.57 -2.92 17.20
N GLN B 378 58.58 -3.44 17.95
CA GLN B 378 57.23 -3.59 17.44
C GLN B 378 56.47 -2.28 17.16
N VAL B 379 56.75 -1.18 17.92
CA VAL B 379 56.02 0.07 17.69
C VAL B 379 56.30 0.69 16.32
N HIS B 380 57.32 0.17 15.59
CA HIS B 380 57.57 0.61 14.21
C HIS B 380 56.33 0.28 13.31
N LEU B 381 55.45 -0.65 13.74
CA LEU B 381 54.24 -0.95 12.98
C LEU B 381 53.25 0.23 12.97
N CYS B 382 53.36 1.17 13.93
CA CYS B 382 52.43 2.30 14.07
C CYS B 382 53.01 3.56 13.52
N ARG B 383 52.30 4.19 12.57
CA ARG B 383 52.80 5.41 11.98
C ARG B 383 53.13 6.51 12.97
N GLY B 384 54.29 7.11 12.84
CA GLY B 384 54.65 8.27 13.64
C GLY B 384 55.17 7.97 15.03
N VAL B 385 55.46 6.70 15.33
CA VAL B 385 56.02 6.34 16.64
C VAL B 385 57.52 6.12 16.50
N PHE B 386 58.31 6.88 17.27
CA PHE B 386 59.76 6.84 17.30
C PHE B 386 60.20 6.24 18.64
N PRO B 387 60.60 4.97 18.63
CA PRO B 387 60.96 4.32 19.91
C PRO B 387 62.32 4.71 20.50
N LEU B 388 62.36 4.93 21.82
CA LEU B 388 63.59 5.20 22.55
C LEU B 388 63.70 4.15 23.64
N LEU B 389 64.73 3.31 23.55
CA LEU B 389 64.92 2.25 24.53
C LEU B 389 65.68 2.81 25.73
N TYR B 390 65.04 2.78 26.91
CA TYR B 390 65.61 3.29 28.15
C TYR B 390 66.29 2.13 28.88
N ARG B 391 67.58 2.27 29.22
CA ARG B 391 68.31 1.17 29.85
C ARG B 391 68.69 1.38 31.33
N GLU B 392 68.44 2.57 31.89
CA GLU B 392 68.79 2.86 33.28
C GLU B 392 68.01 2.06 34.31
N PRO B 393 68.68 1.67 35.41
CA PRO B 393 67.97 0.95 36.48
C PRO B 393 66.93 1.84 37.17
N PRO B 394 65.83 1.24 37.65
CA PRO B 394 64.78 2.05 38.29
C PRO B 394 65.21 2.85 39.49
N GLU B 395 64.68 4.08 39.61
CA GLU B 395 64.90 4.94 40.76
C GLU B 395 64.10 4.37 41.93
N ALA B 396 64.50 4.70 43.17
CA ALA B 396 63.80 4.22 44.35
C ALA B 396 62.37 4.79 44.41
N ILE B 397 62.22 6.07 44.06
CA ILE B 397 60.92 6.71 44.05
C ILE B 397 60.35 6.65 42.62
N TRP B 398 59.21 5.97 42.45
CA TRP B 398 58.58 5.81 41.15
C TRP B 398 58.37 7.13 40.38
N ALA B 399 57.86 8.17 41.05
CA ALA B 399 57.65 9.47 40.40
C ALA B 399 58.95 10.04 39.81
N ASP B 400 60.10 9.81 40.49
CA ASP B 400 61.39 10.26 40.00
C ASP B 400 61.80 9.43 38.78
N ASP B 401 61.53 8.12 38.79
CA ASP B 401 61.85 7.25 37.67
C ASP B 401 61.05 7.69 36.42
N VAL B 402 59.78 8.08 36.60
CA VAL B 402 58.92 8.58 35.53
C VAL B 402 59.52 9.87 34.98
N ASP B 403 59.85 10.83 35.88
CA ASP B 403 60.45 12.10 35.48
C ASP B 403 61.74 11.90 34.70
N ARG B 404 62.59 10.97 35.16
CA ARG B 404 63.85 10.70 34.47
C ARG B 404 63.63 10.20 33.06
N ARG B 405 62.62 9.36 32.86
CA ARG B 405 62.31 8.82 31.53
C ARG B 405 61.78 9.92 30.61
N VAL B 406 60.99 10.86 31.15
CA VAL B 406 60.48 11.99 30.37
C VAL B 406 61.65 12.87 29.97
N GLN B 407 62.55 13.16 30.93
CA GLN B 407 63.75 13.98 30.65
C GLN B 407 64.65 13.30 29.61
N PHE B 408 64.76 11.96 29.64
CA PHE B 408 65.52 11.19 28.65
C PHE B 408 64.92 11.43 27.25
N GLY B 409 63.57 11.45 27.17
CA GLY B 409 62.83 11.70 25.94
C GLY B 409 63.11 13.10 25.43
N ILE B 410 63.09 14.10 26.31
CA ILE B 410 63.34 15.49 25.98
C ILE B 410 64.77 15.72 25.53
N GLU B 411 65.75 15.19 26.28
CA GLU B 411 67.16 15.34 25.93
C GLU B 411 67.50 14.64 24.65
N SER B 412 66.99 13.42 24.46
CA SER B 412 67.21 12.70 23.20
C SER B 412 66.55 13.48 22.04
N GLY B 413 65.34 13.99 22.28
CA GLY B 413 64.61 14.81 21.32
C GLY B 413 65.37 16.05 20.88
N LYS B 414 66.01 16.76 21.83
CA LYS B 414 66.78 17.96 21.49
C LYS B 414 68.04 17.60 20.72
N LEU B 415 68.77 16.59 21.20
CA LEU B 415 70.01 16.11 20.59
C LEU B 415 69.81 15.58 19.17
N ARG B 416 68.66 14.99 18.90
CA ARG B 416 68.34 14.43 17.60
C ARG B 416 67.58 15.40 16.66
N GLY B 417 67.43 16.66 17.06
CA GLY B 417 66.76 17.67 16.25
C GLY B 417 65.25 17.68 16.26
N PHE B 418 64.61 16.71 16.93
CA PHE B 418 63.15 16.67 17.02
C PHE B 418 62.63 17.88 17.80
N LEU B 419 63.37 18.31 18.80
CA LEU B 419 62.97 19.38 19.68
C LEU B 419 63.99 20.48 19.71
N ARG B 420 63.49 21.68 19.87
CA ARG B 420 64.31 22.88 19.95
C ARG B 420 63.84 23.68 21.15
N VAL B 421 64.74 24.53 21.70
CA VAL B 421 64.39 25.42 22.79
C VAL B 421 63.25 26.36 22.33
N GLY B 422 62.21 26.46 23.15
CA GLY B 422 61.05 27.26 22.78
C GLY B 422 59.88 26.40 22.29
N ASP B 423 60.17 25.15 21.89
CA ASP B 423 59.10 24.25 21.43
C ASP B 423 58.20 23.86 22.58
N LEU B 424 56.98 23.48 22.25
CA LEU B 424 56.07 22.91 23.21
C LEU B 424 56.01 21.42 22.91
N VAL B 425 55.97 20.62 23.96
CA VAL B 425 55.83 19.17 23.82
C VAL B 425 54.68 18.73 24.72
N ILE B 426 53.99 17.67 24.31
CA ILE B 426 52.90 17.10 25.09
C ILE B 426 53.47 15.84 25.71
N VAL B 427 53.31 15.65 27.02
CA VAL B 427 53.85 14.48 27.71
C VAL B 427 52.72 13.61 28.22
N VAL B 428 52.73 12.33 27.86
CA VAL B 428 51.67 11.39 28.25
C VAL B 428 52.22 10.30 29.17
N THR B 429 51.68 10.23 30.38
CA THR B 429 52.12 9.30 31.43
C THR B 429 50.89 8.69 32.14
N GLY B 430 51.11 7.81 33.12
CA GLY B 430 50.05 7.20 33.90
C GLY B 430 50.18 7.49 35.40
N TRP B 431 49.17 7.09 36.17
CA TRP B 431 49.08 7.37 37.61
C TRP B 431 49.74 6.30 38.51
N ARG B 432 50.09 5.14 37.96
CA ARG B 432 50.73 4.07 38.73
C ARG B 432 51.57 3.18 37.81
N PRO B 433 52.51 2.36 38.36
CA PRO B 433 53.32 1.50 37.50
C PRO B 433 52.51 0.42 36.81
N GLY B 434 53.10 -0.19 35.78
CA GLY B 434 52.43 -1.25 35.05
C GLY B 434 51.68 -0.72 33.84
N SER B 435 51.46 -1.59 32.88
CA SER B 435 50.74 -1.31 31.64
C SER B 435 49.25 -1.07 31.90
N GLY B 436 48.63 -0.17 31.14
CA GLY B 436 47.19 0.06 31.21
C GLY B 436 46.68 1.23 32.02
N TYR B 437 47.58 2.04 32.61
CA TYR B 437 47.14 3.13 33.49
C TYR B 437 47.45 4.53 32.99
N THR B 438 47.70 4.69 31.68
CA THR B 438 47.96 6.03 31.12
C THR B 438 46.71 6.87 31.33
N ASN B 439 46.84 8.04 31.92
CA ASN B 439 45.69 8.93 32.15
C ASN B 439 46.10 10.39 32.28
N ILE B 440 47.36 10.75 32.01
CA ILE B 440 47.80 12.14 32.20
C ILE B 440 48.41 12.73 30.95
N MET B 441 48.09 13.97 30.68
CA MET B 441 48.65 14.72 29.58
CA MET B 441 48.59 14.76 29.56
C MET B 441 49.14 16.06 30.15
N ARG B 442 50.40 16.40 29.85
CA ARG B 442 51.00 17.64 30.35
C ARG B 442 51.58 18.46 29.21
N VAL B 443 51.47 19.78 29.29
CA VAL B 443 52.03 20.66 28.27
C VAL B 443 53.33 21.22 28.84
N LEU B 444 54.46 20.95 28.18
CA LEU B 444 55.76 21.43 28.67
CA LEU B 444 55.77 21.40 28.66
C LEU B 444 56.47 22.31 27.65
N SER B 445 57.14 23.37 28.13
CA SER B 445 57.89 24.26 27.24
C SER B 445 59.36 23.85 27.34
N ILE B 446 60.01 23.62 26.19
CA ILE B 446 61.40 23.18 26.15
C ILE B 446 62.38 24.32 26.46
N SER B 447 63.23 24.14 27.46
CA SER B 447 64.21 25.17 27.82
C SER B 447 65.64 24.72 27.54
N GLU C 21 28.67 44.99 -14.04
CA GLU C 21 28.76 44.32 -12.74
C GLU C 21 27.68 44.80 -11.74
N LEU C 22 27.59 44.14 -10.57
CA LEU C 22 26.59 44.50 -9.55
C LEU C 22 27.03 45.61 -8.60
N GLY C 23 28.34 45.77 -8.41
CA GLY C 23 28.88 46.81 -7.56
C GLY C 23 29.15 46.40 -6.12
N THR C 24 30.06 47.13 -5.47
CA THR C 24 30.43 46.87 -4.07
C THR C 24 29.27 47.16 -3.12
N ALA C 25 28.44 48.18 -3.44
CA ALA C 25 27.29 48.53 -2.62
C ALA C 25 26.29 47.37 -2.56
N PHE C 26 26.12 46.64 -3.68
CA PHE C 26 25.22 45.49 -3.74
C PHE C 26 25.64 44.43 -2.72
N PHE C 27 26.95 44.15 -2.62
CA PHE C 27 27.44 43.11 -1.72
C PHE C 27 27.56 43.55 -0.24
N GLN C 28 27.20 44.80 0.09
CA GLN C 28 27.20 45.25 1.47
C GLN C 28 25.77 45.19 2.09
N GLN C 29 24.73 45.25 1.24
CA GLN C 29 23.32 45.21 1.62
C GLN C 29 22.88 43.78 1.91
N GLN C 30 21.63 43.64 2.42
CA GLN C 30 20.94 42.37 2.73
C GLN C 30 21.83 41.33 3.40
N GLN C 31 22.70 41.76 4.33
CA GLN C 31 23.60 40.89 5.09
C GLN C 31 24.42 39.95 4.19
N LEU C 32 24.78 40.41 2.97
CA LEU C 32 25.55 39.56 2.06
C LEU C 32 26.95 39.20 2.63
N PRO C 33 27.69 40.07 3.36
CA PRO C 33 28.93 39.59 4.00
C PRO C 33 28.67 38.42 4.96
N ALA C 34 27.59 38.49 5.78
CA ALA C 34 27.24 37.38 6.68
C ALA C 34 26.80 36.14 5.92
N ALA C 35 26.16 36.34 4.75
CA ALA C 35 25.72 35.24 3.91
C ALA C 35 26.88 34.46 3.31
N MET C 36 28.00 35.12 3.03
CA MET C 36 29.17 34.44 2.45
C MET C 36 30.07 33.74 3.48
N ALA C 37 29.74 33.81 4.78
CA ALA C 37 30.59 33.22 5.81
C ALA C 37 30.69 31.71 5.70
N ASP C 38 31.83 31.16 6.12
CA ASP C 38 32.10 29.72 6.04
C ASP C 38 31.55 28.90 7.21
N THR C 39 31.22 29.55 8.33
CA THR C 39 30.62 28.85 9.46
C THR C 39 29.41 29.65 9.98
N PHE C 40 28.51 29.01 10.74
CA PHE C 40 27.37 29.70 11.31
C PHE C 40 27.86 30.73 12.33
N LEU C 41 28.90 30.41 13.11
CA LEU C 41 29.49 31.34 14.09
C LEU C 41 30.01 32.60 13.38
N GLU C 42 30.77 32.45 12.28
CA GLU C 42 31.28 33.58 11.51
CA GLU C 42 31.27 33.61 11.55
C GLU C 42 30.12 34.39 10.92
N HIS C 43 29.05 33.70 10.49
CA HIS C 43 27.86 34.33 9.91
C HIS C 43 27.25 35.28 10.96
N LEU C 44 27.11 34.80 12.21
CA LEU C 44 26.57 35.66 13.28
C LEU C 44 27.47 36.86 13.53
N CYS C 45 28.80 36.64 13.58
CA CYS C 45 29.78 37.71 13.82
C CYS C 45 29.73 38.80 12.75
N LEU C 46 29.30 38.46 11.52
CA LEU C 46 29.25 39.40 10.40
C LEU C 46 27.92 40.12 10.22
N LEU C 47 26.89 39.81 11.04
CA LEU C 47 25.59 40.49 10.95
C LEU C 47 25.81 41.99 11.26
N ASP C 48 25.23 42.86 10.44
CA ASP C 48 25.50 44.29 10.53
C ASP C 48 24.20 45.07 10.56
N ILE C 49 23.98 45.87 11.61
CA ILE C 49 22.78 46.72 11.72
C ILE C 49 22.68 47.77 10.61
N ASP C 50 23.80 48.10 9.93
CA ASP C 50 23.79 49.06 8.83
C ASP C 50 23.59 48.41 7.45
N SER C 51 23.52 47.08 7.39
CA SER C 51 23.32 46.38 6.13
C SER C 51 21.80 46.34 5.92
N GLU C 52 21.29 47.19 5.02
CA GLU C 52 19.85 47.34 4.82
C GLU C 52 19.22 46.23 4.01
N PRO C 53 18.02 45.79 4.43
CA PRO C 53 17.32 44.75 3.65
C PRO C 53 16.85 45.33 2.31
N VAL C 54 17.00 44.57 1.23
CA VAL C 54 16.55 45.04 -0.08
C VAL C 54 15.39 44.19 -0.59
N ALA C 55 15.42 42.88 -0.33
CA ALA C 55 14.37 41.98 -0.79
C ALA C 55 13.01 42.27 -0.17
N ALA C 56 11.95 41.94 -0.92
CA ALA C 56 10.59 42.08 -0.41
C ALA C 56 10.41 41.09 0.77
N ARG C 57 9.58 41.46 1.73
CA ARG C 57 9.31 40.64 2.90
C ARG C 57 8.64 39.32 2.47
N SER C 58 9.25 38.21 2.83
CA SER C 58 8.80 36.90 2.37
C SER C 58 7.92 36.11 3.36
N THR C 59 8.01 36.40 4.67
CA THR C 59 7.21 35.68 5.66
C THR C 59 5.84 36.32 5.74
N SER C 60 4.77 35.58 5.43
CA SER C 60 3.43 36.16 5.48
C SER C 60 2.97 36.53 6.86
N ILE C 61 2.15 37.56 6.92
CA ILE C 61 1.58 38.02 8.18
C ILE C 61 0.10 37.66 8.21
N ILE C 62 -0.33 36.97 9.26
CA ILE C 62 -1.73 36.63 9.48
C ILE C 62 -2.24 37.59 10.57
N ALA C 63 -3.28 38.35 10.27
CA ALA C 63 -3.88 39.25 11.28
C ALA C 63 -5.26 38.77 11.64
N THR C 64 -5.56 38.71 12.92
CA THR C 64 -6.89 38.31 13.39
C THR C 64 -7.84 39.51 13.27
N ILE C 65 -8.98 39.31 12.57
CA ILE C 65 -9.95 40.38 12.34
C ILE C 65 -11.01 40.39 13.41
N GLY C 66 -11.08 41.49 14.14
CA GLY C 66 -12.07 41.63 15.21
C GLY C 66 -12.57 43.07 15.32
N PRO C 67 -13.10 43.45 16.50
CA PRO C 67 -13.61 44.81 16.68
C PRO C 67 -12.65 45.93 16.31
N ALA C 68 -11.36 45.79 16.63
CA ALA C 68 -10.37 46.82 16.35
C ALA C 68 -9.88 46.88 14.91
N SER C 69 -10.26 45.93 14.07
CA SER C 69 -9.72 45.87 12.72
C SER C 69 -10.73 45.48 11.67
N ARG C 70 -12.01 45.71 11.93
CA ARG C 70 -13.14 45.28 11.10
C ARG C 70 -13.60 46.22 10.01
N SER C 71 -13.44 47.53 10.19
CA SER C 71 -13.92 48.49 9.22
C SER C 71 -13.12 48.42 7.93
N VAL C 72 -13.78 48.78 6.83
CA VAL C 72 -13.17 48.76 5.51
C VAL C 72 -11.95 49.68 5.46
N GLU C 73 -12.07 50.88 6.06
CA GLU C 73 -10.95 51.82 6.09
C GLU C 73 -9.76 51.31 6.88
N ARG C 74 -10.01 50.68 8.01
CA ARG C 74 -8.97 50.10 8.83
C ARG C 74 -8.29 48.91 8.10
N LEU C 75 -9.11 48.07 7.43
CA LEU C 75 -8.61 46.94 6.66
C LEU C 75 -7.74 47.36 5.48
N LYS C 76 -8.05 48.50 4.84
CA LYS C 76 -7.20 49.02 3.77
C LYS C 76 -5.83 49.39 4.33
N GLU C 77 -5.79 50.00 5.53
CA GLU C 77 -4.52 50.35 6.15
C GLU C 77 -3.73 49.11 6.55
N MET C 78 -4.42 48.03 6.97
CA MET C 78 -3.75 46.79 7.35
CA MET C 78 -3.74 46.80 7.35
C MET C 78 -3.17 46.08 6.15
N ILE C 79 -3.86 46.16 4.98
CA ILE C 79 -3.37 45.57 3.76
C ILE C 79 -2.12 46.33 3.32
N LYS C 80 -2.16 47.68 3.41
CA LYS C 80 -1.00 48.52 3.04
C LYS C 80 0.18 48.27 3.97
N ALA C 81 -0.09 48.01 5.25
CA ALA C 81 0.95 47.72 6.24
C ALA C 81 1.60 46.32 6.02
N GLY C 82 0.90 45.41 5.33
CA GLY C 82 1.46 44.10 5.05
C GLY C 82 0.64 42.85 5.37
N MET C 83 -0.61 42.99 5.86
CA MET C 83 -1.44 41.82 6.12
C MET C 83 -1.66 40.97 4.86
N ASN C 84 -1.35 39.66 4.94
CA ASN C 84 -1.53 38.76 3.78
C ASN C 84 -2.69 37.80 3.96
N ILE C 85 -2.97 37.42 5.21
CA ILE C 85 -4.03 36.48 5.57
C ILE C 85 -4.87 37.09 6.69
N ALA C 86 -6.21 37.05 6.54
CA ALA C 86 -7.15 37.54 7.55
C ALA C 86 -7.70 36.34 8.29
N ARG C 87 -7.48 36.28 9.59
CA ARG C 87 -7.93 35.16 10.39
C ARG C 87 -9.24 35.53 11.09
N LEU C 88 -10.25 34.65 10.99
CA LEU C 88 -11.51 34.87 11.69
C LEU C 88 -11.64 33.79 12.75
N ASN C 89 -11.59 34.23 14.00
CA ASN C 89 -11.61 33.29 15.11
C ASN C 89 -13.02 32.95 15.52
N PHE C 90 -13.44 31.73 15.18
CA PHE C 90 -14.80 31.30 15.51
C PHE C 90 -14.98 30.92 16.99
N SER C 91 -13.96 31.11 17.85
CA SER C 91 -14.17 30.97 19.29
C SER C 91 -15.02 32.15 19.80
N HIS C 92 -15.14 33.25 19.04
CA HIS C 92 -15.89 34.45 19.37
C HIS C 92 -16.80 34.87 18.19
N GLY C 93 -17.61 35.90 18.41
CA GLY C 93 -18.49 36.45 17.40
C GLY C 93 -19.56 35.48 17.01
N SER C 94 -20.20 35.71 15.89
CA SER C 94 -21.25 34.83 15.39
C SER C 94 -21.01 34.64 13.88
N HIS C 95 -21.86 33.80 13.20
CA HIS C 95 -21.74 33.62 11.76
C HIS C 95 -22.01 34.95 11.06
N GLU C 96 -23.05 35.68 11.50
CA GLU C 96 -23.40 36.97 10.91
C GLU C 96 -22.25 37.99 11.09
N TYR C 97 -21.64 38.02 12.28
CA TYR C 97 -20.56 38.94 12.57
C TYR C 97 -19.34 38.62 11.68
N HIS C 98 -18.93 37.35 11.62
CA HIS C 98 -17.80 36.94 10.77
C HIS C 98 -18.08 37.10 9.27
N ALA C 99 -19.34 36.92 8.82
CA ALA C 99 -19.67 37.13 7.40
C ALA C 99 -19.48 38.60 7.05
N GLU C 100 -19.82 39.52 7.97
CA GLU C 100 -19.64 40.96 7.76
CA GLU C 100 -19.62 40.95 7.70
C GLU C 100 -18.13 41.26 7.69
N SER C 101 -17.33 40.63 8.58
CA SER C 101 -15.88 40.83 8.57
C SER C 101 -15.28 40.36 7.23
N ILE C 102 -15.71 39.19 6.70
CA ILE C 102 -15.27 38.66 5.42
C ILE C 102 -15.62 39.63 4.28
N ALA C 103 -16.87 40.14 4.27
CA ALA C 103 -17.31 41.09 3.25
C ALA C 103 -16.46 42.37 3.29
N ASN C 104 -16.11 42.86 4.48
CA ASN C 104 -15.29 44.06 4.62
C ASN C 104 -13.86 43.79 4.15
N VAL C 105 -13.29 42.60 4.42
CA VAL C 105 -11.95 42.23 3.93
C VAL C 105 -11.98 42.23 2.41
N ARG C 106 -12.96 41.55 1.80
CA ARG C 106 -13.07 41.51 0.35
C ARG C 106 -13.28 42.90 -0.29
N GLU C 107 -14.05 43.78 0.37
CA GLU C 107 -14.26 45.14 -0.14
C GLU C 107 -12.92 45.93 -0.06
N ALA C 108 -12.18 45.80 1.05
CA ALA C 108 -10.91 46.49 1.20
C ALA C 108 -9.91 45.98 0.17
N VAL C 109 -9.86 44.65 -0.07
CA VAL C 109 -8.94 44.04 -1.06
C VAL C 109 -9.27 44.55 -2.47
N GLU C 110 -10.55 44.53 -2.84
CA GLU C 110 -10.96 44.95 -4.18
C GLU C 110 -10.85 46.45 -4.42
N SER C 111 -10.72 47.26 -3.38
CA SER C 111 -10.52 48.70 -3.55
C SER C 111 -9.17 49.04 -4.23
N PHE C 112 -8.23 48.07 -4.28
CA PHE C 112 -6.93 48.25 -4.92
C PHE C 112 -6.85 47.57 -6.31
N ALA C 113 -7.96 47.03 -6.84
CA ALA C 113 -7.93 46.38 -8.15
C ALA C 113 -7.66 47.34 -9.34
N GLY C 114 -7.81 48.64 -9.14
CA GLY C 114 -7.57 49.62 -10.20
C GLY C 114 -6.11 49.96 -10.45
N SER C 115 -5.21 49.53 -9.55
CA SER C 115 -3.78 49.80 -9.68
C SER C 115 -2.92 48.54 -9.51
N PRO C 116 -2.28 48.07 -10.60
CA PRO C 116 -1.43 46.86 -10.52
C PRO C 116 -0.32 46.86 -9.44
N LEU C 117 0.15 48.06 -9.06
CA LEU C 117 1.20 48.26 -8.07
C LEU C 117 0.71 48.03 -6.63
N SER C 118 -0.60 48.18 -6.37
CA SER C 118 -1.12 48.00 -5.00
CA SER C 118 -1.14 48.02 -5.02
C SER C 118 -2.09 46.83 -4.82
N TYR C 119 -2.59 46.20 -5.92
CA TYR C 119 -3.51 45.06 -5.74
C TYR C 119 -2.79 43.85 -5.16
N ARG C 120 -3.27 43.38 -4.00
CA ARG C 120 -2.69 42.20 -3.37
C ARG C 120 -3.78 41.25 -2.90
N PRO C 121 -3.73 39.98 -3.34
CA PRO C 121 -4.68 38.99 -2.81
C PRO C 121 -4.47 38.81 -1.31
N VAL C 122 -5.56 38.62 -0.59
CA VAL C 122 -5.51 38.41 0.84
C VAL C 122 -6.32 37.13 1.11
N ALA C 123 -5.71 36.13 1.77
CA ALA C 123 -6.42 34.89 2.06
C ALA C 123 -7.35 35.06 3.24
N ILE C 124 -8.41 34.26 3.30
CA ILE C 124 -9.31 34.28 4.44
C ILE C 124 -9.22 32.92 5.13
N ALA C 125 -8.89 32.92 6.39
CA ALA C 125 -8.70 31.72 7.16
C ALA C 125 -9.73 31.65 8.29
N LEU C 126 -10.29 30.46 8.51
CA LEU C 126 -11.26 30.27 9.56
C LEU C 126 -10.61 29.47 10.66
N ASP C 127 -10.58 29.98 11.88
CA ASP C 127 -9.96 29.28 13.00
C ASP C 127 -11.09 28.69 13.86
N THR C 128 -11.15 27.36 13.99
CA THR C 128 -12.25 26.71 14.70
C THR C 128 -12.21 26.86 16.22
N LYS C 129 -13.37 26.73 16.86
CA LYS C 129 -13.51 26.83 18.31
C LYS C 129 -12.81 25.65 18.95
N GLY C 130 -12.97 24.46 18.37
CA GLY C 130 -12.28 23.28 18.88
C GLY C 130 -13.22 22.28 19.51
N PRO C 131 -12.65 21.14 19.92
CA PRO C 131 -13.47 20.07 20.49
C PRO C 131 -13.97 20.35 21.90
N PRO C 135 -13.75 15.05 22.69
CA PRO C 135 -13.68 13.67 22.17
C PRO C 135 -13.43 13.55 20.67
N GLY C 136 -13.63 14.63 19.93
CA GLY C 136 -13.49 14.70 18.46
C GLY C 136 -14.17 15.95 17.90
N LEU C 137 -14.54 15.95 16.61
CA LEU C 137 -15.15 17.15 15.99
C LEU C 137 -16.48 17.60 16.65
N SER C 138 -16.51 18.80 17.22
CA SER C 138 -17.69 19.32 17.89
C SER C 138 -18.79 19.68 16.90
N GLU C 139 -20.05 19.74 17.40
CA GLU C 139 -21.18 20.10 16.56
C GLU C 139 -20.99 21.52 16.02
N GLN C 140 -20.49 22.44 16.85
CA GLN C 140 -20.29 23.82 16.44
C GLN C 140 -19.22 23.90 15.35
N ASP C 141 -18.15 23.11 15.44
CA ASP C 141 -17.11 23.09 14.40
C ASP C 141 -17.67 22.60 13.08
N VAL C 142 -18.57 21.58 13.08
CA VAL C 142 -19.19 21.12 11.83
C VAL C 142 -19.93 22.29 11.15
N ARG C 143 -20.70 23.07 11.93
CA ARG C 143 -21.45 24.19 11.39
C ARG C 143 -20.54 25.32 10.95
N ASP C 144 -19.48 25.60 11.71
CA ASP C 144 -18.53 26.66 11.34
C ASP C 144 -17.74 26.26 10.08
N LEU C 145 -17.36 24.99 9.96
CA LEU C 145 -16.66 24.49 8.74
C LEU C 145 -17.58 24.59 7.54
N ARG C 146 -18.89 24.33 7.72
CA ARG C 146 -19.85 24.45 6.63
C ARG C 146 -20.00 25.93 6.25
N PHE C 147 -20.01 26.83 7.23
CA PHE C 147 -20.05 28.27 6.97
C PHE C 147 -18.81 28.69 6.12
N GLY C 148 -17.65 28.14 6.45
CA GLY C 148 -16.42 28.42 5.70
C GLY C 148 -16.52 28.01 4.24
N VAL C 149 -17.06 26.81 3.97
CA VAL C 149 -17.24 26.33 2.60
C VAL C 149 -18.20 27.26 1.86
N GLU C 150 -19.32 27.61 2.50
CA GLU C 150 -20.33 28.47 1.87
C GLU C 150 -19.83 29.88 1.61
N HIS C 151 -18.89 30.36 2.41
CA HIS C 151 -18.34 31.70 2.23
C HIS C 151 -16.99 31.72 1.46
N GLY C 152 -16.59 30.59 0.91
CA GLY C 152 -15.38 30.50 0.12
C GLY C 152 -14.07 30.79 0.83
N VAL C 153 -13.91 30.34 2.09
CA VAL C 153 -12.65 30.55 2.81
C VAL C 153 -11.54 29.72 2.15
N ASP C 154 -10.32 30.19 2.26
CA ASP C 154 -9.14 29.56 1.66
C ASP C 154 -8.49 28.55 2.57
N ILE C 155 -8.57 28.77 3.89
CA ILE C 155 -7.81 27.98 4.85
C ILE C 155 -8.60 27.75 6.11
N VAL C 156 -8.35 26.62 6.77
CA VAL C 156 -8.92 26.31 8.06
C VAL C 156 -7.77 26.11 9.01
N PHE C 157 -7.79 26.81 10.15
CA PHE C 157 -6.81 26.57 11.20
C PHE C 157 -7.63 25.68 12.18
N ALA C 158 -7.37 24.38 12.19
CA ALA C 158 -8.13 23.44 13.03
C ALA C 158 -7.59 23.38 14.45
N SER C 159 -8.37 23.83 15.41
CA SER C 159 -7.96 23.84 16.81
C SER C 159 -7.84 22.47 17.46
N PHE C 160 -6.90 22.34 18.38
CA PHE C 160 -6.65 21.15 19.19
C PHE C 160 -6.59 19.86 18.39
N VAL C 161 -5.77 19.81 17.33
CA VAL C 161 -5.62 18.58 16.57
C VAL C 161 -4.72 17.67 17.38
N ARG C 162 -5.18 16.47 17.72
CA ARG C 162 -4.42 15.56 18.56
C ARG C 162 -3.93 14.32 17.86
N LYS C 163 -4.55 13.98 16.71
CA LYS C 163 -4.24 12.76 15.98
C LYS C 163 -4.73 12.88 14.54
N ALA C 164 -4.27 11.97 13.66
CA ALA C 164 -4.65 11.97 12.25
C ALA C 164 -6.14 11.88 12.01
N SER C 165 -6.89 11.15 12.86
CA SER C 165 -8.33 11.03 12.67
C SER C 165 -9.08 12.35 12.89
N ASP C 166 -8.51 13.27 13.68
CA ASP C 166 -9.09 14.60 13.86
C ASP C 166 -9.04 15.35 12.51
N VAL C 167 -7.92 15.22 11.77
CA VAL C 167 -7.77 15.89 10.48
C VAL C 167 -8.75 15.26 9.48
N ALA C 168 -8.87 13.93 9.47
CA ALA C 168 -9.83 13.24 8.57
C ALA C 168 -11.26 13.73 8.83
N ALA C 169 -11.63 13.97 10.10
CA ALA C 169 -12.95 14.46 10.43
C ALA C 169 -13.16 15.88 9.87
N VAL C 170 -12.14 16.76 9.98
CA VAL C 170 -12.24 18.12 9.44
C VAL C 170 -12.37 18.08 7.91
N ARG C 171 -11.56 17.24 7.26
CA ARG C 171 -11.57 17.07 5.81
C ARG C 171 -12.94 16.58 5.35
N ALA C 172 -13.54 15.59 6.05
CA ALA C 172 -14.87 15.09 5.73
C ALA C 172 -15.92 16.20 5.89
N ALA C 173 -15.82 17.00 6.98
CA ALA C 173 -16.76 18.13 7.24
C ALA C 173 -16.67 19.25 6.20
N LEU C 174 -15.57 19.27 5.42
CA LEU C 174 -15.40 20.27 4.39
CA LEU C 174 -15.42 20.30 4.40
C LEU C 174 -16.24 19.98 3.13
N GLY C 175 -17.08 18.93 3.21
CA GLY C 175 -18.11 18.52 2.27
C GLY C 175 -17.64 18.31 0.88
N PRO C 176 -18.59 18.28 -0.06
CA PRO C 176 -18.21 18.05 -1.45
C PRO C 176 -17.57 19.29 -2.11
N GLU C 177 -17.90 20.51 -1.66
CA GLU C 177 -17.40 21.73 -2.29
C GLU C 177 -16.07 22.27 -1.73
N GLY C 178 -15.58 21.81 -0.58
CA GLY C 178 -14.40 22.41 0.04
C GLY C 178 -13.13 21.60 0.11
N HIS C 179 -12.95 20.63 -0.78
CA HIS C 179 -11.75 19.81 -0.77
C HIS C 179 -10.46 20.58 -1.12
N GLY C 180 -10.58 21.75 -1.71
CA GLY C 180 -9.41 22.58 -2.01
C GLY C 180 -8.98 23.49 -0.88
N ILE C 181 -9.76 23.52 0.22
CA ILE C 181 -9.41 24.34 1.36
C ILE C 181 -8.22 23.73 2.07
N LYS C 182 -7.22 24.54 2.41
CA LYS C 182 -6.04 24.04 3.11
C LYS C 182 -6.36 23.84 4.59
N ILE C 183 -5.95 22.69 5.15
CA ILE C 183 -6.16 22.43 6.57
C ILE C 183 -4.84 22.56 7.27
N ILE C 184 -4.71 23.57 8.11
CA ILE C 184 -3.54 23.83 8.91
C ILE C 184 -3.90 23.33 10.32
N SER C 185 -3.27 22.25 10.77
CA SER C 185 -3.53 21.69 12.09
C SER C 185 -2.87 22.48 13.19
N LYS C 186 -3.65 22.90 14.19
CA LYS C 186 -3.10 23.62 15.33
C LYS C 186 -2.66 22.61 16.37
N ILE C 187 -1.39 22.66 16.77
CA ILE C 187 -0.83 21.77 17.78
C ILE C 187 -0.84 22.57 19.07
N GLU C 188 -1.70 22.14 20.02
CA GLU C 188 -1.96 22.91 21.23
C GLU C 188 -1.80 22.13 22.53
N ASN C 189 -1.43 20.85 22.47
CA ASN C 189 -1.30 20.07 23.72
C ASN C 189 -0.26 18.97 23.58
N HIS C 190 0.00 18.22 24.68
CA HIS C 190 1.01 17.18 24.69
C HIS C 190 0.76 16.11 23.64
N GLU C 191 -0.48 15.65 23.50
CA GLU C 191 -0.81 14.60 22.53
C GLU C 191 -0.53 15.03 21.08
N GLY C 192 -0.91 16.25 20.71
CA GLY C 192 -0.60 16.75 19.37
C GLY C 192 0.88 16.80 19.10
N VAL C 193 1.70 17.18 20.10
CA VAL C 193 3.16 17.21 19.94
C VAL C 193 3.71 15.78 19.77
N LYS C 194 3.25 14.84 20.60
CA LYS C 194 3.70 13.45 20.53
C LYS C 194 3.27 12.72 19.27
N ARG C 195 2.08 13.03 18.77
CA ARG C 195 1.59 12.42 17.52
C ARG C 195 1.81 13.35 16.32
N PHE C 196 2.77 14.29 16.41
CA PHE C 196 3.03 15.25 15.35
C PHE C 196 3.23 14.63 13.98
N ASP C 197 4.09 13.60 13.84
CA ASP C 197 4.35 13.01 12.53
C ASP C 197 3.12 12.53 11.81
N GLU C 198 2.20 11.85 12.52
CA GLU C 198 0.98 11.37 11.89
C GLU C 198 0.03 12.52 11.53
N ILE C 199 0.04 13.59 12.32
CA ILE C 199 -0.80 14.75 12.05
C ILE C 199 -0.27 15.50 10.80
N LEU C 200 1.03 15.75 10.77
CA LEU C 200 1.64 16.48 9.63
C LEU C 200 1.44 15.72 8.31
N GLU C 201 1.53 14.39 8.36
CA GLU C 201 1.36 13.55 7.18
C GLU C 201 0.06 13.80 6.44
N VAL C 202 -1.04 14.00 7.18
CA VAL C 202 -2.36 14.20 6.58
C VAL C 202 -2.80 15.67 6.52
N SER C 203 -2.01 16.61 7.06
CA SER C 203 -2.39 18.01 7.06
C SER C 203 -1.71 18.74 5.92
N ASP C 204 -2.25 19.89 5.52
CA ASP C 204 -1.56 20.74 4.54
C ASP C 204 -0.42 21.56 5.20
N GLY C 205 -0.49 21.75 6.51
CA GLY C 205 0.50 22.48 7.28
C GLY C 205 0.18 22.48 8.75
N ILE C 206 0.95 23.25 9.54
CA ILE C 206 0.82 23.26 10.99
C ILE C 206 0.84 24.66 11.58
N MET C 207 0.14 24.85 12.70
CA MET C 207 0.24 26.09 13.44
C MET C 207 0.77 25.73 14.84
N VAL C 208 1.84 26.38 15.28
CA VAL C 208 2.37 26.20 16.64
C VAL C 208 1.53 27.18 17.47
N ALA C 209 0.45 26.65 18.07
CA ALA C 209 -0.51 27.47 18.82
C ALA C 209 0.00 27.59 20.24
N ARG C 210 0.92 28.55 20.46
CA ARG C 210 1.63 28.67 21.72
C ARG C 210 0.80 29.06 22.93
N GLY C 211 -0.36 29.69 22.75
CA GLY C 211 -1.23 30.07 23.87
C GLY C 211 -1.65 28.88 24.69
N ASP C 212 -2.42 27.98 24.08
CA ASP C 212 -2.83 26.74 24.75
C ASP C 212 -1.66 25.82 25.00
N LEU C 213 -0.68 25.73 24.07
CA LEU C 213 0.48 24.86 24.29
C LEU C 213 1.22 25.22 25.57
N GLY C 214 1.36 26.51 25.85
CA GLY C 214 2.04 27.00 27.05
C GLY C 214 1.29 26.80 28.36
N ILE C 215 0.02 26.35 28.28
CA ILE C 215 -0.81 26.01 29.44
C ILE C 215 -0.89 24.47 29.56
N GLU C 216 -0.90 23.75 28.43
CA GLU C 216 -1.00 22.30 28.36
C GLU C 216 0.31 21.60 28.68
N ILE C 217 1.43 22.21 28.34
CA ILE C 217 2.76 21.68 28.67
C ILE C 217 3.51 22.75 29.47
N PRO C 218 4.60 22.42 30.21
CA PRO C 218 5.32 23.49 30.94
C PRO C 218 5.74 24.63 30.01
N ALA C 219 5.53 25.87 30.45
CA ALA C 219 5.83 27.04 29.64
C ALA C 219 7.27 27.07 29.10
N GLU C 220 8.20 26.58 29.90
CA GLU C 220 9.61 26.57 29.54
C GLU C 220 9.98 25.54 28.46
N LYS C 221 9.03 24.68 28.06
CA LYS C 221 9.26 23.69 27.02
C LYS C 221 8.66 24.09 25.65
N VAL C 222 7.85 25.17 25.60
CA VAL C 222 7.21 25.58 24.35
C VAL C 222 8.19 25.84 23.23
N PHE C 223 9.34 26.48 23.53
CA PHE C 223 10.33 26.76 22.48
C PHE C 223 10.87 25.46 21.81
N LEU C 224 10.94 24.36 22.57
CA LEU C 224 11.41 23.07 22.03
C LEU C 224 10.38 22.55 21.06
N ALA C 225 9.09 22.61 21.42
CA ALA C 225 8.02 22.13 20.54
C ALA C 225 7.96 23.02 19.28
N GLN C 226 8.10 24.34 19.44
CA GLN C 226 8.11 25.26 18.30
C GLN C 226 9.27 24.95 17.31
N LYS C 227 10.49 24.83 17.82
CA LYS C 227 11.63 24.59 16.96
C LYS C 227 11.58 23.22 16.27
N MET C 228 11.09 22.20 17.01
CA MET C 228 10.92 20.86 16.47
C MET C 228 9.90 20.85 15.34
N MET C 229 8.73 21.44 15.57
CA MET C 229 7.66 21.45 14.57
C MET C 229 8.02 22.26 13.34
N ILE C 230 8.71 23.39 13.52
CA ILE C 230 9.13 24.21 12.39
C ILE C 230 10.17 23.42 11.57
N GLY C 231 11.12 22.77 12.23
CA GLY C 231 12.13 21.97 11.56
C GLY C 231 11.52 20.83 10.77
N ARG C 232 10.55 20.09 11.37
CA ARG C 232 9.90 18.98 10.66
C ARG C 232 9.04 19.45 9.49
N CYS C 233 8.32 20.58 9.64
CA CYS C 233 7.56 21.14 8.51
C CYS C 233 8.48 21.58 7.40
N ASN C 234 9.62 22.21 7.74
CA ASN C 234 10.61 22.61 6.73
C ASN C 234 11.13 21.38 5.98
N LEU C 235 11.37 20.29 6.70
CA LEU C 235 11.85 19.05 6.08
C LEU C 235 10.77 18.43 5.18
N ALA C 236 9.50 18.49 5.60
CA ALA C 236 8.40 17.97 4.80
C ALA C 236 7.96 18.90 3.65
N GLY C 237 8.44 20.13 3.62
CA GLY C 237 8.05 21.09 2.60
C GLY C 237 6.61 21.56 2.77
N LYS C 238 6.14 21.64 4.02
CA LYS C 238 4.78 22.07 4.30
C LYS C 238 4.77 23.35 5.15
N PRO C 239 3.81 24.28 4.92
CA PRO C 239 3.80 25.52 5.70
C PRO C 239 3.65 25.37 7.20
N VAL C 240 4.32 26.26 7.94
CA VAL C 240 4.22 26.26 9.40
C VAL C 240 4.04 27.70 9.85
N VAL C 241 3.10 27.91 10.76
CA VAL C 241 2.77 29.21 11.29
C VAL C 241 3.24 29.30 12.74
N CYS C 242 3.92 30.39 13.12
CA CYS C 242 4.22 30.62 14.52
C CYS C 242 3.14 31.58 15.03
N ALA C 243 2.51 31.25 16.16
CA ALA C 243 1.41 32.08 16.63
C ALA C 243 1.42 32.37 18.13
N THR C 244 0.75 33.48 18.50
CA THR C 244 0.32 33.87 19.85
C THR C 244 1.34 34.57 20.71
N GLN C 245 0.95 35.79 21.16
CA GLN C 245 1.72 36.68 22.03
C GLN C 245 3.02 37.15 21.44
N MET C 246 3.15 37.16 20.10
CA MET C 246 4.38 37.62 19.47
C MET C 246 4.67 39.09 19.75
N LEU C 247 3.63 39.95 19.72
CA LEU C 247 3.79 41.38 20.02
C LEU C 247 2.72 41.77 21.06
N GLU C 248 2.47 40.91 22.05
CA GLU C 248 1.40 41.06 23.02
C GLU C 248 1.26 42.44 23.67
N SER C 249 2.36 43.05 24.10
CA SER C 249 2.32 44.38 24.74
C SER C 249 1.73 45.46 23.82
N MET C 250 1.79 45.25 22.49
CA MET C 250 1.19 46.21 21.55
C MET C 250 -0.34 46.22 21.57
N ILE C 251 -0.99 45.38 22.39
CA ILE C 251 -2.44 45.47 22.56
C ILE C 251 -2.76 46.84 23.23
N THR C 252 -1.90 47.30 24.17
CA THR C 252 -2.09 48.60 24.83
C THR C 252 -0.99 49.62 24.57
N LYS C 253 0.21 49.20 24.15
CA LYS C 253 1.32 50.12 23.94
C LYS C 253 1.70 50.32 22.48
N PRO C 254 2.15 51.52 22.07
CA PRO C 254 2.50 51.74 20.66
C PRO C 254 3.78 51.05 20.18
N ARG C 255 4.65 50.63 21.10
CA ARG C 255 5.92 49.98 20.76
C ARG C 255 6.04 48.66 21.52
N PRO C 256 6.64 47.62 20.90
CA PRO C 256 6.77 46.33 21.59
C PRO C 256 7.97 46.25 22.53
N THR C 257 8.04 45.19 23.35
CA THR C 257 9.17 44.99 24.24
C THR C 257 10.35 44.38 23.42
N ARG C 258 11.53 44.35 24.02
CA ARG C 258 12.71 43.77 23.41
C ARG C 258 12.54 42.27 23.21
N ALA C 259 11.80 41.59 24.11
CA ALA C 259 11.56 40.16 23.98
C ALA C 259 10.63 39.85 22.80
N GLU C 260 9.67 40.73 22.56
CA GLU C 260 8.72 40.58 21.46
C GLU C 260 9.35 40.73 20.10
N THR C 261 10.22 41.73 19.89
CA THR C 261 10.89 41.86 18.58
C THR C 261 11.82 40.67 18.37
N SER C 262 12.48 40.22 19.44
CA SER C 262 13.35 39.06 19.38
C SER C 262 12.54 37.80 18.99
N ASP C 263 11.34 37.63 19.59
CA ASP C 263 10.49 36.48 19.31
C ASP C 263 10.07 36.43 17.83
N VAL C 264 9.70 37.59 17.24
CA VAL C 264 9.32 37.61 15.83
C VAL C 264 10.51 37.24 14.95
N ALA C 265 11.69 37.86 15.21
CA ALA C 265 12.88 37.60 14.42
C ALA C 265 13.29 36.14 14.52
N ASN C 266 13.24 35.56 15.73
CA ASN C 266 13.61 34.16 15.93
C ASN C 266 12.62 33.18 15.33
N ALA C 267 11.34 33.53 15.22
CA ALA C 267 10.38 32.64 14.54
C ALA C 267 10.76 32.55 13.04
N VAL C 268 11.14 33.68 12.43
CA VAL C 268 11.57 33.73 11.03
C VAL C 268 12.88 32.94 10.88
N LEU C 269 13.86 33.18 11.74
CA LEU C 269 15.13 32.44 11.70
C LEU C 269 14.94 30.94 11.96
N ASP C 270 13.96 30.55 12.78
CA ASP C 270 13.65 29.12 13.04
C ASP C 270 13.18 28.44 11.73
N GLY C 271 12.53 29.19 10.84
CA GLY C 271 12.02 28.68 9.58
C GLY C 271 10.52 28.80 9.39
N ALA C 272 9.82 29.62 10.19
CA ALA C 272 8.36 29.77 10.05
C ALA C 272 8.01 30.39 8.69
N ASP C 273 6.98 29.84 8.03
CA ASP C 273 6.49 30.40 6.78
C ASP C 273 5.63 31.63 7.04
N CYS C 274 4.87 31.62 8.14
CA CYS C 274 3.97 32.72 8.51
C CYS C 274 4.15 33.07 9.96
N ILE C 275 3.85 34.31 10.29
CA ILE C 275 3.79 34.77 11.68
C ILE C 275 2.39 35.36 11.88
N MET C 276 1.89 35.34 13.11
CA MET C 276 0.52 35.75 13.37
C MET C 276 0.36 36.79 14.45
N LEU C 277 -0.74 37.55 14.36
CA LEU C 277 -1.17 38.53 15.34
C LEU C 277 -2.58 38.13 15.74
N SER C 278 -2.84 38.08 17.06
CA SER C 278 -4.17 37.72 17.56
C SER C 278 -4.81 38.94 18.23
N GLY C 279 -4.72 39.08 19.56
CA GLY C 279 -5.30 40.23 20.27
C GLY C 279 -4.71 41.56 19.80
N GLU C 280 -3.46 41.54 19.30
CA GLU C 280 -2.80 42.73 18.77
C GLU C 280 -3.59 43.37 17.67
N THR C 281 -4.28 42.57 16.84
CA THR C 281 -5.07 43.12 15.74
C THR C 281 -6.56 42.98 15.97
N ALA C 282 -7.00 41.99 16.75
CA ALA C 282 -8.42 41.75 16.96
C ALA C 282 -9.06 42.76 17.91
N LYS C 283 -8.36 43.14 18.99
CA LYS C 283 -8.95 44.04 19.97
C LYS C 283 -8.04 45.16 20.49
N GLY C 284 -6.78 45.17 20.08
CA GLY C 284 -5.85 46.17 20.59
C GLY C 284 -6.01 47.58 20.07
N ASN C 285 -5.27 48.52 20.65
CA ASN C 285 -5.32 49.92 20.28
C ASN C 285 -4.43 50.28 19.10
N PHE C 286 -3.52 49.38 18.68
CA PHE C 286 -2.57 49.66 17.59
C PHE C 286 -2.48 48.52 16.56
N PRO C 287 -3.62 48.11 15.96
CA PRO C 287 -3.57 47.00 14.99
C PRO C 287 -2.65 47.22 13.79
N VAL C 288 -2.70 48.42 13.20
CA VAL C 288 -1.89 48.72 12.03
C VAL C 288 -0.41 48.76 12.38
N GLU C 289 -0.08 49.36 13.52
CA GLU C 289 1.31 49.44 13.98
C GLU C 289 1.87 48.05 14.28
N ALA C 290 1.03 47.12 14.79
CA ALA C 290 1.47 45.75 15.07
C ALA C 290 1.84 45.03 13.77
N VAL C 291 1.03 45.24 12.70
CA VAL C 291 1.34 44.65 11.39
C VAL C 291 2.64 45.26 10.84
N LYS C 292 2.79 46.57 10.96
CA LYS C 292 3.99 47.28 10.49
C LYS C 292 5.23 46.78 11.18
N MET C 293 5.12 46.51 12.50
CA MET C 293 6.26 46.04 13.29
C MET C 293 6.65 44.63 12.85
N GLN C 294 5.66 43.72 12.64
CA GLN C 294 5.97 42.37 12.13
C GLN C 294 6.61 42.44 10.77
N HIS C 295 6.13 43.34 9.91
CA HIS C 295 6.70 43.50 8.57
C HIS C 295 8.17 43.91 8.65
N ALA C 296 8.46 44.93 9.47
CA ALA C 296 9.83 45.46 9.59
C ALA C 296 10.81 44.42 10.17
N ILE C 297 10.39 43.68 11.23
CA ILE C 297 11.26 42.67 11.81
C ILE C 297 11.50 41.53 10.84
N ALA C 298 10.42 41.00 10.20
CA ALA C 298 10.55 39.87 9.27
C ALA C 298 11.53 40.18 8.15
N ARG C 299 11.48 41.40 7.60
CA ARG C 299 12.39 41.78 6.52
C ARG C 299 13.85 41.72 7.00
N GLU C 300 14.14 42.23 8.21
CA GLU C 300 15.49 42.21 8.76
C GLU C 300 15.93 40.75 8.99
N ALA C 301 15.03 39.93 9.58
CA ALA C 301 15.36 38.55 9.91
C ALA C 301 15.57 37.67 8.69
N GLU C 302 14.83 37.91 7.62
CA GLU C 302 14.97 37.10 6.41
C GLU C 302 16.35 37.31 5.77
N ALA C 303 16.86 38.54 5.80
CA ALA C 303 18.20 38.81 5.29
C ALA C 303 19.28 38.11 6.14
N ALA C 304 19.01 37.91 7.44
CA ALA C 304 19.93 37.26 8.37
C ALA C 304 19.91 35.74 8.32
N VAL C 305 19.06 35.12 7.50
CA VAL C 305 19.02 33.66 7.40
C VAL C 305 20.36 33.17 6.79
N TYR C 306 20.96 32.10 7.33
CA TYR C 306 22.21 31.57 6.83
C TYR C 306 21.89 30.53 5.74
N HIS C 307 21.58 31.01 4.54
CA HIS C 307 21.20 30.17 3.40
C HIS C 307 22.22 29.12 3.03
N ARG C 308 23.51 29.41 3.17
CA ARG C 308 24.56 28.46 2.82
C ARG C 308 24.39 27.12 3.55
N GLN C 309 24.12 27.16 4.85
CA GLN C 309 23.91 25.93 5.61
C GLN C 309 22.51 25.40 5.37
N LEU C 310 21.51 26.29 5.38
CA LEU C 310 20.12 25.90 5.21
C LEU C 310 19.88 25.12 3.91
N PHE C 311 20.34 25.65 2.79
CA PHE C 311 20.17 24.98 1.49
C PHE C 311 20.88 23.64 1.46
N GLU C 312 22.11 23.59 1.98
CA GLU C 312 22.91 22.35 2.06
C GLU C 312 22.17 21.28 2.87
N GLU C 313 21.61 21.67 4.02
CA GLU C 313 20.90 20.71 4.87
C GLU C 313 19.56 20.30 4.30
N LEU C 314 18.84 21.21 3.63
CA LEU C 314 17.55 20.86 3.01
C LEU C 314 17.80 19.86 1.87
N ARG C 315 18.86 20.09 1.09
CA ARG C 315 19.25 19.22 0.00
C ARG C 315 19.67 17.83 0.51
N ARG C 316 20.52 17.77 1.54
CA ARG C 316 20.99 16.52 2.11
C ARG C 316 19.88 15.69 2.76
N ALA C 317 18.96 16.34 3.47
CA ALA C 317 17.89 15.63 4.16
C ALA C 317 16.72 15.24 3.26
N ALA C 318 16.47 15.99 2.18
CA ALA C 318 15.35 15.67 1.29
C ALA C 318 15.70 14.40 0.53
N PRO C 319 14.77 13.44 0.47
CA PRO C 319 15.06 12.21 -0.30
C PRO C 319 15.15 12.47 -1.79
N LEU C 320 15.77 11.53 -2.53
CA LEU C 320 15.82 11.60 -3.98
C LEU C 320 14.39 11.52 -4.53
N SER C 321 14.17 12.09 -5.70
CA SER C 321 12.83 12.15 -6.23
C SER C 321 12.79 11.91 -7.70
N ARG C 322 11.75 11.24 -8.15
CA ARG C 322 11.52 11.09 -9.59
C ARG C 322 10.37 11.99 -10.07
N ASP C 323 9.88 12.90 -9.23
CA ASP C 323 8.81 13.81 -9.59
C ASP C 323 9.47 14.99 -10.31
N PRO C 324 9.10 15.24 -11.57
CA PRO C 324 9.76 16.35 -12.31
C PRO C 324 9.56 17.72 -11.67
N THR C 325 8.44 17.98 -10.98
CA THR C 325 8.24 19.30 -10.33
C THR C 325 9.30 19.49 -9.24
N GLU C 326 9.52 18.47 -8.40
CA GLU C 326 10.51 18.52 -7.33
CA GLU C 326 10.50 18.51 -7.33
C GLU C 326 11.93 18.63 -7.90
N VAL C 327 12.23 17.87 -8.96
CA VAL C 327 13.55 17.93 -9.59
C VAL C 327 13.81 19.30 -10.21
N THR C 328 12.82 19.87 -10.91
CA THR C 328 12.93 21.20 -11.52
C THR C 328 13.10 22.26 -10.44
N ALA C 329 12.36 22.14 -9.33
CA ALA C 329 12.43 23.10 -8.25
C ALA C 329 13.83 23.22 -7.64
N ILE C 330 14.51 22.09 -7.35
CA ILE C 330 15.85 22.16 -6.77
C ILE C 330 16.86 22.70 -7.75
N GLY C 331 16.71 22.36 -9.03
CA GLY C 331 17.58 22.88 -10.09
C GLY C 331 17.42 24.37 -10.21
N ALA C 332 16.15 24.88 -10.15
CA ALA C 332 15.86 26.31 -10.25
C ALA C 332 16.42 27.09 -9.06
N VAL C 333 16.30 26.53 -7.85
CA VAL C 333 16.80 27.22 -6.65
C VAL C 333 18.33 27.27 -6.69
N GLU C 334 18.97 26.19 -7.14
CA GLU C 334 20.43 26.14 -7.27
CA GLU C 334 20.43 26.14 -7.27
C GLU C 334 20.88 27.19 -8.30
N ALA C 335 20.17 27.28 -9.43
CA ALA C 335 20.49 28.26 -10.47
C ALA C 335 20.30 29.69 -9.98
N ALA C 336 19.24 29.96 -9.21
CA ALA C 336 18.97 31.29 -8.68
C ALA C 336 20.10 31.74 -7.72
N PHE C 337 20.61 30.84 -6.87
CA PHE C 337 21.71 31.16 -5.96
C PHE C 337 23.01 31.45 -6.77
N LYS C 338 23.28 30.66 -7.81
CA LYS C 338 24.47 30.83 -8.65
C LYS C 338 24.60 32.22 -9.28
N CYS C 339 23.47 32.82 -9.69
CA CYS C 339 23.52 34.13 -10.36
C CYS C 339 22.94 35.26 -9.55
N CYS C 340 22.59 35.04 -8.27
CA CYS C 340 21.92 36.04 -7.42
C CYS C 340 20.66 36.55 -8.12
N ALA C 341 19.86 35.62 -8.71
CA ALA C 341 18.67 36.00 -9.48
C ALA C 341 17.75 36.88 -8.67
N ALA C 342 17.23 37.91 -9.31
CA ALA C 342 16.31 38.82 -8.64
C ALA C 342 14.97 38.06 -8.30
N ALA C 343 14.57 37.07 -9.12
CA ALA C 343 13.34 36.32 -8.87
C ALA C 343 13.34 34.98 -9.61
N ILE C 344 12.46 34.06 -9.17
CA ILE C 344 12.12 32.83 -9.83
C ILE C 344 10.65 33.01 -10.21
N ILE C 345 10.34 33.08 -11.50
CA ILE C 345 8.97 33.25 -11.95
C ILE C 345 8.45 31.87 -12.24
N VAL C 346 7.32 31.51 -11.63
CA VAL C 346 6.75 30.19 -11.85
C VAL C 346 5.30 30.24 -12.25
N LEU C 347 4.92 29.42 -13.23
CA LEU C 347 3.52 29.32 -13.60
C LEU C 347 2.94 28.16 -12.78
N THR C 348 1.80 28.42 -12.12
CA THR C 348 1.16 27.38 -11.31
C THR C 348 -0.36 27.58 -11.27
N THR C 349 -1.09 26.49 -11.32
CA THR C 349 -2.55 26.56 -11.27
C THR C 349 -3.03 26.25 -9.86
N THR C 350 -2.39 25.28 -9.18
CA THR C 350 -2.77 24.94 -7.81
C THR C 350 -1.88 25.58 -6.75
N GLY C 351 -0.72 26.10 -7.15
CA GLY C 351 0.25 26.63 -6.18
C GLY C 351 1.35 25.63 -5.86
N ARG C 352 1.18 24.34 -6.25
CA ARG C 352 2.17 23.30 -5.92
C ARG C 352 3.60 23.58 -6.43
N SER C 353 3.77 24.00 -7.69
CA SER C 353 5.11 24.27 -8.20
C SER C 353 5.80 25.40 -7.40
N ALA C 354 5.03 26.40 -6.92
CA ALA C 354 5.60 27.48 -6.10
C ALA C 354 5.98 26.96 -4.71
N GLN C 355 5.14 26.09 -4.13
CA GLN C 355 5.41 25.50 -2.82
C GLN C 355 6.70 24.67 -2.84
N LEU C 356 6.93 23.91 -3.91
CA LEU C 356 8.15 23.11 -4.03
C LEU C 356 9.40 23.96 -4.23
N LEU C 357 9.26 25.19 -4.80
CA LEU C 357 10.41 26.09 -4.89
C LEU C 357 10.67 26.66 -3.47
N SER C 358 9.60 27.09 -2.79
CA SER C 358 9.65 27.68 -1.46
C SER C 358 10.32 26.75 -0.43
N ARG C 359 10.12 25.43 -0.55
CA ARG C 359 10.69 24.48 0.43
C ARG C 359 12.23 24.51 0.48
N TYR C 360 12.88 24.96 -0.61
CA TYR C 360 14.35 25.07 -0.65
C TYR C 360 14.86 26.41 -0.19
N ARG C 361 13.97 27.30 0.25
CA ARG C 361 14.27 28.60 0.79
C ARG C 361 15.21 29.43 -0.07
N PRO C 362 14.86 29.71 -1.33
CA PRO C 362 15.70 30.59 -2.14
C PRO C 362 15.70 31.99 -1.56
N ARG C 363 16.79 32.72 -1.78
CA ARG C 363 16.84 34.13 -1.44
C ARG C 363 16.01 34.88 -2.52
N ALA C 364 16.00 34.41 -3.78
CA ALA C 364 15.22 35.03 -4.84
C ALA C 364 13.71 34.94 -4.51
N ALA C 365 12.97 36.01 -4.78
CA ALA C 365 11.52 36.03 -4.60
C ALA C 365 10.91 35.02 -5.60
N VAL C 366 9.90 34.27 -5.17
CA VAL C 366 9.22 33.32 -6.05
C VAL C 366 7.95 34.02 -6.52
N ILE C 367 7.91 34.50 -7.75
CA ILE C 367 6.76 35.20 -8.30
C ILE C 367 5.85 34.15 -8.96
N ALA C 368 4.70 33.86 -8.33
CA ALA C 368 3.82 32.81 -8.84
C ALA C 368 2.69 33.38 -9.68
N VAL C 369 2.69 33.10 -10.99
CA VAL C 369 1.67 33.62 -11.88
C VAL C 369 0.61 32.53 -12.02
N THR C 370 -0.62 32.86 -11.62
CA THR C 370 -1.71 31.89 -11.66
C THR C 370 -2.99 32.50 -12.16
N ARG C 371 -3.86 31.68 -12.78
CA ARG C 371 -5.23 32.07 -13.15
C ARG C 371 -6.22 31.77 -11.99
N SER C 372 -5.79 31.00 -10.98
CA SER C 372 -6.67 30.68 -9.84
C SER C 372 -6.61 31.70 -8.76
N ALA C 373 -7.71 32.44 -8.53
CA ALA C 373 -7.75 33.41 -7.42
C ALA C 373 -7.52 32.68 -6.07
N GLN C 374 -8.09 31.47 -5.94
CA GLN C 374 -7.91 30.70 -4.71
C GLN C 374 -6.46 30.34 -4.50
N ALA C 375 -5.76 29.81 -5.52
CA ALA C 375 -4.34 29.48 -5.36
C ALA C 375 -3.53 30.72 -5.07
N ALA C 376 -3.88 31.87 -5.67
CA ALA C 376 -3.16 33.12 -5.40
C ALA C 376 -3.27 33.50 -3.93
N ARG C 377 -4.46 33.28 -3.31
CA ARG C 377 -4.63 33.59 -1.91
C ARG C 377 -3.88 32.55 -1.03
N GLN C 378 -4.03 31.24 -1.35
CA GLN C 378 -3.44 30.17 -0.55
C GLN C 378 -1.91 30.13 -0.55
N VAL C 379 -1.25 30.58 -1.62
CA VAL C 379 0.23 30.52 -1.67
C VAL C 379 0.90 31.47 -0.69
N HIS C 380 0.14 32.38 -0.05
CA HIS C 380 0.63 33.19 1.03
C HIS C 380 1.12 32.29 2.21
N LEU C 381 0.64 31.05 2.31
CA LEU C 381 1.09 30.14 3.36
C LEU C 381 2.57 29.74 3.20
N CYS C 382 3.15 29.89 1.97
CA CYS C 382 4.52 29.48 1.68
C CYS C 382 5.46 30.65 1.67
N ARG C 383 6.52 30.58 2.49
CA ARG C 383 7.48 31.68 2.52
C ARG C 383 8.09 32.04 1.18
N GLY C 384 8.11 33.32 0.88
CA GLY C 384 8.77 33.84 -0.31
C GLY C 384 7.99 33.72 -1.58
N VAL C 385 6.69 33.38 -1.51
CA VAL C 385 5.88 33.28 -2.73
C VAL C 385 5.02 34.53 -2.85
N PHE C 386 5.17 35.27 -3.96
CA PHE C 386 4.46 36.50 -4.25
C PHE C 386 3.48 36.20 -5.37
N PRO C 387 2.19 36.01 -5.01
CA PRO C 387 1.21 35.64 -6.04
C PRO C 387 0.82 36.78 -6.99
N LEU C 388 0.63 36.47 -8.26
CA LEU C 388 0.14 37.42 -9.26
C LEU C 388 -1.05 36.74 -9.94
N LEU C 389 -2.23 37.28 -9.71
CA LEU C 389 -3.43 36.72 -10.32
C LEU C 389 -3.52 37.27 -11.76
N TYR C 390 -3.57 36.37 -12.76
CA TYR C 390 -3.60 36.69 -14.18
C TYR C 390 -5.01 36.40 -14.72
N ARG C 391 -5.63 37.37 -15.41
CA ARG C 391 -7.00 37.17 -15.87
C ARG C 391 -7.20 37.41 -17.36
N GLU C 392 -6.14 37.40 -18.15
CA GLU C 392 -6.27 37.60 -19.59
C GLU C 392 -6.90 36.37 -20.18
N PRO C 393 -7.70 36.54 -21.25
CA PRO C 393 -8.29 35.36 -21.90
C PRO C 393 -7.19 34.47 -22.51
N PRO C 394 -7.39 33.15 -22.49
CA PRO C 394 -6.35 32.24 -23.01
C PRO C 394 -6.05 32.41 -24.47
N GLU C 395 -4.76 32.32 -24.83
CA GLU C 395 -4.34 32.40 -26.22
C GLU C 395 -4.65 31.04 -26.87
N ALA C 396 -4.91 31.02 -28.17
CA ALA C 396 -5.17 29.79 -28.93
C ALA C 396 -3.90 28.95 -29.02
N ILE C 397 -2.71 29.58 -29.15
CA ILE C 397 -1.46 28.83 -29.17
C ILE C 397 -0.92 28.78 -27.72
N TRP C 398 -0.81 27.56 -27.17
CA TRP C 398 -0.42 27.40 -25.78
C TRP C 398 0.93 28.04 -25.45
N ALA C 399 1.96 27.86 -26.30
CA ALA C 399 3.26 28.48 -26.07
C ALA C 399 3.16 30.01 -25.97
N ASP C 400 2.26 30.64 -26.72
CA ASP C 400 2.04 32.09 -26.61
C ASP C 400 1.38 32.45 -25.29
N ASP C 401 0.46 31.62 -24.79
CA ASP C 401 -0.19 31.88 -23.49
C ASP C 401 0.85 31.78 -22.35
N VAL C 402 1.80 30.85 -22.45
CA VAL C 402 2.87 30.71 -21.46
C VAL C 402 3.79 31.96 -21.52
N ASP C 403 4.20 32.36 -22.74
CA ASP C 403 5.06 33.53 -22.90
C ASP C 403 4.39 34.79 -22.39
N ARG C 404 3.09 34.94 -22.59
CA ARG C 404 2.37 36.11 -22.09
C ARG C 404 2.38 36.15 -20.56
N ARG C 405 2.24 34.99 -19.91
CA ARG C 405 2.25 34.96 -18.45
C ARG C 405 3.61 35.22 -17.86
N VAL C 406 4.64 34.71 -18.51
CA VAL C 406 6.02 34.93 -18.10
C VAL C 406 6.32 36.44 -18.21
N GLN C 407 5.95 37.07 -19.32
CA GLN C 407 6.15 38.51 -19.49
C GLN C 407 5.33 39.34 -18.52
N PHE C 408 4.15 38.84 -18.12
CA PHE C 408 3.32 39.48 -17.11
C PHE C 408 4.03 39.44 -15.73
N GLY C 409 4.68 38.31 -15.43
CA GLY C 409 5.45 38.18 -14.19
C GLY C 409 6.64 39.14 -14.23
N ILE C 410 7.29 39.28 -15.38
CA ILE C 410 8.44 40.19 -15.52
C ILE C 410 8.00 41.66 -15.38
N GLU C 411 6.95 42.06 -16.10
CA GLU C 411 6.48 43.45 -16.08
C GLU C 411 5.94 43.83 -14.73
N SER C 412 5.22 42.91 -14.05
CA SER C 412 4.76 43.22 -12.69
C SER C 412 5.96 43.34 -11.75
N GLY C 413 6.96 42.47 -11.93
CA GLY C 413 8.19 42.50 -11.17
C GLY C 413 8.95 43.80 -11.33
N LYS C 414 9.01 44.35 -12.58
CA LYS C 414 9.66 45.66 -12.80
C LYS C 414 8.83 46.77 -12.14
N LEU C 415 7.50 46.70 -12.24
CA LEU C 415 6.62 47.72 -11.67
C LEU C 415 6.70 47.74 -10.13
N ARG C 416 6.87 46.57 -9.52
CA ARG C 416 6.94 46.48 -8.06
C ARG C 416 8.33 46.66 -7.45
N GLY C 417 9.37 46.76 -8.26
CA GLY C 417 10.72 46.96 -7.75
C GLY C 417 11.57 45.71 -7.58
N PHE C 418 11.00 44.53 -7.90
CA PHE C 418 11.71 43.26 -7.80
C PHE C 418 12.78 43.16 -8.91
N LEU C 419 12.51 43.71 -10.12
CA LEU C 419 13.37 43.52 -11.29
C LEU C 419 13.71 44.78 -12.07
N ARG C 420 14.85 44.77 -12.72
CA ARG C 420 15.32 45.85 -13.59
C ARG C 420 15.94 45.23 -14.83
N VAL C 421 16.00 45.97 -15.92
CA VAL C 421 16.63 45.51 -17.16
C VAL C 421 18.11 45.17 -16.88
N GLY C 422 18.56 44.02 -17.35
CA GLY C 422 19.89 43.53 -17.03
C GLY C 422 19.90 42.46 -15.95
N ASP C 423 18.85 42.37 -15.14
CA ASP C 423 18.76 41.32 -14.10
C ASP C 423 18.60 39.94 -14.76
N LEU C 424 18.95 38.89 -14.02
CA LEU C 424 18.69 37.53 -14.45
C LEU C 424 17.53 37.03 -13.61
N VAL C 425 16.63 36.28 -14.26
CA VAL C 425 15.52 35.63 -13.58
C VAL C 425 15.49 34.15 -13.98
N ILE C 426 15.01 33.28 -13.08
CA ILE C 426 14.85 31.88 -13.39
C ILE C 426 13.37 31.71 -13.67
N VAL C 427 12.99 31.01 -14.71
CA VAL C 427 11.59 30.81 -15.05
C VAL C 427 11.28 29.34 -15.04
N VAL C 428 10.24 28.98 -14.31
CA VAL C 428 9.81 27.62 -14.17
C VAL C 428 8.45 27.38 -14.82
N THR C 429 8.41 26.45 -15.76
CA THR C 429 7.16 26.09 -16.45
C THR C 429 7.14 24.54 -16.66
N GLY C 430 6.08 24.03 -17.30
CA GLY C 430 5.94 22.64 -17.71
C GLY C 430 5.87 22.52 -19.22
N TRP C 431 5.86 21.28 -19.73
CA TRP C 431 5.90 21.01 -21.17
C TRP C 431 4.54 20.96 -21.85
N ARG C 432 3.47 20.96 -21.07
CA ARG C 432 2.10 20.90 -21.60
C ARG C 432 1.14 21.56 -20.59
N PRO C 433 -0.04 22.01 -21.03
CA PRO C 433 -0.97 22.64 -20.08
C PRO C 433 -1.52 21.64 -19.07
N GLY C 434 -2.03 22.18 -17.99
CA GLY C 434 -2.59 21.39 -16.92
C GLY C 434 -1.61 21.30 -15.77
N SER C 435 -2.16 21.27 -14.59
CA SER C 435 -1.39 21.14 -13.38
C SER C 435 -0.69 19.74 -13.35
N GLY C 436 0.49 19.67 -12.72
CA GLY C 436 1.23 18.43 -12.53
C GLY C 436 2.39 18.12 -13.47
N TYR C 437 2.66 18.98 -14.46
CA TYR C 437 3.70 18.72 -15.47
C TYR C 437 4.91 19.63 -15.46
N THR C 438 5.15 20.42 -14.39
CA THR C 438 6.33 21.30 -14.35
C THR C 438 7.59 20.46 -14.52
N ASN C 439 8.40 20.82 -15.51
CA ASN C 439 9.63 20.09 -15.79
C ASN C 439 10.69 20.96 -16.47
N ILE C 440 10.50 22.31 -16.53
CA ILE C 440 11.42 23.20 -17.25
C ILE C 440 11.88 24.32 -16.41
N MET C 441 13.16 24.58 -16.47
CA MET C 441 13.76 25.73 -15.81
C MET C 441 14.55 26.46 -16.89
N ARG C 442 14.33 27.78 -17.02
CA ARG C 442 15.04 28.59 -18.02
C ARG C 442 15.67 29.79 -17.33
N VAL C 443 16.80 30.26 -17.87
CA VAL C 443 17.49 31.44 -17.36
C VAL C 443 17.24 32.57 -18.37
N LEU C 444 16.61 33.66 -17.96
CA LEU C 444 16.29 34.77 -18.86
C LEU C 444 16.99 36.04 -18.36
N SER C 445 17.44 36.83 -19.29
CA SER C 445 18.02 38.14 -18.98
C SER C 445 16.86 39.13 -19.21
N ILE C 446 16.60 40.02 -18.24
CA ILE C 446 15.49 40.96 -18.34
C ILE C 446 15.79 42.02 -19.40
N SER C 447 14.88 42.19 -20.36
CA SER C 447 15.02 43.23 -21.37
C SER C 447 13.83 44.22 -21.29
N GLY D 23 14.98 -0.42 -7.08
CA GLY D 23 15.35 -1.76 -6.66
C GLY D 23 16.58 -1.82 -5.77
N THR D 24 16.69 -2.85 -4.94
CA THR D 24 17.82 -3.02 -4.04
C THR D 24 19.12 -3.29 -4.81
N ALA D 25 19.02 -4.03 -5.93
CA ALA D 25 20.18 -4.34 -6.75
C ALA D 25 20.81 -3.08 -7.31
N PHE D 26 19.99 -2.08 -7.67
CA PHE D 26 20.48 -0.79 -8.17
C PHE D 26 21.39 -0.11 -7.14
N PHE D 27 20.99 -0.11 -5.86
CA PHE D 27 21.74 0.55 -4.80
C PHE D 27 22.96 -0.26 -4.28
N GLN D 28 23.20 -1.46 -4.82
CA GLN D 28 24.39 -2.24 -4.43
C GLN D 28 25.54 -2.06 -5.46
N GLN D 29 25.20 -1.72 -6.72
CA GLN D 29 26.14 -1.50 -7.82
C GLN D 29 26.79 -0.12 -7.73
N GLN D 30 27.80 0.13 -8.60
CA GLN D 30 28.51 1.38 -8.76
C GLN D 30 28.89 2.06 -7.45
N GLN D 31 29.33 1.27 -6.46
CA GLN D 31 29.76 1.75 -5.15
C GLN D 31 28.74 2.70 -4.50
N LEU D 32 27.43 2.47 -4.73
CA LEU D 32 26.41 3.35 -4.15
C LEU D 32 26.40 3.30 -2.62
N PRO D 33 26.64 2.17 -1.91
CA PRO D 33 26.75 2.24 -0.43
C PRO D 33 27.90 3.18 -0.01
N ALA D 34 29.06 3.12 -0.70
CA ALA D 34 30.17 4.04 -0.39
C ALA D 34 29.82 5.49 -0.75
N ALA D 35 29.01 5.69 -1.78
CA ALA D 35 28.59 7.02 -2.21
C ALA D 35 27.67 7.70 -1.20
N MET D 36 26.89 6.92 -0.46
CA MET D 36 25.98 7.48 0.54
C MET D 36 26.63 7.75 1.90
N ALA D 37 27.93 7.45 2.07
CA ALA D 37 28.60 7.64 3.36
C ALA D 37 28.66 9.09 3.78
N ASP D 38 28.65 9.33 5.10
CA ASP D 38 28.66 10.66 5.68
C ASP D 38 30.06 11.27 5.81
N THR D 39 31.11 10.46 5.78
CA THR D 39 32.48 10.96 5.83
C THR D 39 33.32 10.30 4.70
N PHE D 40 34.43 10.91 4.32
CA PHE D 40 35.33 10.32 3.33
C PHE D 40 35.94 9.03 3.88
N LEU D 41 36.25 8.97 5.18
CA LEU D 41 36.78 7.76 5.81
C LEU D 41 35.78 6.61 5.71
N GLU D 42 34.49 6.87 6.03
CA GLU D 42 33.48 5.82 5.92
C GLU D 42 33.23 5.43 4.46
N HIS D 43 33.38 6.40 3.52
CA HIS D 43 33.24 6.13 2.09
C HIS D 43 34.32 5.09 1.67
N LEU D 44 35.56 5.27 2.12
CA LEU D 44 36.64 4.34 1.81
C LEU D 44 36.34 2.98 2.42
N CYS D 45 35.87 2.93 3.68
CA CYS D 45 35.54 1.68 4.38
C CYS D 45 34.45 0.90 3.67
N LEU D 46 33.56 1.57 2.92
CA LEU D 46 32.44 0.91 2.24
C LEU D 46 32.72 0.49 0.79
N LEU D 47 33.94 0.79 0.25
CA LEU D 47 34.26 0.39 -1.12
C LEU D 47 34.25 -1.14 -1.19
N ASP D 48 33.62 -1.67 -2.23
CA ASP D 48 33.38 -3.10 -2.35
C ASP D 48 33.87 -3.62 -3.71
N ILE D 49 34.79 -4.58 -3.71
CA ILE D 49 35.28 -5.15 -4.97
C ILE D 49 34.18 -5.92 -5.75
N ASP D 50 33.08 -6.29 -5.09
CA ASP D 50 31.97 -6.97 -5.76
C ASP D 50 30.89 -6.00 -6.26
N SER D 51 31.02 -4.68 -6.01
CA SER D 51 30.05 -3.70 -6.47
C SER D 51 30.48 -3.32 -7.88
N GLU D 52 29.78 -3.84 -8.89
CA GLU D 52 30.19 -3.65 -10.27
C GLU D 52 29.87 -2.29 -10.84
N PRO D 53 30.81 -1.74 -11.64
CA PRO D 53 30.54 -0.44 -12.26
C PRO D 53 29.43 -0.59 -13.31
N VAL D 54 28.52 0.38 -13.39
CA VAL D 54 27.43 0.34 -14.35
C VAL D 54 27.56 1.50 -15.36
N ALA D 55 27.98 2.67 -14.90
CA ALA D 55 28.13 3.83 -15.76
C ALA D 55 29.19 3.62 -16.86
N ALA D 56 29.04 4.34 -17.97
CA ALA D 56 30.02 4.30 -19.03
C ALA D 56 31.30 4.98 -18.51
N ARG D 57 32.45 4.53 -18.99
CA ARG D 57 33.74 5.10 -18.58
C ARG D 57 33.82 6.56 -19.03
N SER D 58 34.07 7.46 -18.10
CA SER D 58 34.04 8.88 -18.36
C SER D 58 35.41 9.54 -18.59
N THR D 59 36.50 8.97 -18.06
CA THR D 59 37.83 9.57 -18.25
C THR D 59 38.35 9.17 -19.64
N SER D 60 38.66 10.15 -20.50
CA SER D 60 39.14 9.87 -21.83
CA SER D 60 39.14 9.87 -21.85
C SER D 60 40.53 9.24 -21.85
N ILE D 61 40.79 8.41 -22.84
CA ILE D 61 42.08 7.78 -23.00
C ILE D 61 42.75 8.37 -24.23
N ILE D 62 43.97 8.88 -24.05
CA ILE D 62 44.79 9.37 -25.14
C ILE D 62 45.85 8.30 -25.43
N ALA D 63 45.92 7.82 -26.67
CA ALA D 63 46.92 6.83 -27.08
C ALA D 63 47.88 7.50 -28.05
N THR D 64 49.17 7.39 -27.81
CA THR D 64 50.18 7.92 -28.72
C THR D 64 50.33 6.93 -29.89
N ILE D 65 50.35 7.49 -31.13
CA ILE D 65 50.46 6.73 -32.36
C ILE D 65 51.92 6.54 -32.75
N GLY D 66 52.28 5.31 -33.06
CA GLY D 66 53.61 4.96 -33.53
C GLY D 66 53.54 3.68 -34.33
N PRO D 67 54.70 3.04 -34.55
CA PRO D 67 54.72 1.76 -35.29
C PRO D 67 53.83 0.64 -34.74
N ALA D 68 53.63 0.57 -33.43
CA ALA D 68 52.74 -0.46 -32.84
C ALA D 68 51.24 -0.15 -33.07
N SER D 69 50.89 1.07 -33.48
CA SER D 69 49.47 1.46 -33.55
C SER D 69 49.12 2.27 -34.79
N ARG D 70 49.87 2.11 -35.86
CA ARG D 70 49.63 2.89 -37.08
C ARG D 70 48.76 2.23 -38.12
N SER D 71 48.72 0.91 -38.11
CA SER D 71 47.94 0.16 -39.05
C SER D 71 46.44 0.50 -38.91
N VAL D 72 45.73 0.68 -40.03
CA VAL D 72 44.28 0.95 -40.00
C VAL D 72 43.51 -0.12 -39.21
N GLU D 73 43.82 -1.39 -39.42
CA GLU D 73 43.12 -2.47 -38.70
CA GLU D 73 43.14 -2.47 -38.71
C GLU D 73 43.44 -2.46 -37.21
N ARG D 74 44.66 -2.10 -36.84
CA ARG D 74 45.04 -2.02 -35.42
C ARG D 74 44.29 -0.79 -34.79
N LEU D 75 44.20 0.33 -35.52
CA LEU D 75 43.51 1.53 -35.06
C LEU D 75 42.00 1.27 -34.83
N LYS D 76 41.37 0.41 -35.65
CA LYS D 76 39.98 0.04 -35.45
C LYS D 76 39.83 -0.71 -34.14
N GLU D 77 40.77 -1.61 -33.81
CA GLU D 77 40.73 -2.33 -32.54
C GLU D 77 40.96 -1.39 -31.35
N MET D 78 41.80 -0.38 -31.51
CA MET D 78 42.05 0.58 -30.43
CA MET D 78 42.05 0.57 -30.43
C MET D 78 40.83 1.47 -30.18
N ILE D 79 40.10 1.83 -31.24
CA ILE D 79 38.88 2.62 -31.11
C ILE D 79 37.84 1.78 -30.37
N LYS D 80 37.71 0.48 -30.73
CA LYS D 80 36.78 -0.41 -30.03
C LYS D 80 37.18 -0.64 -28.56
N ALA D 81 38.49 -0.66 -28.26
CA ALA D 81 38.98 -0.83 -26.88
C ALA D 81 38.74 0.43 -26.00
N GLY D 82 38.57 1.58 -26.62
CA GLY D 82 38.29 2.80 -25.87
C GLY D 82 39.14 4.03 -26.16
N MET D 83 40.03 4.01 -27.18
CA MET D 83 40.83 5.19 -27.48
C MET D 83 39.94 6.36 -27.93
N ASN D 84 40.13 7.53 -27.29
CA ASN D 84 39.33 8.69 -27.63
C ASN D 84 40.12 9.76 -28.34
N ILE D 85 41.42 9.86 -28.02
CA ILE D 85 42.31 10.86 -28.62
C ILE D 85 43.58 10.16 -29.11
N ALA D 86 44.00 10.47 -30.33
CA ALA D 86 45.24 9.94 -30.92
C ALA D 86 46.29 11.06 -30.83
N ARG D 87 47.38 10.80 -30.10
CA ARG D 87 48.44 11.77 -29.94
C ARG D 87 49.57 11.49 -30.97
N LEU D 88 49.99 12.54 -31.72
CA LEU D 88 51.09 12.48 -32.67
C LEU D 88 52.25 13.17 -32.05
N ASN D 89 53.34 12.43 -31.78
CA ASN D 89 54.47 13.04 -31.10
C ASN D 89 55.41 13.57 -32.13
N PHE D 90 55.36 14.88 -32.34
CA PHE D 90 56.20 15.54 -33.35
C PHE D 90 57.70 15.60 -32.98
N SER D 91 58.10 15.07 -31.81
CA SER D 91 59.51 14.94 -31.49
C SER D 91 60.13 13.81 -32.34
N HIS D 92 59.31 12.94 -33.01
CA HIS D 92 59.77 11.81 -33.85
C HIS D 92 59.06 11.86 -35.20
N GLY D 93 59.75 11.52 -36.26
CA GLY D 93 59.16 11.44 -37.59
C GLY D 93 59.00 12.75 -38.32
N SER D 94 58.93 12.68 -39.64
CA SER D 94 58.77 13.84 -40.52
C SER D 94 57.26 14.23 -40.66
N HIS D 95 56.97 15.31 -41.43
CA HIS D 95 55.61 15.73 -41.71
C HIS D 95 54.90 14.65 -42.51
N GLU D 96 55.61 13.97 -43.44
CA GLU D 96 55.02 12.90 -44.25
C GLU D 96 54.61 11.74 -43.36
N TYR D 97 55.42 11.44 -42.33
CA TYR D 97 55.07 10.38 -41.40
C TYR D 97 53.76 10.76 -40.67
N HIS D 98 53.69 11.97 -40.12
CA HIS D 98 52.48 12.39 -39.39
C HIS D 98 51.24 12.53 -40.27
N ALA D 99 51.39 12.90 -41.54
CA ALA D 99 50.26 12.99 -42.46
C ALA D 99 49.69 11.61 -42.71
N GLU D 100 50.55 10.59 -42.83
CA GLU D 100 50.08 9.21 -43.00
C GLU D 100 49.38 8.72 -41.73
N SER D 101 49.88 9.11 -40.54
CA SER D 101 49.25 8.73 -39.27
C SER D 101 47.84 9.29 -39.19
N ILE D 102 47.70 10.56 -39.57
CA ILE D 102 46.41 11.22 -39.58
C ILE D 102 45.44 10.54 -40.52
N ALA D 103 45.92 10.21 -41.74
CA ALA D 103 45.08 9.53 -42.73
C ALA D 103 44.61 8.18 -42.24
N ASN D 104 45.50 7.42 -41.58
CA ASN D 104 45.13 6.09 -41.06
C ASN D 104 44.12 6.19 -39.91
N VAL D 105 44.30 7.18 -39.03
CA VAL D 105 43.34 7.39 -37.92
C VAL D 105 41.98 7.74 -38.51
N ARG D 106 41.94 8.71 -39.46
CA ARG D 106 40.68 9.10 -40.08
C ARG D 106 40.01 7.95 -40.81
N GLU D 107 40.80 7.09 -41.50
CA GLU D 107 40.22 5.93 -42.19
C GLU D 107 39.62 4.97 -41.19
N ALA D 108 40.31 4.69 -40.08
CA ALA D 108 39.79 3.76 -39.09
C ALA D 108 38.52 4.33 -38.43
N VAL D 109 38.54 5.62 -38.08
CA VAL D 109 37.38 6.27 -37.46
C VAL D 109 36.16 6.28 -38.41
N GLU D 110 36.37 6.66 -39.67
CA GLU D 110 35.28 6.73 -40.64
C GLU D 110 34.77 5.37 -41.07
N SER D 111 35.50 4.28 -40.80
CA SER D 111 35.00 2.93 -41.13
C SER D 111 33.75 2.56 -40.32
N PHE D 112 33.48 3.28 -39.22
CA PHE D 112 32.30 3.05 -38.40
C PHE D 112 31.19 4.10 -38.66
N ALA D 113 31.38 5.03 -39.59
CA ALA D 113 30.41 6.09 -39.85
C ALA D 113 29.07 5.64 -40.45
N GLY D 114 29.02 4.42 -40.99
CA GLY D 114 27.80 3.85 -41.56
C GLY D 114 26.75 3.50 -40.53
N SER D 115 27.11 3.52 -39.23
CA SER D 115 26.18 3.28 -38.14
C SER D 115 26.23 4.54 -37.28
N PRO D 116 25.43 5.57 -37.64
CA PRO D 116 25.53 6.86 -36.94
C PRO D 116 25.20 6.83 -35.45
N LEU D 117 24.35 5.90 -35.01
CA LEU D 117 24.01 5.80 -33.58
C LEU D 117 25.14 5.23 -32.71
N SER D 118 26.15 4.59 -33.33
CA SER D 118 27.26 3.97 -32.60
CA SER D 118 27.25 4.01 -32.56
C SER D 118 28.62 4.61 -32.89
N TYR D 119 28.72 5.43 -33.96
CA TYR D 119 29.95 6.08 -34.39
C TYR D 119 30.68 6.79 -33.24
N ARG D 120 32.01 6.56 -33.14
CA ARG D 120 32.79 7.22 -32.10
C ARG D 120 33.80 8.18 -32.67
N PRO D 121 33.61 9.48 -32.46
CA PRO D 121 34.62 10.46 -32.90
C PRO D 121 35.95 10.23 -32.15
N VAL D 122 37.07 10.52 -32.82
CA VAL D 122 38.41 10.41 -32.22
C VAL D 122 39.17 11.67 -32.53
N ALA D 123 39.68 12.35 -31.50
CA ALA D 123 40.42 13.59 -31.71
C ALA D 123 41.85 13.31 -32.16
N ILE D 124 42.44 14.25 -32.85
CA ILE D 124 43.84 14.15 -33.26
C ILE D 124 44.56 15.29 -32.58
N ALA D 125 45.55 14.96 -31.78
CA ALA D 125 46.32 15.94 -31.02
C ALA D 125 47.78 15.94 -31.50
N LEU D 126 48.34 17.13 -31.70
CA LEU D 126 49.72 17.29 -32.16
C LEU D 126 50.52 17.68 -30.93
N ASP D 127 51.52 16.88 -30.58
CA ASP D 127 52.36 17.16 -29.41
C ASP D 127 53.66 17.72 -29.96
N THR D 128 53.98 18.98 -29.64
CA THR D 128 55.13 19.64 -30.21
C THR D 128 56.48 19.17 -29.68
N LYS D 129 57.52 19.39 -30.48
CA LYS D 129 58.88 19.05 -30.12
C LYS D 129 59.34 19.91 -28.95
N GLY D 130 58.96 21.17 -28.93
CA GLY D 130 59.31 22.04 -27.81
C GLY D 130 60.42 23.03 -28.13
N PRO D 131 60.73 23.89 -27.15
CA PRO D 131 61.72 24.96 -27.39
C PRO D 131 63.18 24.53 -27.40
N GLY D 132 63.50 23.40 -26.79
CA GLY D 132 64.92 23.00 -26.66
C GLY D 132 65.67 23.92 -25.73
N SER D 133 66.87 24.34 -26.11
CA SER D 133 67.67 25.30 -25.31
C SER D 133 67.18 26.71 -25.59
N GLY D 134 66.27 26.85 -26.55
CA GLY D 134 65.77 28.17 -26.93
C GLY D 134 64.88 28.80 -25.88
N PRO D 135 64.65 30.13 -25.94
CA PRO D 135 63.87 30.83 -24.92
C PRO D 135 62.36 30.67 -25.09
N GLY D 136 61.90 30.47 -26.32
CA GLY D 136 60.46 30.38 -26.57
C GLY D 136 60.15 29.55 -27.80
N LEU D 137 59.20 30.00 -28.61
CA LEU D 137 58.77 29.17 -29.74
C LEU D 137 59.84 28.95 -30.79
N SER D 138 60.24 27.68 -30.99
CA SER D 138 61.25 27.32 -31.97
C SER D 138 60.72 27.42 -33.40
N GLU D 139 61.65 27.47 -34.38
CA GLU D 139 61.23 27.53 -35.79
C GLU D 139 60.61 26.22 -36.25
N GLN D 140 61.06 25.08 -35.72
CA GLN D 140 60.47 23.79 -36.07
C GLN D 140 59.03 23.74 -35.55
N ASP D 141 58.76 24.29 -34.34
CA ASP D 141 57.40 24.33 -33.80
C ASP D 141 56.51 25.20 -34.68
N VAL D 142 57.02 26.31 -35.22
CA VAL D 142 56.21 27.15 -36.12
C VAL D 142 55.77 26.35 -37.36
N ARG D 143 56.69 25.56 -37.93
CA ARG D 143 56.38 24.73 -39.08
C ARG D 143 55.43 23.60 -38.75
N ASP D 144 55.62 22.96 -37.59
CA ASP D 144 54.76 21.86 -37.18
C ASP D 144 53.36 22.38 -36.86
N LEU D 145 53.26 23.53 -36.21
CA LEU D 145 51.96 24.13 -35.91
C LEU D 145 51.21 24.50 -37.20
N ARG D 146 51.92 25.00 -38.22
CA ARG D 146 51.25 25.30 -39.50
CA ARG D 146 51.28 25.31 -39.51
C ARG D 146 50.82 24.02 -40.16
N PHE D 147 51.63 22.93 -40.06
CA PHE D 147 51.25 21.63 -40.61
C PHE D 147 49.94 21.15 -39.91
N GLY D 148 49.84 21.35 -38.61
CA GLY D 148 48.67 20.94 -37.84
C GLY D 148 47.41 21.65 -38.32
N VAL D 149 47.48 22.98 -38.54
CA VAL D 149 46.34 23.74 -39.06
C VAL D 149 45.95 23.23 -40.44
N GLU D 150 46.94 23.05 -41.33
CA GLU D 150 46.68 22.58 -42.70
C GLU D 150 46.08 21.19 -42.74
N HIS D 151 46.39 20.34 -41.74
CA HIS D 151 45.83 18.99 -41.69
C HIS D 151 44.62 18.83 -40.75
N GLY D 152 44.12 19.94 -40.23
CA GLY D 152 42.93 19.92 -39.39
C GLY D 152 43.04 19.21 -38.04
N VAL D 153 44.19 19.33 -37.35
CA VAL D 153 44.31 18.71 -36.00
C VAL D 153 43.36 19.45 -35.05
N ASP D 154 42.89 18.74 -34.02
CA ASP D 154 41.92 19.31 -33.07
C ASP D 154 42.56 19.97 -31.87
N ILE D 155 43.70 19.45 -31.45
CA ILE D 155 44.33 19.89 -30.22
C ILE D 155 45.84 19.99 -30.41
N VAL D 156 46.47 20.89 -29.69
CA VAL D 156 47.90 20.98 -29.62
C VAL D 156 48.30 20.73 -28.17
N PHE D 157 49.22 19.80 -27.92
CA PHE D 157 49.79 19.60 -26.59
C PHE D 157 51.12 20.36 -26.74
N ALA D 158 51.19 21.58 -26.17
CA ALA D 158 52.39 22.42 -26.31
C ALA D 158 53.46 22.06 -25.28
N SER D 159 54.60 21.54 -25.73
CA SER D 159 55.68 21.13 -24.84
C SER D 159 56.40 22.27 -24.14
N PHE D 160 56.83 22.01 -22.88
CA PHE D 160 57.61 22.92 -22.05
C PHE D 160 57.06 24.33 -21.98
N VAL D 161 55.76 24.47 -21.66
CA VAL D 161 55.18 25.81 -21.50
C VAL D 161 55.68 26.33 -20.15
N ARG D 162 56.35 27.49 -20.18
CA ARG D 162 56.93 28.08 -18.98
C ARG D 162 56.26 29.38 -18.52
N LYS D 163 55.44 30.00 -19.37
CA LYS D 163 54.81 31.28 -19.06
C LYS D 163 53.70 31.56 -20.05
N ALA D 164 52.83 32.53 -19.73
CA ALA D 164 51.70 32.88 -20.58
C ALA D 164 52.11 33.27 -21.99
N SER D 165 53.25 33.96 -22.17
CA SER D 165 53.68 34.37 -23.50
C SER D 165 54.02 33.18 -24.40
N ASP D 166 54.39 32.03 -23.82
CA ASP D 166 54.64 30.82 -24.64
C ASP D 166 53.32 30.37 -25.28
N VAL D 167 52.20 30.47 -24.54
CA VAL D 167 50.88 30.08 -25.06
C VAL D 167 50.45 31.06 -26.14
N ALA D 168 50.66 32.37 -25.92
CA ALA D 168 50.32 33.38 -26.93
C ALA D 168 51.10 33.15 -28.22
N ALA D 169 52.37 32.75 -28.11
CA ALA D 169 53.19 32.45 -29.30
C ALA D 169 52.63 31.25 -30.07
N VAL D 170 52.15 30.21 -29.36
CA VAL D 170 51.58 29.04 -30.02
C VAL D 170 50.30 29.45 -30.74
N ARG D 171 49.45 30.24 -30.07
CA ARG D 171 48.21 30.72 -30.64
C ARG D 171 48.48 31.57 -31.91
N ALA D 172 49.49 32.44 -31.88
CA ALA D 172 49.85 33.28 -33.03
C ALA D 172 50.34 32.39 -34.19
N ALA D 173 51.13 31.36 -33.88
CA ALA D 173 51.63 30.43 -34.90
C ALA D 173 50.52 29.57 -35.53
N LEU D 174 49.38 29.40 -34.86
CA LEU D 174 48.25 28.67 -35.45
C LEU D 174 47.49 29.55 -36.48
N GLY D 175 47.68 30.88 -36.41
CA GLY D 175 47.11 31.82 -37.38
C GLY D 175 45.62 31.99 -37.30
N PRO D 176 45.05 32.71 -38.27
CA PRO D 176 43.61 32.95 -38.26
C PRO D 176 42.77 31.72 -38.56
N GLU D 177 43.32 30.72 -39.28
CA GLU D 177 42.57 29.50 -39.55
C GLU D 177 42.58 28.47 -38.40
N GLY D 178 43.45 28.66 -37.41
CA GLY D 178 43.53 27.72 -36.29
C GLY D 178 42.96 28.24 -35.00
N HIS D 179 42.03 29.21 -35.05
CA HIS D 179 41.44 29.82 -33.85
CA HIS D 179 41.43 29.82 -33.86
C HIS D 179 40.66 28.81 -33.00
N GLY D 180 40.10 27.80 -33.63
CA GLY D 180 39.31 26.79 -32.94
C GLY D 180 40.09 25.62 -32.35
N ILE D 181 41.40 25.53 -32.60
CA ILE D 181 42.23 24.44 -32.06
C ILE D 181 42.47 24.67 -30.56
N LYS D 182 42.30 23.62 -29.74
CA LYS D 182 42.52 23.73 -28.30
C LYS D 182 43.99 23.66 -27.99
N ILE D 183 44.48 24.53 -27.13
CA ILE D 183 45.87 24.51 -26.72
C ILE D 183 45.96 23.97 -25.29
N ILE D 184 46.53 22.79 -25.14
CA ILE D 184 46.75 22.15 -23.84
C ILE D 184 48.21 22.37 -23.50
N SER D 185 48.50 23.19 -22.47
CA SER D 185 49.87 23.46 -22.10
C SER D 185 50.47 22.33 -21.29
N LYS D 186 51.64 21.84 -21.72
CA LYS D 186 52.33 20.79 -20.98
C LYS D 186 53.23 21.45 -19.94
N ILE D 187 53.07 21.05 -18.67
CA ILE D 187 53.88 21.57 -17.57
C ILE D 187 54.92 20.52 -17.29
N GLU D 188 56.18 20.84 -17.58
CA GLU D 188 57.28 19.89 -17.55
C GLU D 188 58.48 20.30 -16.73
N ASN D 189 58.44 21.48 -16.08
CA ASN D 189 59.60 21.94 -15.30
C ASN D 189 59.17 22.82 -14.15
N HIS D 190 60.15 23.25 -13.31
CA HIS D 190 59.89 24.07 -12.14
C HIS D 190 59.19 25.38 -12.48
N GLU D 191 59.66 26.09 -13.53
CA GLU D 191 59.06 27.35 -13.92
C GLU D 191 57.59 27.23 -14.32
N GLY D 192 57.25 26.20 -15.10
CA GLY D 192 55.87 25.94 -15.47
C GLY D 192 54.98 25.72 -14.26
N VAL D 193 55.48 24.97 -13.25
CA VAL D 193 54.73 24.74 -12.01
C VAL D 193 54.56 26.06 -11.23
N LYS D 194 55.62 26.85 -11.08
CA LYS D 194 55.55 28.13 -10.37
C LYS D 194 54.68 29.19 -11.06
N ARG D 195 54.69 29.21 -12.38
CA ARG D 195 53.85 30.13 -13.14
C ARG D 195 52.56 29.49 -13.62
N PHE D 196 52.11 28.40 -12.96
CA PHE D 196 50.92 27.65 -13.36
C PHE D 196 49.68 28.52 -13.53
N ASP D 197 49.37 29.39 -12.56
CA ASP D 197 48.15 30.20 -12.64
C ASP D 197 48.08 31.05 -13.91
N GLU D 198 49.18 31.72 -14.28
CA GLU D 198 49.17 32.54 -15.50
C GLU D 198 49.08 31.69 -16.76
N ILE D 199 49.68 30.48 -16.74
CA ILE D 199 49.62 29.59 -17.89
C ILE D 199 48.19 29.05 -18.07
N LEU D 200 47.56 28.58 -16.98
CA LEU D 200 46.20 28.03 -17.04
C LEU D 200 45.19 29.07 -17.53
N GLU D 201 45.36 30.32 -17.09
CA GLU D 201 44.48 31.42 -17.46
C GLU D 201 44.32 31.57 -18.97
N VAL D 202 45.42 31.44 -19.71
CA VAL D 202 45.38 31.59 -21.18
C VAL D 202 45.34 30.27 -21.96
N SER D 203 45.40 29.13 -21.28
CA SER D 203 45.36 27.84 -21.97
C SER D 203 43.96 27.27 -21.97
N ASP D 204 43.66 26.36 -22.90
CA ASP D 204 42.39 25.65 -22.88
C ASP D 204 42.42 24.52 -21.81
N GLY D 205 43.60 24.07 -21.42
CA GLY D 205 43.80 23.01 -20.44
C GLY D 205 45.27 22.74 -20.19
N ILE D 206 45.55 21.69 -19.39
CA ILE D 206 46.91 21.40 -18.99
C ILE D 206 47.23 19.92 -19.12
N MET D 207 48.49 19.60 -19.38
CA MET D 207 48.96 18.24 -19.33
C MET D 207 50.05 18.19 -18.23
N VAL D 208 49.93 17.25 -17.30
CA VAL D 208 50.95 17.03 -16.27
C VAL D 208 51.91 16.05 -16.98
N ALA D 209 52.96 16.58 -17.59
CA ALA D 209 53.92 15.79 -18.37
C ALA D 209 54.96 15.25 -17.42
N ARG D 210 54.66 14.13 -16.76
CA ARG D 210 55.47 13.59 -15.66
C ARG D 210 56.86 13.09 -16.05
N GLY D 211 57.06 12.76 -17.32
CA GLY D 211 58.37 12.30 -17.80
C GLY D 211 59.45 13.33 -17.55
N ASP D 212 59.33 14.49 -18.22
CA ASP D 212 60.26 15.59 -18.02
C ASP D 212 60.14 16.17 -16.63
N LEU D 213 58.92 16.29 -16.08
CA LEU D 213 58.74 16.87 -14.74
C LEU D 213 59.54 16.08 -13.69
N GLY D 214 59.56 14.76 -13.79
CA GLY D 214 60.28 13.88 -12.87
C GLY D 214 61.81 13.93 -12.99
N ILE D 215 62.33 14.60 -14.03
CA ILE D 215 63.76 14.83 -14.25
C ILE D 215 64.11 16.28 -13.90
N GLU D 216 63.17 17.23 -14.14
CA GLU D 216 63.35 18.66 -13.88
C GLU D 216 63.20 19.01 -12.40
N ILE D 217 62.34 18.29 -11.69
CA ILE D 217 62.18 18.49 -10.24
C ILE D 217 62.47 17.14 -9.55
N PRO D 218 62.77 17.07 -8.23
CA PRO D 218 62.97 15.76 -7.58
C PRO D 218 61.79 14.81 -7.84
N ALA D 219 62.07 13.55 -8.17
CA ALA D 219 61.06 12.57 -8.50
C ALA D 219 59.99 12.42 -7.42
N GLU D 220 60.38 12.51 -6.16
CA GLU D 220 59.49 12.37 -5.03
C GLU D 220 58.52 13.55 -4.84
N LYS D 221 58.64 14.62 -5.62
CA LYS D 221 57.75 15.77 -5.54
C LYS D 221 56.73 15.80 -6.70
N VAL D 222 56.87 14.94 -7.73
CA VAL D 222 55.96 14.97 -8.87
C VAL D 222 54.49 14.78 -8.47
N PHE D 223 54.20 13.87 -7.52
CA PHE D 223 52.81 13.66 -7.10
C PHE D 223 52.17 14.94 -6.53
N LEU D 224 52.96 15.82 -5.88
CA LEU D 224 52.46 17.07 -5.31
C LEU D 224 52.07 18.00 -6.48
N ALA D 225 52.93 18.11 -7.50
CA ALA D 225 52.65 18.95 -8.67
C ALA D 225 51.43 18.39 -9.43
N GLN D 226 51.32 17.06 -9.58
CA GLN D 226 50.18 16.44 -10.25
C GLN D 226 48.86 16.75 -9.52
N LYS D 227 48.82 16.52 -8.19
CA LYS D 227 47.62 16.75 -7.41
C LYS D 227 47.22 18.20 -7.40
N MET D 228 48.21 19.11 -7.29
CA MET D 228 47.96 20.54 -7.27
C MET D 228 47.36 21.00 -8.62
N MET D 229 47.98 20.59 -9.73
CA MET D 229 47.52 21.02 -11.05
C MET D 229 46.16 20.45 -11.39
N ILE D 230 45.89 19.20 -11.00
CA ILE D 230 44.59 18.60 -11.25
C ILE D 230 43.52 19.35 -10.43
N GLY D 231 43.80 19.65 -9.16
CA GLY D 231 42.90 20.40 -8.29
C GLY D 231 42.60 21.78 -8.85
N ARG D 232 43.64 22.50 -9.32
CA ARG D 232 43.43 23.84 -9.89
C ARG D 232 42.67 23.82 -11.21
N CYS D 233 42.93 22.82 -12.06
CA CYS D 233 42.17 22.69 -13.30
C CYS D 233 40.73 22.35 -13.01
N ASN D 234 40.48 21.50 -12.03
CA ASN D 234 39.09 21.15 -11.64
C ASN D 234 38.37 22.42 -11.14
N LEU D 235 39.06 23.25 -10.36
CA LEU D 235 38.48 24.49 -9.85
C LEU D 235 38.18 25.46 -11.02
N ALA D 236 39.09 25.55 -12.00
CA ALA D 236 38.91 26.42 -13.17
C ALA D 236 37.94 25.87 -14.21
N GLY D 237 37.54 24.60 -14.09
CA GLY D 237 36.67 23.95 -15.06
C GLY D 237 37.37 23.74 -16.41
N LYS D 238 38.69 23.50 -16.37
CA LYS D 238 39.45 23.27 -17.60
C LYS D 238 40.07 21.87 -17.62
N PRO D 239 40.12 21.22 -18.80
CA PRO D 239 40.66 19.84 -18.84
C PRO D 239 42.09 19.68 -18.38
N VAL D 240 42.35 18.56 -17.71
CA VAL D 240 43.69 18.23 -17.27
C VAL D 240 43.98 16.79 -17.63
N VAL D 241 45.15 16.57 -18.21
CA VAL D 241 45.59 15.25 -18.62
C VAL D 241 46.69 14.76 -17.69
N CYS D 242 46.61 13.52 -17.21
CA CYS D 242 47.72 12.94 -16.47
C CYS D 242 48.48 12.07 -17.49
N ALA D 243 49.80 12.24 -17.58
CA ALA D 243 50.57 11.53 -18.61
C ALA D 243 51.84 10.90 -18.11
N THR D 244 52.32 9.86 -18.84
CA THR D 244 53.66 9.25 -18.83
C THR D 244 53.92 8.19 -17.78
N GLN D 245 54.32 7.00 -18.28
CA GLN D 245 54.67 5.79 -17.50
C GLN D 245 53.52 5.26 -16.65
N MET D 246 52.27 5.55 -17.03
CA MET D 246 51.13 5.06 -16.24
C MET D 246 51.04 3.55 -16.25
N LEU D 247 51.32 2.91 -17.41
CA LEU D 247 51.30 1.43 -17.52
C LEU D 247 52.62 1.01 -18.23
N GLU D 248 53.73 1.64 -17.88
CA GLU D 248 55.03 1.44 -18.53
C GLU D 248 55.44 -0.03 -18.79
N SER D 249 55.31 -0.91 -17.79
CA SER D 249 55.68 -2.30 -17.94
C SER D 249 54.91 -3.00 -19.06
N MET D 250 53.70 -2.49 -19.43
CA MET D 250 52.94 -3.10 -20.54
C MET D 250 53.54 -2.85 -21.93
N ILE D 251 54.65 -2.12 -22.03
CA ILE D 251 55.36 -1.98 -23.30
C ILE D 251 55.87 -3.42 -23.70
N THR D 252 56.29 -4.24 -22.71
CA THR D 252 56.78 -5.60 -22.95
C THR D 252 56.01 -6.70 -22.26
N LYS D 253 55.26 -6.41 -21.18
CA LYS D 253 54.51 -7.44 -20.45
C LYS D 253 53.01 -7.36 -20.63
N PRO D 254 52.31 -8.51 -20.65
CA PRO D 254 50.86 -8.48 -20.93
C PRO D 254 50.00 -7.91 -19.81
N ARG D 255 50.54 -7.83 -18.59
CA ARG D 255 49.80 -7.32 -17.43
C ARG D 255 50.66 -6.26 -16.74
N PRO D 256 50.03 -5.22 -16.18
CA PRO D 256 50.80 -4.17 -15.51
C PRO D 256 51.19 -4.52 -14.07
N THR D 257 52.07 -3.72 -13.46
CA THR D 257 52.43 -3.93 -12.07
C THR D 257 51.31 -3.39 -11.14
N ARG D 258 51.39 -3.70 -9.86
CA ARG D 258 50.42 -3.21 -8.88
C ARG D 258 50.53 -1.69 -8.73
N ALA D 259 51.73 -1.12 -8.88
CA ALA D 259 51.91 0.32 -8.78
C ALA D 259 51.27 1.05 -9.98
N GLU D 260 51.31 0.42 -11.16
CA GLU D 260 50.75 1.00 -12.37
C GLU D 260 49.24 1.05 -12.34
N THR D 261 48.55 -0.03 -11.89
CA THR D 261 47.09 0.02 -11.80
C THR D 261 46.66 1.06 -10.76
N SER D 262 47.40 1.13 -9.64
CA SER D 262 47.17 2.08 -8.58
C SER D 262 47.34 3.51 -9.13
N ASP D 263 48.40 3.76 -9.91
CA ASP D 263 48.66 5.09 -10.49
C ASP D 263 47.50 5.55 -11.39
N VAL D 264 46.98 4.68 -12.26
CA VAL D 264 45.87 5.03 -13.13
C VAL D 264 44.61 5.35 -12.27
N ALA D 265 44.30 4.48 -11.29
CA ALA D 265 43.13 4.69 -10.46
C ALA D 265 43.23 6.01 -9.68
N ASN D 266 44.43 6.31 -9.15
CA ASN D 266 44.64 7.53 -8.39
C ASN D 266 44.62 8.78 -9.25
N ALA D 267 45.01 8.70 -10.51
CA ALA D 267 44.91 9.87 -11.43
C ALA D 267 43.42 10.21 -11.63
N VAL D 268 42.56 9.18 -11.81
CA VAL D 268 41.11 9.38 -11.92
C VAL D 268 40.52 9.93 -10.62
N LEU D 269 40.89 9.35 -9.47
CA LEU D 269 40.41 9.83 -8.18
C LEU D 269 40.90 11.26 -7.91
N ASP D 270 42.11 11.61 -8.35
CA ASP D 270 42.64 12.98 -8.18
C ASP D 270 41.75 14.00 -8.94
N GLY D 271 41.12 13.58 -10.03
CA GLY D 271 40.25 14.44 -10.83
C GLY D 271 40.67 14.63 -12.27
N ALA D 272 41.60 13.79 -12.79
CA ALA D 272 42.05 13.96 -14.18
C ALA D 272 40.93 13.78 -15.16
N ASP D 273 40.85 14.65 -16.17
CA ASP D 273 39.84 14.47 -17.22
C ASP D 273 40.28 13.39 -18.18
N CYS D 274 41.59 13.30 -18.47
CA CYS D 274 42.14 12.33 -19.43
C CYS D 274 43.32 11.62 -18.81
N ILE D 275 43.56 10.41 -19.27
CA ILE D 275 44.76 9.65 -18.92
C ILE D 275 45.43 9.30 -20.25
N MET D 276 46.75 9.13 -20.25
CA MET D 276 47.49 8.95 -21.47
C MET D 276 48.39 7.72 -21.47
N LEU D 277 48.68 7.24 -22.68
CA LEU D 277 49.58 6.14 -23.02
C LEU D 277 50.58 6.69 -24.05
N SER D 278 51.86 6.42 -23.83
CA SER D 278 52.92 6.88 -24.71
C SER D 278 53.59 5.66 -25.34
N GLY D 279 54.67 5.11 -24.77
CA GLY D 279 55.32 3.92 -25.31
C GLY D 279 54.41 2.72 -25.35
N GLU D 280 53.47 2.63 -24.37
CA GLU D 280 52.49 1.53 -24.26
C GLU D 280 51.70 1.37 -25.56
N THR D 281 51.40 2.47 -26.27
CA THR D 281 50.66 2.34 -27.54
C THR D 281 51.52 2.67 -28.75
N ALA D 282 52.59 3.49 -28.61
CA ALA D 282 53.38 3.89 -29.77
C ALA D 282 54.34 2.81 -30.20
N LYS D 283 54.99 2.10 -29.25
CA LYS D 283 56.02 1.12 -29.63
C LYS D 283 55.92 -0.27 -28.98
N GLY D 284 55.10 -0.41 -27.96
CA GLY D 284 54.98 -1.68 -27.24
C GLY D 284 54.30 -2.84 -27.93
N ASN D 285 54.34 -4.01 -27.31
CA ASN D 285 53.75 -5.27 -27.78
C ASN D 285 52.25 -5.36 -27.48
N PHE D 286 51.72 -4.53 -26.56
CA PHE D 286 50.33 -4.65 -26.11
C PHE D 286 49.53 -3.35 -26.22
N PRO D 287 49.51 -2.67 -27.39
CA PRO D 287 48.79 -1.41 -27.49
C PRO D 287 47.30 -1.52 -27.18
N VAL D 288 46.61 -2.53 -27.73
CA VAL D 288 45.19 -2.68 -27.51
C VAL D 288 44.91 -3.04 -26.05
N GLU D 289 45.72 -3.95 -25.49
CA GLU D 289 45.54 -4.38 -24.10
C GLU D 289 45.82 -3.22 -23.12
N ALA D 290 46.74 -2.31 -23.47
CA ALA D 290 47.05 -1.17 -22.61
C ALA D 290 45.82 -0.22 -22.56
N VAL D 291 45.16 -0.01 -23.70
CA VAL D 291 43.96 0.81 -23.78
C VAL D 291 42.84 0.12 -22.96
N LYS D 292 42.69 -1.20 -23.14
CA LYS D 292 41.67 -1.97 -22.39
C LYS D 292 41.90 -1.91 -20.88
N MET D 293 43.16 -1.91 -20.44
CA MET D 293 43.50 -1.85 -19.03
C MET D 293 43.16 -0.47 -18.45
N GLN D 294 43.51 0.62 -19.17
CA GLN D 294 43.16 1.95 -18.71
C GLN D 294 41.63 2.09 -18.64
N HIS D 295 40.91 1.54 -19.62
CA HIS D 295 39.45 1.55 -19.63
C HIS D 295 38.88 0.85 -18.39
N ALA D 296 39.34 -0.36 -18.08
CA ALA D 296 38.84 -1.11 -16.94
C ALA D 296 39.13 -0.44 -15.60
N ILE D 297 40.35 0.09 -15.42
CA ILE D 297 40.69 0.77 -14.16
C ILE D 297 39.87 2.05 -14.01
N ALA D 298 39.79 2.86 -15.08
CA ALA D 298 39.06 4.13 -15.02
C ALA D 298 37.61 3.94 -14.63
N ARG D 299 36.95 2.92 -15.18
CA ARG D 299 35.55 2.64 -14.84
C ARG D 299 35.40 2.31 -13.35
N GLU D 300 36.30 1.49 -12.80
CA GLU D 300 36.25 1.15 -11.38
C GLU D 300 36.47 2.40 -10.52
N ALA D 301 37.48 3.22 -10.89
CA ALA D 301 37.84 4.40 -10.11
C ALA D 301 36.77 5.48 -10.16
N GLU D 302 36.09 5.64 -11.29
CA GLU D 302 35.03 6.65 -11.41
C GLU D 302 33.86 6.35 -10.46
N ALA D 303 33.52 5.08 -10.30
CA ALA D 303 32.46 4.69 -9.35
C ALA D 303 32.89 4.96 -7.91
N ALA D 304 34.20 4.92 -7.63
CA ALA D 304 34.75 5.16 -6.29
C ALA D 304 34.94 6.63 -5.95
N VAL D 305 34.61 7.55 -6.85
CA VAL D 305 34.71 8.98 -6.57
C VAL D 305 33.64 9.33 -5.49
N TYR D 306 34.00 10.11 -4.47
CA TYR D 306 33.08 10.49 -3.40
C TYR D 306 32.37 11.77 -3.85
N HIS D 307 31.33 11.64 -4.71
CA HIS D 307 30.60 12.77 -5.27
C HIS D 307 29.98 13.69 -4.23
N ARG D 308 29.58 13.15 -3.08
CA ARG D 308 28.96 13.95 -2.02
C ARG D 308 29.87 15.11 -1.61
N GLN D 309 31.16 14.82 -1.37
CA GLN D 309 32.10 15.88 -1.03
C GLN D 309 32.52 16.67 -2.25
N LEU D 310 32.82 15.97 -3.37
CA LEU D 310 33.30 16.62 -4.58
C LEU D 310 32.32 17.67 -5.12
N PHE D 311 31.03 17.32 -5.28
CA PHE D 311 30.03 18.26 -5.79
C PHE D 311 29.90 19.44 -4.85
N GLU D 312 29.86 19.19 -3.54
CA GLU D 312 29.75 20.22 -2.51
C GLU D 312 30.90 21.22 -2.63
N GLU D 313 32.14 20.69 -2.74
CA GLU D 313 33.32 21.55 -2.84
C GLU D 313 33.42 22.29 -4.17
N LEU D 314 33.00 21.65 -5.28
CA LEU D 314 33.02 22.34 -6.59
C LEU D 314 32.03 23.48 -6.59
N ARG D 315 30.81 23.27 -6.05
CA ARG D 315 29.82 24.36 -5.96
C ARG D 315 30.32 25.48 -5.08
N ARG D 316 30.81 25.16 -3.87
CA ARG D 316 31.27 26.17 -2.92
C ARG D 316 32.42 27.02 -3.48
N ALA D 317 33.35 26.38 -4.19
CA ALA D 317 34.50 27.11 -4.72
C ALA D 317 34.23 27.86 -6.01
N ALA D 318 33.26 27.39 -6.82
CA ALA D 318 32.95 28.06 -8.08
C ALA D 318 32.31 29.41 -7.81
N PRO D 319 32.84 30.47 -8.43
CA PRO D 319 32.28 31.81 -8.15
C PRO D 319 30.88 31.98 -8.71
N LEU D 320 30.17 33.01 -8.23
CA LEU D 320 28.86 33.35 -8.76
C LEU D 320 29.01 33.73 -10.23
N SER D 321 27.96 33.49 -11.02
CA SER D 321 28.06 33.80 -12.44
C SER D 321 26.81 34.42 -12.98
N ARG D 322 26.96 35.33 -13.91
CA ARG D 322 25.84 35.90 -14.63
C ARG D 322 25.76 35.34 -16.09
N ASP D 323 26.52 34.29 -16.41
CA ASP D 323 26.50 33.69 -17.73
C ASP D 323 25.40 32.64 -17.72
N PRO D 324 24.40 32.75 -18.63
CA PRO D 324 23.29 31.78 -18.59
C PRO D 324 23.68 30.33 -18.82
N THR D 325 24.74 30.06 -19.60
CA THR D 325 25.18 28.68 -19.84
C THR D 325 25.67 28.07 -18.52
N GLU D 326 26.46 28.84 -17.77
CA GLU D 326 27.01 28.41 -16.49
C GLU D 326 25.88 28.19 -15.46
N VAL D 327 24.93 29.13 -15.42
CA VAL D 327 23.79 29.04 -14.50
C VAL D 327 22.93 27.80 -14.83
N THR D 328 22.65 27.56 -16.11
CA THR D 328 21.85 26.40 -16.52
C THR D 328 22.62 25.10 -16.19
N ALA D 329 23.93 25.09 -16.41
CA ALA D 329 24.74 23.89 -16.15
C ALA D 329 24.67 23.45 -14.69
N ILE D 330 24.82 24.38 -13.72
CA ILE D 330 24.76 23.98 -12.32
C ILE D 330 23.35 23.53 -11.92
N GLY D 331 22.32 24.16 -12.49
CA GLY D 331 20.95 23.74 -12.23
C GLY D 331 20.69 22.35 -12.78
N ALA D 332 21.23 22.06 -13.98
CA ALA D 332 21.07 20.75 -14.62
C ALA D 332 21.78 19.65 -13.84
N VAL D 333 23.00 19.93 -13.33
CA VAL D 333 23.76 18.93 -12.57
C VAL D 333 23.06 18.66 -11.23
N GLU D 334 22.55 19.70 -10.59
CA GLU D 334 21.81 19.55 -9.34
CA GLU D 334 21.82 19.55 -9.33
C GLU D 334 20.56 18.71 -9.57
N ALA D 335 19.82 18.99 -10.65
CA ALA D 335 18.62 18.23 -11.01
C ALA D 335 18.97 16.76 -11.30
N ALA D 336 20.07 16.50 -12.04
CA ALA D 336 20.48 15.15 -12.35
C ALA D 336 20.77 14.32 -11.08
N PHE D 337 21.44 14.92 -10.09
CA PHE D 337 21.73 14.24 -8.83
C PHE D 337 20.42 13.94 -8.04
N LYS D 338 19.46 14.88 -8.05
CA LYS D 338 18.20 14.74 -7.34
C LYS D 338 17.37 13.53 -7.79
N CYS D 339 17.40 13.22 -9.09
CA CYS D 339 16.62 12.09 -9.61
C CYS D 339 17.43 10.91 -10.06
N CYS D 340 18.78 10.89 -9.81
CA CYS D 340 19.65 9.81 -10.30
C CYS D 340 19.50 9.68 -11.81
N ALA D 341 19.52 10.82 -12.53
CA ALA D 341 19.33 10.80 -13.98
C ALA D 341 20.39 9.92 -14.65
N ALA D 342 20.00 9.11 -15.62
CA ALA D 342 20.92 8.26 -16.37
C ALA D 342 21.84 9.13 -17.25
N ALA D 343 21.35 10.29 -17.73
CA ALA D 343 22.15 11.14 -18.60
C ALA D 343 21.66 12.59 -18.62
N ILE D 344 22.55 13.50 -19.02
CA ILE D 344 22.26 14.88 -19.31
C ILE D 344 22.51 14.99 -20.81
N ILE D 345 21.47 15.21 -21.62
CA ILE D 345 21.64 15.35 -23.07
C ILE D 345 21.76 16.83 -23.38
N VAL D 346 22.85 17.25 -23.98
CA VAL D 346 23.07 18.64 -24.28
C VAL D 346 23.34 18.89 -25.75
N LEU D 347 22.75 19.96 -26.31
CA LEU D 347 23.04 20.36 -27.68
C LEU D 347 24.17 21.39 -27.57
N THR D 348 25.20 21.24 -28.40
CA THR D 348 26.35 22.14 -28.36
C THR D 348 26.97 22.34 -29.74
N THR D 349 27.40 23.56 -30.04
CA THR D 349 28.02 23.92 -31.30
C THR D 349 29.55 23.83 -31.17
N THR D 350 30.10 24.42 -30.10
CA THR D 350 31.54 24.47 -29.85
C THR D 350 32.01 23.47 -28.78
N GLY D 351 31.09 22.84 -28.06
CA GLY D 351 31.40 21.96 -26.94
C GLY D 351 31.32 22.67 -25.58
N ARG D 352 31.27 24.01 -25.56
CA ARG D 352 31.26 24.76 -24.32
C ARG D 352 30.11 24.39 -23.33
N SER D 353 28.88 24.19 -23.80
CA SER D 353 27.78 23.85 -22.88
C SER D 353 28.05 22.49 -22.21
N ALA D 354 28.70 21.55 -22.92
CA ALA D 354 29.04 20.25 -22.33
C ALA D 354 30.19 20.39 -21.34
N GLN D 355 31.17 21.25 -21.63
CA GLN D 355 32.31 21.48 -20.73
C GLN D 355 31.81 22.07 -19.40
N LEU D 356 30.85 22.99 -19.46
CA LEU D 356 30.32 23.61 -18.23
C LEU D 356 29.49 22.62 -17.39
N LEU D 357 28.91 21.59 -18.01
CA LEU D 357 28.21 20.55 -17.26
C LEU D 357 29.29 19.65 -16.60
N SER D 358 30.31 19.25 -17.38
CA SER D 358 31.40 18.39 -16.97
C SER D 358 32.19 18.95 -15.75
N ARG D 359 32.34 20.27 -15.66
CA ARG D 359 33.09 20.87 -14.55
C ARG D 359 32.48 20.57 -13.16
N TYR D 360 31.16 20.27 -13.11
CA TYR D 360 30.49 19.93 -11.86
C TYR D 360 30.53 18.44 -11.55
N ARG D 361 31.20 17.64 -12.40
CA ARG D 361 31.37 16.22 -12.23
C ARG D 361 30.08 15.46 -11.90
N PRO D 362 29.05 15.55 -12.78
CA PRO D 362 27.84 14.76 -12.52
C PRO D 362 28.16 13.27 -12.60
N ARG D 363 27.41 12.45 -11.88
CA ARG D 363 27.49 10.99 -12.03
C ARG D 363 26.77 10.64 -13.38
N ALA D 364 25.73 11.41 -13.78
CA ALA D 364 25.05 11.20 -15.06
C ALA D 364 26.00 11.46 -16.24
N ALA D 365 25.94 10.61 -17.27
CA ALA D 365 26.75 10.80 -18.47
C ALA D 365 26.28 12.08 -19.18
N VAL D 366 27.19 12.87 -19.73
CA VAL D 366 26.81 14.06 -20.48
C VAL D 366 26.88 13.68 -21.96
N ILE D 367 25.73 13.46 -22.58
CA ILE D 367 25.66 13.10 -24.00
C ILE D 367 25.58 14.38 -24.81
N ALA D 368 26.66 14.74 -25.51
CA ALA D 368 26.72 15.98 -26.25
C ALA D 368 26.39 15.79 -27.72
N VAL D 369 25.27 16.32 -28.19
CA VAL D 369 24.89 16.20 -29.58
C VAL D 369 25.34 17.42 -30.34
N THR D 370 26.15 17.23 -31.37
CA THR D 370 26.66 18.34 -32.16
C THR D 370 26.72 18.04 -33.62
N ARG D 371 26.64 19.07 -34.47
CA ARG D 371 26.89 18.91 -35.89
C ARG D 371 28.36 19.17 -36.24
N SER D 372 29.12 19.81 -35.34
CA SER D 372 30.50 20.14 -35.59
C SER D 372 31.37 18.89 -35.33
N ALA D 373 31.97 18.34 -36.39
CA ALA D 373 32.85 17.17 -36.25
C ALA D 373 34.04 17.53 -35.36
N GLN D 374 34.56 18.76 -35.47
CA GLN D 374 35.67 19.17 -34.63
C GLN D 374 35.28 19.28 -33.15
N ALA D 375 34.10 19.86 -32.86
CA ALA D 375 33.67 19.95 -31.46
C ALA D 375 33.43 18.56 -30.89
N ALA D 376 32.89 17.64 -31.67
CA ALA D 376 32.64 16.27 -31.23
C ALA D 376 34.00 15.59 -30.83
N ARG D 377 35.06 15.86 -31.59
CA ARG D 377 36.37 15.34 -31.27
C ARG D 377 36.96 16.02 -30.00
N GLN D 378 36.91 17.34 -29.96
CA GLN D 378 37.49 18.09 -28.84
C GLN D 378 36.85 17.87 -27.47
N VAL D 379 35.52 17.60 -27.41
CA VAL D 379 34.88 17.43 -26.10
C VAL D 379 35.38 16.20 -25.34
N HIS D 380 36.12 15.29 -26.00
CA HIS D 380 36.75 14.17 -25.31
C HIS D 380 37.73 14.68 -24.24
N LEU D 381 38.20 15.93 -24.33
CA LEU D 381 39.07 16.48 -23.29
C LEU D 381 38.36 16.63 -21.94
N CYS D 382 37.03 16.68 -21.92
CA CYS D 382 36.24 16.90 -20.70
C CYS D 382 35.68 15.62 -20.16
N ARG D 383 35.96 15.31 -18.88
CA ARG D 383 35.47 14.07 -18.30
C ARG D 383 33.96 13.92 -18.35
N GLY D 384 33.51 12.75 -18.71
CA GLY D 384 32.09 12.43 -18.72
C GLY D 384 31.30 12.97 -19.87
N VAL D 385 31.96 13.46 -20.91
CA VAL D 385 31.26 13.93 -22.10
C VAL D 385 31.38 12.88 -23.20
N PHE D 386 30.24 12.40 -23.69
CA PHE D 386 30.12 11.40 -24.73
C PHE D 386 29.59 12.09 -25.99
N PRO D 387 30.47 12.39 -26.94
CA PRO D 387 30.03 13.13 -28.14
C PRO D 387 29.30 12.29 -29.17
N LEU D 388 28.22 12.86 -29.71
CA LEU D 388 27.46 12.22 -30.77
C LEU D 388 27.46 13.20 -31.93
N LEU D 389 28.00 12.78 -33.08
CA LEU D 389 28.04 13.65 -34.24
C LEU D 389 26.76 13.44 -35.05
N TYR D 390 25.97 14.50 -35.18
CA TYR D 390 24.71 14.47 -35.90
C TYR D 390 24.95 14.89 -37.36
N ARG D 391 24.53 14.07 -38.32
CA ARG D 391 24.82 14.37 -39.73
C ARG D 391 23.66 14.83 -40.56
N GLU D 392 22.43 14.73 -40.06
CA GLU D 392 21.23 15.09 -40.82
C GLU D 392 21.17 16.58 -41.16
N PRO D 393 20.73 16.93 -42.38
CA PRO D 393 20.57 18.36 -42.70
C PRO D 393 19.46 19.00 -41.84
N PRO D 394 19.61 20.30 -41.53
CA PRO D 394 18.62 20.98 -40.69
C PRO D 394 17.18 20.91 -41.15
N GLU D 395 16.26 20.80 -40.19
CA GLU D 395 14.84 20.88 -40.44
C GLU D 395 14.53 22.37 -40.71
N ALA D 396 13.45 22.66 -41.45
CA ALA D 396 13.07 24.06 -41.72
C ALA D 396 12.60 24.73 -40.43
N ILE D 397 11.93 23.99 -39.53
CA ILE D 397 11.46 24.54 -38.27
C ILE D 397 12.52 24.23 -37.20
N TRP D 398 13.12 25.27 -36.65
CA TRP D 398 14.21 25.15 -35.68
C TRP D 398 13.86 24.28 -34.48
N ALA D 399 12.68 24.47 -33.89
CA ALA D 399 12.24 23.67 -32.75
C ALA D 399 12.19 22.17 -33.10
N ASP D 400 11.80 21.82 -34.33
CA ASP D 400 11.78 20.41 -34.75
C ASP D 400 13.22 19.89 -34.91
N ASP D 401 14.13 20.73 -35.37
CA ASP D 401 15.54 20.31 -35.53
C ASP D 401 16.14 20.01 -34.16
N VAL D 402 15.86 20.88 -33.18
CA VAL D 402 16.36 20.69 -31.80
C VAL D 402 15.82 19.34 -31.28
N ASP D 403 14.51 19.10 -31.45
CA ASP D 403 13.88 17.85 -30.97
C ASP D 403 14.50 16.61 -31.62
N ARG D 404 14.68 16.62 -32.94
CA ARG D 404 15.26 15.45 -33.65
C ARG D 404 16.66 15.16 -33.10
N ARG D 405 17.42 16.20 -32.76
CA ARG D 405 18.77 16.02 -32.18
C ARG D 405 18.66 15.41 -30.78
N VAL D 406 17.68 15.85 -29.99
CA VAL D 406 17.46 15.28 -28.65
C VAL D 406 17.07 13.81 -28.82
N GLN D 407 16.17 13.50 -29.78
CA GLN D 407 15.76 12.11 -30.04
C GLN D 407 16.96 11.26 -30.52
N PHE D 408 17.85 11.83 -31.31
CA PHE D 408 19.06 11.16 -31.74
C PHE D 408 19.95 10.81 -30.53
N GLY D 409 20.03 11.73 -29.56
CA GLY D 409 20.77 11.52 -28.31
C GLY D 409 20.15 10.37 -27.52
N ILE D 410 18.83 10.36 -27.40
CA ILE D 410 18.11 9.29 -26.71
C ILE D 410 18.28 7.92 -27.41
N GLU D 411 18.11 7.86 -28.73
CA GLU D 411 18.27 6.61 -29.49
C GLU D 411 19.70 6.09 -29.45
N SER D 412 20.71 6.99 -29.55
CA SER D 412 22.10 6.55 -29.41
C SER D 412 22.35 6.02 -28.01
N GLY D 413 21.80 6.71 -27.01
CA GLY D 413 21.92 6.33 -25.62
C GLY D 413 21.33 4.97 -25.33
N LYS D 414 20.18 4.66 -25.91
CA LYS D 414 19.54 3.35 -25.71
C LYS D 414 20.38 2.27 -26.38
N LEU D 415 20.83 2.50 -27.60
CA LEU D 415 21.64 1.54 -28.33
C LEU D 415 22.95 1.24 -27.61
N ARG D 416 23.57 2.27 -27.03
CA ARG D 416 24.86 2.09 -26.34
C ARG D 416 24.76 1.63 -24.89
N GLY D 417 23.56 1.48 -24.35
CA GLY D 417 23.39 1.03 -22.97
C GLY D 417 23.36 2.13 -21.92
N PHE D 418 23.44 3.40 -22.33
CA PHE D 418 23.38 4.52 -21.40
C PHE D 418 22.00 4.67 -20.79
N LEU D 419 20.95 4.41 -21.60
CA LEU D 419 19.56 4.66 -21.24
C LEU D 419 18.69 3.50 -21.47
N ARG D 420 17.62 3.44 -20.68
CA ARG D 420 16.56 2.46 -20.80
C ARG D 420 15.23 3.18 -20.62
N VAL D 421 14.14 2.57 -21.09
CA VAL D 421 12.77 3.06 -20.89
C VAL D 421 12.50 3.18 -19.38
N GLY D 422 11.95 4.33 -18.96
CA GLY D 422 11.71 4.57 -17.54
C GLY D 422 12.76 5.46 -16.90
N ASP D 423 13.93 5.59 -17.53
CA ASP D 423 14.98 6.46 -16.99
C ASP D 423 14.55 7.92 -17.07
N LEU D 424 15.11 8.75 -16.20
CA LEU D 424 14.92 10.18 -16.27
C LEU D 424 16.19 10.74 -16.86
N VAL D 425 16.07 11.74 -17.70
CA VAL D 425 17.18 12.40 -18.35
C VAL D 425 16.96 13.91 -18.18
N ILE D 426 18.06 14.67 -18.09
CA ILE D 426 18.01 16.11 -18.08
C ILE D 426 18.40 16.55 -19.49
N VAL D 427 17.63 17.44 -20.12
CA VAL D 427 17.94 17.90 -21.48
C VAL D 427 18.28 19.40 -21.43
N VAL D 428 19.45 19.76 -21.97
CA VAL D 428 19.95 21.11 -21.95
C VAL D 428 20.03 21.67 -23.36
N THR D 429 19.28 22.76 -23.62
CA THR D 429 19.23 23.41 -24.91
C THR D 429 19.29 24.96 -24.72
N GLY D 430 19.20 25.73 -25.83
CA GLY D 430 19.20 27.18 -25.80
C GLY D 430 17.99 27.80 -26.49
N TRP D 431 17.86 29.11 -26.44
CA TRP D 431 16.64 29.80 -26.90
C TRP D 431 16.69 30.25 -28.36
N ARG D 432 17.83 30.16 -29.00
CA ARG D 432 17.98 30.52 -30.41
C ARG D 432 19.16 29.74 -31.01
N PRO D 433 19.25 29.67 -32.35
CA PRO D 433 20.39 28.98 -32.97
C PRO D 433 21.72 29.71 -32.76
N GLY D 434 22.81 29.01 -32.96
CA GLY D 434 24.13 29.56 -32.80
C GLY D 434 24.66 29.30 -31.39
N SER D 435 25.99 29.32 -31.25
CA SER D 435 26.69 29.11 -29.98
CA SER D 435 26.63 29.09 -29.96
C SER D 435 26.47 30.23 -28.98
N GLY D 436 26.48 29.90 -27.68
CA GLY D 436 26.44 30.89 -26.62
C GLY D 436 25.08 31.20 -26.01
N TYR D 437 24.03 30.51 -26.45
CA TYR D 437 22.68 30.80 -25.97
C TYR D 437 22.00 29.67 -25.23
N THR D 438 22.79 28.73 -24.65
CA THR D 438 22.20 27.69 -23.78
C THR D 438 21.56 28.37 -22.57
N ASN D 439 20.30 28.02 -22.27
CA ASN D 439 19.61 28.64 -21.13
C ASN D 439 18.42 27.80 -20.62
N ILE D 440 18.24 26.57 -21.10
CA ILE D 440 17.09 25.77 -20.73
C ILE D 440 17.50 24.40 -20.23
N MET D 441 16.88 23.96 -19.14
CA MET D 441 17.06 22.63 -18.58
C MET D 441 15.62 21.98 -18.47
N ARG D 442 15.45 20.75 -18.94
CA ARG D 442 14.16 20.07 -18.95
C ARG D 442 14.31 18.65 -18.38
N VAL D 443 13.35 18.19 -17.57
CA VAL D 443 13.35 16.83 -17.03
C VAL D 443 12.48 15.97 -17.92
N LEU D 444 13.05 14.93 -18.50
CA LEU D 444 12.38 14.09 -19.47
C LEU D 444 12.39 12.62 -19.06
N SER D 445 11.27 11.95 -19.22
CA SER D 445 11.15 10.53 -18.94
C SER D 445 11.35 9.77 -20.27
N ILE D 446 12.25 8.79 -20.28
CA ILE D 446 12.53 8.01 -21.49
C ILE D 446 11.40 7.02 -21.80
N SER D 447 10.83 7.12 -22.99
CA SER D 447 9.77 6.20 -23.43
C SER D 447 10.28 5.31 -24.58
N ALA E 25 -7.91 -21.82 -26.05
CA ALA E 25 -8.51 -20.96 -27.07
C ALA E 25 -10.00 -21.27 -27.23
N PHE E 26 -10.39 -22.55 -27.14
CA PHE E 26 -11.79 -22.96 -27.24
C PHE E 26 -12.63 -22.28 -26.16
N PHE E 27 -12.12 -22.23 -24.93
CA PHE E 27 -12.85 -21.66 -23.80
C PHE E 27 -12.80 -20.12 -23.73
N GLN E 28 -12.11 -19.46 -24.66
CA GLN E 28 -12.09 -17.98 -24.71
C GLN E 28 -13.13 -17.44 -25.73
N GLN E 29 -13.47 -18.25 -26.75
CA GLN E 29 -14.43 -17.93 -27.80
C GLN E 29 -15.88 -18.07 -27.32
N GLN E 30 -16.84 -17.64 -28.16
CA GLN E 30 -18.28 -17.73 -27.96
C GLN E 30 -18.76 -17.40 -26.55
N GLN E 31 -18.14 -16.38 -25.93
CA GLN E 31 -18.47 -15.91 -24.58
C GLN E 31 -18.48 -17.03 -23.55
N LEU E 32 -17.62 -18.04 -23.70
CA LEU E 32 -17.59 -19.15 -22.76
C LEU E 32 -17.18 -18.72 -21.33
N PRO E 33 -16.27 -17.75 -21.09
CA PRO E 33 -16.05 -17.29 -19.70
C PRO E 33 -17.34 -16.71 -19.10
N ALA E 34 -18.12 -15.91 -19.87
CA ALA E 34 -19.39 -15.38 -19.37
C ALA E 34 -20.42 -16.49 -19.17
N ALA E 35 -20.37 -17.55 -20.00
CA ALA E 35 -21.28 -18.68 -19.89
C ALA E 35 -21.05 -19.49 -18.62
N MET E 36 -19.82 -19.54 -18.12
CA MET E 36 -19.51 -20.29 -16.90
C MET E 36 -19.77 -19.52 -15.60
N ALA E 37 -20.24 -18.26 -15.67
CA ALA E 37 -20.47 -17.46 -14.48
C ALA E 37 -21.55 -18.02 -13.57
N ASP E 38 -21.43 -17.77 -12.27
CA ASP E 38 -22.37 -18.29 -11.27
C ASP E 38 -23.60 -17.42 -11.07
N THR E 39 -23.58 -16.15 -11.50
CA THR E 39 -24.76 -15.28 -11.41
C THR E 39 -24.96 -14.55 -12.75
N PHE E 40 -26.16 -14.01 -12.99
CA PHE E 40 -26.43 -13.26 -14.20
C PHE E 40 -25.59 -11.97 -14.22
N LEU E 41 -25.44 -11.32 -13.06
CA LEU E 41 -24.61 -10.12 -12.95
C LEU E 41 -23.17 -10.41 -13.33
N GLU E 42 -22.57 -11.50 -12.81
CA GLU E 42 -21.20 -11.90 -13.15
CA GLU E 42 -21.20 -11.86 -13.16
C GLU E 42 -21.10 -12.23 -14.65
N HIS E 43 -22.16 -12.85 -15.21
CA HIS E 43 -22.20 -13.21 -16.63
C HIS E 43 -22.08 -11.94 -17.49
N LEU E 44 -22.84 -10.88 -17.12
CA LEU E 44 -22.76 -9.60 -17.84
C LEU E 44 -21.36 -9.02 -17.73
N CYS E 45 -20.78 -9.04 -16.51
CA CYS E 45 -19.44 -8.48 -16.25
C CYS E 45 -18.36 -9.18 -17.09
N LEU E 46 -18.60 -10.44 -17.49
CA LEU E 46 -17.60 -11.21 -18.23
C LEU E 46 -17.78 -11.17 -19.75
N LEU E 47 -18.83 -10.51 -20.27
CA LEU E 47 -19.01 -10.39 -21.73
C LEU E 47 -17.81 -9.66 -22.33
N ASP E 48 -17.28 -10.20 -23.41
CA ASP E 48 -16.03 -9.73 -24.00
C ASP E 48 -16.19 -9.45 -25.46
N ILE E 49 -15.94 -8.21 -25.88
CA ILE E 49 -16.03 -7.86 -27.32
C ILE E 49 -14.99 -8.59 -28.20
N ASP E 50 -13.94 -9.12 -27.58
CA ASP E 50 -12.90 -9.88 -28.33
C ASP E 50 -13.19 -11.39 -28.37
N SER E 51 -14.26 -11.86 -27.71
CA SER E 51 -14.62 -13.27 -27.72
C SER E 51 -15.47 -13.50 -28.95
N GLU E 52 -14.89 -14.10 -30.00
CA GLU E 52 -15.58 -14.25 -31.28
C GLU E 52 -16.61 -15.37 -31.31
N PRO E 53 -17.76 -15.10 -31.96
CA PRO E 53 -18.79 -16.15 -32.05
C PRO E 53 -18.30 -17.27 -32.99
N VAL E 54 -18.54 -18.53 -32.62
CA VAL E 54 -18.13 -19.65 -33.46
C VAL E 54 -19.35 -20.42 -33.96
N ALA E 55 -20.41 -20.52 -33.17
CA ALA E 55 -21.62 -21.25 -33.57
C ALA E 55 -22.34 -20.60 -34.76
N ALA E 56 -23.07 -21.41 -35.52
CA ALA E 56 -23.85 -20.92 -36.62
C ALA E 56 -25.01 -20.07 -36.06
N ARG E 57 -25.42 -19.04 -36.81
CA ARG E 57 -26.49 -18.16 -36.38
C ARG E 57 -27.81 -18.93 -36.29
N SER E 58 -28.43 -18.93 -35.11
CA SER E 58 -29.61 -19.73 -34.85
C SER E 58 -30.95 -19.00 -34.96
N THR E 59 -31.00 -17.67 -34.82
CA THR E 59 -32.26 -16.93 -34.91
C THR E 59 -32.55 -16.69 -36.40
N SER E 60 -33.69 -17.15 -36.91
CA SER E 60 -34.01 -16.96 -38.33
C SER E 60 -34.31 -15.53 -38.69
N ILE E 61 -34.00 -15.18 -39.93
CA ILE E 61 -34.30 -13.84 -40.43
C ILE E 61 -35.42 -13.92 -41.44
N ILE E 62 -36.46 -13.11 -41.23
CA ILE E 62 -37.57 -13.01 -42.16
C ILE E 62 -37.39 -11.68 -42.92
N ALA E 63 -37.35 -11.74 -44.25
CA ALA E 63 -37.21 -10.52 -45.07
C ALA E 63 -38.47 -10.33 -45.88
N THR E 64 -39.02 -9.11 -45.89
CA THR E 64 -40.24 -8.83 -46.64
C THR E 64 -39.82 -8.54 -48.08
N ILE E 65 -40.45 -9.23 -49.03
CA ILE E 65 -40.11 -9.10 -50.43
C ILE E 65 -40.96 -8.03 -51.11
N GLY E 66 -40.30 -7.06 -51.72
CA GLY E 66 -40.96 -5.97 -52.40
C GLY E 66 -40.12 -5.45 -53.55
N PRO E 67 -40.38 -4.22 -54.01
CA PRO E 67 -39.61 -3.67 -55.13
C PRO E 67 -38.09 -3.71 -55.00
N ALA E 68 -37.57 -3.50 -53.78
CA ALA E 68 -36.12 -3.47 -53.55
C ALA E 68 -35.47 -4.84 -53.47
N SER E 69 -36.25 -5.91 -53.36
CA SER E 69 -35.68 -7.25 -53.17
C SER E 69 -36.34 -8.33 -54.01
N ARG E 70 -36.92 -7.95 -55.14
CA ARG E 70 -37.70 -8.85 -55.98
C ARG E 70 -36.96 -9.64 -57.04
N SER E 71 -35.89 -9.10 -57.59
CA SER E 71 -35.17 -9.76 -58.66
C SER E 71 -34.47 -11.02 -58.19
N VAL E 72 -34.29 -11.98 -59.11
CA VAL E 72 -33.65 -13.26 -58.82
C VAL E 72 -32.22 -13.06 -58.34
N GLU E 73 -31.48 -12.16 -58.98
CA GLU E 73 -30.09 -11.86 -58.63
C GLU E 73 -30.00 -11.25 -57.20
N ARG E 74 -30.93 -10.35 -56.86
CA ARG E 74 -30.96 -9.71 -55.55
C ARG E 74 -31.33 -10.78 -54.49
N LEU E 75 -32.30 -11.64 -54.80
CA LEU E 75 -32.74 -12.71 -53.90
C LEU E 75 -31.64 -13.72 -53.62
N LYS E 76 -30.77 -14.01 -54.60
CA LYS E 76 -29.64 -14.92 -54.36
C LYS E 76 -28.68 -14.28 -53.35
N GLU E 77 -28.47 -12.96 -53.45
CA GLU E 77 -27.59 -12.26 -52.49
C GLU E 77 -28.22 -12.24 -51.10
N MET E 78 -29.55 -12.12 -51.01
CA MET E 78 -30.23 -12.12 -49.73
CA MET E 78 -30.23 -12.12 -49.72
C MET E 78 -30.19 -13.49 -49.07
N ILE E 79 -30.26 -14.58 -49.87
CA ILE E 79 -30.18 -15.93 -49.35
C ILE E 79 -28.76 -16.15 -48.82
N LYS E 80 -27.74 -15.70 -49.55
CA LYS E 80 -26.36 -15.82 -49.09
C LYS E 80 -26.08 -14.97 -47.84
N ALA E 81 -26.73 -13.81 -47.73
CA ALA E 81 -26.58 -12.94 -46.57
C ALA E 81 -27.26 -13.53 -45.32
N GLY E 82 -28.24 -14.42 -45.49
CA GLY E 82 -28.87 -15.08 -44.36
C GLY E 82 -30.37 -15.15 -44.31
N MET E 83 -31.08 -14.67 -45.35
CA MET E 83 -32.56 -14.72 -45.33
C MET E 83 -33.05 -16.19 -45.25
N ASN E 84 -33.91 -16.50 -44.28
CA ASN E 84 -34.43 -17.87 -44.12
C ASN E 84 -35.92 -17.95 -44.51
N ILE E 85 -36.66 -16.85 -44.33
CA ILE E 85 -38.09 -16.80 -44.61
C ILE E 85 -38.38 -15.54 -45.45
N ALA E 86 -39.10 -15.70 -46.57
CA ALA E 86 -39.50 -14.59 -47.41
C ALA E 86 -40.94 -14.24 -47.07
N ARG E 87 -41.20 -13.01 -46.67
CA ARG E 87 -42.54 -12.58 -46.29
C ARG E 87 -43.18 -11.80 -47.44
N LEU E 88 -44.46 -12.08 -47.75
CA LEU E 88 -45.20 -11.36 -48.80
C LEU E 88 -46.31 -10.61 -48.13
N ASN E 89 -46.30 -9.28 -48.21
CA ASN E 89 -47.31 -8.49 -47.53
C ASN E 89 -48.52 -8.25 -48.42
N PHE E 90 -49.61 -8.98 -48.16
CA PHE E 90 -50.83 -8.85 -48.95
C PHE E 90 -51.62 -7.59 -48.66
N SER E 91 -51.10 -6.66 -47.83
CA SER E 91 -51.71 -5.35 -47.65
C SER E 91 -51.45 -4.46 -48.89
N HIS E 92 -50.44 -4.81 -49.71
CA HIS E 92 -50.04 -4.10 -50.91
C HIS E 92 -49.87 -5.09 -52.07
N GLY E 93 -49.81 -4.57 -53.29
CA GLY E 93 -49.61 -5.40 -54.47
C GLY E 93 -50.85 -6.17 -54.86
N SER E 94 -50.71 -7.03 -55.84
CA SER E 94 -51.80 -7.85 -56.33
C SER E 94 -51.40 -9.32 -56.28
N HIS E 95 -52.34 -10.23 -56.59
CA HIS E 95 -52.03 -11.66 -56.64
C HIS E 95 -50.97 -11.94 -57.69
N GLU E 96 -51.05 -11.25 -58.84
CA GLU E 96 -50.07 -11.41 -59.92
C GLU E 96 -48.69 -10.95 -59.46
N TYR E 97 -48.63 -9.82 -58.77
CA TYR E 97 -47.35 -9.30 -58.27
C TYR E 97 -46.70 -10.28 -57.28
N HIS E 98 -47.47 -10.75 -56.30
CA HIS E 98 -46.95 -11.69 -55.30
C HIS E 98 -46.62 -13.05 -55.88
N ALA E 99 -47.37 -13.52 -56.90
CA ALA E 99 -47.04 -14.79 -57.55
C ALA E 99 -45.67 -14.69 -58.23
N GLU E 100 -45.37 -13.54 -58.85
CA GLU E 100 -44.09 -13.34 -59.49
C GLU E 100 -42.97 -13.28 -58.45
N SER E 101 -43.23 -12.66 -57.29
CA SER E 101 -42.23 -12.61 -56.20
C SER E 101 -41.94 -14.03 -55.71
N ILE E 102 -42.98 -14.87 -55.52
CA ILE E 102 -42.83 -16.26 -55.10
C ILE E 102 -41.99 -17.04 -56.11
N ALA E 103 -42.28 -16.87 -57.42
CA ALA E 103 -41.53 -17.56 -58.46
C ALA E 103 -40.06 -17.17 -58.44
N ASN E 104 -39.77 -15.87 -58.22
CA ASN E 104 -38.39 -15.39 -58.16
C ASN E 104 -37.66 -15.93 -56.93
N VAL E 105 -38.36 -16.03 -55.78
CA VAL E 105 -37.77 -16.61 -54.56
C VAL E 105 -37.43 -18.07 -54.82
N ARG E 106 -38.39 -18.84 -55.38
CA ARG E 106 -38.14 -20.24 -55.71
C ARG E 106 -37.02 -20.43 -56.70
N GLU E 107 -36.90 -19.55 -57.70
CA GLU E 107 -35.81 -19.66 -58.67
C GLU E 107 -34.47 -19.39 -58.00
N ALA E 108 -34.40 -18.36 -57.16
CA ALA E 108 -33.16 -18.06 -56.43
C ALA E 108 -32.78 -19.21 -55.48
N VAL E 109 -33.75 -19.78 -54.76
CA VAL E 109 -33.52 -20.90 -53.85
C VAL E 109 -33.03 -22.15 -54.58
N GLU E 110 -33.70 -22.51 -55.68
CA GLU E 110 -33.35 -23.70 -56.43
C GLU E 110 -32.06 -23.56 -57.22
N SER E 111 -31.53 -22.34 -57.39
CA SER E 111 -30.23 -22.16 -58.05
C SER E 111 -29.07 -22.79 -57.23
N PHE E 112 -29.30 -23.09 -55.92
CA PHE E 112 -28.30 -23.70 -55.06
C PHE E 112 -28.58 -25.21 -54.82
N ALA E 113 -29.66 -25.80 -55.43
CA ALA E 113 -30.05 -27.20 -55.24
C ALA E 113 -29.10 -28.25 -55.79
N GLY E 114 -28.17 -27.83 -56.66
CA GLY E 114 -27.18 -28.73 -57.25
C GLY E 114 -26.14 -29.25 -56.26
N SER E 115 -26.07 -28.63 -55.08
CA SER E 115 -25.16 -29.04 -54.01
C SER E 115 -26.06 -29.38 -52.82
N PRO E 116 -26.57 -30.62 -52.76
CA PRO E 116 -27.50 -30.99 -51.67
C PRO E 116 -26.97 -30.89 -50.24
N LEU E 117 -25.65 -31.03 -50.07
CA LEU E 117 -25.01 -30.94 -48.75
C LEU E 117 -24.98 -29.50 -48.20
N SER E 118 -25.18 -28.48 -49.06
CA SER E 118 -25.17 -27.08 -48.61
C SER E 118 -26.46 -26.30 -48.97
N TYR E 119 -27.41 -26.91 -49.71
CA TYR E 119 -28.68 -26.29 -50.10
C TYR E 119 -29.42 -25.71 -48.90
N ARG E 120 -29.92 -24.48 -49.02
CA ARG E 120 -30.66 -23.85 -47.93
C ARG E 120 -32.12 -23.65 -48.26
N PRO E 121 -33.01 -24.40 -47.59
CA PRO E 121 -34.44 -24.17 -47.79
C PRO E 121 -34.84 -22.74 -47.36
N VAL E 122 -35.83 -22.13 -48.04
CA VAL E 122 -36.31 -20.80 -47.66
C VAL E 122 -37.83 -20.88 -47.60
N ALA E 123 -38.43 -20.54 -46.45
CA ALA E 123 -39.87 -20.62 -46.32
C ALA E 123 -40.54 -19.43 -46.98
N ILE E 124 -41.80 -19.60 -47.40
CA ILE E 124 -42.57 -18.51 -47.97
C ILE E 124 -43.73 -18.26 -47.06
N ALA E 125 -43.86 -17.03 -46.57
CA ALA E 125 -44.91 -16.68 -45.63
C ALA E 125 -45.81 -15.62 -46.24
N LEU E 126 -47.11 -15.76 -46.04
CA LEU E 126 -48.09 -14.83 -46.55
C LEU E 126 -48.61 -14.02 -45.39
N ASP E 127 -48.48 -12.71 -45.45
CA ASP E 127 -48.94 -11.83 -44.37
C ASP E 127 -50.26 -11.21 -44.83
N THR E 128 -51.37 -11.49 -44.14
CA THR E 128 -52.68 -11.01 -44.55
C THR E 128 -52.91 -9.52 -44.34
N LYS E 129 -53.87 -8.96 -45.11
CA LYS E 129 -54.25 -7.56 -45.01
C LYS E 129 -54.92 -7.29 -43.67
N GLY E 130 -55.77 -8.21 -43.24
CA GLY E 130 -56.44 -8.07 -41.95
C GLY E 130 -57.91 -7.75 -42.03
N PRO E 131 -58.56 -7.67 -40.86
CA PRO E 131 -60.02 -7.43 -40.84
C PRO E 131 -60.51 -6.03 -41.25
N GLY E 136 -64.13 -9.61 -37.92
CA GLY E 136 -63.72 -10.97 -38.25
C GLY E 136 -63.03 -11.08 -39.60
N LEU E 137 -62.92 -12.31 -40.14
CA LEU E 137 -62.24 -12.56 -41.42
C LEU E 137 -62.88 -11.85 -42.61
N SER E 138 -62.12 -10.97 -43.25
CA SER E 138 -62.57 -10.21 -44.40
C SER E 138 -62.65 -11.07 -45.68
N GLU E 139 -63.38 -10.60 -46.70
CA GLU E 139 -63.51 -11.31 -47.97
C GLU E 139 -62.18 -11.33 -48.72
N GLN E 140 -61.39 -10.24 -48.63
CA GLN E 140 -60.09 -10.20 -49.29
C GLN E 140 -59.15 -11.22 -48.66
N ASP E 141 -59.21 -11.39 -47.32
CA ASP E 141 -58.38 -12.38 -46.64
C ASP E 141 -58.74 -13.78 -47.08
N VAL E 142 -60.04 -14.07 -47.29
CA VAL E 142 -60.46 -15.39 -47.78
C VAL E 142 -59.82 -15.69 -49.15
N ARG E 143 -59.82 -14.71 -50.04
CA ARG E 143 -59.23 -14.86 -51.36
C ARG E 143 -57.71 -14.97 -51.31
N ASP E 144 -57.06 -14.18 -50.45
CA ASP E 144 -55.61 -14.22 -50.30
C ASP E 144 -55.17 -15.54 -49.67
N LEU E 145 -55.92 -16.04 -48.70
CA LEU E 145 -55.61 -17.32 -48.06
C LEU E 145 -55.75 -18.47 -49.06
N ARG E 146 -56.76 -18.37 -49.95
CA ARG E 146 -56.92 -19.39 -51.00
C ARG E 146 -55.75 -19.31 -51.99
N PHE E 147 -55.29 -18.09 -52.31
CA PHE E 147 -54.12 -17.90 -53.18
C PHE E 147 -52.88 -18.56 -52.54
N GLY E 148 -52.73 -18.41 -51.22
CA GLY E 148 -51.61 -19.01 -50.49
C GLY E 148 -51.60 -20.52 -50.58
N VAL E 149 -52.77 -21.16 -50.42
CA VAL E 149 -52.87 -22.61 -50.52
C VAL E 149 -52.53 -23.05 -51.95
N GLU E 150 -53.08 -22.36 -52.96
CA GLU E 150 -52.82 -22.70 -54.36
C GLU E 150 -51.37 -22.50 -54.76
N HIS E 151 -50.66 -21.57 -54.11
CA HIS E 151 -49.25 -21.34 -54.42
C HIS E 151 -48.27 -22.05 -53.45
N GLY E 152 -48.78 -22.93 -52.60
CA GLY E 152 -47.96 -23.71 -51.68
C GLY E 152 -47.17 -22.93 -50.66
N VAL E 153 -47.75 -21.88 -50.05
CA VAL E 153 -47.05 -21.12 -49.02
C VAL E 153 -46.88 -22.00 -47.78
N ASP E 154 -45.84 -21.74 -47.01
CA ASP E 154 -45.55 -22.55 -45.82
C ASP E 154 -46.18 -22.00 -44.57
N ILE E 155 -46.31 -20.68 -44.48
CA ILE E 155 -46.74 -20.01 -43.27
C ILE E 155 -47.69 -18.89 -43.58
N VAL E 156 -48.61 -18.61 -42.67
CA VAL E 156 -49.49 -17.46 -42.77
C VAL E 156 -49.24 -16.61 -41.53
N PHE E 157 -48.94 -15.31 -41.72
CA PHE E 157 -48.84 -14.38 -40.61
C PHE E 157 -50.23 -13.71 -40.62
N ALA E 158 -51.10 -14.09 -39.70
CA ALA E 158 -52.45 -13.55 -39.66
C ALA E 158 -52.52 -12.22 -38.95
N SER E 159 -52.88 -11.15 -39.67
CA SER E 159 -52.95 -9.81 -39.10
C SER E 159 -54.11 -9.60 -38.15
N PHE E 160 -53.87 -8.76 -37.13
CA PHE E 160 -54.84 -8.34 -36.13
C PHE E 160 -55.65 -9.48 -35.51
N VAL E 161 -54.96 -10.53 -35.02
CA VAL E 161 -55.65 -11.61 -34.33
C VAL E 161 -56.05 -11.08 -32.95
N ARG E 162 -57.35 -11.12 -32.65
CA ARG E 162 -57.88 -10.60 -31.39
C ARG E 162 -58.46 -11.66 -30.46
N LYS E 163 -58.67 -12.88 -30.95
CA LYS E 163 -59.28 -13.95 -30.16
C LYS E 163 -59.09 -15.30 -30.87
N ALA E 164 -59.31 -16.41 -30.16
CA ALA E 164 -59.15 -17.75 -30.71
C ALA E 164 -60.01 -17.98 -31.96
N SER E 165 -61.22 -17.42 -32.01
CA SER E 165 -62.11 -17.62 -33.17
C SER E 165 -61.55 -17.01 -34.45
N ASP E 166 -60.68 -15.99 -34.35
CA ASP E 166 -60.03 -15.40 -35.52
C ASP E 166 -59.07 -16.44 -36.14
N VAL E 167 -58.37 -17.21 -35.31
CA VAL E 167 -57.44 -18.23 -35.77
C VAL E 167 -58.23 -19.36 -36.44
N ALA E 168 -59.34 -19.79 -35.81
CA ALA E 168 -60.21 -20.84 -36.38
C ALA E 168 -60.72 -20.44 -37.75
N ALA E 169 -61.10 -19.16 -37.92
CA ALA E 169 -61.57 -18.66 -39.22
C ALA E 169 -60.46 -18.73 -40.28
N VAL E 170 -59.22 -18.39 -39.93
CA VAL E 170 -58.10 -18.47 -40.88
C VAL E 170 -57.87 -19.94 -41.27
N ARG E 171 -57.90 -20.83 -40.29
CA ARG E 171 -57.70 -22.26 -40.52
C ARG E 171 -58.80 -22.81 -41.47
N ALA E 172 -60.06 -22.40 -41.26
CA ALA E 172 -61.19 -22.82 -42.11
C ALA E 172 -61.01 -22.30 -43.53
N ALA E 173 -60.56 -21.04 -43.68
CA ALA E 173 -60.31 -20.44 -44.99
C ALA E 173 -59.15 -21.10 -45.76
N LEU E 174 -58.24 -21.78 -45.06
CA LEU E 174 -57.15 -22.50 -45.73
C LEU E 174 -57.65 -23.85 -46.34
N GLY E 175 -58.82 -24.32 -45.90
CA GLY E 175 -59.45 -25.53 -46.42
C GLY E 175 -58.75 -26.82 -46.09
N PRO E 176 -59.22 -27.91 -46.74
CA PRO E 176 -58.63 -29.23 -46.48
C PRO E 176 -57.22 -29.37 -47.05
N GLU E 177 -56.87 -28.62 -48.11
CA GLU E 177 -55.54 -28.70 -48.70
C GLU E 177 -54.47 -27.88 -47.95
N GLY E 178 -54.88 -26.99 -47.04
CA GLY E 178 -53.95 -26.15 -46.31
C GLY E 178 -53.77 -26.53 -44.84
N HIS E 179 -54.05 -27.79 -44.49
CA HIS E 179 -53.93 -28.27 -43.11
CA HIS E 179 -53.93 -28.28 -43.11
C HIS E 179 -52.49 -28.19 -42.57
N GLY E 180 -51.51 -28.31 -43.46
CA GLY E 180 -50.10 -28.29 -43.06
C GLY E 180 -49.47 -26.92 -42.90
N ILE E 181 -50.17 -25.85 -43.32
CA ILE E 181 -49.65 -24.50 -43.23
C ILE E 181 -49.63 -24.01 -41.78
N LYS E 182 -48.51 -23.41 -41.34
CA LYS E 182 -48.40 -22.89 -39.98
C LYS E 182 -49.10 -21.54 -39.89
N ILE E 183 -49.88 -21.34 -38.83
CA ILE E 183 -50.55 -20.07 -38.62
C ILE E 183 -49.86 -19.34 -37.48
N ILE E 184 -49.21 -18.23 -37.80
CA ILE E 184 -48.52 -17.39 -36.82
C ILE E 184 -49.44 -16.21 -36.60
N SER E 185 -50.03 -16.09 -35.40
CA SER E 185 -50.94 -14.99 -35.12
C SER E 185 -50.18 -13.69 -34.80
N LYS E 186 -50.53 -12.60 -35.49
CA LYS E 186 -49.93 -11.32 -35.25
C LYS E 186 -50.73 -10.61 -34.16
N ILE E 187 -50.05 -10.21 -33.08
CA ILE E 187 -50.68 -9.51 -31.96
C ILE E 187 -50.38 -8.04 -32.19
N GLU E 188 -51.42 -7.26 -32.46
CA GLU E 188 -51.27 -5.86 -32.88
C GLU E 188 -52.09 -4.85 -32.10
N ASN E 189 -52.85 -5.28 -31.10
CA ASN E 189 -53.69 -4.34 -30.34
C ASN E 189 -53.92 -4.79 -28.90
N HIS E 190 -54.60 -3.97 -28.08
CA HIS E 190 -54.85 -4.28 -26.68
C HIS E 190 -55.60 -5.60 -26.48
N GLU E 191 -56.63 -5.87 -27.31
CA GLU E 191 -57.40 -7.11 -27.17
C GLU E 191 -56.56 -8.36 -27.41
N GLY E 192 -55.72 -8.34 -28.45
CA GLY E 192 -54.81 -9.45 -28.74
C GLY E 192 -53.86 -9.71 -27.58
N VAL E 193 -53.34 -8.65 -26.95
CA VAL E 193 -52.44 -8.81 -25.80
C VAL E 193 -53.22 -9.41 -24.61
N LYS E 194 -54.41 -8.88 -24.30
CA LYS E 194 -55.22 -9.38 -23.19
C LYS E 194 -55.71 -10.83 -23.37
N ARG E 195 -56.05 -11.19 -24.61
CA ARG E 195 -56.49 -12.54 -24.91
C ARG E 195 -55.35 -13.43 -25.46
N PHE E 196 -54.09 -13.06 -25.18
CA PHE E 196 -52.93 -13.79 -25.65
C PHE E 196 -52.95 -15.30 -25.38
N ASP E 197 -53.25 -15.72 -24.15
CA ASP E 197 -53.24 -17.14 -23.82
C ASP E 197 -54.16 -17.98 -24.69
N GLU E 198 -55.38 -17.49 -24.94
CA GLU E 198 -56.32 -18.23 -25.78
C GLU E 198 -55.88 -18.25 -27.23
N ILE E 199 -55.23 -17.16 -27.71
CA ILE E 199 -54.74 -17.09 -29.08
C ILE E 199 -53.56 -18.04 -29.26
N LEU E 200 -52.59 -18.02 -28.34
CA LEU E 200 -51.40 -18.88 -28.44
C LEU E 200 -51.78 -20.36 -28.42
N GLU E 201 -52.77 -20.72 -27.60
CA GLU E 201 -53.23 -22.10 -27.46
CA GLU E 201 -53.23 -22.10 -27.46
C GLU E 201 -53.61 -22.72 -28.81
N VAL E 202 -54.29 -21.96 -29.67
CA VAL E 202 -54.72 -22.47 -30.97
C VAL E 202 -53.83 -22.07 -32.15
N SER E 203 -52.77 -21.28 -31.92
CA SER E 203 -51.88 -20.86 -33.00
C SER E 203 -50.64 -21.73 -33.03
N ASP E 204 -49.95 -21.75 -34.18
CA ASP E 204 -48.66 -22.44 -34.26
C ASP E 204 -47.52 -21.57 -33.64
N GLY E 205 -47.73 -20.27 -33.58
CA GLY E 205 -46.77 -19.32 -33.05
C GLY E 205 -47.32 -17.91 -33.06
N ILE E 206 -46.47 -16.92 -32.70
CA ILE E 206 -46.92 -15.55 -32.56
C ILE E 206 -45.95 -14.59 -33.23
N MET E 207 -46.47 -13.45 -33.72
CA MET E 207 -45.63 -12.37 -34.18
C MET E 207 -45.96 -11.14 -33.31
N VAL E 208 -44.92 -10.52 -32.72
CA VAL E 208 -45.10 -9.28 -31.96
C VAL E 208 -45.02 -8.19 -33.02
N ALA E 209 -46.18 -7.76 -33.53
CA ALA E 209 -46.28 -6.80 -34.63
C ALA E 209 -46.24 -5.41 -34.03
N ARG E 210 -45.02 -4.92 -33.75
CA ARG E 210 -44.82 -3.67 -33.01
C ARG E 210 -45.29 -2.39 -33.71
N GLY E 211 -45.43 -2.40 -35.03
CA GLY E 211 -45.91 -1.24 -35.78
C GLY E 211 -47.27 -0.79 -35.31
N ASP E 212 -48.28 -1.66 -35.53
CA ASP E 212 -49.63 -1.38 -35.07
C ASP E 212 -49.73 -1.40 -33.55
N LEU E 213 -49.01 -2.30 -32.87
CA LEU E 213 -49.06 -2.37 -31.40
C LEU E 213 -48.66 -1.04 -30.77
N GLY E 214 -47.64 -0.40 -31.32
CA GLY E 214 -47.14 0.91 -30.86
C GLY E 214 -48.05 2.09 -31.12
N ILE E 215 -49.11 1.89 -31.91
CA ILE E 215 -50.14 2.90 -32.18
C ILE E 215 -51.42 2.56 -31.39
N GLU E 216 -51.71 1.26 -31.20
CA GLU E 216 -52.90 0.78 -30.49
C GLU E 216 -52.76 0.90 -28.98
N ILE E 217 -51.54 0.71 -28.46
CA ILE E 217 -51.28 0.88 -27.02
C ILE E 217 -50.18 1.96 -26.87
N PRO E 218 -50.00 2.56 -25.69
CA PRO E 218 -48.92 3.58 -25.55
C PRO E 218 -47.56 3.02 -26.02
N ALA E 219 -46.82 3.81 -26.79
CA ALA E 219 -45.54 3.37 -27.34
C ALA E 219 -44.55 2.89 -26.28
N GLU E 220 -44.59 3.50 -25.10
CA GLU E 220 -43.70 3.15 -24.00
C GLU E 220 -44.05 1.82 -23.33
N LYS E 221 -45.15 1.17 -23.72
CA LYS E 221 -45.56 -0.12 -23.14
C LYS E 221 -45.28 -1.30 -24.08
N VAL E 222 -44.90 -1.05 -25.33
CA VAL E 222 -44.66 -2.12 -26.30
C VAL E 222 -43.60 -3.12 -25.83
N PHE E 223 -42.51 -2.65 -25.19
CA PHE E 223 -41.47 -3.56 -24.72
C PHE E 223 -42.01 -4.57 -23.66
N LEU E 224 -43.02 -4.15 -22.86
CA LEU E 224 -43.63 -5.05 -21.86
C LEU E 224 -44.40 -6.15 -22.59
N ALA E 225 -45.20 -5.79 -23.60
CA ALA E 225 -45.95 -6.76 -24.40
C ALA E 225 -44.98 -7.69 -25.14
N GLN E 226 -43.89 -7.16 -25.69
CA GLN E 226 -42.90 -7.98 -26.40
C GLN E 226 -42.25 -9.00 -25.46
N LYS E 227 -41.75 -8.55 -24.30
CA LYS E 227 -41.08 -9.43 -23.36
C LYS E 227 -42.01 -10.50 -22.78
N MET E 228 -43.26 -10.11 -22.49
CA MET E 228 -44.29 -11.02 -21.99
C MET E 228 -44.61 -12.09 -23.04
N MET E 229 -44.87 -11.70 -24.29
CA MET E 229 -45.25 -12.65 -25.33
C MET E 229 -44.11 -13.57 -25.68
N ILE E 230 -42.87 -13.05 -25.72
CA ILE E 230 -41.71 -13.89 -26.00
C ILE E 230 -41.53 -14.92 -24.87
N GLY E 231 -41.65 -14.48 -23.62
CA GLY E 231 -41.55 -15.36 -22.45
C GLY E 231 -42.61 -16.45 -22.49
N ARG E 232 -43.88 -16.10 -22.79
CA ARG E 232 -44.95 -17.11 -22.84
C ARG E 232 -44.79 -18.08 -23.98
N CYS E 233 -44.31 -17.62 -25.15
CA CYS E 233 -44.04 -18.52 -26.27
C CYS E 233 -42.89 -19.44 -25.94
N ASN E 234 -41.84 -18.93 -25.26
CA ASN E 234 -40.72 -19.76 -24.86
C ASN E 234 -41.20 -20.86 -23.88
N LEU E 235 -42.09 -20.50 -22.97
CA LEU E 235 -42.65 -21.45 -22.01
C LEU E 235 -43.51 -22.51 -22.72
N ALA E 236 -44.28 -22.10 -23.73
CA ALA E 236 -45.12 -23.02 -24.51
C ALA E 236 -44.33 -23.85 -25.55
N GLY E 237 -43.08 -23.48 -25.81
CA GLY E 237 -42.28 -24.16 -26.81
C GLY E 237 -42.79 -23.85 -28.22
N LYS E 238 -43.36 -22.64 -28.44
CA LYS E 238 -43.89 -22.26 -29.77
C LYS E 238 -43.12 -21.05 -30.33
N PRO E 239 -42.91 -21.02 -31.66
CA PRO E 239 -42.13 -19.91 -32.23
C PRO E 239 -42.70 -18.52 -32.03
N VAL E 240 -41.81 -17.55 -31.80
CA VAL E 240 -42.22 -16.17 -31.65
C VAL E 240 -41.31 -15.30 -32.52
N VAL E 241 -41.92 -14.38 -33.27
CA VAL E 241 -41.20 -13.48 -34.16
C VAL E 241 -41.24 -12.08 -33.58
N CYS E 242 -40.09 -11.38 -33.55
CA CYS E 242 -40.09 -9.97 -33.17
C CYS E 242 -40.07 -9.20 -34.50
N ALA E 243 -40.95 -8.20 -34.65
CA ALA E 243 -41.06 -7.51 -35.92
C ALA E 243 -41.19 -6.01 -35.82
N THR E 244 -40.80 -5.30 -36.90
CA THR E 244 -41.06 -3.91 -37.26
C THR E 244 -40.10 -2.89 -36.66
N GLN E 245 -39.49 -2.11 -37.58
CA GLN E 245 -38.57 -1.01 -37.30
C GLN E 245 -37.30 -1.43 -36.56
N MET E 246 -36.91 -2.71 -36.68
CA MET E 246 -35.70 -3.20 -36.02
C MET E 246 -34.45 -2.49 -36.54
N LEU E 247 -34.36 -2.25 -37.86
CA LEU E 247 -33.22 -1.55 -38.47
C LEU E 247 -33.76 -0.44 -39.41
N GLU E 248 -34.82 0.24 -38.99
CA GLU E 248 -35.53 1.23 -39.79
C GLU E 248 -34.65 2.25 -40.53
N SER E 249 -33.66 2.87 -39.86
CA SER E 249 -32.81 3.86 -40.51
C SER E 249 -32.06 3.30 -41.73
N MET E 250 -31.87 1.96 -41.80
CA MET E 250 -31.19 1.35 -42.95
C MET E 250 -32.03 1.39 -44.24
N ILE E 251 -33.24 1.97 -44.20
CA ILE E 251 -34.04 2.15 -45.42
C ILE E 251 -33.30 3.19 -46.30
N THR E 252 -32.66 4.21 -45.67
CA THR E 252 -31.89 5.21 -46.39
C THR E 252 -30.39 5.23 -46.06
N LYS E 253 -29.96 4.70 -44.91
CA LYS E 253 -28.56 4.76 -44.52
C LYS E 253 -27.86 3.41 -44.56
N PRO E 254 -26.56 3.37 -44.88
CA PRO E 254 -25.86 2.08 -44.96
C PRO E 254 -25.58 1.39 -43.62
N ARG E 255 -25.61 2.17 -42.52
CA ARG E 255 -25.35 1.63 -41.19
C ARG E 255 -26.52 1.98 -40.27
N PRO E 256 -26.85 1.09 -39.33
CA PRO E 256 -27.98 1.38 -38.43
C PRO E 256 -27.58 2.27 -37.25
N THR E 257 -28.59 2.75 -36.49
CA THR E 257 -28.29 3.54 -35.31
C THR E 257 -27.90 2.60 -34.15
N ARG E 258 -27.37 3.18 -33.04
CA ARG E 258 -27.01 2.40 -31.85
C ARG E 258 -28.25 1.77 -31.22
N ALA E 259 -29.41 2.43 -31.32
CA ALA E 259 -30.66 1.87 -30.76
C ALA E 259 -31.13 0.67 -31.57
N GLU E 260 -30.93 0.68 -32.87
CA GLU E 260 -31.35 -0.40 -33.74
C GLU E 260 -30.55 -1.67 -33.54
N THR E 261 -29.20 -1.57 -33.40
CA THR E 261 -28.41 -2.78 -33.13
C THR E 261 -28.76 -3.34 -31.76
N SER E 262 -28.99 -2.45 -30.79
CA SER E 262 -29.39 -2.84 -29.44
C SER E 262 -30.75 -3.57 -29.51
N ASP E 263 -31.70 -3.04 -30.26
CA ASP E 263 -33.04 -3.65 -30.41
C ASP E 263 -32.97 -5.08 -30.95
N VAL E 264 -32.15 -5.31 -31.99
CA VAL E 264 -31.99 -6.65 -32.55
C VAL E 264 -31.36 -7.59 -31.52
N ALA E 265 -30.28 -7.15 -30.87
CA ALA E 265 -29.60 -7.98 -29.88
C ALA E 265 -30.52 -8.32 -28.72
N ASN E 266 -31.32 -7.35 -28.25
CA ASN E 266 -32.23 -7.56 -27.15
C ASN E 266 -33.40 -8.45 -27.53
N ALA E 267 -33.85 -8.45 -28.79
CA ALA E 267 -34.93 -9.37 -29.22
C ALA E 267 -34.39 -10.82 -29.10
N VAL E 268 -33.15 -11.06 -29.51
CA VAL E 268 -32.53 -12.38 -29.39
C VAL E 268 -32.36 -12.77 -27.91
N LEU E 269 -31.81 -11.86 -27.09
CA LEU E 269 -31.65 -12.12 -25.67
C LEU E 269 -32.99 -12.34 -24.97
N ASP E 270 -34.07 -11.65 -25.41
CA ASP E 270 -35.44 -11.83 -24.85
C ASP E 270 -35.93 -13.28 -25.07
N GLY E 271 -35.49 -13.91 -26.18
CA GLY E 271 -35.86 -15.27 -26.51
C GLY E 271 -36.57 -15.43 -27.86
N ALA E 272 -36.52 -14.41 -28.73
CA ALA E 272 -37.22 -14.49 -30.03
C ALA E 272 -36.65 -15.60 -30.89
N ASP E 273 -37.52 -16.39 -31.53
CA ASP E 273 -37.05 -17.42 -32.45
C ASP E 273 -36.66 -16.80 -33.80
N CYS E 274 -37.38 -15.75 -34.23
CA CYS E 274 -37.12 -15.07 -35.50
C CYS E 274 -37.09 -13.56 -35.31
N ILE E 275 -36.35 -12.90 -36.18
CA ILE E 275 -36.35 -11.44 -36.26
C ILE E 275 -36.75 -11.08 -37.70
N MET E 276 -37.37 -9.92 -37.89
CA MET E 276 -37.91 -9.55 -39.19
C MET E 276 -37.45 -8.19 -39.71
N LEU E 277 -37.45 -8.07 -41.05
CA LEU E 277 -37.16 -6.84 -41.77
C LEU E 277 -38.40 -6.57 -42.64
N SER E 278 -38.89 -5.34 -42.63
CA SER E 278 -40.07 -4.96 -43.39
C SER E 278 -39.65 -3.99 -44.49
N GLY E 279 -39.80 -2.67 -44.27
CA GLY E 279 -39.39 -1.68 -45.25
C GLY E 279 -37.92 -1.74 -45.58
N GLU E 280 -37.08 -2.22 -44.61
CA GLU E 280 -35.63 -2.34 -44.80
C GLU E 280 -35.28 -3.19 -46.02
N THR E 281 -36.12 -4.19 -46.36
CA THR E 281 -35.90 -5.06 -47.52
C THR E 281 -36.96 -4.87 -48.61
N ALA E 282 -38.18 -4.44 -48.25
CA ALA E 282 -39.25 -4.27 -49.22
C ALA E 282 -39.01 -3.04 -50.11
N LYS E 283 -38.60 -1.91 -49.50
CA LYS E 283 -38.38 -0.69 -50.27
C LYS E 283 -37.06 0.01 -50.04
N GLY E 284 -36.20 -0.54 -49.19
CA GLY E 284 -34.97 0.12 -48.82
C GLY E 284 -33.85 0.13 -49.84
N ASN E 285 -32.86 0.97 -49.59
CA ASN E 285 -31.69 1.14 -50.43
C ASN E 285 -30.58 0.16 -50.12
N PHE E 286 -30.63 -0.51 -48.94
CA PHE E 286 -29.62 -1.48 -48.54
C PHE E 286 -30.25 -2.81 -48.04
N PRO E 287 -31.12 -3.48 -48.84
CA PRO E 287 -31.76 -4.72 -48.36
C PRO E 287 -30.79 -5.82 -47.98
N VAL E 288 -29.74 -6.04 -48.77
CA VAL E 288 -28.78 -7.10 -48.48
C VAL E 288 -27.99 -6.77 -47.21
N GLU E 289 -27.57 -5.49 -47.08
CA GLU E 289 -26.82 -5.05 -45.91
C GLU E 289 -27.68 -5.16 -44.62
N ALA E 290 -29.00 -4.94 -44.72
CA ALA E 290 -29.90 -5.05 -43.57
C ALA E 290 -29.95 -6.51 -43.10
N VAL E 291 -29.99 -7.47 -44.04
CA VAL E 291 -29.98 -8.89 -43.70
C VAL E 291 -28.64 -9.24 -43.06
N LYS E 292 -27.52 -8.75 -43.65
CA LYS E 292 -26.19 -9.00 -43.12
C LYS E 292 -26.04 -8.46 -41.70
N MET E 293 -26.63 -7.29 -41.43
CA MET E 293 -26.53 -6.68 -40.10
C MET E 293 -27.31 -7.50 -39.08
N GLN E 294 -28.53 -7.95 -39.42
CA GLN E 294 -29.30 -8.82 -38.52
C GLN E 294 -28.57 -10.12 -38.28
N HIS E 295 -27.92 -10.67 -39.31
CA HIS E 295 -27.15 -11.90 -39.14
C HIS E 295 -25.99 -11.70 -38.16
N ALA E 296 -25.21 -10.63 -38.34
CA ALA E 296 -24.05 -10.35 -37.49
C ALA E 296 -24.42 -10.08 -36.04
N ILE E 297 -25.50 -9.30 -35.81
CA ILE E 297 -25.93 -9.02 -34.44
C ILE E 297 -26.46 -10.30 -33.77
N ALA E 298 -27.31 -11.07 -34.46
CA ALA E 298 -27.88 -12.29 -33.91
C ALA E 298 -26.83 -13.27 -33.46
N ARG E 299 -25.77 -13.44 -34.24
CA ARG E 299 -24.68 -14.34 -33.89
C ARG E 299 -24.00 -13.90 -32.58
N GLU E 300 -23.73 -12.58 -32.44
CA GLU E 300 -23.10 -12.05 -31.24
C GLU E 300 -24.03 -12.22 -30.03
N ALA E 301 -25.33 -11.91 -30.20
CA ALA E 301 -26.31 -12.00 -29.11
C ALA E 301 -26.55 -13.42 -28.67
N GLU E 302 -26.55 -14.40 -29.58
CA GLU E 302 -26.77 -15.80 -29.22
C GLU E 302 -25.64 -16.33 -28.35
N ALA E 303 -24.41 -15.92 -28.61
CA ALA E 303 -23.28 -16.31 -27.74
C ALA E 303 -23.39 -15.68 -26.35
N ALA E 304 -24.03 -14.51 -26.24
CA ALA E 304 -24.23 -13.79 -24.97
C ALA E 304 -25.41 -14.27 -24.15
N VAL E 305 -26.17 -15.26 -24.64
CA VAL E 305 -27.30 -15.80 -23.87
C VAL E 305 -26.72 -16.53 -22.63
N TYR E 306 -27.29 -16.32 -21.45
CA TYR E 306 -26.83 -16.97 -20.23
C TYR E 306 -27.52 -18.34 -20.12
N HIS E 307 -27.02 -19.34 -20.83
CA HIS E 307 -27.64 -20.67 -20.88
C HIS E 307 -27.75 -21.36 -19.55
N ARG E 308 -26.84 -21.12 -18.62
CA ARG E 308 -26.90 -21.73 -17.30
C ARG E 308 -28.24 -21.43 -16.59
N GLN E 309 -28.68 -20.18 -16.62
CA GLN E 309 -29.95 -19.82 -16.02
C GLN E 309 -31.11 -20.19 -16.94
N LEU E 310 -30.97 -19.91 -18.24
CA LEU E 310 -32.04 -20.18 -19.20
C LEU E 310 -32.44 -21.64 -19.24
N PHE E 311 -31.48 -22.57 -19.35
CA PHE E 311 -31.78 -24.00 -19.38
C PHE E 311 -32.42 -24.41 -18.08
N GLU E 312 -31.89 -23.95 -16.93
CA GLU E 312 -32.45 -24.30 -15.63
CA GLU E 312 -32.48 -24.31 -15.64
C GLU E 312 -33.91 -23.86 -15.52
N GLU E 313 -34.21 -22.64 -15.94
CA GLU E 313 -35.57 -22.12 -15.87
C GLU E 313 -36.52 -22.81 -16.88
N LEU E 314 -36.03 -23.12 -18.07
CA LEU E 314 -36.88 -23.80 -19.08
C LEU E 314 -37.17 -25.22 -18.62
N ARG E 315 -36.14 -25.92 -18.17
CA ARG E 315 -36.22 -27.28 -17.66
C ARG E 315 -37.20 -27.35 -16.46
N ARG E 316 -37.15 -26.34 -15.57
CA ARG E 316 -38.00 -26.28 -14.39
C ARG E 316 -39.46 -25.97 -14.72
N ALA E 317 -39.70 -25.02 -15.62
CA ALA E 317 -41.05 -24.63 -15.98
C ALA E 317 -41.75 -25.58 -16.94
N ALA E 318 -41.00 -26.38 -17.76
CA ALA E 318 -41.59 -27.33 -18.71
C ALA E 318 -42.22 -28.46 -17.92
N PRO E 319 -43.49 -28.78 -18.15
CA PRO E 319 -44.16 -29.77 -17.33
C PRO E 319 -43.61 -31.16 -17.46
N LEU E 320 -43.87 -32.03 -16.47
CA LEU E 320 -43.49 -33.43 -16.55
C LEU E 320 -44.29 -34.06 -17.69
N SER E 321 -43.70 -35.03 -18.36
CA SER E 321 -44.35 -35.62 -19.52
C SER E 321 -44.10 -37.07 -19.65
N ARG E 322 -45.09 -37.81 -20.16
CA ARG E 322 -44.93 -39.21 -20.48
CA ARG E 322 -44.89 -39.21 -20.48
C ARG E 322 -44.79 -39.44 -22.01
N ASP E 323 -44.62 -38.36 -22.79
CA ASP E 323 -44.47 -38.43 -24.24
C ASP E 323 -42.98 -38.75 -24.49
N PRO E 324 -42.65 -39.87 -25.14
CA PRO E 324 -41.24 -40.21 -25.34
C PRO E 324 -40.43 -39.18 -26.14
N THR E 325 -41.04 -38.44 -27.08
CA THR E 325 -40.33 -37.42 -27.83
C THR E 325 -39.87 -36.30 -26.88
N GLU E 326 -40.76 -35.85 -26.00
CA GLU E 326 -40.50 -34.80 -25.02
C GLU E 326 -39.40 -35.28 -24.03
N VAL E 327 -39.51 -36.53 -23.57
CA VAL E 327 -38.55 -37.11 -22.63
C VAL E 327 -37.16 -37.24 -23.28
N THR E 328 -37.11 -37.74 -24.53
CA THR E 328 -35.84 -37.86 -25.24
C THR E 328 -35.23 -36.48 -25.49
N ALA E 329 -36.06 -35.48 -25.86
CA ALA E 329 -35.56 -34.13 -26.14
C ALA E 329 -34.81 -33.52 -24.95
N ILE E 330 -35.37 -33.61 -23.74
CA ILE E 330 -34.68 -33.02 -22.57
C ILE E 330 -33.42 -33.82 -22.22
N GLY E 331 -33.46 -35.14 -22.37
CA GLY E 331 -32.28 -35.97 -22.15
C GLY E 331 -31.17 -35.64 -23.15
N ALA E 332 -31.54 -35.39 -24.42
CA ALA E 332 -30.57 -35.04 -25.47
C ALA E 332 -29.95 -33.67 -25.23
N VAL E 333 -30.76 -32.67 -24.82
CA VAL E 333 -30.23 -31.34 -24.57
C VAL E 333 -29.31 -31.37 -23.32
N GLU E 334 -29.69 -32.14 -22.29
CA GLU E 334 -28.85 -32.29 -21.10
C GLU E 334 -27.52 -32.93 -21.48
N ALA E 335 -27.55 -33.98 -22.30
CA ALA E 335 -26.35 -34.66 -22.76
C ALA E 335 -25.47 -33.72 -23.59
N ALA E 336 -26.07 -32.92 -24.49
CA ALA E 336 -25.33 -31.98 -25.33
C ALA E 336 -24.55 -30.95 -24.47
N PHE E 337 -25.19 -30.42 -23.41
CA PHE E 337 -24.53 -29.46 -22.52
C PHE E 337 -23.37 -30.12 -21.75
N LYS E 338 -23.53 -31.36 -21.32
CA LYS E 338 -22.54 -32.11 -20.57
C LYS E 338 -21.22 -32.30 -21.33
N CYS E 339 -21.30 -32.51 -22.66
CA CYS E 339 -20.10 -32.74 -23.45
C CYS E 339 -19.76 -31.61 -24.39
N CYS E 340 -20.46 -30.46 -24.34
CA CYS E 340 -20.24 -29.35 -25.28
C CYS E 340 -20.40 -29.85 -26.71
N ALA E 341 -21.45 -30.68 -26.95
CA ALA E 341 -21.68 -31.26 -28.27
C ALA E 341 -21.75 -30.19 -29.35
N ALA E 342 -21.12 -30.45 -30.48
CA ALA E 342 -21.15 -29.49 -31.59
C ALA E 342 -22.56 -29.43 -32.21
N ALA E 343 -23.31 -30.56 -32.17
CA ALA E 343 -24.64 -30.60 -32.75
C ALA E 343 -25.51 -31.72 -32.18
N ILE E 344 -26.82 -31.58 -32.33
CA ILE E 344 -27.80 -32.60 -32.05
C ILE E 344 -28.40 -32.90 -33.43
N ILE E 345 -28.18 -34.11 -33.97
CA ILE E 345 -28.73 -34.48 -35.26
C ILE E 345 -30.04 -35.21 -35.01
N VAL E 346 -31.14 -34.71 -35.56
CA VAL E 346 -32.44 -35.31 -35.33
C VAL E 346 -33.15 -35.64 -36.64
N LEU E 347 -33.79 -36.81 -36.68
CA LEU E 347 -34.59 -37.19 -37.84
C LEU E 347 -36.00 -36.77 -37.54
N THR E 348 -36.66 -36.09 -38.47
CA THR E 348 -38.02 -35.61 -38.25
C THR E 348 -38.85 -35.60 -39.53
N THR E 349 -40.13 -35.93 -39.41
CA THR E 349 -41.04 -35.95 -40.55
C THR E 349 -41.79 -34.63 -40.64
N THR E 350 -42.36 -34.18 -39.51
CA THR E 350 -43.14 -32.94 -39.45
C THR E 350 -42.37 -31.74 -38.88
N GLY E 351 -41.19 -31.97 -38.31
CA GLY E 351 -40.43 -30.94 -37.63
C GLY E 351 -40.60 -30.97 -36.11
N ARG E 352 -41.61 -31.71 -35.59
CA ARG E 352 -41.91 -31.73 -34.16
C ARG E 352 -40.74 -32.17 -33.25
N SER E 353 -39.99 -33.23 -33.61
CA SER E 353 -38.87 -33.67 -32.76
C SER E 353 -37.81 -32.57 -32.66
N ALA E 354 -37.60 -31.79 -33.74
CA ALA E 354 -36.63 -30.69 -33.73
C ALA E 354 -37.14 -29.52 -32.90
N GLN E 355 -38.46 -29.24 -32.97
CA GLN E 355 -39.06 -28.16 -32.21
C GLN E 355 -38.95 -28.46 -30.69
N LEU E 356 -39.14 -29.71 -30.28
CA LEU E 356 -39.03 -30.08 -28.87
C LEU E 356 -37.60 -29.99 -28.35
N LEU E 357 -36.60 -30.16 -29.22
CA LEU E 357 -35.21 -29.98 -28.81
C LEU E 357 -34.96 -28.46 -28.70
N SER E 358 -35.41 -27.68 -29.70
CA SER E 358 -35.25 -26.23 -29.76
CA SER E 358 -35.23 -26.22 -29.74
C SER E 358 -35.83 -25.49 -28.54
N ARG E 359 -36.94 -25.98 -27.98
CA ARG E 359 -37.58 -25.34 -26.84
C ARG E 359 -36.67 -25.28 -25.61
N TYR E 360 -35.68 -26.18 -25.50
CA TYR E 360 -34.74 -26.17 -24.39
C TYR E 360 -33.50 -25.30 -24.64
N ARG E 361 -33.47 -24.59 -25.78
CA ARG E 361 -32.41 -23.70 -26.18
C ARG E 361 -31.00 -24.28 -25.99
N PRO E 362 -30.69 -25.43 -26.63
CA PRO E 362 -29.32 -25.94 -26.54
C PRO E 362 -28.35 -24.98 -27.21
N ARG E 363 -27.11 -24.97 -26.75
CA ARG E 363 -26.04 -24.25 -27.43
C ARG E 363 -25.69 -25.03 -28.72
N ALA E 364 -25.78 -26.37 -28.70
CA ALA E 364 -25.52 -27.21 -29.85
C ALA E 364 -26.56 -26.94 -30.95
N ALA E 365 -26.11 -26.87 -32.19
CA ALA E 365 -27.00 -26.68 -33.35
C ALA E 365 -27.89 -27.91 -33.48
N VAL E 366 -29.17 -27.72 -33.80
CA VAL E 366 -30.06 -28.86 -34.00
C VAL E 366 -30.15 -29.07 -35.53
N ILE E 367 -29.47 -30.09 -36.04
CA ILE E 367 -29.48 -30.39 -37.46
C ILE E 367 -30.65 -31.34 -37.75
N ALA E 368 -31.70 -30.83 -38.40
CA ALA E 368 -32.91 -31.61 -38.62
C ALA E 368 -32.93 -32.22 -40.02
N VAL E 369 -32.83 -33.53 -40.11
CA VAL E 369 -32.84 -34.23 -41.40
C VAL E 369 -34.23 -34.68 -41.70
N THR E 370 -34.78 -34.19 -42.81
CA THR E 370 -36.15 -34.54 -43.19
C THR E 370 -36.31 -34.78 -44.69
N ARG E 371 -37.28 -35.61 -45.06
CA ARG E 371 -37.63 -35.81 -46.48
C ARG E 371 -38.71 -34.80 -46.90
N SER E 372 -39.42 -34.17 -45.94
CA SER E 372 -40.49 -33.23 -46.24
C SER E 372 -39.91 -31.86 -46.57
N ALA E 373 -40.04 -31.42 -47.83
CA ALA E 373 -39.57 -30.09 -48.25
C ALA E 373 -40.28 -28.99 -47.46
N GLN E 374 -41.57 -29.17 -47.21
CA GLN E 374 -42.33 -28.19 -46.46
C GLN E 374 -41.86 -28.12 -44.99
N ALA E 375 -41.63 -29.29 -44.34
CA ALA E 375 -41.15 -29.29 -42.95
C ALA E 375 -39.77 -28.63 -42.87
N ALA E 376 -38.91 -28.88 -43.86
CA ALA E 376 -37.58 -28.26 -43.91
C ALA E 376 -37.69 -26.73 -43.96
N ARG E 377 -38.66 -26.19 -44.71
CA ARG E 377 -38.86 -24.75 -44.78
C ARG E 377 -39.47 -24.21 -43.48
N GLN E 378 -40.49 -24.89 -42.94
CA GLN E 378 -41.17 -24.45 -41.74
C GLN E 378 -40.32 -24.48 -40.45
N VAL E 379 -39.34 -25.39 -40.33
CA VAL E 379 -38.54 -25.47 -39.08
C VAL E 379 -37.64 -24.25 -38.88
N HIS E 380 -37.54 -23.37 -39.90
CA HIS E 380 -36.84 -22.09 -39.75
C HIS E 380 -37.54 -21.24 -38.67
N LEU E 381 -38.83 -21.52 -38.36
CA LEU E 381 -39.53 -20.77 -37.32
C LEU E 381 -38.94 -21.08 -35.92
N CYS E 382 -38.24 -22.21 -35.72
CA CYS E 382 -37.70 -22.62 -34.43
C CYS E 382 -36.24 -22.28 -34.29
N ARG E 383 -35.87 -21.51 -33.25
CA ARG E 383 -34.47 -21.13 -33.08
C ARG E 383 -33.52 -22.31 -33.00
N GLY E 384 -32.41 -22.22 -33.71
CA GLY E 384 -31.37 -23.22 -33.63
C GLY E 384 -31.61 -24.50 -34.41
N VAL E 385 -32.62 -24.51 -35.27
CA VAL E 385 -32.87 -25.69 -36.11
C VAL E 385 -32.37 -25.40 -37.51
N PHE E 386 -31.45 -26.23 -38.00
CA PHE E 386 -30.83 -26.12 -39.31
C PHE E 386 -31.36 -27.27 -40.16
N PRO E 387 -32.33 -26.98 -41.04
CA PRO E 387 -32.94 -28.05 -41.84
C PRO E 387 -32.07 -28.57 -42.97
N LEU E 388 -32.05 -29.90 -43.15
CA LEU E 388 -31.37 -30.54 -44.27
C LEU E 388 -32.42 -31.38 -44.98
N LEU E 389 -32.68 -31.06 -46.26
CA LEU E 389 -33.66 -31.80 -47.04
C LEU E 389 -32.97 -33.01 -47.67
N TYR E 390 -33.42 -34.21 -47.30
CA TYR E 390 -32.86 -35.46 -47.79
C TYR E 390 -33.67 -35.92 -49.02
N ARG E 391 -33.00 -36.13 -50.17
CA ARG E 391 -33.71 -36.48 -51.40
C ARG E 391 -33.50 -37.94 -51.88
N GLU E 392 -32.69 -38.74 -51.17
CA GLU E 392 -32.40 -40.10 -51.59
CA GLU E 392 -32.40 -40.10 -51.61
C GLU E 392 -33.56 -41.07 -51.38
N PRO E 393 -33.72 -42.05 -52.29
CA PRO E 393 -34.81 -43.02 -52.13
C PRO E 393 -34.56 -43.94 -50.93
N PRO E 394 -35.64 -44.41 -50.29
CA PRO E 394 -35.47 -45.27 -49.11
C PRO E 394 -34.69 -46.55 -49.32
N GLU E 395 -33.90 -46.93 -48.32
CA GLU E 395 -33.17 -48.18 -48.31
C GLU E 395 -34.16 -49.31 -48.04
N ALA E 396 -33.83 -50.55 -48.44
CA ALA E 396 -34.71 -51.70 -48.21
C ALA E 396 -34.86 -51.98 -46.72
N ILE E 397 -33.77 -51.86 -45.96
CA ILE E 397 -33.82 -52.06 -44.52
C ILE E 397 -33.96 -50.69 -43.84
N TRP E 398 -35.05 -50.49 -43.10
CA TRP E 398 -35.34 -49.23 -42.44
C TRP E 398 -34.20 -48.74 -41.54
N ALA E 399 -33.58 -49.62 -40.74
CA ALA E 399 -32.46 -49.21 -39.89
C ALA E 399 -31.29 -48.63 -40.69
N ASP E 400 -31.04 -49.16 -41.90
CA ASP E 400 -29.99 -48.65 -42.78
C ASP E 400 -30.39 -47.28 -43.34
N ASP E 401 -31.67 -47.09 -43.65
CA ASP E 401 -32.18 -45.81 -44.14
C ASP E 401 -32.00 -44.73 -43.07
N VAL E 402 -32.26 -45.09 -41.79
CA VAL E 402 -32.07 -44.19 -40.65
C VAL E 402 -30.59 -43.82 -40.56
N ASP E 403 -29.70 -44.82 -40.55
CA ASP E 403 -28.25 -44.61 -40.49
CA ASP E 403 -28.26 -44.60 -40.48
C ASP E 403 -27.76 -43.71 -41.62
N ARG E 404 -28.27 -43.90 -42.84
CA ARG E 404 -27.86 -43.08 -43.97
C ARG E 404 -28.24 -41.63 -43.80
N ARG E 405 -29.41 -41.38 -43.22
CA ARG E 405 -29.87 -40.02 -42.97
C ARG E 405 -29.02 -39.34 -41.88
N VAL E 406 -28.58 -40.11 -40.86
CA VAL E 406 -27.70 -39.62 -39.80
C VAL E 406 -26.35 -39.26 -40.43
N GLN E 407 -25.82 -40.14 -41.31
CA GLN E 407 -24.56 -39.87 -42.02
C GLN E 407 -24.68 -38.63 -42.92
N PHE E 408 -25.84 -38.44 -43.54
CA PHE E 408 -26.07 -37.25 -44.37
C PHE E 408 -26.00 -35.97 -43.50
N GLY E 409 -26.54 -36.05 -42.29
CA GLY E 409 -26.48 -34.94 -41.34
C GLY E 409 -25.05 -34.66 -40.93
N ILE E 410 -24.27 -35.71 -40.65
CA ILE E 410 -22.86 -35.56 -40.29
C ILE E 410 -22.04 -34.97 -41.44
N GLU E 411 -22.21 -35.50 -42.66
CA GLU E 411 -21.48 -35.00 -43.81
CA GLU E 411 -21.51 -35.03 -43.85
C GLU E 411 -21.86 -33.57 -44.15
N SER E 412 -23.16 -33.19 -44.08
CA SER E 412 -23.54 -31.80 -44.34
C SER E 412 -22.97 -30.88 -43.26
N GLY E 413 -22.97 -31.34 -42.02
CA GLY E 413 -22.41 -30.60 -40.90
C GLY E 413 -20.93 -30.34 -41.07
N LYS E 414 -20.17 -31.36 -41.50
CA LYS E 414 -18.72 -31.20 -41.73
C LYS E 414 -18.48 -30.22 -42.87
N LEU E 415 -19.24 -30.33 -43.96
CA LEU E 415 -19.10 -29.47 -45.11
C LEU E 415 -19.41 -28.02 -44.76
N ARG E 416 -20.42 -27.79 -43.93
CA ARG E 416 -20.81 -26.43 -43.56
C ARG E 416 -20.05 -25.81 -42.37
N GLY E 417 -19.14 -26.56 -41.77
CA GLY E 417 -18.36 -26.04 -40.64
C GLY E 417 -18.96 -26.25 -39.27
N PHE E 418 -20.11 -26.93 -39.18
CA PHE E 418 -20.75 -27.22 -37.90
C PHE E 418 -19.95 -28.25 -37.10
N LEU E 419 -19.37 -29.25 -37.80
CA LEU E 419 -18.70 -30.36 -37.18
C LEU E 419 -17.31 -30.59 -37.73
N ARG E 420 -16.45 -31.12 -36.89
CA ARG E 420 -15.11 -31.52 -37.29
C ARG E 420 -14.82 -32.90 -36.66
N VAL E 421 -13.80 -33.60 -37.16
CA VAL E 421 -13.39 -34.90 -36.62
C VAL E 421 -12.97 -34.71 -35.16
N GLY E 422 -13.45 -35.58 -34.28
CA GLY E 422 -13.18 -35.46 -32.86
C GLY E 422 -14.33 -34.85 -32.06
N ASP E 423 -15.26 -34.17 -32.74
CA ASP E 423 -16.42 -33.59 -32.05
C ASP E 423 -17.35 -34.69 -31.56
N LEU E 424 -18.14 -34.37 -30.54
CA LEU E 424 -19.17 -35.29 -30.06
C LEU E 424 -20.49 -34.72 -30.55
N VAL E 425 -21.39 -35.59 -31.02
CA VAL E 425 -22.72 -35.18 -31.42
C VAL E 425 -23.75 -36.06 -30.71
N ILE E 426 -24.94 -35.52 -30.52
CA ILE E 426 -26.05 -36.28 -29.94
C ILE E 426 -26.96 -36.61 -31.13
N VAL E 427 -27.36 -37.87 -31.28
CA VAL E 427 -28.21 -38.26 -32.40
C VAL E 427 -29.56 -38.72 -31.86
N VAL E 428 -30.65 -38.09 -32.34
CA VAL E 428 -32.00 -38.36 -31.87
C VAL E 428 -32.84 -39.03 -32.99
N THR E 429 -33.28 -40.27 -32.74
CA THR E 429 -34.05 -41.06 -33.70
C THR E 429 -35.25 -41.75 -33.01
N GLY E 430 -36.05 -42.52 -33.78
CA GLY E 430 -37.23 -43.24 -33.29
C GLY E 430 -37.12 -44.75 -33.49
N TRP E 431 -38.04 -45.52 -32.87
CA TRP E 431 -38.01 -46.98 -32.90
C TRP E 431 -38.74 -47.61 -34.10
N ARG E 432 -39.52 -46.82 -34.84
CA ARG E 432 -40.27 -47.32 -35.99
C ARG E 432 -40.55 -46.15 -36.96
N PRO E 433 -40.91 -46.44 -38.23
CA PRO E 433 -41.18 -45.35 -39.17
C PRO E 433 -42.41 -44.52 -38.81
N GLY E 434 -42.55 -43.36 -39.42
CA GLY E 434 -43.68 -42.48 -39.20
C GLY E 434 -43.43 -41.50 -38.08
N SER E 435 -44.18 -40.41 -38.09
CA SER E 435 -44.09 -39.33 -37.10
CA SER E 435 -44.04 -39.35 -37.08
C SER E 435 -44.57 -39.79 -35.73
N GLY E 436 -43.97 -39.26 -34.66
CA GLY E 436 -44.41 -39.54 -33.31
C GLY E 436 -43.73 -40.60 -32.50
N TYR E 437 -42.69 -41.23 -33.04
CA TYR E 437 -42.03 -42.34 -32.35
C TYR E 437 -40.58 -42.09 -31.95
N THR E 438 -40.15 -40.80 -31.89
CA THR E 438 -38.78 -40.48 -31.43
C THR E 438 -38.64 -40.95 -29.97
N ASN E 439 -37.62 -41.74 -29.68
CA ASN E 439 -37.42 -42.26 -28.33
C ASN E 439 -35.98 -42.64 -28.05
N ILE E 440 -35.03 -42.33 -28.94
CA ILE E 440 -33.64 -42.74 -28.77
C ILE E 440 -32.67 -41.58 -28.85
N MET E 441 -31.70 -41.54 -27.94
CA MET E 441 -30.63 -40.57 -27.96
CA MET E 441 -30.64 -40.56 -27.87
C MET E 441 -29.31 -41.33 -27.88
N ARG E 442 -28.39 -40.99 -28.77
CA ARG E 442 -27.09 -41.66 -28.84
C ARG E 442 -25.97 -40.65 -28.83
N VAL E 443 -24.87 -40.96 -28.13
CA VAL E 443 -23.71 -40.06 -28.14
C VAL E 443 -22.68 -40.64 -29.09
N LEU E 444 -22.36 -39.89 -30.13
CA LEU E 444 -21.49 -40.35 -31.20
C LEU E 444 -20.27 -39.45 -31.40
N SER E 445 -19.09 -40.08 -31.61
CA SER E 445 -17.85 -39.32 -31.86
CA SER E 445 -17.85 -39.33 -31.86
C SER E 445 -17.68 -39.21 -33.37
N ILE E 446 -17.43 -37.99 -33.86
CA ILE E 446 -17.27 -37.77 -35.29
C ILE E 446 -15.93 -38.28 -35.80
N SER E 447 -15.96 -39.20 -36.78
CA SER E 447 -14.75 -39.74 -37.39
C SER E 447 -14.56 -39.25 -38.83
N ALA F 13 -49.06 -26.14 -12.77
CA ALA F 13 -49.02 -26.32 -14.22
C ALA F 13 -47.92 -27.27 -14.67
N ASP F 14 -46.81 -27.35 -13.91
CA ASP F 14 -45.70 -28.25 -14.27
C ASP F 14 -46.04 -29.73 -14.03
N VAL F 15 -47.08 -30.03 -13.21
CA VAL F 15 -47.48 -31.40 -12.94
C VAL F 15 -48.97 -31.65 -13.25
N ALA F 16 -49.70 -30.68 -13.85
CA ALA F 16 -51.13 -30.86 -14.09
C ALA F 16 -51.49 -32.01 -15.04
N GLN F 17 -50.83 -32.10 -16.21
CA GLN F 17 -51.13 -33.19 -17.15
C GLN F 17 -50.77 -34.55 -16.55
N LEU F 18 -49.61 -34.66 -15.88
CA LEU F 18 -49.22 -35.92 -15.26
C LEU F 18 -50.11 -36.28 -14.08
N THR F 19 -50.65 -35.28 -13.35
CA THR F 19 -51.57 -35.55 -12.25
C THR F 19 -52.89 -36.10 -12.81
N GLN F 20 -53.36 -35.59 -13.97
CA GLN F 20 -54.58 -36.11 -14.60
C GLN F 20 -54.36 -37.57 -15.06
N GLU F 21 -53.18 -37.86 -15.66
CA GLU F 21 -52.87 -39.19 -16.16
C GLU F 21 -52.56 -40.21 -15.09
N LEU F 22 -51.67 -39.87 -14.11
CA LEU F 22 -51.24 -40.78 -13.05
C LEU F 22 -52.11 -40.75 -11.82
N GLY F 23 -52.91 -39.71 -11.65
CA GLY F 23 -53.83 -39.61 -10.53
C GLY F 23 -53.27 -38.86 -9.34
N THR F 24 -54.17 -38.30 -8.52
CA THR F 24 -53.76 -37.56 -7.33
C THR F 24 -53.16 -38.49 -6.31
N ALA F 25 -53.61 -39.75 -6.20
CA ALA F 25 -53.02 -40.68 -5.24
C ALA F 25 -51.55 -40.93 -5.53
N PHE F 26 -51.17 -41.00 -6.82
CA PHE F 26 -49.76 -41.18 -7.19
C PHE F 26 -48.90 -40.01 -6.64
N PHE F 27 -49.37 -38.78 -6.79
CA PHE F 27 -48.63 -37.59 -6.38
C PHE F 27 -48.70 -37.30 -4.88
N GLN F 28 -49.41 -38.11 -4.10
CA GLN F 28 -49.44 -37.96 -2.64
C GLN F 28 -48.43 -38.90 -1.96
N GLN F 29 -48.05 -40.01 -2.64
CA GLN F 29 -47.11 -41.00 -2.14
C GLN F 29 -45.66 -40.55 -2.30
N GLN F 30 -44.72 -41.31 -1.72
CA GLN F 30 -43.27 -41.15 -1.82
C GLN F 30 -42.79 -39.71 -1.66
N GLN F 31 -43.45 -38.95 -0.77
CA GLN F 31 -43.12 -37.56 -0.50
C GLN F 31 -43.04 -36.70 -1.77
N LEU F 32 -43.86 -37.02 -2.78
CA LEU F 32 -43.87 -36.23 -4.00
C LEU F 32 -44.31 -34.77 -3.78
N PRO F 33 -45.25 -34.41 -2.86
CA PRO F 33 -45.53 -32.98 -2.64
C PRO F 33 -44.27 -32.27 -2.12
N ALA F 34 -43.52 -32.93 -1.20
CA ALA F 34 -42.28 -32.31 -0.69
C ALA F 34 -41.21 -32.24 -1.80
N ALA F 35 -41.21 -33.23 -2.73
CA ALA F 35 -40.26 -33.25 -3.84
C ALA F 35 -40.49 -32.11 -4.81
N MET F 36 -41.73 -31.63 -4.95
CA MET F 36 -42.03 -30.54 -5.89
C MET F 36 -41.83 -29.15 -5.31
N ALA F 37 -41.41 -29.04 -4.03
CA ALA F 37 -41.25 -27.73 -3.40
C ALA F 37 -40.16 -26.90 -4.04
N ASP F 38 -40.32 -25.58 -3.99
CA ASP F 38 -39.39 -24.64 -4.60
C ASP F 38 -38.19 -24.29 -3.73
N THR F 39 -38.28 -24.54 -2.40
CA THR F 39 -37.14 -24.29 -1.51
C THR F 39 -36.95 -25.51 -0.59
N PHE F 40 -35.77 -25.65 0.00
CA PHE F 40 -35.50 -26.73 0.95
C PHE F 40 -36.41 -26.56 2.18
N LEU F 41 -36.62 -25.32 2.65
CA LEU F 41 -37.49 -25.06 3.80
C LEU F 41 -38.92 -25.53 3.51
N GLU F 42 -39.47 -25.20 2.32
CA GLU F 42 -40.82 -25.63 1.93
CA GLU F 42 -40.82 -25.63 1.97
C GLU F 42 -40.87 -27.15 1.81
N HIS F 43 -39.77 -27.77 1.31
CA HIS F 43 -39.67 -29.22 1.15
C HIS F 43 -39.82 -29.88 2.54
N LEU F 44 -39.15 -29.34 3.55
CA LEU F 44 -39.26 -29.90 4.93
C LEU F 44 -40.68 -29.75 5.44
N CYS F 45 -41.30 -28.55 5.22
CA CYS F 45 -42.68 -28.27 5.67
C CYS F 45 -43.70 -29.21 5.05
N LEU F 46 -43.40 -29.75 3.86
CA LEU F 46 -44.33 -30.65 3.15
C LEU F 46 -44.11 -32.13 3.41
N LEU F 47 -43.10 -32.52 4.19
CA LEU F 47 -42.88 -33.94 4.55
C LEU F 47 -44.12 -34.44 5.31
N ASP F 48 -44.59 -35.62 4.94
CA ASP F 48 -45.85 -36.13 5.44
C ASP F 48 -45.72 -37.56 5.93
N ILE F 49 -46.03 -37.83 7.19
CA ILE F 49 -45.98 -39.18 7.74
C ILE F 49 -46.98 -40.15 7.04
N ASP F 50 -48.03 -39.63 6.39
CA ASP F 50 -49.01 -40.45 5.69
C ASP F 50 -48.64 -40.67 4.20
N SER F 51 -47.54 -40.09 3.72
CA SER F 51 -47.09 -40.28 2.37
C SER F 51 -46.21 -41.51 2.37
N GLU F 52 -46.75 -42.63 1.91
CA GLU F 52 -46.06 -43.90 1.96
C GLU F 52 -44.96 -44.07 0.93
N PRO F 53 -43.82 -44.66 1.34
CA PRO F 53 -42.77 -44.93 0.34
C PRO F 53 -43.22 -46.00 -0.64
N VAL F 54 -42.87 -45.81 -1.90
CA VAL F 54 -43.26 -46.72 -2.95
C VAL F 54 -42.04 -47.47 -3.50
N ALA F 55 -40.96 -46.73 -3.76
CA ALA F 55 -39.78 -47.28 -4.39
C ALA F 55 -39.08 -48.35 -3.58
N ALA F 56 -38.35 -49.25 -4.26
CA ALA F 56 -37.57 -50.27 -3.56
C ALA F 56 -36.44 -49.56 -2.79
N ARG F 57 -36.04 -50.10 -1.65
CA ARG F 57 -35.00 -49.52 -0.81
C ARG F 57 -33.68 -49.51 -1.56
N SER F 58 -33.10 -48.34 -1.70
CA SER F 58 -31.90 -48.13 -2.50
C SER F 58 -30.57 -48.12 -1.72
N THR F 59 -30.57 -47.78 -0.42
CA THR F 59 -29.33 -47.76 0.35
C THR F 59 -29.03 -49.18 0.81
N SER F 60 -27.86 -49.73 0.44
CA SER F 60 -27.53 -51.09 0.85
C SER F 60 -27.26 -51.24 2.33
N ILE F 61 -27.54 -52.42 2.85
CA ILE F 61 -27.31 -52.74 4.24
C ILE F 61 -26.16 -53.71 4.33
N ILE F 62 -25.15 -53.35 5.15
CA ILE F 62 -24.02 -54.22 5.43
C ILE F 62 -24.24 -54.81 6.82
N ALA F 63 -24.23 -56.13 6.95
CA ALA F 63 -24.42 -56.77 8.24
C ALA F 63 -23.16 -57.53 8.63
N THR F 64 -22.69 -57.34 9.85
CA THR F 64 -21.50 -58.01 10.35
C THR F 64 -21.89 -59.42 10.76
N ILE F 65 -21.14 -60.42 10.28
CA ILE F 65 -21.46 -61.81 10.56
C ILE F 65 -20.69 -62.34 11.77
N GLY F 66 -21.39 -62.85 12.74
CA GLY F 66 -20.77 -63.38 13.95
C GLY F 66 -21.60 -64.47 14.58
N PRO F 67 -21.38 -64.74 15.88
CA PRO F 67 -22.15 -65.80 16.56
C PRO F 67 -23.66 -65.73 16.43
N ALA F 68 -24.25 -64.50 16.41
CA ALA F 68 -25.71 -64.40 16.34
C ALA F 68 -26.29 -64.50 14.95
N SER F 69 -25.46 -64.49 13.92
CA SER F 69 -25.93 -64.48 12.53
C SER F 69 -25.15 -65.43 11.61
N ARG F 70 -24.60 -66.48 12.15
CA ARG F 70 -23.72 -67.39 11.42
C ARG F 70 -24.37 -68.58 10.77
N SER F 71 -25.46 -69.10 11.36
CA SER F 71 -26.11 -70.27 10.81
C SER F 71 -26.74 -69.98 9.45
N VAL F 72 -26.84 -71.01 8.62
CA VAL F 72 -27.42 -70.92 7.28
C VAL F 72 -28.86 -70.45 7.34
N GLU F 73 -29.63 -71.01 8.30
CA GLU F 73 -31.03 -70.63 8.45
C GLU F 73 -31.19 -69.17 8.85
N ARG F 74 -30.33 -68.69 9.75
CA ARG F 74 -30.38 -67.30 10.21
C ARG F 74 -29.97 -66.37 9.04
N LEU F 75 -28.96 -66.76 8.27
CA LEU F 75 -28.49 -65.99 7.12
C LEU F 75 -29.55 -65.89 6.03
N LYS F 76 -30.38 -66.94 5.84
CA LYS F 76 -31.47 -66.86 4.86
C LYS F 76 -32.48 -65.81 5.32
N GLU F 77 -32.78 -65.75 6.63
CA GLU F 77 -33.70 -64.77 7.20
CA GLU F 77 -33.71 -64.76 7.15
C GLU F 77 -33.14 -63.34 7.00
N MET F 78 -31.82 -63.17 7.17
CA MET F 78 -31.18 -61.86 7.02
CA MET F 78 -31.19 -61.86 7.02
C MET F 78 -31.19 -61.40 5.56
N ILE F 79 -31.03 -62.34 4.62
CA ILE F 79 -31.07 -62.03 3.20
C ILE F 79 -32.49 -61.58 2.85
N LYS F 80 -33.50 -62.28 3.36
CA LYS F 80 -34.90 -61.92 3.12
C LYS F 80 -35.25 -60.56 3.76
N ALA F 81 -34.66 -60.25 4.93
CA ALA F 81 -34.87 -58.97 5.61
C ALA F 81 -34.22 -57.77 4.88
N GLY F 82 -33.21 -58.05 4.05
CA GLY F 82 -32.58 -57.00 3.26
C GLY F 82 -31.07 -56.89 3.26
N MET F 83 -30.36 -57.82 3.92
CA MET F 83 -28.89 -57.77 3.92
C MET F 83 -28.32 -57.87 2.49
N ASN F 84 -27.47 -56.91 2.09
CA ASN F 84 -26.88 -56.92 0.77
C ASN F 84 -25.40 -57.28 0.79
N ILE F 85 -24.70 -56.93 1.89
CA ILE F 85 -23.26 -57.15 2.04
C ILE F 85 -23.01 -57.80 3.41
N ALA F 86 -22.24 -58.89 3.45
CA ALA F 86 -21.86 -59.59 4.68
C ALA F 86 -20.45 -59.15 5.02
N ARG F 87 -20.27 -58.60 6.22
CA ARG F 87 -18.97 -58.12 6.65
C ARG F 87 -18.32 -59.15 7.59
N LEU F 88 -17.03 -59.45 7.37
CA LEU F 88 -16.28 -60.36 8.26
C LEU F 88 -15.22 -59.54 8.92
N ASN F 89 -15.31 -59.41 10.24
CA ASN F 89 -14.36 -58.61 10.98
C ASN F 89 -13.13 -59.43 11.38
N PHE F 90 -12.00 -59.21 10.69
CA PHE F 90 -10.77 -59.95 10.99
C PHE F 90 -10.04 -59.46 12.24
N SER F 91 -10.63 -58.53 13.01
CA SER F 91 -10.12 -58.13 14.32
C SER F 91 -10.42 -59.24 15.36
N HIS F 92 -11.38 -60.15 15.06
CA HIS F 92 -11.81 -61.24 15.91
C HIS F 92 -11.85 -62.55 15.10
N GLY F 93 -11.93 -63.68 15.79
CA GLY F 93 -12.00 -64.98 15.16
C GLY F 93 -10.72 -65.43 14.49
N SER F 94 -10.79 -66.55 13.81
CA SER F 94 -9.64 -67.11 13.11
C SER F 94 -9.98 -67.25 11.62
N HIS F 95 -8.99 -67.63 10.79
CA HIS F 95 -9.22 -67.88 9.39
C HIS F 95 -10.24 -69.01 9.21
N GLU F 96 -10.17 -70.04 10.04
CA GLU F 96 -11.10 -71.16 9.98
C GLU F 96 -12.52 -70.72 10.34
N TYR F 97 -12.66 -69.86 11.34
CA TYR F 97 -13.98 -69.36 11.76
C TYR F 97 -14.61 -68.55 10.62
N HIS F 98 -13.85 -67.60 10.05
CA HIS F 98 -14.34 -66.78 8.95
C HIS F 98 -14.58 -67.55 7.67
N ALA F 99 -13.79 -68.60 7.38
CA ALA F 99 -14.03 -69.43 6.19
C ALA F 99 -15.38 -70.14 6.34
N GLU F 100 -15.72 -70.60 7.54
CA GLU F 100 -17.00 -71.26 7.77
C GLU F 100 -18.15 -70.25 7.63
N SER F 101 -17.95 -69.01 8.10
CA SER F 101 -18.97 -67.96 7.95
C SER F 101 -19.21 -67.67 6.48
N ILE F 102 -18.14 -67.56 5.67
CA ILE F 102 -18.22 -67.34 4.22
C ILE F 102 -19.00 -68.48 3.56
N ALA F 103 -18.67 -69.73 3.90
CA ALA F 103 -19.35 -70.90 3.33
C ALA F 103 -20.84 -70.88 3.66
N ASN F 104 -21.20 -70.49 4.89
CA ASN F 104 -22.61 -70.41 5.29
C ASN F 104 -23.35 -69.30 4.55
N VAL F 105 -22.68 -68.14 4.33
CA VAL F 105 -23.26 -67.04 3.56
C VAL F 105 -23.53 -67.52 2.14
N ARG F 106 -22.52 -68.12 1.50
CA ARG F 106 -22.68 -68.65 0.14
C ARG F 106 -23.76 -69.72 0.02
N GLU F 107 -23.89 -70.60 1.03
CA GLU F 107 -24.95 -71.61 1.01
C GLU F 107 -26.32 -70.95 1.12
N ALA F 108 -26.47 -69.96 2.02
CA ALA F 108 -27.75 -69.25 2.18
C ALA F 108 -28.10 -68.49 0.90
N VAL F 109 -27.11 -67.82 0.27
CA VAL F 109 -27.31 -67.07 -0.97
C VAL F 109 -27.75 -68.00 -2.11
N GLU F 110 -27.03 -69.13 -2.29
CA GLU F 110 -27.34 -70.04 -3.37
C GLU F 110 -28.63 -70.82 -3.18
N SER F 111 -29.19 -70.85 -1.95
CA SER F 111 -30.49 -71.50 -1.74
C SER F 111 -31.65 -70.77 -2.50
N PHE F 112 -31.43 -69.53 -2.93
CA PHE F 112 -32.42 -68.76 -3.68
C PHE F 112 -32.09 -68.67 -5.19
N ALA F 113 -31.02 -69.34 -5.65
CA ALA F 113 -30.57 -69.31 -7.04
C ALA F 113 -31.46 -70.00 -8.06
N GLY F 114 -32.53 -70.63 -7.61
CA GLY F 114 -33.46 -71.27 -8.52
C GLY F 114 -34.12 -70.29 -9.51
N SER F 115 -34.21 -68.99 -9.17
CA SER F 115 -34.91 -68.04 -10.04
C SER F 115 -34.40 -66.59 -9.89
N PRO F 116 -34.46 -65.76 -10.95
CA PRO F 116 -34.07 -64.35 -10.78
C PRO F 116 -35.07 -63.56 -9.93
N LEU F 117 -36.26 -64.10 -9.63
CA LEU F 117 -37.22 -63.42 -8.76
C LEU F 117 -36.83 -63.60 -7.30
N SER F 118 -36.13 -64.70 -6.97
CA SER F 118 -35.73 -64.95 -5.61
C SER F 118 -34.25 -64.70 -5.37
N TYR F 119 -33.39 -64.79 -6.41
CA TYR F 119 -31.96 -64.65 -6.22
C TYR F 119 -31.54 -63.28 -5.77
N ARG F 120 -30.72 -63.23 -4.73
CA ARG F 120 -30.21 -61.97 -4.22
C ARG F 120 -28.67 -62.07 -4.12
N PRO F 121 -27.92 -61.42 -5.00
CA PRO F 121 -26.45 -61.42 -4.85
C PRO F 121 -26.07 -60.74 -3.53
N VAL F 122 -25.18 -61.37 -2.77
CA VAL F 122 -24.75 -60.81 -1.49
C VAL F 122 -23.24 -60.69 -1.56
N ALA F 123 -22.70 -59.48 -1.40
CA ALA F 123 -21.26 -59.30 -1.44
C ALA F 123 -20.60 -59.77 -0.14
N ILE F 124 -19.35 -60.20 -0.21
CA ILE F 124 -18.61 -60.59 0.98
C ILE F 124 -17.48 -59.63 1.15
N ALA F 125 -17.44 -58.95 2.28
CA ALA F 125 -16.45 -57.93 2.56
C ALA F 125 -15.56 -58.35 3.72
N LEU F 126 -14.26 -58.13 3.59
CA LEU F 126 -13.31 -58.48 4.63
C LEU F 126 -12.88 -57.20 5.30
N ASP F 127 -13.07 -57.08 6.60
CA ASP F 127 -12.67 -55.87 7.33
C ASP F 127 -11.35 -56.18 8.07
N THR F 128 -10.27 -55.51 7.72
CA THR F 128 -8.97 -55.81 8.30
C THR F 128 -8.80 -55.39 9.77
N LYS F 129 -7.87 -56.05 10.47
CA LYS F 129 -7.55 -55.74 11.86
C LYS F 129 -6.92 -54.35 11.95
N GLY F 130 -6.04 -54.02 11.02
CA GLY F 130 -5.42 -52.70 11.00
C GLY F 130 -3.95 -52.69 11.35
N PRO F 131 -3.34 -51.50 11.27
CA PRO F 131 -1.90 -51.39 11.56
C PRO F 131 -1.54 -51.48 13.04
N PRO F 135 2.15 -48.00 11.83
CA PRO F 135 3.45 -48.07 11.14
C PRO F 135 3.37 -48.68 9.74
N GLY F 136 2.19 -48.65 9.13
CA GLY F 136 1.92 -49.22 7.82
C GLY F 136 1.26 -50.58 7.90
N LEU F 137 1.21 -51.31 6.76
CA LEU F 137 0.56 -52.62 6.69
C LEU F 137 1.21 -53.67 7.59
N SER F 138 0.44 -54.20 8.54
CA SER F 138 0.90 -55.22 9.47
C SER F 138 1.04 -56.60 8.81
N GLU F 139 1.79 -57.52 9.44
CA GLU F 139 1.96 -58.87 8.92
C GLU F 139 0.66 -59.66 8.98
N GLN F 140 -0.17 -59.43 10.01
CA GLN F 140 -1.46 -60.12 10.10
C GLN F 140 -2.38 -59.67 8.96
N ASP F 141 -2.34 -58.38 8.60
CA ASP F 141 -3.13 -57.88 7.49
C ASP F 141 -2.70 -58.49 6.18
N VAL F 142 -1.40 -58.71 5.98
CA VAL F 142 -0.90 -59.36 4.76
C VAL F 142 -1.50 -60.79 4.63
N ARG F 143 -1.51 -61.53 5.74
CA ARG F 143 -2.06 -62.88 5.75
C ARG F 143 -3.58 -62.89 5.56
N ASP F 144 -4.29 -61.94 6.20
CA ASP F 144 -5.74 -61.85 6.07
C ASP F 144 -6.13 -61.42 4.67
N LEU F 145 -5.39 -60.50 4.06
CA LEU F 145 -5.66 -60.07 2.69
C LEU F 145 -5.42 -61.22 1.70
N ARG F 146 -4.40 -62.06 1.95
CA ARG F 146 -4.16 -63.23 1.11
C ARG F 146 -5.29 -64.23 1.27
N PHE F 147 -5.81 -64.41 2.51
CA PHE F 147 -6.96 -65.27 2.78
C PHE F 147 -8.18 -64.76 1.98
N GLY F 148 -8.38 -63.45 1.94
CA GLY F 148 -9.47 -62.84 1.20
C GLY F 148 -9.43 -63.15 -0.29
N VAL F 149 -8.26 -63.01 -0.90
CA VAL F 149 -8.08 -63.34 -2.31
C VAL F 149 -8.36 -64.82 -2.56
N GLU F 150 -7.79 -65.70 -1.71
CA GLU F 150 -7.98 -67.13 -1.86
C GLU F 150 -9.44 -67.57 -1.66
N HIS F 151 -10.20 -66.82 -0.86
CA HIS F 151 -11.61 -67.15 -0.65
C HIS F 151 -12.59 -66.31 -1.50
N GLY F 152 -12.07 -65.57 -2.48
CA GLY F 152 -12.88 -64.79 -3.43
C GLY F 152 -13.74 -63.69 -2.86
N VAL F 153 -13.22 -62.94 -1.87
CA VAL F 153 -14.00 -61.83 -1.31
C VAL F 153 -14.18 -60.74 -2.36
N ASP F 154 -15.25 -59.99 -2.26
CA ASP F 154 -15.56 -58.93 -3.23
C ASP F 154 -15.00 -57.58 -2.85
N ILE F 155 -14.92 -57.32 -1.54
CA ILE F 155 -14.55 -56.01 -1.03
C ILE F 155 -13.62 -56.13 0.17
N VAL F 156 -12.77 -55.15 0.35
CA VAL F 156 -11.93 -55.04 1.54
C VAL F 156 -12.28 -53.71 2.21
N PHE F 157 -12.59 -53.74 3.51
CA PHE F 157 -12.78 -52.52 4.28
C PHE F 157 -11.43 -52.39 4.99
N ALA F 158 -10.57 -51.50 4.51
CA ALA F 158 -9.21 -51.36 5.08
C ALA F 158 -9.21 -50.44 6.31
N SER F 159 -8.90 -51.00 7.49
CA SER F 159 -8.88 -50.25 8.73
C SER F 159 -7.76 -49.24 8.84
N PHE F 160 -8.05 -48.13 9.51
CA PHE F 160 -7.11 -47.05 9.82
C PHE F 160 -6.29 -46.56 8.64
N VAL F 161 -6.95 -46.24 7.52
CA VAL F 161 -6.23 -45.70 6.36
C VAL F 161 -5.89 -44.26 6.69
N ARG F 162 -4.60 -43.91 6.65
CA ARG F 162 -4.13 -42.57 7.00
C ARG F 162 -3.57 -41.79 5.83
N LYS F 163 -3.28 -42.44 4.71
CA LYS F 163 -2.66 -41.80 3.56
C LYS F 163 -2.76 -42.71 2.33
N ALA F 164 -2.53 -42.16 1.14
CA ALA F 164 -2.61 -42.90 -0.11
C ALA F 164 -1.70 -44.14 -0.14
N SER F 165 -0.51 -44.06 0.48
CA SER F 165 0.41 -45.21 0.48
C SER F 165 -0.15 -46.41 1.26
N ASP F 166 -1.06 -46.18 2.21
CA ASP F 166 -1.69 -47.29 2.94
C ASP F 166 -2.59 -48.08 1.97
N VAL F 167 -3.29 -47.38 1.07
CA VAL F 167 -4.17 -48.02 0.08
C VAL F 167 -3.29 -48.82 -0.92
N ALA F 168 -2.18 -48.21 -1.38
CA ALA F 168 -1.27 -48.89 -2.30
C ALA F 168 -0.71 -50.17 -1.69
N ALA F 169 -0.41 -50.15 -0.38
CA ALA F 169 0.08 -51.35 0.31
C ALA F 169 -0.98 -52.45 0.36
N VAL F 170 -2.26 -52.08 0.61
CA VAL F 170 -3.34 -53.08 0.61
C VAL F 170 -3.49 -53.67 -0.79
N ARG F 171 -3.45 -52.82 -1.82
CA ARG F 171 -3.56 -53.23 -3.21
CA ARG F 171 -3.57 -53.26 -3.21
C ARG F 171 -2.43 -54.22 -3.57
N ALA F 172 -1.18 -53.92 -3.15
CA ALA F 172 -0.03 -54.78 -3.39
C ALA F 172 -0.19 -56.12 -2.68
N ALA F 173 -0.69 -56.11 -1.45
CA ALA F 173 -0.92 -57.35 -0.69
C ALA F 173 -2.03 -58.22 -1.26
N LEU F 174 -2.94 -57.65 -2.08
CA LEU F 174 -3.98 -58.45 -2.74
C LEU F 174 -3.39 -59.23 -3.97
N GLY F 175 -2.24 -58.79 -4.47
CA GLY F 175 -1.54 -59.44 -5.57
C GLY F 175 -2.20 -59.34 -6.93
N PRO F 176 -1.70 -60.13 -7.89
CA PRO F 176 -2.25 -60.07 -9.24
C PRO F 176 -3.63 -60.68 -9.36
N GLU F 177 -3.99 -61.64 -8.49
CA GLU F 177 -5.31 -62.26 -8.54
C GLU F 177 -6.42 -61.45 -7.84
N GLY F 178 -6.05 -60.42 -7.08
CA GLY F 178 -7.02 -59.59 -6.38
C GLY F 178 -7.22 -58.21 -6.98
N HIS F 179 -6.93 -58.05 -8.26
CA HIS F 179 -7.08 -56.77 -8.96
C HIS F 179 -8.52 -56.27 -9.03
N GLY F 180 -9.49 -57.18 -9.04
CA GLY F 180 -10.89 -56.81 -9.13
C GLY F 180 -11.58 -56.51 -7.81
N ILE F 181 -10.91 -56.74 -6.69
CA ILE F 181 -11.47 -56.50 -5.37
C ILE F 181 -11.57 -54.99 -5.08
N LYS F 182 -12.72 -54.52 -4.58
CA LYS F 182 -12.91 -53.11 -4.27
C LYS F 182 -12.26 -52.79 -2.92
N ILE F 183 -11.50 -51.71 -2.85
CA ILE F 183 -10.90 -51.30 -1.59
C ILE F 183 -11.66 -50.09 -1.04
N ILE F 184 -12.33 -50.27 0.07
CA ILE F 184 -13.07 -49.20 0.75
C ILE F 184 -12.19 -48.78 1.93
N SER F 185 -11.64 -47.57 1.88
CA SER F 185 -10.78 -47.09 2.96
C SER F 185 -11.58 -46.61 4.18
N LYS F 186 -11.27 -47.14 5.36
CA LYS F 186 -11.92 -46.73 6.58
C LYS F 186 -11.18 -45.53 7.16
N ILE F 187 -11.91 -44.41 7.38
CA ILE F 187 -11.34 -43.20 7.94
C ILE F 187 -11.69 -43.23 9.40
N GLU F 188 -10.66 -43.37 10.27
CA GLU F 188 -10.85 -43.59 11.68
C GLU F 188 -10.09 -42.66 12.61
N ASN F 189 -9.34 -41.69 12.08
CA ASN F 189 -8.56 -40.78 12.92
C ASN F 189 -8.36 -39.43 12.27
N HIS F 190 -7.70 -38.49 12.99
CA HIS F 190 -7.48 -37.13 12.50
C HIS F 190 -6.71 -37.09 11.18
N GLU F 191 -5.65 -37.92 11.06
CA GLU F 191 -4.85 -37.92 9.85
C GLU F 191 -5.64 -38.37 8.61
N GLY F 192 -6.45 -39.41 8.76
CA GLY F 192 -7.31 -39.88 7.66
C GLY F 192 -8.27 -38.81 7.19
N VAL F 193 -8.84 -38.02 8.14
CA VAL F 193 -9.73 -36.93 7.78
C VAL F 193 -8.98 -35.83 7.03
N LYS F 194 -7.81 -35.42 7.57
CA LYS F 194 -7.02 -34.37 6.94
C LYS F 194 -6.47 -34.75 5.55
N ARG F 195 -6.08 -36.01 5.37
CA ARG F 195 -5.56 -36.48 4.08
C ARG F 195 -6.67 -37.15 3.23
N PHE F 196 -7.95 -36.86 3.52
CA PHE F 196 -9.07 -37.49 2.84
C PHE F 196 -8.99 -37.44 1.32
N ASP F 197 -8.72 -36.28 0.71
CA ASP F 197 -8.68 -36.16 -0.75
C ASP F 197 -7.70 -37.12 -1.41
N GLU F 198 -6.49 -37.26 -0.85
CA GLU F 198 -5.51 -38.18 -1.42
C GLU F 198 -5.93 -39.64 -1.23
N ILE F 199 -6.61 -39.96 -0.11
CA ILE F 199 -7.07 -41.31 0.15
C ILE F 199 -8.22 -41.67 -0.81
N LEU F 200 -9.20 -40.78 -0.96
CA LEU F 200 -10.34 -41.02 -1.84
C LEU F 200 -9.90 -41.22 -3.30
N GLU F 201 -8.93 -40.43 -3.74
CA GLU F 201 -8.40 -40.50 -5.10
C GLU F 201 -7.97 -41.90 -5.51
N VAL F 202 -7.32 -42.64 -4.60
CA VAL F 202 -6.83 -43.98 -4.90
C VAL F 202 -7.72 -45.11 -4.38
N SER F 203 -8.81 -44.80 -3.66
CA SER F 203 -9.68 -45.83 -3.12
C SER F 203 -10.89 -46.03 -4.04
N ASP F 204 -11.55 -47.17 -3.90
CA ASP F 204 -12.82 -47.38 -4.63
C ASP F 204 -14.00 -46.68 -3.88
N GLY F 205 -13.82 -46.42 -2.59
CA GLY F 205 -14.81 -45.77 -1.75
C GLY F 205 -14.31 -45.59 -0.34
N ILE F 206 -15.19 -45.11 0.54
CA ILE F 206 -14.82 -44.77 1.91
C ILE F 206 -15.81 -45.31 2.92
N MET F 207 -15.33 -45.62 4.13
CA MET F 207 -16.20 -45.95 5.23
C MET F 207 -15.95 -44.91 6.33
N VAL F 208 -17.02 -44.29 6.84
CA VAL F 208 -16.92 -43.37 7.96
C VAL F 208 -17.01 -44.27 9.19
N ALA F 209 -15.85 -44.68 9.71
CA ALA F 209 -15.78 -45.61 10.83
C ALA F 209 -15.89 -44.81 12.12
N ARG F 210 -17.14 -44.52 12.55
CA ARG F 210 -17.40 -43.62 13.67
C ARG F 210 -16.98 -44.11 15.03
N GLY F 211 -16.81 -45.43 15.22
CA GLY F 211 -16.37 -45.98 16.51
C GLY F 211 -15.01 -45.43 16.90
N ASP F 212 -13.98 -45.73 16.11
CA ASP F 212 -12.64 -45.22 16.35
C ASP F 212 -12.57 -43.72 16.13
N LEU F 213 -13.26 -43.19 15.12
CA LEU F 213 -13.24 -41.74 14.85
C LEU F 213 -13.70 -40.95 16.08
N GLY F 214 -14.74 -41.43 16.76
CA GLY F 214 -15.30 -40.80 17.95
C GLY F 214 -14.44 -40.86 19.20
N ILE F 215 -13.35 -41.64 19.16
CA ILE F 215 -12.35 -41.76 20.23
C ILE F 215 -11.07 -40.99 19.82
N GLU F 216 -10.73 -41.00 18.52
CA GLU F 216 -9.54 -40.32 17.98
C GLU F 216 -9.70 -38.81 17.88
N ILE F 217 -10.93 -38.33 17.62
CA ILE F 217 -11.23 -36.90 17.55
C ILE F 217 -12.37 -36.62 18.55
N PRO F 218 -12.61 -35.36 18.98
CA PRO F 218 -13.72 -35.11 19.92
C PRO F 218 -15.05 -35.68 19.40
N ALA F 219 -15.81 -36.34 20.26
CA ALA F 219 -17.07 -36.98 19.86
C ALA F 219 -18.04 -36.02 19.20
N GLU F 220 -18.06 -34.77 19.64
CA GLU F 220 -18.97 -33.75 19.11
C GLU F 220 -18.57 -33.24 17.71
N LYS F 221 -17.44 -33.69 17.15
CA LYS F 221 -17.00 -33.30 15.82
C LYS F 221 -17.23 -34.41 14.78
N VAL F 222 -17.59 -35.65 15.22
CA VAL F 222 -17.77 -36.75 14.27
C VAL F 222 -18.78 -36.44 13.18
N PHE F 223 -19.89 -35.77 13.51
CA PHE F 223 -20.91 -35.47 12.50
C PHE F 223 -20.35 -34.56 11.39
N LEU F 224 -19.38 -33.68 11.71
CA LEU F 224 -18.78 -32.80 10.71
C LEU F 224 -17.97 -33.63 9.74
N ALA F 225 -17.15 -34.57 10.27
CA ALA F 225 -16.32 -35.45 9.44
C ALA F 225 -17.23 -36.35 8.58
N GLN F 226 -18.31 -36.87 9.15
CA GLN F 226 -19.26 -37.72 8.39
C GLN F 226 -19.90 -36.95 7.23
N LYS F 227 -20.44 -35.75 7.50
CA LYS F 227 -21.10 -34.96 6.46
C LYS F 227 -20.14 -34.50 5.37
N MET F 228 -18.92 -34.13 5.76
CA MET F 228 -17.89 -33.73 4.80
C MET F 228 -17.50 -34.91 3.89
N MET F 229 -17.22 -36.07 4.48
CA MET F 229 -16.79 -37.24 3.70
C MET F 229 -17.88 -37.77 2.79
N ILE F 230 -19.12 -37.77 3.27
CA ILE F 230 -20.24 -38.19 2.43
C ILE F 230 -20.40 -37.23 1.25
N GLY F 231 -20.34 -35.92 1.51
CA GLY F 231 -20.45 -34.91 0.48
C GLY F 231 -19.36 -35.04 -0.57
N ARG F 232 -18.10 -35.23 -0.14
CA ARG F 232 -16.98 -35.39 -1.09
C ARG F 232 -17.08 -36.68 -1.90
N CYS F 233 -17.55 -37.78 -1.29
CA CYS F 233 -17.75 -39.03 -2.03
C CYS F 233 -18.85 -38.88 -3.03
N ASN F 234 -19.94 -38.17 -2.68
CA ASN F 234 -21.05 -37.92 -3.59
C ASN F 234 -20.54 -37.10 -4.78
N LEU F 235 -19.72 -36.09 -4.51
CA LEU F 235 -19.15 -35.26 -5.56
C LEU F 235 -18.22 -36.09 -6.48
N ALA F 236 -17.41 -36.99 -5.91
CA ALA F 236 -16.51 -37.86 -6.68
C ALA F 236 -17.22 -39.03 -7.39
N GLY F 237 -18.48 -39.29 -7.05
CA GLY F 237 -19.21 -40.41 -7.61
C GLY F 237 -18.70 -41.74 -7.11
N LYS F 238 -18.16 -41.79 -5.85
CA LYS F 238 -17.65 -43.02 -5.25
C LYS F 238 -18.45 -43.44 -4.01
N PRO F 239 -18.64 -44.75 -3.79
CA PRO F 239 -19.45 -45.20 -2.63
C PRO F 239 -18.93 -44.78 -1.27
N VAL F 240 -19.86 -44.48 -0.37
CA VAL F 240 -19.50 -44.09 1.00
C VAL F 240 -20.43 -44.85 1.95
N VAL F 241 -19.85 -45.45 2.98
CA VAL F 241 -20.57 -46.24 3.98
C VAL F 241 -20.61 -45.46 5.28
N CYS F 242 -21.78 -45.40 5.92
CA CYS F 242 -21.85 -44.83 7.27
C CYS F 242 -21.87 -46.04 8.22
N ALA F 243 -21.04 -46.01 9.26
CA ALA F 243 -20.92 -47.18 10.13
C ALA F 243 -20.87 -46.86 11.61
N THR F 244 -21.27 -47.86 12.45
CA THR F 244 -21.07 -47.99 13.89
C THR F 244 -22.08 -47.28 14.79
N GLN F 245 -22.71 -48.08 15.68
CA GLN F 245 -23.69 -47.70 16.68
C GLN F 245 -24.94 -47.08 16.11
N MET F 246 -25.28 -47.39 14.84
CA MET F 246 -26.48 -46.83 14.23
C MET F 246 -27.75 -47.27 14.95
N LEU F 247 -27.82 -48.55 15.34
CA LEU F 247 -28.99 -49.09 16.05
C LEU F 247 -28.49 -49.88 17.30
N GLU F 248 -27.46 -49.36 17.96
CA GLU F 248 -26.79 -50.00 19.08
C GLU F 248 -27.71 -50.65 20.12
N SER F 249 -28.76 -49.94 20.60
CA SER F 249 -29.64 -50.49 21.63
C SER F 249 -30.36 -51.78 21.17
N MET F 250 -30.49 -52.01 19.85
CA MET F 250 -31.11 -53.24 19.35
C MET F 250 -30.24 -54.49 19.55
N ILE F 251 -29.03 -54.35 20.12
CA ILE F 251 -28.23 -55.50 20.52
C ILE F 251 -29.03 -56.29 21.60
N THR F 252 -29.73 -55.58 22.50
CA THR F 252 -30.53 -56.23 23.54
C THR F 252 -32.01 -55.94 23.48
N LYS F 253 -32.45 -54.85 22.84
CA LYS F 253 -33.87 -54.50 22.79
C LYS F 253 -34.50 -54.72 21.41
N PRO F 254 -35.79 -55.09 21.33
CA PRO F 254 -36.41 -55.33 20.01
C PRO F 254 -36.67 -54.07 19.20
N ARG F 255 -36.69 -52.88 19.85
CA ARG F 255 -36.96 -51.60 19.19
C ARG F 255 -35.83 -50.61 19.51
N PRO F 256 -35.46 -49.75 18.55
CA PRO F 256 -34.36 -48.81 18.78
C PRO F 256 -34.79 -47.53 19.51
N THR F 257 -33.79 -46.69 19.89
CA THR F 257 -34.14 -45.41 20.52
C THR F 257 -34.53 -44.40 19.42
N ARG F 258 -35.09 -43.24 19.81
CA ARG F 258 -35.43 -42.17 18.87
C ARG F 258 -34.19 -41.60 18.21
N ALA F 259 -33.06 -41.55 18.93
CA ALA F 259 -31.81 -41.04 18.36
C ALA F 259 -31.27 -41.98 17.30
N GLU F 260 -31.44 -43.29 17.49
CA GLU F 260 -30.94 -44.28 16.54
C GLU F 260 -31.70 -44.26 15.23
N THR F 261 -33.06 -44.16 15.26
CA THR F 261 -33.81 -44.08 13.99
C THR F 261 -33.45 -42.80 13.25
N SER F 262 -33.29 -41.70 14.00
CA SER F 262 -32.90 -40.42 13.46
C SER F 262 -31.50 -40.52 12.82
N ASP F 263 -30.55 -41.17 13.48
CA ASP F 263 -29.19 -41.35 12.95
C ASP F 263 -29.18 -42.10 11.59
N VAL F 264 -29.95 -43.20 11.49
CA VAL F 264 -30.04 -43.95 10.24
C VAL F 264 -30.63 -43.08 9.14
N ALA F 265 -31.74 -42.38 9.44
CA ALA F 265 -32.41 -41.55 8.45
C ALA F 265 -31.50 -40.43 7.99
N ASN F 266 -30.76 -39.81 8.92
CA ASN F 266 -29.85 -38.71 8.59
C ASN F 266 -28.64 -39.18 7.82
N ALA F 267 -28.17 -40.43 8.02
CA ALA F 267 -27.04 -40.94 7.20
C ALA F 267 -27.51 -41.05 5.72
N VAL F 268 -28.73 -41.53 5.50
CA VAL F 268 -29.30 -41.63 4.14
C VAL F 268 -29.51 -40.25 3.55
N LEU F 269 -30.10 -39.31 4.33
CA LEU F 269 -30.31 -37.93 3.84
C LEU F 269 -28.97 -37.22 3.60
N ASP F 270 -27.91 -37.54 4.34
CA ASP F 270 -26.58 -36.96 4.13
C ASP F 270 -26.03 -37.38 2.73
N GLY F 271 -26.42 -38.57 2.26
CA GLY F 271 -26.00 -39.11 0.98
C GLY F 271 -25.25 -40.43 1.03
N ALA F 272 -25.32 -41.15 2.15
CA ALA F 272 -24.59 -42.43 2.27
C ALA F 272 -25.10 -43.46 1.27
N ASP F 273 -24.19 -44.18 0.61
CA ASP F 273 -24.60 -45.24 -0.31
C ASP F 273 -24.99 -46.50 0.47
N CYS F 274 -24.29 -46.77 1.58
CA CYS F 274 -24.53 -47.94 2.43
C CYS F 274 -24.64 -47.54 3.88
N ILE F 275 -25.36 -48.34 4.65
CA ILE F 275 -25.40 -48.21 6.10
C ILE F 275 -25.00 -49.57 6.67
N MET F 276 -24.45 -49.58 7.89
CA MET F 276 -23.90 -50.78 8.46
C MET F 276 -24.42 -51.12 9.84
N LEU F 277 -24.41 -52.42 10.14
CA LEU F 277 -24.74 -52.99 11.42
C LEU F 277 -23.51 -53.79 11.87
N SER F 278 -23.07 -53.60 13.12
CA SER F 278 -21.91 -54.29 13.67
C SER F 278 -22.38 -55.26 14.77
N GLY F 279 -22.31 -54.89 16.07
CA GLY F 279 -22.80 -55.76 17.16
C GLY F 279 -24.27 -56.10 17.03
N GLU F 280 -25.06 -55.21 16.37
CA GLU F 280 -26.49 -55.43 16.18
C GLU F 280 -26.75 -56.77 15.46
N THR F 281 -25.85 -57.19 14.56
CA THR F 281 -26.02 -58.47 13.86
C THR F 281 -24.95 -59.52 14.21
N ALA F 282 -23.77 -59.10 14.65
CA ALA F 282 -22.71 -60.01 15.02
C ALA F 282 -22.98 -60.75 16.32
N LYS F 283 -23.51 -60.04 17.33
CA LYS F 283 -23.71 -60.63 18.65
C LYS F 283 -25.09 -60.41 19.29
N GLY F 284 -25.90 -59.53 18.75
CA GLY F 284 -27.18 -59.19 19.37
C GLY F 284 -28.27 -60.23 19.38
N ASN F 285 -29.35 -59.97 20.13
CA ASN F 285 -30.52 -60.85 20.24
C ASN F 285 -31.51 -60.67 19.11
N PHE F 286 -31.41 -59.59 18.32
CA PHE F 286 -32.36 -59.31 17.26
C PHE F 286 -31.66 -58.97 15.92
N PRO F 287 -30.77 -59.84 15.41
CA PRO F 287 -30.08 -59.51 14.15
C PRO F 287 -31.01 -59.26 12.97
N VAL F 288 -32.03 -60.10 12.81
CA VAL F 288 -32.97 -59.97 11.70
C VAL F 288 -33.80 -58.69 11.84
N GLU F 289 -34.27 -58.40 13.05
CA GLU F 289 -35.06 -57.21 13.32
C GLU F 289 -34.24 -55.92 13.10
N ALA F 290 -32.93 -55.94 13.38
CA ALA F 290 -32.04 -54.80 13.15
C ALA F 290 -31.94 -54.51 11.65
N VAL F 291 -31.82 -55.56 10.84
CA VAL F 291 -31.76 -55.41 9.39
C VAL F 291 -33.12 -54.85 8.90
N LYS F 292 -34.23 -55.40 9.41
CA LYS F 292 -35.56 -54.93 9.03
C LYS F 292 -35.77 -53.46 9.38
N MET F 293 -35.24 -53.02 10.53
CA MET F 293 -35.37 -51.62 10.96
C MET F 293 -34.59 -50.71 10.05
N GLN F 294 -33.33 -51.09 9.70
CA GLN F 294 -32.55 -50.26 8.76
C GLN F 294 -33.24 -50.20 7.42
N HIS F 295 -33.83 -51.31 6.96
CA HIS F 295 -34.57 -51.34 5.71
C HIS F 295 -35.75 -50.34 5.75
N ALA F 296 -36.58 -50.39 6.80
CA ALA F 296 -37.74 -49.54 6.92
C ALA F 296 -37.37 -48.04 7.00
N ILE F 297 -36.33 -47.70 7.78
CA ILE F 297 -35.93 -46.29 7.90
C ILE F 297 -35.35 -45.79 6.59
N ALA F 298 -34.46 -46.58 5.95
CA ALA F 298 -33.85 -46.15 4.69
C ALA F 298 -34.89 -45.86 3.62
N ARG F 299 -35.93 -46.68 3.53
CA ARG F 299 -36.98 -46.48 2.53
C ARG F 299 -37.70 -45.13 2.78
N GLU F 300 -38.01 -44.81 4.05
CA GLU F 300 -38.67 -43.54 4.38
C GLU F 300 -37.74 -42.36 4.05
N ALA F 301 -36.45 -42.48 4.42
CA ALA F 301 -35.48 -41.41 4.21
C ALA F 301 -35.17 -41.15 2.75
N GLU F 302 -35.13 -42.21 1.92
CA GLU F 302 -34.85 -42.05 0.51
C GLU F 302 -35.94 -41.24 -0.18
N ALA F 303 -37.20 -41.45 0.19
CA ALA F 303 -38.29 -40.69 -0.38
C ALA F 303 -38.21 -39.23 0.04
N ALA F 304 -37.66 -38.93 1.23
CA ALA F 304 -37.53 -37.58 1.77
C ALA F 304 -36.34 -36.79 1.24
N VAL F 305 -35.49 -37.39 0.40
CA VAL F 305 -34.36 -36.67 -0.19
C VAL F 305 -34.92 -35.53 -1.11
N TYR F 306 -34.35 -34.33 -1.05
CA TYR F 306 -34.80 -33.22 -1.87
C TYR F 306 -34.04 -33.29 -3.20
N HIS F 307 -34.50 -34.15 -4.11
CA HIS F 307 -33.87 -34.38 -5.41
C HIS F 307 -33.74 -33.16 -6.29
N ARG F 308 -34.68 -32.23 -6.21
CA ARG F 308 -34.64 -31.00 -7.00
C ARG F 308 -33.35 -30.22 -6.76
N GLN F 309 -32.94 -30.06 -5.50
CA GLN F 309 -31.70 -29.36 -5.21
C GLN F 309 -30.52 -30.28 -5.44
N LEU F 310 -30.62 -31.55 -5.01
CA LEU F 310 -29.52 -32.49 -5.13
C LEU F 310 -29.05 -32.68 -6.57
N PHE F 311 -29.99 -32.94 -7.48
CA PHE F 311 -29.66 -33.13 -8.90
C PHE F 311 -29.05 -31.86 -9.50
N GLU F 312 -29.62 -30.68 -9.18
CA GLU F 312 -29.12 -29.40 -9.63
C GLU F 312 -27.66 -29.18 -9.16
N GLU F 313 -27.38 -29.48 -7.89
CA GLU F 313 -26.05 -29.31 -7.35
C GLU F 313 -25.05 -30.32 -7.89
N LEU F 314 -25.47 -31.58 -8.08
CA LEU F 314 -24.58 -32.61 -8.64
C LEU F 314 -24.23 -32.24 -10.08
N ARG F 315 -25.20 -31.75 -10.84
CA ARG F 315 -25.01 -31.30 -12.22
C ARG F 315 -24.05 -30.10 -12.28
N ARG F 316 -24.26 -29.07 -11.44
CA ARG F 316 -23.43 -27.86 -11.39
C ARG F 316 -21.99 -28.15 -10.96
N ALA F 317 -21.80 -29.05 -10.00
CA ALA F 317 -20.47 -29.35 -9.48
C ALA F 317 -19.69 -30.36 -10.33
N ALA F 318 -20.38 -31.24 -11.06
CA ALA F 318 -19.70 -32.23 -11.88
C ALA F 318 -19.10 -31.53 -13.10
N PRO F 319 -17.81 -31.79 -13.38
CA PRO F 319 -17.19 -31.15 -14.54
C PRO F 319 -17.75 -31.64 -15.85
N LEU F 320 -17.54 -30.87 -16.94
CA LEU F 320 -17.95 -31.30 -18.27
C LEU F 320 -17.19 -32.58 -18.63
N SER F 321 -17.82 -33.44 -19.44
CA SER F 321 -17.19 -34.71 -19.77
C SER F 321 -17.33 -35.05 -21.20
N ARG F 322 -16.29 -35.64 -21.76
CA ARG F 322 -16.37 -36.18 -23.11
C ARG F 322 -16.45 -37.71 -23.12
N ASP F 323 -16.67 -38.34 -21.95
CA ASP F 323 -16.81 -39.79 -21.83
C ASP F 323 -18.26 -40.10 -22.15
N PRO F 324 -18.52 -40.90 -23.20
CA PRO F 324 -19.93 -41.18 -23.57
C PRO F 324 -20.74 -41.88 -22.49
N THR F 325 -20.13 -42.68 -21.61
CA THR F 325 -20.88 -43.34 -20.54
C THR F 325 -21.42 -42.28 -19.57
N GLU F 326 -20.56 -41.31 -19.22
CA GLU F 326 -20.92 -40.21 -18.31
C GLU F 326 -22.00 -39.33 -18.94
N VAL F 327 -21.86 -39.01 -20.22
CA VAL F 327 -22.81 -38.18 -20.95
C VAL F 327 -24.18 -38.89 -21.08
N THR F 328 -24.18 -40.19 -21.38
CA THR F 328 -25.42 -40.96 -21.47
C THR F 328 -26.08 -41.02 -20.09
N ALA F 329 -25.29 -41.25 -19.04
CA ALA F 329 -25.82 -41.35 -17.68
C ALA F 329 -26.60 -40.10 -17.25
N ILE F 330 -26.06 -38.89 -17.49
CA ILE F 330 -26.78 -37.68 -17.09
C ILE F 330 -28.03 -37.46 -17.97
N GLY F 331 -27.96 -37.80 -19.26
CA GLY F 331 -29.13 -37.72 -20.13
C GLY F 331 -30.22 -38.68 -19.69
N ALA F 332 -29.84 -39.89 -19.27
CA ALA F 332 -30.77 -40.91 -18.80
C ALA F 332 -31.44 -40.51 -17.47
N VAL F 333 -30.67 -39.93 -16.54
CA VAL F 333 -31.22 -39.50 -15.26
C VAL F 333 -32.16 -38.31 -15.48
N GLU F 334 -31.80 -37.38 -16.37
CA GLU F 334 -32.66 -36.24 -16.68
CA GLU F 334 -32.65 -36.23 -16.68
C GLU F 334 -33.97 -36.73 -17.29
N ALA F 335 -33.89 -37.70 -18.24
CA ALA F 335 -35.08 -38.28 -18.86
C ALA F 335 -35.96 -39.00 -17.83
N ALA F 336 -35.34 -39.75 -16.91
CA ALA F 336 -36.08 -40.47 -15.87
C ALA F 336 -36.89 -39.49 -14.98
N PHE F 337 -36.28 -38.37 -14.58
CA PHE F 337 -36.99 -37.37 -13.77
C PHE F 337 -38.14 -36.71 -14.54
N LYS F 338 -37.97 -36.46 -15.84
CA LYS F 338 -38.98 -35.80 -16.67
C LYS F 338 -40.29 -36.61 -16.78
N CYS F 339 -40.18 -37.94 -16.79
CA CYS F 339 -41.38 -38.79 -16.92
C CYS F 339 -41.73 -39.58 -15.68
N CYS F 340 -41.04 -39.34 -14.54
CA CYS F 340 -41.22 -40.12 -13.31
C CYS F 340 -41.00 -41.62 -13.60
N ALA F 341 -39.94 -41.94 -14.38
CA ALA F 341 -39.66 -43.33 -14.79
C ALA F 341 -39.57 -44.26 -13.59
N ALA F 342 -40.16 -45.43 -13.72
CA ALA F 342 -40.12 -46.41 -12.63
C ALA F 342 -38.69 -46.98 -12.47
N ALA F 343 -37.93 -47.08 -13.57
CA ALA F 343 -36.59 -47.68 -13.53
C ALA F 343 -35.73 -47.24 -14.71
N ILE F 344 -34.41 -47.35 -14.54
CA ILE F 344 -33.41 -47.18 -15.57
C ILE F 344 -32.79 -48.57 -15.69
N ILE F 345 -32.93 -49.24 -16.82
CA ILE F 345 -32.34 -50.57 -17.01
C ILE F 345 -31.04 -50.38 -17.73
N VAL F 346 -29.95 -50.87 -17.16
CA VAL F 346 -28.64 -50.69 -17.76
C VAL F 346 -27.89 -52.01 -17.92
N LEU F 347 -27.24 -52.19 -19.06
CA LEU F 347 -26.39 -53.36 -19.27
C LEU F 347 -24.99 -52.97 -18.82
N THR F 348 -24.33 -53.82 -18.03
CA THR F 348 -22.99 -53.49 -17.54
C THR F 348 -22.13 -54.73 -17.33
N THR F 349 -20.84 -54.63 -17.63
CA THR F 349 -19.91 -55.73 -17.46
C THR F 349 -19.22 -55.62 -16.10
N THR F 350 -18.69 -54.43 -15.79
CA THR F 350 -17.95 -54.19 -14.57
C THR F 350 -18.78 -53.48 -13.46
N GLY F 351 -19.95 -52.97 -13.81
CA GLY F 351 -20.77 -52.18 -12.90
C GLY F 351 -20.62 -50.68 -13.12
N ARG F 352 -19.60 -50.24 -13.89
CA ARG F 352 -19.32 -48.82 -14.10
C ARG F 352 -20.48 -47.99 -14.68
N SER F 353 -21.20 -48.50 -15.70
CA SER F 353 -22.31 -47.74 -16.27
C SER F 353 -23.42 -47.52 -15.22
N ALA F 354 -23.62 -48.50 -14.31
CA ALA F 354 -24.62 -48.36 -13.25
C ALA F 354 -24.12 -47.36 -12.17
N GLN F 355 -22.81 -47.37 -11.87
CA GLN F 355 -22.23 -46.43 -10.90
C GLN F 355 -22.37 -44.99 -11.37
N LEU F 356 -22.18 -44.75 -12.68
CA LEU F 356 -22.32 -43.40 -13.23
C LEU F 356 -23.78 -42.92 -13.25
N LEU F 357 -24.76 -43.84 -13.31
CA LEU F 357 -26.15 -43.46 -13.23
C LEU F 357 -26.43 -43.12 -11.73
N SER F 358 -25.98 -43.99 -10.82
CA SER F 358 -26.15 -43.84 -9.37
C SER F 358 -25.59 -42.51 -8.83
N ARG F 359 -24.50 -41.99 -9.38
CA ARG F 359 -23.90 -40.75 -8.89
C ARG F 359 -24.83 -39.53 -9.03
N TYR F 360 -25.80 -39.60 -9.98
CA TYR F 360 -26.77 -38.51 -10.15
C TYR F 360 -28.01 -38.66 -9.28
N ARG F 361 -28.04 -39.71 -8.45
CA ARG F 361 -29.10 -39.98 -7.50
C ARG F 361 -30.50 -39.95 -8.11
N PRO F 362 -30.78 -40.77 -9.15
CA PRO F 362 -32.15 -40.79 -9.68
C PRO F 362 -33.11 -41.35 -8.64
N ARG F 363 -34.36 -40.91 -8.70
CA ARG F 363 -35.41 -41.51 -7.89
C ARG F 363 -35.73 -42.92 -8.50
N ALA F 364 -35.62 -43.07 -9.83
CA ALA F 364 -35.84 -44.35 -10.52
C ALA F 364 -34.80 -45.39 -10.10
N ALA F 365 -35.24 -46.63 -9.88
CA ALA F 365 -34.34 -47.74 -9.54
C ALA F 365 -33.41 -48.02 -10.73
N VAL F 366 -32.13 -48.28 -10.48
CA VAL F 366 -31.19 -48.61 -11.57
C VAL F 366 -31.08 -50.13 -11.57
N ILE F 367 -31.71 -50.79 -12.55
CA ILE F 367 -31.66 -52.24 -12.66
C ILE F 367 -30.47 -52.61 -13.54
N ALA F 368 -29.43 -53.17 -12.95
CA ALA F 368 -28.18 -53.46 -13.67
C ALA F 368 -28.13 -54.94 -14.11
N VAL F 369 -28.21 -55.18 -15.41
CA VAL F 369 -28.17 -56.55 -15.95
C VAL F 369 -26.73 -56.89 -16.30
N THR F 370 -26.19 -57.90 -15.65
CA THR F 370 -24.78 -58.27 -15.84
C THR F 370 -24.60 -59.77 -15.86
N ARG F 371 -23.58 -60.23 -16.59
CA ARG F 371 -23.18 -61.64 -16.57
C ARG F 371 -22.12 -61.88 -15.48
N SER F 372 -21.47 -60.82 -14.96
CA SER F 372 -20.43 -60.97 -13.95
C SER F 372 -21.03 -61.14 -12.55
N ALA F 373 -20.86 -62.31 -11.94
CA ALA F 373 -21.35 -62.57 -10.60
C ALA F 373 -20.67 -61.61 -9.58
N GLN F 374 -19.37 -61.34 -9.78
CA GLN F 374 -18.66 -60.44 -8.88
C GLN F 374 -19.16 -58.99 -9.04
N ALA F 375 -19.41 -58.52 -10.27
CA ALA F 375 -19.92 -57.16 -10.49
C ALA F 375 -21.33 -57.05 -9.87
N ALA F 376 -22.16 -58.09 -9.99
CA ALA F 376 -23.49 -58.10 -9.40
C ALA F 376 -23.40 -57.95 -7.86
N ARG F 377 -22.41 -58.56 -7.22
CA ARG F 377 -22.22 -58.43 -5.77
C ARG F 377 -21.66 -57.04 -5.42
N GLN F 378 -20.66 -56.56 -6.16
CA GLN F 378 -20.01 -55.29 -5.86
C GLN F 378 -20.88 -54.03 -6.10
N VAL F 379 -21.84 -54.06 -7.07
CA VAL F 379 -22.69 -52.89 -7.31
C VAL F 379 -23.60 -52.55 -6.14
N HIS F 380 -23.73 -53.44 -5.14
CA HIS F 380 -24.45 -53.12 -3.91
C HIS F 380 -23.80 -51.91 -3.19
N LEU F 381 -22.52 -51.60 -3.49
CA LEU F 381 -21.87 -50.44 -2.89
C LEU F 381 -22.50 -49.11 -3.38
N CYS F 382 -23.18 -49.11 -4.53
CA CYS F 382 -23.73 -47.90 -5.15
C CYS F 382 -25.21 -47.77 -4.89
N ARG F 383 -25.62 -46.63 -4.31
CA ARG F 383 -27.03 -46.43 -4.00
C ARG F 383 -27.96 -46.59 -5.19
N GLY F 384 -29.04 -47.34 -5.00
CA GLY F 384 -30.07 -47.45 -6.01
C GLY F 384 -29.77 -48.40 -7.15
N VAL F 385 -28.74 -49.23 -7.04
CA VAL F 385 -28.43 -50.21 -8.07
C VAL F 385 -28.89 -51.57 -7.62
N PHE F 386 -29.76 -52.21 -8.43
CA PHE F 386 -30.36 -53.50 -8.16
C PHE F 386 -29.79 -54.49 -9.19
N PRO F 387 -28.84 -55.32 -8.76
CA PRO F 387 -28.19 -56.22 -9.72
C PRO F 387 -29.03 -57.43 -10.15
N LEU F 388 -29.04 -57.74 -11.45
CA LEU F 388 -29.71 -58.94 -11.98
C LEU F 388 -28.65 -59.76 -12.67
N LEU F 389 -28.35 -60.95 -12.16
CA LEU F 389 -27.32 -61.80 -12.74
C LEU F 389 -27.95 -62.61 -13.88
N TYR F 390 -27.47 -62.38 -15.10
CA TYR F 390 -27.97 -63.04 -16.30
C TYR F 390 -27.11 -64.28 -16.56
N ARG F 391 -27.72 -65.46 -16.66
CA ARG F 391 -26.93 -66.68 -16.85
C ARG F 391 -27.02 -67.35 -18.24
N GLU F 392 -27.88 -66.85 -19.13
CA GLU F 392 -28.05 -67.43 -20.45
C GLU F 392 -26.84 -67.32 -21.36
N PRO F 393 -26.59 -68.36 -22.17
CA PRO F 393 -25.46 -68.28 -23.12
C PRO F 393 -25.71 -67.24 -24.21
N PRO F 394 -24.64 -66.60 -24.70
CA PRO F 394 -24.81 -65.57 -25.72
C PRO F 394 -25.52 -65.98 -26.99
N GLU F 395 -26.36 -65.09 -27.53
CA GLU F 395 -27.03 -65.29 -28.80
C GLU F 395 -25.98 -65.13 -29.90
N ALA F 396 -26.24 -65.72 -31.09
CA ALA F 396 -25.31 -65.63 -32.22
C ALA F 396 -25.18 -64.17 -32.68
N ILE F 397 -26.30 -63.45 -32.72
CA ILE F 397 -26.30 -62.05 -33.13
C ILE F 397 -26.26 -61.18 -31.88
N TRP F 398 -25.19 -60.38 -31.74
CA TRP F 398 -24.99 -59.52 -30.58
C TRP F 398 -26.20 -58.63 -30.26
N ALA F 399 -26.79 -57.95 -31.27
CA ALA F 399 -27.96 -57.10 -31.05
C ALA F 399 -29.13 -57.87 -30.43
N ASP F 400 -29.31 -59.15 -30.80
CA ASP F 400 -30.37 -59.98 -30.22
C ASP F 400 -30.02 -60.32 -28.77
N ASP F 401 -28.74 -60.57 -28.48
CA ASP F 401 -28.29 -60.88 -27.11
C ASP F 401 -28.55 -59.67 -26.19
N VAL F 402 -28.31 -58.44 -26.70
CA VAL F 402 -28.56 -57.20 -25.98
C VAL F 402 -30.05 -57.09 -25.72
N ASP F 403 -30.90 -57.26 -26.76
CA ASP F 403 -32.34 -57.21 -26.61
C ASP F 403 -32.86 -58.20 -25.58
N ARG F 404 -32.33 -59.44 -25.59
CA ARG F 404 -32.75 -60.46 -24.64
C ARG F 404 -32.44 -60.04 -23.20
N ARG F 405 -31.29 -59.41 -22.98
CA ARG F 405 -30.90 -58.96 -21.65
C ARG F 405 -31.79 -57.82 -21.18
N VAL F 406 -32.19 -56.91 -22.09
CA VAL F 406 -33.07 -55.80 -21.77
C VAL F 406 -34.44 -56.36 -21.39
N GLN F 407 -34.94 -57.33 -22.19
CA GLN F 407 -36.22 -57.97 -21.92
C GLN F 407 -36.19 -58.73 -20.60
N PHE F 408 -35.04 -59.36 -20.25
CA PHE F 408 -34.85 -60.06 -18.97
C PHE F 408 -35.02 -59.05 -17.82
N GLY F 409 -34.44 -57.86 -17.98
CA GLY F 409 -34.52 -56.78 -16.99
C GLY F 409 -35.95 -56.31 -16.82
N ILE F 410 -36.68 -56.13 -17.95
CA ILE F 410 -38.08 -55.69 -17.92
C ILE F 410 -38.97 -56.74 -17.28
N GLU F 411 -38.83 -58.02 -17.71
CA GLU F 411 -39.64 -59.11 -17.16
C GLU F 411 -39.33 -59.36 -15.70
N SER F 412 -38.05 -59.31 -15.30
CA SER F 412 -37.72 -59.48 -13.88
C SER F 412 -38.29 -58.31 -13.06
N GLY F 413 -38.24 -57.08 -13.61
CA GLY F 413 -38.77 -55.88 -12.99
C GLY F 413 -40.27 -55.96 -12.79
N LYS F 414 -41.01 -56.48 -13.78
CA LYS F 414 -42.46 -56.65 -13.64
C LYS F 414 -42.78 -57.70 -12.60
N LEU F 415 -42.05 -58.82 -12.63
CA LEU F 415 -42.26 -59.91 -11.69
C LEU F 415 -41.95 -59.50 -10.27
N ARG F 416 -40.95 -58.63 -10.05
CA ARG F 416 -40.60 -58.18 -8.71
C ARG F 416 -41.37 -56.94 -8.21
N GLY F 417 -42.23 -56.37 -9.03
CA GLY F 417 -43.00 -55.19 -8.62
C GLY F 417 -42.33 -53.83 -8.87
N PHE F 418 -41.14 -53.82 -9.51
CA PHE F 418 -40.47 -52.58 -9.86
C PHE F 418 -41.21 -51.86 -10.98
N LEU F 419 -41.75 -52.61 -11.94
CA LEU F 419 -42.39 -52.07 -13.13
C LEU F 419 -43.79 -52.58 -13.28
N ARG F 420 -44.63 -51.72 -13.75
CA ARG F 420 -46.03 -52.00 -13.97
C ARG F 420 -46.32 -51.66 -15.45
N VAL F 421 -47.32 -52.33 -16.07
CA VAL F 421 -47.70 -52.01 -17.44
C VAL F 421 -48.16 -50.54 -17.49
N GLY F 422 -47.66 -49.79 -18.46
CA GLY F 422 -47.95 -48.37 -18.55
C GLY F 422 -46.79 -47.51 -18.07
N ASP F 423 -45.87 -48.09 -17.28
CA ASP F 423 -44.70 -47.35 -16.79
C ASP F 423 -43.77 -47.02 -17.92
N LEU F 424 -43.01 -45.95 -17.74
CA LEU F 424 -41.96 -45.61 -18.68
C LEU F 424 -40.67 -46.04 -18.02
N VAL F 425 -39.79 -46.62 -18.82
CA VAL F 425 -38.48 -47.06 -18.36
C VAL F 425 -37.42 -46.45 -19.29
N ILE F 426 -36.25 -46.13 -18.75
CA ILE F 426 -35.15 -45.62 -19.54
C ILE F 426 -34.20 -46.80 -19.69
N VAL F 427 -33.73 -47.09 -20.90
CA VAL F 427 -32.84 -48.23 -21.14
C VAL F 427 -31.51 -47.72 -21.62
N VAL F 428 -30.43 -48.13 -20.95
CA VAL F 428 -29.07 -47.66 -21.24
C VAL F 428 -28.20 -48.83 -21.73
N THR F 429 -27.71 -48.71 -22.96
CA THR F 429 -26.89 -49.76 -23.60
C THR F 429 -25.70 -49.10 -24.34
N GLY F 430 -24.84 -49.91 -24.98
CA GLY F 430 -23.71 -49.44 -25.76
C GLY F 430 -23.76 -49.88 -27.22
N TRP F 431 -22.83 -49.36 -28.03
CA TRP F 431 -22.81 -49.60 -29.48
C TRP F 431 -22.00 -50.85 -29.91
N ARG F 432 -21.19 -51.44 -29.03
CA ARG F 432 -20.40 -52.63 -29.37
C ARG F 432 -20.15 -53.47 -28.11
N PRO F 433 -19.78 -54.77 -28.23
CA PRO F 433 -19.52 -55.57 -27.02
C PRO F 433 -18.34 -55.07 -26.20
N GLY F 434 -18.25 -55.50 -24.96
CA GLY F 434 -17.14 -55.12 -24.09
C GLY F 434 -17.43 -53.90 -23.25
N SER F 435 -16.69 -53.77 -22.16
CA SER F 435 -16.81 -52.68 -21.22
C SER F 435 -16.34 -51.34 -21.82
N GLY F 436 -17.00 -50.24 -21.45
CA GLY F 436 -16.56 -48.92 -21.86
C GLY F 436 -17.25 -48.26 -23.03
N TYR F 437 -18.23 -48.91 -23.65
CA TYR F 437 -18.88 -48.36 -24.84
C TYR F 437 -20.36 -47.97 -24.67
N THR F 438 -20.83 -47.75 -23.43
CA THR F 438 -22.20 -47.30 -23.21
C THR F 438 -22.38 -45.93 -23.85
N ASN F 439 -23.37 -45.76 -24.73
CA ASN F 439 -23.60 -44.49 -25.40
C ASN F 439 -25.06 -44.31 -25.84
N ILE F 440 -25.99 -45.19 -25.45
CA ILE F 440 -27.36 -45.09 -25.91
C ILE F 440 -28.37 -45.04 -24.77
N MET F 441 -29.37 -44.18 -24.92
CA MET F 441 -30.46 -44.08 -23.96
CA MET F 441 -30.47 -43.99 -23.97
C MET F 441 -31.77 -44.14 -24.76
N ARG F 442 -32.66 -45.01 -24.34
CA ARG F 442 -33.95 -45.21 -25.02
C ARG F 442 -35.10 -45.09 -24.03
N VAL F 443 -36.21 -44.49 -24.45
CA VAL F 443 -37.39 -44.35 -23.61
C VAL F 443 -38.38 -45.43 -24.07
N LEU F 444 -38.73 -46.34 -23.17
CA LEU F 444 -39.65 -47.43 -23.51
CA LEU F 444 -39.62 -47.45 -23.50
C LEU F 444 -40.89 -47.43 -22.63
N SER F 445 -42.05 -47.75 -23.23
CA SER F 445 -43.30 -47.83 -22.49
C SER F 445 -43.51 -49.32 -22.23
N ILE F 446 -43.73 -49.71 -20.98
CA ILE F 446 -43.89 -51.11 -20.61
CA ILE F 446 -43.87 -51.11 -20.59
C ILE F 446 -45.26 -51.65 -20.99
N SER F 447 -45.28 -52.72 -21.79
CA SER F 447 -46.55 -53.30 -22.26
C SER F 447 -46.94 -54.58 -21.53
N GLY G 23 -54.53 -3.53 0.12
CA GLY G 23 -55.56 -3.72 -0.89
C GLY G 23 -55.11 -4.53 -2.10
N THR G 24 -56.08 -5.15 -2.79
CA THR G 24 -55.86 -5.96 -3.99
C THR G 24 -55.31 -5.09 -5.14
N ALA G 25 -55.85 -3.86 -5.26
CA ALA G 25 -55.43 -2.92 -6.30
C ALA G 25 -53.96 -2.58 -6.18
N PHE G 26 -53.45 -2.44 -4.93
CA PHE G 26 -52.05 -2.15 -4.69
C PHE G 26 -51.15 -3.23 -5.31
N PHE G 27 -51.51 -4.50 -5.12
CA PHE G 27 -50.69 -5.61 -5.62
C PHE G 27 -50.86 -5.91 -7.13
N GLN G 28 -51.70 -5.15 -7.84
CA GLN G 28 -51.84 -5.32 -9.28
C GLN G 28 -50.99 -4.27 -10.06
N GLN G 29 -50.70 -3.12 -9.43
CA GLN G 29 -49.92 -2.01 -9.97
C GLN G 29 -48.41 -2.31 -9.93
N GLN G 30 -47.61 -1.43 -10.59
CA GLN G 30 -46.15 -1.44 -10.63
C GLN G 30 -45.53 -2.83 -10.84
N GLN G 31 -46.16 -3.65 -11.70
CA GLN G 31 -45.72 -4.99 -12.03
C GLN G 31 -45.45 -5.85 -10.81
N LEU G 32 -46.22 -5.66 -9.72
CA LEU G 32 -46.01 -6.45 -8.50
C LEU G 32 -46.27 -7.97 -8.72
N PRO G 33 -47.25 -8.43 -9.54
CA PRO G 33 -47.33 -9.88 -9.82
C PRO G 33 -46.04 -10.41 -10.47
N ALA G 34 -45.45 -9.67 -11.43
CA ALA G 34 -44.18 -10.08 -12.05
C ALA G 34 -43.02 -10.02 -11.06
N ALA G 35 -43.08 -9.07 -10.11
CA ALA G 35 -42.05 -8.91 -9.08
C ALA G 35 -42.02 -10.10 -8.12
N MET G 36 -43.17 -10.73 -7.86
CA MET G 36 -43.23 -11.87 -6.94
C MET G 36 -42.89 -13.22 -7.59
N ALA G 37 -42.59 -13.25 -8.89
CA ALA G 37 -42.28 -14.51 -9.57
C ALA G 37 -41.04 -15.19 -9.05
N ASP G 38 -41.00 -16.52 -9.12
CA ASP G 38 -39.89 -17.33 -8.63
C ASP G 38 -38.73 -17.49 -9.59
N THR G 39 -38.95 -17.23 -10.90
CA THR G 39 -37.88 -17.30 -11.90
C THR G 39 -37.94 -16.05 -12.79
N PHE G 40 -36.84 -15.75 -13.48
CA PHE G 40 -36.80 -14.62 -14.40
C PHE G 40 -37.76 -14.87 -15.57
N LEU G 41 -37.84 -16.12 -16.06
CA LEU G 41 -38.77 -16.49 -17.13
C LEU G 41 -40.23 -16.24 -16.72
N GLU G 42 -40.63 -16.68 -15.50
CA GLU G 42 -41.98 -16.45 -14.99
CA GLU G 42 -41.99 -16.44 -15.03
C GLU G 42 -42.23 -14.94 -14.82
N HIS G 43 -41.20 -14.19 -14.41
CA HIS G 43 -41.29 -12.74 -14.22
C HIS G 43 -41.66 -12.08 -15.56
N LEU G 44 -40.99 -12.49 -16.65
CA LEU G 44 -41.28 -11.94 -17.99
C LEU G 44 -42.72 -12.30 -18.39
N CYS G 45 -43.13 -13.56 -18.17
CA CYS G 45 -44.49 -14.03 -18.51
C CYS G 45 -45.58 -13.25 -17.79
N LEU G 46 -45.26 -12.68 -16.60
CA LEU G 46 -46.26 -11.96 -15.80
C LEU G 46 -46.31 -10.44 -16.04
N LEU G 47 -45.41 -9.90 -16.90
CA LEU G 47 -45.41 -8.47 -17.20
C LEU G 47 -46.74 -8.10 -17.85
N ASP G 48 -47.34 -7.00 -17.40
CA ASP G 48 -48.68 -6.63 -17.82
C ASP G 48 -48.74 -5.19 -18.29
N ILE G 49 -49.18 -4.93 -19.53
CA ILE G 49 -49.32 -3.56 -20.04
C ILE G 49 -50.38 -2.75 -19.26
N ASP G 50 -51.29 -3.40 -18.54
CA ASP G 50 -52.31 -2.71 -17.76
C ASP G 50 -51.86 -2.45 -16.30
N SER G 51 -50.69 -2.94 -15.89
CA SER G 51 -50.18 -2.71 -14.55
C SER G 51 -49.48 -1.36 -14.57
N GLU G 52 -50.14 -0.33 -14.05
CA GLU G 52 -49.62 1.03 -14.14
C GLU G 52 -48.49 1.33 -13.19
N PRO G 53 -47.46 2.06 -13.68
CA PRO G 53 -46.36 2.42 -12.78
C PRO G 53 -46.88 3.44 -11.76
N VAL G 54 -46.49 3.29 -10.50
CA VAL G 54 -46.91 4.23 -9.47
C VAL G 54 -45.70 5.00 -8.93
N ALA G 55 -44.54 4.34 -8.82
CA ALA G 55 -43.32 4.95 -8.33
C ALA G 55 -42.86 6.13 -9.19
N ALA G 56 -42.14 7.07 -8.57
CA ALA G 56 -41.57 8.17 -9.33
C ALA G 56 -40.45 7.61 -10.21
N ARG G 57 -40.23 8.23 -11.38
CA ARG G 57 -39.19 7.78 -12.31
C ARG G 57 -37.81 7.93 -11.69
N SER G 58 -37.04 6.84 -11.62
CA SER G 58 -35.77 6.82 -10.92
C SER G 58 -34.50 6.99 -11.79
N THR G 59 -34.56 6.67 -13.09
CA THR G 59 -33.40 6.81 -13.96
C THR G 59 -33.29 8.27 -14.37
N SER G 60 -32.20 8.97 -14.04
CA SER G 60 -32.06 10.37 -14.42
C SER G 60 -31.96 10.57 -15.92
N ILE G 61 -32.43 11.73 -16.38
CA ILE G 61 -32.36 12.05 -17.78
C ILE G 61 -31.35 13.18 -17.94
N ILE G 62 -30.38 12.96 -18.82
CA ILE G 62 -29.42 14.00 -19.17
C ILE G 62 -29.83 14.55 -20.53
N ALA G 63 -30.05 15.86 -20.63
CA ALA G 63 -30.38 16.48 -21.92
C ALA G 63 -29.25 17.39 -22.36
N THR G 64 -28.87 17.29 -23.64
CA THR G 64 -27.82 18.17 -24.15
C THR G 64 -28.44 19.47 -24.54
N ILE G 65 -27.87 20.56 -24.04
CA ILE G 65 -28.38 21.90 -24.26
C ILE G 65 -27.64 22.60 -25.38
N GLY G 66 -28.38 22.98 -26.40
CA GLY G 66 -27.85 23.66 -27.55
C GLY G 66 -28.87 24.62 -28.13
N PRO G 67 -28.76 24.86 -29.46
CA PRO G 67 -29.69 25.81 -30.10
C PRO G 67 -31.18 25.53 -29.92
N ALA G 68 -31.58 24.26 -29.90
CA ALA G 68 -33.00 23.90 -29.73
C ALA G 68 -33.56 24.00 -28.32
N SER G 69 -32.69 24.11 -27.33
CA SER G 69 -33.11 24.01 -25.93
C SER G 69 -32.39 25.01 -25.04
N ARG G 70 -32.09 26.19 -25.56
CA ARG G 70 -31.30 27.18 -24.86
C ARG G 70 -32.09 28.28 -24.16
N SER G 71 -33.28 28.63 -24.66
CA SER G 71 -34.05 29.71 -24.05
C SER G 71 -34.54 29.33 -22.67
N VAL G 72 -34.73 30.34 -21.82
CA VAL G 72 -35.21 30.14 -20.45
C VAL G 72 -36.58 29.48 -20.44
N GLU G 73 -37.48 29.93 -21.33
CA GLU G 73 -38.82 29.36 -21.40
C GLU G 73 -38.82 27.89 -21.83
N ARG G 74 -37.94 27.55 -22.78
CA ARG G 74 -37.83 26.17 -23.25
C ARG G 74 -37.22 25.29 -22.14
N LEU G 75 -36.21 25.81 -21.43
CA LEU G 75 -35.58 25.11 -20.32
C LEU G 75 -36.53 24.84 -19.17
N LYS G 76 -37.48 25.75 -18.90
CA LYS G 76 -38.51 25.52 -17.86
C LYS G 76 -39.37 24.34 -18.27
N GLU G 77 -39.73 24.24 -19.57
CA GLU G 77 -40.53 23.12 -20.05
C GLU G 77 -39.76 21.80 -19.97
N MET G 78 -38.43 21.84 -20.22
CA MET G 78 -37.62 20.63 -20.14
CA MET G 78 -37.62 20.63 -20.14
C MET G 78 -37.46 20.16 -18.68
N ILE G 79 -37.39 21.10 -17.73
CA ILE G 79 -37.29 20.75 -16.32
C ILE G 79 -38.62 20.08 -15.89
N LYS G 80 -39.76 20.67 -16.33
CA LYS G 80 -41.08 20.11 -16.01
C LYS G 80 -41.26 18.72 -16.66
N ALA G 81 -40.70 18.52 -17.86
CA ALA G 81 -40.78 17.24 -18.58
C ALA G 81 -39.92 16.15 -17.92
N GLY G 82 -38.91 16.53 -17.15
CA GLY G 82 -38.10 15.56 -16.44
C GLY G 82 -36.59 15.65 -16.53
N MET G 83 -36.05 16.68 -17.21
CA MET G 83 -34.59 16.85 -17.31
C MET G 83 -33.95 17.00 -15.91
N ASN G 84 -32.96 16.16 -15.60
CA ASN G 84 -32.29 16.24 -14.30
C ASN G 84 -30.87 16.81 -14.42
N ILE G 85 -30.22 16.56 -15.56
CA ILE G 85 -28.84 17.00 -15.79
C ILE G 85 -28.78 17.68 -17.16
N ALA G 86 -28.17 18.86 -17.23
CA ALA G 86 -28.03 19.63 -18.47
C ALA G 86 -26.59 19.40 -18.93
N ARG G 87 -26.42 18.84 -20.10
CA ARG G 87 -25.09 18.56 -20.64
C ARG G 87 -24.67 19.65 -21.64
N LEU G 88 -23.45 20.16 -21.51
CA LEU G 88 -22.89 21.15 -22.43
C LEU G 88 -21.77 20.46 -23.19
N ASN G 89 -21.93 20.29 -24.48
CA ASN G 89 -20.94 19.61 -25.31
C ASN G 89 -19.93 20.62 -25.82
N PHE G 90 -18.71 20.59 -25.23
CA PHE G 90 -17.67 21.51 -25.62
C PHE G 90 -17.00 21.16 -26.95
N SER G 91 -17.53 20.16 -27.71
CA SER G 91 -17.06 19.90 -29.06
C SER G 91 -17.57 21.02 -30.02
N HIS G 92 -18.62 21.78 -29.62
CA HIS G 92 -19.24 22.83 -30.39
C HIS G 92 -19.44 24.07 -29.51
N GLY G 93 -19.62 25.22 -30.13
CA GLY G 93 -19.85 26.46 -29.42
C GLY G 93 -18.60 27.04 -28.82
N SER G 94 -18.73 28.15 -28.15
CA SER G 94 -17.61 28.84 -27.54
C SER G 94 -17.84 28.92 -26.01
N HIS G 95 -16.86 29.43 -25.27
CA HIS G 95 -17.02 29.61 -23.83
C HIS G 95 -18.13 30.59 -23.54
N GLU G 96 -18.24 31.67 -24.34
CA GLU G 96 -19.31 32.66 -24.14
C GLU G 96 -20.68 32.04 -24.43
N TYR G 97 -20.77 31.19 -25.47
CA TYR G 97 -22.04 30.56 -25.81
C TYR G 97 -22.49 29.62 -24.66
N HIS G 98 -21.59 28.76 -24.19
CA HIS G 98 -21.90 27.85 -23.08
C HIS G 98 -22.15 28.56 -21.76
N ALA G 99 -21.47 29.69 -21.48
CA ALA G 99 -21.73 30.46 -20.26
C ALA G 99 -23.17 30.97 -20.29
N GLU G 100 -23.66 31.43 -21.47
CA GLU G 100 -25.03 31.92 -21.61
CA GLU G 100 -25.02 31.91 -21.56
C GLU G 100 -26.00 30.75 -21.38
N SER G 101 -25.68 29.56 -21.92
CA SER G 101 -26.55 28.39 -21.74
C SER G 101 -26.64 28.03 -20.24
N ILE G 102 -25.50 28.06 -19.52
CA ILE G 102 -25.47 27.78 -18.07
C ILE G 102 -26.35 28.80 -17.32
N ALA G 103 -26.20 30.09 -17.65
CA ALA G 103 -26.98 31.14 -16.99
C ALA G 103 -28.48 30.93 -17.22
N ASN G 104 -28.88 30.53 -18.44
CA ASN G 104 -30.28 30.26 -18.76
C ASN G 104 -30.80 29.04 -18.01
N VAL G 105 -29.98 27.96 -17.88
CA VAL G 105 -30.37 26.78 -17.09
C VAL G 105 -30.62 27.20 -15.65
N ARG G 106 -29.65 27.94 -15.05
CA ARG G 106 -29.79 28.38 -13.66
C ARG G 106 -31.01 29.30 -13.46
N GLU G 107 -31.30 30.18 -14.43
CA GLU G 107 -32.47 31.04 -14.32
C GLU G 107 -33.75 30.21 -14.38
N ALA G 108 -33.83 29.24 -15.30
CA ALA G 108 -35.00 28.36 -15.38
C ALA G 108 -35.16 27.53 -14.10
N VAL G 109 -34.07 26.98 -13.56
CA VAL G 109 -34.12 26.18 -12.33
C VAL G 109 -34.60 27.02 -11.12
N GLU G 110 -34.01 28.20 -10.97
CA GLU G 110 -34.35 29.07 -9.85
C GLU G 110 -35.74 29.71 -9.95
N SER G 111 -36.37 29.67 -11.12
CA SER G 111 -37.72 30.18 -11.27
C SER G 111 -38.74 29.35 -10.45
N PHE G 112 -38.37 28.13 -10.01
CA PHE G 112 -39.24 27.27 -9.20
C PHE G 112 -38.82 27.23 -7.71
N ALA G 113 -37.78 28.01 -7.30
CA ALA G 113 -37.26 28.01 -5.92
C ALA G 113 -38.20 28.57 -4.86
N GLY G 114 -39.24 29.29 -5.29
CA GLY G 114 -40.21 29.87 -4.37
C GLY G 114 -41.11 28.86 -3.70
N SER G 115 -41.10 27.60 -4.18
CA SER G 115 -41.85 26.50 -3.60
C SER G 115 -40.81 25.46 -3.20
N PRO G 116 -40.25 25.58 -1.99
CA PRO G 116 -39.18 24.65 -1.58
C PRO G 116 -39.56 23.17 -1.47
N LEU G 117 -40.85 22.85 -1.23
CA LEU G 117 -41.27 21.45 -1.14
C LEU G 117 -41.32 20.76 -2.51
N SER G 118 -41.34 21.54 -3.63
CA SER G 118 -41.38 20.93 -4.95
C SER G 118 -40.17 21.30 -5.86
N TYR G 119 -39.26 22.19 -5.38
CA TYR G 119 -38.09 22.64 -6.15
C TYR G 119 -37.25 21.45 -6.61
N ARG G 120 -36.86 21.43 -7.90
CA ARG G 120 -36.03 20.37 -8.45
C ARG G 120 -34.63 20.85 -8.84
N PRO G 121 -33.60 20.38 -8.12
CA PRO G 121 -32.22 20.72 -8.52
C PRO G 121 -31.93 20.18 -9.92
N VAL G 122 -31.00 20.82 -10.68
CA VAL G 122 -30.61 20.35 -12.02
C VAL G 122 -29.08 20.46 -12.10
N ALA G 123 -28.39 19.35 -12.37
CA ALA G 123 -26.94 19.36 -12.43
C ALA G 123 -26.47 19.93 -13.75
N ILE G 124 -25.27 20.49 -13.77
CA ILE G 124 -24.66 20.98 -15.00
C ILE G 124 -23.44 20.16 -15.27
N ALA G 125 -23.40 19.51 -16.42
CA ALA G 125 -22.29 18.63 -16.79
C ALA G 125 -21.57 19.19 -17.99
N LEU G 126 -20.24 19.11 -17.99
CA LEU G 126 -19.44 19.59 -19.10
C LEU G 126 -18.88 18.39 -19.82
N ASP G 127 -19.13 18.27 -21.11
CA ASP G 127 -18.63 17.15 -21.90
C ASP G 127 -17.45 17.66 -22.73
N THR G 128 -16.26 17.11 -22.51
CA THR G 128 -15.07 17.61 -23.21
C THR G 128 -14.98 17.23 -24.71
N LYS G 129 -14.23 18.03 -25.47
CA LYS G 129 -14.01 17.78 -26.89
C LYS G 129 -13.22 16.50 -27.08
N GLY G 130 -12.22 16.26 -26.24
CA GLY G 130 -11.44 15.04 -26.32
C GLY G 130 -10.03 15.22 -26.84
N PRO G 131 -9.26 14.13 -26.87
CA PRO G 131 -7.85 14.21 -27.26
C PRO G 131 -7.62 14.40 -28.75
N PRO G 135 -3.20 11.66 -27.99
CA PRO G 135 -2.24 11.03 -27.05
C PRO G 135 -2.72 11.04 -25.59
N GLY G 136 -3.18 12.20 -25.14
CA GLY G 136 -3.66 12.44 -23.78
C GLY G 136 -4.50 13.69 -23.68
N LEU G 137 -4.57 14.34 -22.50
CA LEU G 137 -5.35 15.57 -22.33
C LEU G 137 -4.91 16.73 -23.27
N SER G 138 -5.80 17.16 -24.15
CA SER G 138 -5.50 18.23 -25.11
C SER G 138 -5.47 19.60 -24.43
N GLU G 139 -4.91 20.60 -25.14
CA GLU G 139 -4.83 21.97 -24.64
C GLU G 139 -6.22 22.59 -24.53
N GLN G 140 -7.09 22.31 -25.49
CA GLN G 140 -8.47 22.85 -25.43
C GLN G 140 -9.23 22.25 -24.25
N ASP G 141 -9.02 20.96 -23.94
CA ASP G 141 -9.65 20.34 -22.79
C ASP G 141 -9.21 20.95 -21.49
N VAL G 142 -7.93 21.33 -21.34
CA VAL G 142 -7.49 21.98 -20.11
C VAL G 142 -8.22 23.31 -19.95
N ARG G 143 -8.36 24.07 -21.05
CA ARG G 143 -9.05 25.35 -20.95
C ARG G 143 -10.55 25.18 -20.65
N ASP G 144 -11.18 24.18 -21.27
CA ASP G 144 -12.60 23.93 -21.05
C ASP G 144 -12.84 23.42 -19.62
N LEU G 145 -11.97 22.55 -19.12
CA LEU G 145 -12.07 22.09 -17.73
C LEU G 145 -11.91 23.25 -16.74
N ARG G 146 -11.00 24.24 -17.04
CA ARG G 146 -10.85 25.43 -16.18
C ARG G 146 -12.12 26.29 -16.25
N PHE G 147 -12.72 26.41 -17.44
CA PHE G 147 -13.99 27.12 -17.58
C PHE G 147 -15.08 26.44 -16.68
N GLY G 148 -15.11 25.12 -16.69
CA GLY G 148 -16.06 24.37 -15.86
C GLY G 148 -15.90 24.65 -14.38
N VAL G 149 -14.68 24.66 -13.88
CA VAL G 149 -14.40 24.98 -12.48
C VAL G 149 -14.85 26.41 -12.17
N GLU G 150 -14.50 27.37 -13.04
CA GLU G 150 -14.86 28.76 -12.82
C GLU G 150 -16.36 29.00 -12.85
N HIS G 151 -17.10 28.19 -13.61
CA HIS G 151 -18.55 28.33 -13.70
C HIS G 151 -19.33 27.36 -12.77
N GLY G 152 -18.64 26.68 -11.88
CA GLY G 152 -19.24 25.78 -10.89
C GLY G 152 -20.01 24.59 -11.44
N VAL G 153 -19.48 23.93 -12.47
CA VAL G 153 -20.14 22.74 -13.02
C VAL G 153 -20.05 21.62 -11.98
N ASP G 154 -21.01 20.71 -12.04
CA ASP G 154 -21.09 19.62 -11.07
C ASP G 154 -20.36 18.37 -11.56
N ILE G 155 -20.35 18.13 -12.87
CA ILE G 155 -19.87 16.90 -13.45
C ILE G 155 -19.08 17.15 -14.70
N VAL G 156 -18.10 16.27 -14.99
CA VAL G 156 -17.36 16.31 -16.24
C VAL G 156 -17.54 14.96 -16.90
N PHE G 157 -17.96 14.96 -18.17
CA PHE G 157 -18.02 13.73 -18.95
C PHE G 157 -16.71 13.80 -19.78
N ALA G 158 -15.69 13.03 -19.40
CA ALA G 158 -14.38 13.09 -20.06
C ALA G 158 -14.34 12.22 -21.30
N SER G 159 -14.19 12.85 -22.48
CA SER G 159 -14.18 12.10 -23.75
C SER G 159 -12.95 11.25 -23.97
N PHE G 160 -13.13 10.12 -24.64
CA PHE G 160 -12.09 9.18 -25.04
C PHE G 160 -11.10 8.80 -23.93
N VAL G 161 -11.62 8.38 -22.77
CA VAL G 161 -10.74 7.93 -21.70
C VAL G 161 -10.26 6.53 -22.10
N ARG G 162 -8.93 6.35 -22.23
CA ARG G 162 -8.35 5.06 -22.64
C ARG G 162 -7.59 4.33 -21.55
N LYS G 163 -7.26 5.01 -20.45
CA LYS G 163 -6.45 4.41 -19.37
C LYS G 163 -6.57 5.26 -18.12
N ALA G 164 -6.13 4.70 -16.95
CA ALA G 164 -6.20 5.39 -15.67
C ALA G 164 -5.50 6.73 -15.67
N SER G 165 -4.36 6.84 -16.38
CA SER G 165 -3.61 8.10 -16.41
C SER G 165 -4.36 9.23 -17.09
N ASP G 166 -5.31 8.92 -17.98
CA ASP G 166 -6.14 9.95 -18.60
C ASP G 166 -7.06 10.57 -17.53
N VAL G 167 -7.58 9.74 -16.60
CA VAL G 167 -8.45 10.24 -15.53
C VAL G 167 -7.61 11.08 -14.55
N ALA G 168 -6.39 10.63 -14.24
CA ALA G 168 -5.50 11.39 -13.34
C ALA G 168 -5.19 12.77 -13.93
N ALA G 169 -5.02 12.87 -15.25
CA ALA G 169 -4.78 14.15 -15.93
C ALA G 169 -5.98 15.07 -15.81
N VAL G 170 -7.19 14.51 -15.97
CA VAL G 170 -8.41 15.29 -15.79
C VAL G 170 -8.55 15.74 -14.33
N ARG G 171 -8.32 14.84 -13.34
CA ARG G 171 -8.40 15.23 -11.92
C ARG G 171 -7.46 16.37 -11.59
N ALA G 172 -6.21 16.26 -12.09
CA ALA G 172 -5.18 17.28 -11.86
C ALA G 172 -5.63 18.60 -12.46
N ALA G 173 -6.24 18.57 -13.66
CA ALA G 173 -6.68 19.80 -14.33
C ALA G 173 -7.87 20.50 -13.66
N LEU G 174 -8.53 19.83 -12.69
CA LEU G 174 -9.66 20.47 -12.04
C LEU G 174 -9.19 21.45 -10.90
N GLY G 175 -8.00 22.04 -11.12
CA GLY G 175 -7.33 23.09 -10.34
C GLY G 175 -7.43 22.84 -8.88
N PRO G 176 -7.20 23.86 -8.04
CA PRO G 176 -7.37 23.64 -6.61
C PRO G 176 -8.86 23.66 -6.21
N GLU G 177 -9.77 24.29 -7.00
CA GLU G 177 -11.12 24.44 -6.53
C GLU G 177 -12.20 23.48 -7.11
N GLY G 178 -11.80 22.49 -7.91
CA GLY G 178 -12.76 21.59 -8.52
C GLY G 178 -12.64 20.12 -8.18
N HIS G 179 -12.02 19.80 -7.03
CA HIS G 179 -11.87 18.40 -6.62
C HIS G 179 -13.23 17.72 -6.29
N GLY G 180 -14.27 18.51 -5.97
CA GLY G 180 -15.60 17.97 -5.70
C GLY G 180 -16.40 17.60 -6.96
N ILE G 181 -15.89 17.99 -8.13
CA ILE G 181 -16.55 17.69 -9.41
C ILE G 181 -16.45 16.20 -9.73
N LYS G 182 -17.56 15.57 -10.11
CA LYS G 182 -17.56 14.17 -10.46
C LYS G 182 -16.99 13.95 -11.85
N ILE G 183 -16.11 12.98 -12.00
CA ILE G 183 -15.53 12.67 -13.32
C ILE G 183 -16.14 11.40 -13.80
N ILE G 184 -16.92 11.49 -14.87
CA ILE G 184 -17.55 10.37 -15.48
C ILE G 184 -16.73 10.08 -16.75
N SER G 185 -16.00 8.96 -16.77
CA SER G 185 -15.18 8.62 -17.93
C SER G 185 -15.98 8.07 -19.08
N LYS G 186 -15.83 8.66 -20.27
CA LYS G 186 -16.52 8.16 -21.47
C LYS G 186 -15.67 7.09 -22.11
N ILE G 187 -16.24 5.90 -22.32
CA ILE G 187 -15.56 4.77 -22.94
C ILE G 187 -16.03 4.75 -24.40
N GLU G 188 -15.11 5.05 -25.32
CA GLU G 188 -15.46 5.28 -26.72
C GLU G 188 -14.66 4.46 -27.72
N ASN G 189 -13.76 3.59 -27.28
CA ASN G 189 -12.94 2.82 -28.20
C ASN G 189 -12.50 1.48 -27.60
N HIS G 190 -11.80 0.66 -28.39
CA HIS G 190 -11.35 -0.66 -27.97
C HIS G 190 -10.47 -0.63 -26.73
N GLU G 191 -9.51 0.31 -26.67
CA GLU G 191 -8.62 0.39 -25.53
C GLU G 191 -9.37 0.76 -24.21
N GLY G 192 -10.32 1.69 -24.26
CA GLY G 192 -11.11 2.03 -23.08
C GLY G 192 -11.89 0.83 -22.57
N VAL G 193 -12.44 0.01 -23.50
CA VAL G 193 -13.16 -1.21 -23.10
C VAL G 193 -12.22 -2.21 -22.47
N LYS G 194 -11.06 -2.45 -23.09
CA LYS G 194 -10.09 -3.43 -22.56
C LYS G 194 -9.46 -3.01 -21.25
N ARG G 195 -9.23 -1.71 -21.06
CA ARG G 195 -8.68 -1.20 -19.79
C ARG G 195 -9.78 -0.67 -18.85
N PHE G 196 -11.02 -1.14 -19.03
CA PHE G 196 -12.15 -0.67 -18.24
C PHE G 196 -11.93 -0.74 -16.72
N ASP G 197 -11.47 -1.87 -16.20
CA ASP G 197 -11.30 -2.01 -14.75
C ASP G 197 -10.40 -0.95 -14.14
N GLU G 198 -9.26 -0.65 -14.77
CA GLU G 198 -8.36 0.36 -14.25
C GLU G 198 -8.97 1.77 -14.35
N ILE G 199 -9.77 2.03 -15.41
CA ILE G 199 -10.43 3.32 -15.57
C ILE G 199 -11.53 3.51 -14.50
N LEU G 200 -12.38 2.49 -14.32
CA LEU G 200 -13.48 2.58 -13.35
C LEU G 200 -12.94 2.79 -11.92
N GLU G 201 -11.84 2.13 -11.59
CA GLU G 201 -11.21 2.25 -10.27
C GLU G 201 -10.94 3.69 -9.87
N VAL G 202 -10.46 4.53 -10.80
CA VAL G 202 -10.14 5.92 -10.50
C VAL G 202 -11.23 6.93 -10.92
N SER G 203 -12.31 6.48 -11.58
CA SER G 203 -13.36 7.41 -12.00
C SER G 203 -14.48 7.44 -10.99
N ASP G 204 -15.30 8.49 -11.02
CA ASP G 204 -16.53 8.51 -10.21
C ASP G 204 -17.67 7.69 -10.88
N GLY G 205 -17.57 7.46 -12.17
CA GLY G 205 -18.57 6.72 -12.93
C GLY G 205 -18.17 6.61 -14.39
N ILE G 206 -19.05 6.05 -15.21
CA ILE G 206 -18.72 5.78 -16.61
C ILE G 206 -19.86 6.19 -17.53
N MET G 207 -19.52 6.58 -18.77
CA MET G 207 -20.53 6.81 -19.80
C MET G 207 -20.21 5.82 -20.92
N VAL G 208 -21.22 5.06 -21.36
CA VAL G 208 -21.09 4.18 -22.52
C VAL G 208 -21.40 5.10 -23.70
N ALA G 209 -20.35 5.64 -24.33
CA ALA G 209 -20.49 6.62 -25.40
C ALA G 209 -20.60 5.84 -26.71
N ARG G 210 -21.82 5.38 -27.02
CA ARG G 210 -22.05 4.47 -28.14
C ARG G 210 -21.81 5.03 -29.54
N GLY G 211 -21.82 6.34 -29.72
CA GLY G 211 -21.57 6.95 -31.04
C GLY G 211 -20.19 6.59 -31.56
N ASP G 212 -19.15 7.05 -30.85
CA ASP G 212 -17.78 6.69 -31.19
C ASP G 212 -17.51 5.19 -31.02
N LEU G 213 -18.05 4.56 -29.96
CA LEU G 213 -17.82 3.14 -29.74
C LEU G 213 -18.28 2.29 -30.94
N GLY G 214 -19.42 2.64 -31.52
CA GLY G 214 -19.97 1.96 -32.68
C GLY G 214 -19.23 2.16 -34.00
N ILE G 215 -18.25 3.07 -34.01
CA ILE G 215 -17.36 3.33 -35.16
C ILE G 215 -15.97 2.73 -34.87
N GLU G 216 -15.53 2.75 -33.60
CA GLU G 216 -14.23 2.24 -33.17
C GLU G 216 -14.19 0.72 -33.08
N ILE G 217 -15.31 0.09 -32.73
CA ILE G 217 -15.42 -1.37 -32.68
C ILE G 217 -16.57 -1.79 -33.63
N PRO G 218 -16.69 -3.06 -34.02
CA PRO G 218 -17.83 -3.45 -34.89
C PRO G 218 -19.17 -3.07 -34.25
N ALA G 219 -20.09 -2.48 -35.03
CA ALA G 219 -21.37 -2.01 -34.51
C ALA G 219 -22.17 -3.11 -33.82
N GLU G 220 -22.04 -4.34 -34.30
CA GLU G 220 -22.76 -5.49 -33.73
C GLU G 220 -22.20 -5.94 -32.36
N LYS G 221 -21.09 -5.36 -31.90
CA LYS G 221 -20.52 -5.71 -30.59
C LYS G 221 -20.81 -4.63 -29.53
N VAL G 222 -21.36 -3.46 -29.90
CA VAL G 222 -21.61 -2.39 -28.93
C VAL G 222 -22.49 -2.83 -27.77
N PHE G 223 -23.52 -3.64 -28.03
CA PHE G 223 -24.41 -4.09 -26.93
C PHE G 223 -23.65 -4.93 -25.88
N LEU G 224 -22.59 -5.66 -26.29
CA LEU G 224 -21.79 -6.46 -25.36
C LEU G 224 -21.00 -5.52 -24.47
N ALA G 225 -20.38 -4.47 -25.05
CA ALA G 225 -19.61 -3.50 -24.26
C ALA G 225 -20.56 -2.74 -23.31
N GLN G 226 -21.75 -2.36 -23.80
CA GLN G 226 -22.73 -1.65 -22.95
C GLN G 226 -23.15 -2.52 -21.74
N LYS G 227 -23.56 -3.77 -22.00
CA LYS G 227 -24.03 -4.66 -20.93
C LYS G 227 -22.93 -4.98 -19.93
N MET G 228 -21.71 -5.18 -20.41
CA MET G 228 -20.55 -5.47 -19.56
C MET G 228 -20.24 -4.26 -18.66
N MET G 229 -20.17 -3.06 -19.23
CA MET G 229 -19.83 -1.88 -18.44
C MET G 229 -20.91 -1.53 -17.43
N ILE G 230 -22.17 -1.69 -17.80
CA ILE G 230 -23.27 -1.41 -16.86
C ILE G 230 -23.22 -2.42 -15.71
N GLY G 231 -22.98 -3.70 -16.02
CA GLY G 231 -22.88 -4.73 -14.98
C GLY G 231 -21.72 -4.45 -14.03
N ARG G 232 -20.54 -4.09 -14.56
CA ARG G 232 -19.38 -3.80 -13.70
C ARG G 232 -19.59 -2.56 -12.85
N CYS G 233 -20.22 -1.51 -13.40
CA CYS G 233 -20.53 -0.31 -12.61
C CYS G 233 -21.53 -0.61 -11.51
N ASN G 234 -22.53 -1.44 -11.81
CA ASN G 234 -23.52 -1.84 -10.82
C ASN G 234 -22.81 -2.61 -9.67
N LEU G 235 -21.87 -3.49 -10.02
CA LEU G 235 -21.11 -4.24 -9.03
C LEU G 235 -20.23 -3.30 -8.18
N ALA G 236 -19.61 -2.30 -8.82
CA ALA G 236 -18.77 -1.34 -8.10
C ALA G 236 -19.56 -0.28 -7.32
N GLY G 237 -20.87 -0.16 -7.54
CA GLY G 237 -21.67 0.87 -6.89
C GLY G 237 -21.35 2.27 -7.41
N LYS G 238 -21.02 2.36 -8.69
CA LYS G 238 -20.72 3.64 -9.32
C LYS G 238 -21.68 3.95 -10.47
N PRO G 239 -22.09 5.22 -10.63
CA PRO G 239 -23.02 5.55 -11.72
C PRO G 239 -22.55 5.21 -13.14
N VAL G 240 -23.49 4.79 -13.96
CA VAL G 240 -23.21 4.48 -15.36
C VAL G 240 -24.30 5.12 -16.22
N VAL G 241 -23.88 5.80 -17.28
CA VAL G 241 -24.78 6.48 -18.19
C VAL G 241 -24.84 5.73 -19.50
N CYS G 242 -26.04 5.51 -20.05
CA CYS G 242 -26.14 4.97 -21.40
C CYS G 242 -26.38 6.20 -22.31
N ALA G 243 -25.63 6.29 -23.41
CA ALA G 243 -25.73 7.47 -24.26
C ALA G 243 -25.75 7.18 -25.73
N THR G 244 -26.31 8.14 -26.51
CA THR G 244 -26.20 8.33 -27.96
C THR G 244 -27.16 7.51 -28.80
N GLN G 245 -27.94 8.23 -29.62
CA GLN G 245 -28.92 7.71 -30.57
C GLN G 245 -30.06 6.92 -29.93
N MET G 246 -30.35 7.17 -28.64
CA MET G 246 -31.43 6.47 -27.96
C MET G 246 -32.79 6.75 -28.59
N LEU G 247 -33.04 8.02 -28.96
CA LEU G 247 -34.30 8.41 -29.61
C LEU G 247 -33.97 9.24 -30.87
N GLU G 248 -32.94 8.84 -31.61
CA GLU G 248 -32.39 9.57 -32.74
C GLU G 248 -33.40 10.09 -33.76
N SER G 249 -34.37 9.26 -34.18
CA SER G 249 -35.37 9.69 -35.17
C SER G 249 -36.17 10.92 -34.68
N MET G 250 -36.21 11.17 -33.35
CA MET G 250 -36.87 12.32 -32.76
C MET G 250 -36.13 13.64 -33.00
N ILE G 251 -34.92 13.63 -33.60
CA ILE G 251 -34.27 14.88 -34.00
C ILE G 251 -35.19 15.60 -35.06
N THR G 252 -35.90 14.81 -35.90
CA THR G 252 -36.81 15.39 -36.89
C THR G 252 -38.27 14.95 -36.73
N LYS G 253 -38.53 13.84 -36.01
CA LYS G 253 -39.90 13.34 -35.88
C LYS G 253 -40.51 13.47 -34.50
N PRO G 254 -41.85 13.67 -34.39
CA PRO G 254 -42.46 13.84 -33.07
C PRO G 254 -42.58 12.54 -32.25
N ARG G 255 -42.44 11.38 -32.90
CA ARG G 255 -42.56 10.10 -32.20
C ARG G 255 -41.36 9.23 -32.56
N PRO G 256 -40.91 8.37 -31.62
CA PRO G 256 -39.75 7.52 -31.93
C PRO G 256 -40.10 6.22 -32.63
N THR G 257 -39.08 5.49 -33.10
CA THR G 257 -39.30 4.19 -33.70
C THR G 257 -39.48 3.13 -32.60
N ARG G 258 -39.91 1.92 -32.99
CA ARG G 258 -40.07 0.82 -32.06
C ARG G 258 -38.71 0.38 -31.49
N ALA G 259 -37.63 0.49 -32.28
CA ALA G 259 -36.30 0.12 -31.79
C ALA G 259 -35.80 1.11 -30.74
N GLU G 260 -36.15 2.39 -30.89
CA GLU G 260 -35.71 3.42 -29.97
C GLU G 260 -36.38 3.30 -28.62
N THR G 261 -37.71 3.03 -28.56
CA THR G 261 -38.35 2.84 -27.26
C THR G 261 -37.79 1.59 -26.56
N SER G 262 -37.54 0.54 -27.34
CA SER G 262 -36.98 -0.71 -26.86
C SER G 262 -35.56 -0.44 -26.28
N ASP G 263 -34.74 0.34 -26.99
CA ASP G 263 -33.38 0.72 -26.54
C ASP G 263 -33.40 1.44 -25.19
N VAL G 264 -34.29 2.41 -25.01
CA VAL G 264 -34.38 3.11 -23.73
C VAL G 264 -34.79 2.16 -22.61
N ALA G 265 -35.82 1.33 -22.86
CA ALA G 265 -36.30 0.40 -21.84
C ALA G 265 -35.20 -0.61 -21.46
N ASN G 266 -34.47 -1.10 -22.46
CA ASN G 266 -33.40 -2.07 -22.22
C ASN G 266 -32.19 -1.46 -21.53
N ALA G 267 -31.90 -0.17 -21.73
CA ALA G 267 -30.79 0.47 -21.01
C ALA G 267 -31.15 0.49 -19.49
N VAL G 268 -32.42 0.80 -19.15
CA VAL G 268 -32.89 0.80 -17.76
C VAL G 268 -32.86 -0.62 -17.20
N LEU G 269 -33.38 -1.61 -17.95
CA LEU G 269 -33.35 -3.00 -17.51
C LEU G 269 -31.92 -3.54 -17.37
N ASP G 270 -30.97 -3.05 -18.18
CA ASP G 270 -29.55 -3.44 -18.10
C ASP G 270 -28.94 -2.98 -16.76
N GLY G 271 -29.43 -1.86 -16.22
CA GLY G 271 -28.98 -1.31 -14.96
C GLY G 271 -28.41 0.11 -15.05
N ALA G 272 -28.66 0.84 -16.16
CA ALA G 272 -28.12 2.19 -16.29
C ALA G 272 -28.69 3.12 -15.24
N ASP G 273 -27.83 3.96 -14.64
CA ASP G 273 -28.30 4.96 -13.67
C ASP G 273 -28.92 6.15 -14.38
N CYS G 274 -28.36 6.52 -15.54
CA CYS G 274 -28.84 7.66 -16.31
C CYS G 274 -29.00 7.26 -17.76
N ILE G 275 -29.89 7.96 -18.44
CA ILE G 275 -30.03 7.85 -19.89
C ILE G 275 -29.85 9.25 -20.46
N MET G 276 -29.38 9.35 -21.71
CA MET G 276 -29.04 10.64 -22.29
C MET G 276 -29.70 10.93 -23.62
N LEU G 277 -29.87 12.21 -23.89
CA LEU G 277 -30.35 12.76 -25.15
C LEU G 277 -29.24 13.70 -25.61
N SER G 278 -28.87 13.60 -26.88
CA SER G 278 -27.82 14.43 -27.43
CA SER G 278 -27.82 14.42 -27.44
C SER G 278 -28.40 15.29 -28.55
N GLY G 279 -28.33 14.86 -29.82
CA GLY G 279 -28.89 15.63 -30.93
C GLY G 279 -30.37 15.90 -30.74
N GLU G 280 -31.08 14.92 -30.10
CA GLU G 280 -32.51 15.02 -29.84
C GLU G 280 -32.89 16.29 -29.10
N THR G 281 -32.04 16.77 -28.17
CA THR G 281 -32.38 18.01 -27.45
C THR G 281 -31.48 19.18 -27.83
N ALA G 282 -30.27 18.92 -28.30
CA ALA G 282 -29.33 20.00 -28.62
C ALA G 282 -29.74 20.68 -29.92
N LYS G 283 -30.22 19.90 -30.91
CA LYS G 283 -30.54 20.45 -32.22
C LYS G 283 -31.82 19.89 -32.85
N GLY G 284 -32.65 19.22 -32.08
CA GLY G 284 -33.85 18.61 -32.61
C GLY G 284 -35.04 19.52 -32.67
N ASN G 285 -36.08 19.10 -33.42
CA ASN G 285 -37.34 19.80 -33.57
C ASN G 285 -38.27 19.57 -32.39
N PHE G 286 -38.07 18.49 -31.60
CA PHE G 286 -38.96 18.19 -30.47
C PHE G 286 -38.20 17.87 -29.16
N PRO G 287 -37.38 18.83 -28.66
CA PRO G 287 -36.59 18.55 -27.45
C PRO G 287 -37.42 18.17 -26.23
N VAL G 288 -38.55 18.88 -26.00
CA VAL G 288 -39.39 18.61 -24.82
C VAL G 288 -40.04 17.25 -24.92
N GLU G 289 -40.52 16.90 -26.12
CA GLU G 289 -41.18 15.61 -26.34
C GLU G 289 -40.19 14.45 -26.18
N ALA G 290 -38.91 14.66 -26.54
CA ALA G 290 -37.89 13.62 -26.40
C ALA G 290 -37.67 13.34 -24.89
N VAL G 291 -37.61 14.41 -24.06
CA VAL G 291 -37.45 14.25 -22.62
C VAL G 291 -38.69 13.51 -22.04
N LYS G 292 -39.88 13.90 -22.49
CA LYS G 292 -41.13 13.27 -22.05
C LYS G 292 -41.17 11.79 -22.40
N MET G 293 -40.65 11.44 -23.58
CA MET G 293 -40.63 10.05 -24.03
C MET G 293 -39.68 9.21 -23.17
N GLN G 294 -38.47 9.73 -22.89
CA GLN G 294 -37.54 9.03 -22.02
C GLN G 294 -38.13 8.86 -20.64
N HIS G 295 -38.81 9.89 -20.13
CA HIS G 295 -39.46 9.81 -18.82
C HIS G 295 -40.50 8.68 -18.80
N ALA G 296 -41.38 8.66 -19.80
CA ALA G 296 -42.45 7.65 -19.85
C ALA G 296 -41.93 6.22 -19.96
N ILE G 297 -40.91 5.99 -20.82
CA ILE G 297 -40.35 4.65 -20.97
C ILE G 297 -39.63 4.21 -19.71
N ALA G 298 -38.78 5.10 -19.12
CA ALA G 298 -38.02 4.74 -17.93
C ALA G 298 -38.93 4.33 -16.78
N ARG G 299 -40.04 5.03 -16.59
CA ARG G 299 -40.99 4.69 -15.52
C ARG G 299 -41.56 3.27 -15.72
N GLU G 300 -41.91 2.92 -16.97
CA GLU G 300 -42.45 1.59 -17.26
C GLU G 300 -41.38 0.53 -17.02
N ALA G 301 -40.13 0.80 -17.50
CA ALA G 301 -39.04 -0.16 -17.40
C ALA G 301 -38.59 -0.39 -15.99
N GLU G 302 -38.61 0.64 -15.15
CA GLU G 302 -38.18 0.49 -13.76
C GLU G 302 -39.10 -0.44 -12.99
N ALA G 303 -40.41 -0.38 -13.27
CA ALA G 303 -41.36 -1.30 -12.62
C ALA G 303 -41.12 -2.74 -13.07
N ALA G 304 -40.61 -2.93 -14.30
CA ALA G 304 -40.33 -4.25 -14.87
C ALA G 304 -39.01 -4.85 -14.44
N VAL G 305 -38.20 -4.16 -13.63
CA VAL G 305 -36.92 -4.71 -13.15
C VAL G 305 -37.26 -5.90 -12.20
N TYR G 306 -36.54 -7.02 -12.32
CA TYR G 306 -36.76 -8.19 -11.48
C TYR G 306 -35.89 -8.05 -10.22
N HIS G 307 -36.35 -7.25 -9.28
CA HIS G 307 -35.62 -6.96 -8.04
C HIS G 307 -35.27 -8.18 -7.22
N ARG G 308 -36.08 -9.23 -7.24
CA ARG G 308 -35.81 -10.45 -6.47
C ARG G 308 -34.44 -11.03 -6.82
N GLN G 309 -34.13 -11.12 -8.11
CA GLN G 309 -32.84 -11.64 -8.52
C GLN G 309 -31.75 -10.58 -8.39
N LEU G 310 -32.07 -9.34 -8.80
CA LEU G 310 -31.10 -8.26 -8.77
C LEU G 310 -30.56 -8.00 -7.34
N PHE G 311 -31.46 -7.86 -6.35
CA PHE G 311 -31.03 -7.63 -4.97
C PHE G 311 -30.19 -8.78 -4.46
N GLU G 312 -30.61 -10.03 -4.74
CA GLU G 312 -29.88 -11.24 -4.33
C GLU G 312 -28.46 -11.24 -4.89
N GLU G 313 -28.33 -10.92 -6.19
CA GLU G 313 -27.02 -10.90 -6.83
C GLU G 313 -26.13 -9.74 -6.37
N LEU G 314 -26.73 -8.56 -6.13
CA LEU G 314 -25.95 -7.41 -5.63
C LEU G 314 -25.45 -7.72 -4.21
N ARG G 315 -26.30 -8.33 -3.38
CA ARG G 315 -25.96 -8.72 -2.02
C ARG G 315 -24.83 -9.77 -2.03
N ARG G 316 -24.94 -10.81 -2.86
CA ARG G 316 -23.95 -11.89 -2.97
C ARG G 316 -22.59 -11.37 -3.44
N ALA G 317 -22.59 -10.46 -4.41
CA ALA G 317 -21.35 -9.95 -4.97
C ALA G 317 -20.67 -8.86 -4.15
N ALA G 318 -21.44 -8.10 -3.36
CA ALA G 318 -20.85 -7.04 -2.54
C ALA G 318 -20.09 -7.68 -1.37
N PRO G 319 -18.84 -7.26 -1.15
CA PRO G 319 -18.07 -7.86 -0.05
C PRO G 319 -18.57 -7.44 1.32
N LEU G 320 -18.11 -8.16 2.37
CA LEU G 320 -18.41 -7.79 3.74
C LEU G 320 -17.80 -6.41 4.02
N SER G 321 -18.39 -5.66 4.93
CA SER G 321 -17.90 -4.33 5.21
C SER G 321 -18.00 -3.99 6.64
N ARG G 322 -17.01 -3.25 7.15
CA ARG G 322 -17.06 -2.71 8.49
C ARG G 322 -17.39 -1.20 8.46
N ASP G 323 -17.76 -0.63 7.30
CA ASP G 323 -18.11 0.78 7.19
C ASP G 323 -19.59 0.89 7.62
N PRO G 324 -19.88 1.65 8.69
CA PRO G 324 -21.27 1.75 9.14
C PRO G 324 -22.25 2.28 8.11
N THR G 325 -21.82 3.18 7.20
CA THR G 325 -22.71 3.70 6.17
C THR G 325 -23.17 2.56 5.24
N GLU G 326 -22.20 1.74 4.80
CA GLU G 326 -22.51 0.62 3.91
CA GLU G 326 -22.50 0.61 3.92
C GLU G 326 -23.39 -0.43 4.64
N VAL G 327 -23.10 -0.71 5.91
CA VAL G 327 -23.87 -1.67 6.70
C VAL G 327 -25.31 -1.18 6.89
N THR G 328 -25.48 0.10 7.24
CA THR G 328 -26.80 0.68 7.42
C THR G 328 -27.57 0.66 6.10
N ALA G 329 -26.89 0.98 4.97
CA ALA G 329 -27.53 1.00 3.66
C ALA G 329 -28.16 -0.33 3.29
N ILE G 330 -27.42 -1.46 3.44
CA ILE G 330 -27.99 -2.76 3.07
C ILE G 330 -29.13 -3.15 4.01
N GLY G 331 -29.02 -2.81 5.29
CA GLY G 331 -30.08 -3.05 6.26
C GLY G 331 -31.33 -2.28 5.92
N ALA G 332 -31.17 -1.01 5.50
CA ALA G 332 -32.28 -0.14 5.10
C ALA G 332 -32.98 -0.63 3.84
N VAL G 333 -32.22 -1.09 2.85
CA VAL G 333 -32.80 -1.58 1.60
C VAL G 333 -33.54 -2.91 1.89
N GLU G 334 -32.98 -3.80 2.74
CA GLU G 334 -33.65 -5.04 3.11
CA GLU G 334 -33.65 -5.03 3.12
C GLU G 334 -34.97 -4.73 3.84
N ALA G 335 -34.94 -3.76 4.77
CA ALA G 335 -36.15 -3.34 5.48
C ALA G 335 -37.20 -2.76 4.53
N ALA G 336 -36.76 -1.92 3.57
CA ALA G 336 -37.69 -1.31 2.62
C ALA G 336 -38.41 -2.38 1.77
N PHE G 337 -37.69 -3.42 1.34
CA PHE G 337 -38.31 -4.51 0.56
C PHE G 337 -39.32 -5.31 1.42
N LYS G 338 -39.03 -5.51 2.70
CA LYS G 338 -39.88 -6.27 3.61
C LYS G 338 -41.25 -5.64 3.79
N CYS G 339 -41.32 -4.30 3.82
CA CYS G 339 -42.60 -3.63 4.04
C CYS G 339 -43.15 -2.92 2.79
N CYS G 340 -42.51 -3.05 1.63
CA CYS G 340 -42.87 -2.31 0.43
C CYS G 340 -42.86 -0.82 0.72
N ALA G 341 -41.81 -0.32 1.44
CA ALA G 341 -41.73 1.07 1.84
C ALA G 341 -41.90 2.00 0.66
N ALA G 342 -42.65 3.06 0.84
CA ALA G 342 -42.87 4.04 -0.22
C ALA G 342 -41.54 4.80 -0.51
N ALA G 343 -40.71 4.98 0.52
CA ALA G 343 -39.45 5.71 0.37
C ALA G 343 -38.44 5.40 1.47
N ILE G 344 -37.15 5.66 1.20
CA ILE G 344 -36.06 5.66 2.14
C ILE G 344 -35.63 7.12 2.21
N ILE G 345 -35.81 7.79 3.35
CA ILE G 345 -35.42 9.17 3.49
C ILE G 345 -34.05 9.18 4.11
N VAL G 346 -33.08 9.82 3.46
CA VAL G 346 -31.72 9.84 3.98
C VAL G 346 -31.18 11.26 4.09
N LEU G 347 -30.50 11.55 5.19
CA LEU G 347 -29.84 12.83 5.34
C LEU G 347 -28.40 12.63 4.83
N THR G 348 -27.93 13.57 4.00
CA THR G 348 -26.60 13.43 3.42
C THR G 348 -26.00 14.81 3.14
N THR G 349 -24.71 14.99 3.39
CA THR G 349 -24.04 16.25 3.07
C THR G 349 -23.30 16.15 1.77
N THR G 350 -22.62 15.02 1.54
CA THR G 350 -21.86 14.84 0.30
C THR G 350 -22.59 14.01 -0.76
N GLY G 351 -23.68 13.32 -0.39
CA GLY G 351 -24.40 12.43 -1.30
C GLY G 351 -24.04 10.96 -1.10
N ARG G 352 -22.94 10.68 -0.39
CA ARG G 352 -22.45 9.31 -0.22
C ARG G 352 -23.45 8.33 0.43
N SER G 353 -24.14 8.72 1.51
CA SER G 353 -25.13 7.82 2.13
C SER G 353 -26.25 7.44 1.13
N ALA G 354 -26.64 8.38 0.24
CA ALA G 354 -27.67 8.09 -0.75
C ALA G 354 -27.12 7.17 -1.85
N GLN G 355 -25.86 7.35 -2.24
CA GLN G 355 -25.23 6.54 -3.30
C GLN G 355 -25.13 5.08 -2.80
N LEU G 356 -24.78 4.88 -1.52
CA LEU G 356 -24.68 3.51 -0.98
C LEU G 356 -26.05 2.84 -0.85
N LEU G 357 -27.16 3.61 -0.71
CA LEU G 357 -28.49 3.02 -0.72
C LEU G 357 -28.82 2.63 -2.18
N SER G 358 -28.56 3.54 -3.11
CA SER G 358 -28.84 3.37 -4.54
C SER G 358 -28.14 2.13 -5.14
N ARG G 359 -26.93 1.79 -4.69
CA ARG G 359 -26.19 0.65 -5.25
C ARG G 359 -26.93 -0.69 -5.05
N TYR G 360 -27.84 -0.78 -4.03
CA TYR G 360 -28.63 -1.98 -3.79
C TYR G 360 -29.94 -2.01 -4.54
N ARG G 361 -30.21 -0.98 -5.35
CA ARG G 361 -31.37 -0.88 -6.19
C ARG G 361 -32.69 -1.13 -5.48
N PRO G 362 -33.01 -0.35 -4.44
CA PRO G 362 -34.31 -0.52 -3.80
C PRO G 362 -35.42 -0.12 -4.75
N ARG G 363 -36.60 -0.69 -4.57
CA ARG G 363 -37.79 -0.26 -5.31
C ARG G 363 -38.25 1.07 -4.69
N ALA G 364 -38.09 1.26 -3.37
CA ALA G 364 -38.46 2.47 -2.68
C ALA G 364 -37.61 3.63 -3.19
N ALA G 365 -38.23 4.80 -3.37
CA ALA G 365 -37.52 6.01 -3.78
C ALA G 365 -36.55 6.42 -2.67
N VAL G 366 -35.33 6.84 -3.00
CA VAL G 366 -34.38 7.31 -1.99
C VAL G 366 -34.49 8.84 -1.99
N ILE G 367 -35.14 9.42 -0.99
CA ILE G 367 -35.30 10.84 -0.89
C ILE G 367 -34.12 11.39 -0.10
N ALA G 368 -33.22 12.10 -0.78
CA ALA G 368 -32.00 12.58 -0.13
C ALA G 368 -32.14 14.03 0.29
N VAL G 369 -32.18 14.29 1.59
CA VAL G 369 -32.30 15.64 2.08
C VAL G 369 -30.92 16.19 2.38
N THR G 370 -30.58 17.31 1.79
CA THR G 370 -29.25 17.88 1.95
C THR G 370 -29.28 19.40 1.98
N ARG G 371 -28.32 20.00 2.67
CA ARG G 371 -28.11 21.45 2.68
C ARG G 371 -27.09 21.85 1.56
N SER G 372 -26.39 20.88 0.96
CA SER G 372 -25.41 21.17 -0.08
C SER G 372 -26.09 21.23 -1.45
N ALA G 373 -26.12 22.43 -2.06
CA ALA G 373 -26.71 22.58 -3.39
C ALA G 373 -25.96 21.71 -4.42
N GLN G 374 -24.63 21.60 -4.30
CA GLN G 374 -23.87 20.76 -5.22
C GLN G 374 -24.18 19.29 -5.05
N ALA G 375 -24.27 18.78 -3.80
CA ALA G 375 -24.59 17.38 -3.59
C ALA G 375 -25.99 17.08 -4.11
N ALA G 376 -26.95 18.02 -3.94
CA ALA G 376 -28.31 17.84 -4.45
C ALA G 376 -28.30 17.68 -5.97
N ARG G 377 -27.40 18.41 -6.68
CA ARG G 377 -27.34 18.29 -8.11
C ARG G 377 -26.63 16.98 -8.51
N GLN G 378 -25.52 16.64 -7.83
CA GLN G 378 -24.72 15.47 -8.21
C GLN G 378 -25.40 14.12 -7.95
N VAL G 379 -26.22 14.00 -6.90
CA VAL G 379 -26.90 12.71 -6.61
C VAL G 379 -27.82 12.28 -7.73
N HIS G 380 -28.18 13.18 -8.71
CA HIS G 380 -28.95 12.76 -9.89
C HIS G 380 -28.20 11.67 -10.67
N LEU G 381 -26.88 11.53 -10.49
CA LEU G 381 -26.13 10.46 -11.18
C LEU G 381 -26.52 9.06 -10.69
N CYS G 382 -27.09 8.95 -9.47
CA CYS G 382 -27.41 7.66 -8.87
C CYS G 382 -28.87 7.32 -9.04
N ARG G 383 -29.17 6.16 -9.62
CA ARG G 383 -30.56 5.76 -9.83
C ARG G 383 -31.39 5.74 -8.55
N GLY G 384 -32.58 6.31 -8.65
CA GLY G 384 -33.55 6.30 -7.58
C GLY G 384 -33.30 7.30 -6.48
N VAL G 385 -32.38 8.26 -6.67
CA VAL G 385 -32.13 9.27 -5.65
C VAL G 385 -32.83 10.54 -6.06
N PHE G 386 -33.73 11.04 -5.21
CA PHE G 386 -34.52 12.26 -5.42
C PHE G 386 -34.01 13.30 -4.45
N PRO G 387 -33.21 14.24 -4.95
CA PRO G 387 -32.63 15.24 -4.04
C PRO G 387 -33.59 16.34 -3.62
N LEU G 388 -33.54 16.72 -2.34
CA LEU G 388 -34.32 17.81 -1.79
C LEU G 388 -33.33 18.77 -1.14
N LEU G 389 -33.27 20.00 -1.61
CA LEU G 389 -32.36 21.00 -1.07
C LEU G 389 -33.04 21.72 0.08
N TYR G 390 -32.49 21.59 1.29
CA TYR G 390 -33.04 22.18 2.50
C TYR G 390 -32.37 23.53 2.75
N ARG G 391 -33.15 24.60 2.84
CA ARG G 391 -32.60 25.95 3.02
C ARG G 391 -33.01 26.62 4.35
N GLU G 392 -33.68 25.91 5.26
CA GLU G 392 -34.10 26.50 6.52
C GLU G 392 -32.88 26.72 7.43
N PRO G 393 -32.95 27.75 8.28
CA PRO G 393 -31.86 27.96 9.24
C PRO G 393 -31.82 26.86 10.31
N PRO G 394 -30.61 26.51 10.77
CA PRO G 394 -30.47 25.44 11.75
C PRO G 394 -31.20 25.65 13.08
N GLU G 395 -31.66 24.55 13.65
CA GLU G 395 -32.22 24.56 14.99
C GLU G 395 -31.04 24.53 15.96
N ALA G 396 -31.22 25.06 17.17
CA ALA G 396 -30.17 25.09 18.20
C ALA G 396 -29.80 23.68 18.64
N ILE G 397 -30.80 22.79 18.73
CA ILE G 397 -30.61 21.42 19.14
C ILE G 397 -30.48 20.54 17.90
N TRP G 398 -29.34 19.88 17.77
CA TRP G 398 -29.07 19.03 16.60
C TRP G 398 -30.16 17.95 16.33
N ALA G 399 -30.60 17.16 17.34
CA ALA G 399 -31.64 16.16 17.10
C ALA G 399 -32.94 16.80 16.55
N ASP G 400 -33.27 18.05 16.94
CA ASP G 400 -34.44 18.75 16.41
C ASP G 400 -34.22 19.17 14.95
N ASP G 401 -33.00 19.59 14.63
CA ASP G 401 -32.64 19.97 13.28
C ASP G 401 -32.69 18.73 12.35
N VAL G 402 -32.29 17.56 12.87
CA VAL G 402 -32.39 16.32 12.11
C VAL G 402 -33.87 15.98 11.85
N ASP G 403 -34.72 16.07 12.90
CA ASP G 403 -36.14 15.77 12.75
C ASP G 403 -36.81 16.70 11.77
N ARG G 404 -36.42 17.99 11.77
N ARG G 404 -36.43 17.99 11.77
CA ARG G 404 -36.97 18.98 10.85
CA ARG G 404 -37.02 18.94 10.82
C ARG G 404 -36.66 18.60 9.40
C ARG G 404 -36.70 18.56 9.38
N ARG G 405 -35.48 18.04 9.14
CA ARG G 405 -35.08 17.65 7.81
C ARG G 405 -35.79 16.39 7.37
N VAL G 406 -35.96 15.43 8.27
CA VAL G 406 -36.71 14.20 7.95
C VAL G 406 -38.17 14.58 7.61
N GLN G 407 -38.80 15.44 8.40
CA GLN G 407 -40.19 15.86 8.13
C GLN G 407 -40.29 16.65 6.86
N PHE G 408 -39.23 17.43 6.51
CA PHE G 408 -39.20 18.13 5.23
C PHE G 408 -39.21 17.12 4.09
N GLY G 409 -38.50 16.00 4.26
CA GLY G 409 -38.51 14.95 3.25
C GLY G 409 -39.90 14.31 3.16
N ILE G 410 -40.56 14.08 4.30
CA ILE G 410 -41.92 13.51 4.33
C ILE G 410 -42.95 14.44 3.65
N GLU G 411 -42.92 15.74 4.00
CA GLU G 411 -43.82 16.77 3.47
C GLU G 411 -43.60 16.97 2.00
N SER G 412 -42.33 16.99 1.53
CA SER G 412 -42.08 17.11 0.09
C SER G 412 -42.59 15.85 -0.63
N GLY G 413 -42.41 14.66 -0.03
CA GLY G 413 -42.88 13.43 -0.63
C GLY G 413 -44.39 13.36 -0.74
N LYS G 414 -45.10 13.87 0.30
CA LYS G 414 -46.57 13.89 0.26
C LYS G 414 -47.02 14.85 -0.83
N LEU G 415 -46.39 16.03 -0.92
CA LEU G 415 -46.77 17.03 -1.92
C LEU G 415 -46.55 16.52 -3.34
N ARG G 416 -45.45 15.79 -3.56
CA ARG G 416 -45.11 15.28 -4.89
C ARG G 416 -45.77 13.94 -5.27
N GLY G 417 -46.50 13.32 -4.35
CA GLY G 417 -47.16 12.05 -4.63
C GLY G 417 -46.38 10.79 -4.29
N PHE G 418 -45.18 10.93 -3.73
CA PHE G 418 -44.37 9.79 -3.33
C PHE G 418 -44.98 9.05 -2.13
N LEU G 419 -45.60 9.81 -1.19
CA LEU G 419 -46.04 9.29 0.09
C LEU G 419 -47.44 9.70 0.42
N ARG G 420 -48.10 8.89 1.26
CA ARG G 420 -49.43 9.15 1.78
C ARG G 420 -49.45 8.73 3.25
N VAL G 421 -50.40 9.25 4.03
CA VAL G 421 -50.62 8.83 5.41
C VAL G 421 -50.88 7.34 5.46
N GLY G 422 -50.22 6.62 6.38
CA GLY G 422 -50.36 5.16 6.42
C GLY G 422 -49.21 4.44 5.76
N ASP G 423 -48.44 5.11 4.89
CA ASP G 423 -47.26 4.47 4.27
C ASP G 423 -46.17 4.22 5.31
N LEU G 424 -45.29 3.26 5.05
CA LEU G 424 -44.12 3.06 5.88
C LEU G 424 -42.93 3.62 5.11
N VAL G 425 -42.02 4.30 5.80
CA VAL G 425 -40.79 4.79 5.21
C VAL G 425 -39.62 4.33 6.08
N ILE G 426 -38.46 4.22 5.49
CA ILE G 426 -37.24 3.89 6.21
C ILE G 426 -36.46 5.20 6.29
N VAL G 427 -35.93 5.57 7.45
CA VAL G 427 -35.20 6.82 7.61
C VAL G 427 -33.77 6.49 7.97
N VAL G 428 -32.82 7.04 7.25
CA VAL G 428 -31.41 6.80 7.45
C VAL G 428 -30.70 8.10 7.86
N THR G 429 -30.05 8.08 9.01
CA THR G 429 -29.35 9.26 9.57
C THR G 429 -28.06 8.75 10.28
N GLY G 430 -27.28 9.67 10.87
CA GLY G 430 -26.12 9.29 11.65
C GLY G 430 -26.22 9.67 13.11
N TRP G 431 -25.23 9.27 13.91
CA TRP G 431 -25.28 9.49 15.36
C TRP G 431 -24.78 10.85 15.81
N ARG G 432 -24.10 11.60 14.94
CA ARG G 432 -23.56 12.91 15.27
C ARG G 432 -23.48 13.74 13.98
N PRO G 433 -23.40 15.08 14.08
CA PRO G 433 -23.31 15.90 12.86
C PRO G 433 -22.03 15.65 12.06
N GLY G 434 -22.03 16.06 10.82
CA GLY G 434 -20.90 15.89 9.93
C GLY G 434 -21.00 14.66 9.04
N SER G 435 -20.48 14.77 7.84
CA SER G 435 -20.44 13.68 6.89
C SER G 435 -19.61 12.51 7.45
N GLY G 436 -19.95 11.27 7.06
CA GLY G 436 -19.18 10.08 7.43
C GLY G 436 -19.64 9.25 8.61
N TYR G 437 -20.74 9.64 9.26
CA TYR G 437 -21.22 8.95 10.45
C TYR G 437 -22.59 8.30 10.34
N THR G 438 -23.11 8.10 9.11
CA THR G 438 -24.41 7.40 8.96
C THR G 438 -24.34 6.02 9.61
N ASN G 439 -25.23 5.74 10.52
CA ASN G 439 -25.22 4.44 11.22
C ASN G 439 -26.61 4.06 11.77
N ILE G 440 -27.67 4.80 11.43
CA ILE G 440 -28.99 4.56 11.98
C ILE G 440 -30.03 4.34 10.89
N MET G 441 -30.87 3.32 11.08
CA MET G 441 -32.00 3.05 10.20
C MET G 441 -33.23 2.98 11.10
N ARG G 442 -34.30 3.69 10.74
CA ARG G 442 -35.54 3.72 11.51
C ARG G 442 -36.72 3.43 10.66
N VAL G 443 -37.76 2.75 11.19
CA VAL G 443 -38.97 2.43 10.44
C VAL G 443 -40.03 3.41 10.95
N LEU G 444 -40.58 4.22 10.06
CA LEU G 444 -41.56 5.23 10.46
CA LEU G 444 -41.54 5.25 10.45
C LEU G 444 -42.87 5.06 9.71
N SER G 445 -43.99 5.22 10.43
CA SER G 445 -45.30 5.17 9.80
CA SER G 445 -45.30 5.17 9.81
C SER G 445 -45.69 6.63 9.52
N ILE G 446 -46.03 6.96 8.29
CA ILE G 446 -46.37 8.31 7.91
C ILE G 446 -47.69 8.77 8.54
N SER G 447 -47.66 9.86 9.29
CA SER G 447 -48.86 10.43 9.91
C SER G 447 -49.21 11.78 9.27
N GLY H 23 -8.35 -10.48 9.75
CA GLY H 23 -7.31 -11.49 9.78
C GLY H 23 -7.71 -12.80 9.13
N THR H 24 -6.71 -13.53 8.59
CA THR H 24 -6.97 -14.82 7.94
C THR H 24 -7.46 -15.88 8.94
N ALA H 25 -6.94 -15.84 10.18
CA ALA H 25 -7.35 -16.77 11.22
C ALA H 25 -8.84 -16.64 11.51
N PHE H 26 -9.39 -15.41 11.48
CA PHE H 26 -10.81 -15.17 11.70
C PHE H 26 -11.66 -15.94 10.66
N PHE H 27 -11.26 -15.90 9.39
CA PHE H 27 -12.02 -16.57 8.33
C PHE H 27 -11.79 -18.09 8.22
N GLN H 28 -10.96 -18.67 9.10
CA GLN H 28 -10.76 -20.12 9.12
C GLN H 28 -11.65 -20.78 10.23
N GLN H 29 -12.00 -20.01 11.28
CA GLN H 29 -12.83 -20.43 12.41
C GLN H 29 -14.32 -20.47 12.03
N GLN H 30 -15.15 -21.01 12.94
CA GLN H 30 -16.60 -21.11 12.86
C GLN H 30 -17.15 -21.52 11.49
N GLN H 31 -16.45 -22.46 10.83
CA GLN H 31 -16.84 -22.99 9.53
C GLN H 31 -17.09 -21.89 8.48
N LEU H 32 -16.33 -20.76 8.57
CA LEU H 32 -16.52 -19.68 7.61
C LEU H 32 -16.20 -20.08 6.16
N PRO H 33 -15.20 -20.93 5.85
CA PRO H 33 -15.04 -21.40 4.46
C PRO H 33 -16.31 -22.15 3.96
N ALA H 34 -16.90 -23.01 4.81
CA ALA H 34 -18.14 -23.72 4.42
C ALA H 34 -19.32 -22.74 4.30
N ALA H 35 -19.33 -21.68 5.12
CA ALA H 35 -20.38 -20.66 5.09
C ALA H 35 -20.37 -19.88 3.77
N MET H 36 -19.19 -19.69 3.15
CA MET H 36 -19.10 -18.94 1.90
C MET H 36 -19.41 -19.77 0.64
N ALA H 37 -19.68 -21.07 0.78
CA ALA H 37 -19.91 -21.92 -0.38
C ALA H 37 -21.15 -21.54 -1.18
N ASP H 38 -21.12 -21.78 -2.49
CA ASP H 38 -22.21 -21.43 -3.40
C ASP H 38 -23.32 -22.45 -3.49
N THR H 39 -23.07 -23.70 -3.05
CA THR H 39 -24.10 -24.73 -3.05
C THR H 39 -24.09 -25.42 -1.67
N PHE H 40 -25.20 -26.09 -1.31
CA PHE H 40 -25.27 -26.85 -0.07
C PHE H 40 -24.25 -28.01 -0.12
N LEU H 41 -24.11 -28.67 -1.29
CA LEU H 41 -23.16 -29.76 -1.44
C LEU H 41 -21.72 -29.30 -1.20
N GLU H 42 -21.33 -28.14 -1.78
CA GLU H 42 -19.99 -27.59 -1.55
C GLU H 42 -19.80 -27.18 -0.09
N HIS H 43 -20.87 -26.68 0.54
CA HIS H 43 -20.87 -26.29 1.97
C HIS H 43 -20.49 -27.51 2.81
N LEU H 44 -21.13 -28.67 2.53
CA LEU H 44 -20.84 -29.90 3.27
C LEU H 44 -19.39 -30.32 3.03
N CYS H 45 -18.92 -30.27 1.78
CA CYS H 45 -17.54 -30.65 1.41
C CYS H 45 -16.49 -29.80 2.11
N LEU H 46 -16.84 -28.57 2.53
CA LEU H 46 -15.90 -27.65 3.18
C LEU H 46 -15.94 -27.67 4.71
N LEU H 47 -16.83 -28.48 5.32
CA LEU H 47 -16.89 -28.60 6.78
C LEU H 47 -15.56 -29.15 7.28
N ASP H 48 -15.03 -28.53 8.31
CA ASP H 48 -13.68 -28.83 8.81
C ASP H 48 -13.68 -29.10 10.29
N ILE H 49 -13.22 -30.29 10.72
CA ILE H 49 -13.16 -30.61 12.15
C ILE H 49 -12.15 -29.71 12.92
N ASP H 50 -11.22 -29.05 12.21
CA ASP H 50 -10.24 -28.16 12.84
C ASP H 50 -10.72 -26.70 12.88
N SER H 51 -11.90 -26.40 12.33
CA SER H 51 -12.44 -25.05 12.35
C SER H 51 -13.21 -24.92 13.65
N GLU H 52 -12.61 -24.23 14.64
CA GLU H 52 -13.20 -24.15 15.96
C GLU H 52 -14.37 -23.18 16.08
N PRO H 53 -15.43 -23.58 16.83
CA PRO H 53 -16.55 -22.67 17.01
C PRO H 53 -16.12 -21.48 17.87
N VAL H 54 -16.58 -20.28 17.54
CA VAL H 54 -16.23 -19.07 18.31
C VAL H 54 -17.49 -18.47 18.96
N ALA H 55 -18.60 -18.50 18.25
CA ALA H 55 -19.88 -17.98 18.72
C ALA H 55 -20.37 -18.69 19.97
N ALA H 56 -21.13 -17.98 20.80
CA ALA H 56 -21.72 -18.59 21.99
C ALA H 56 -22.82 -19.56 21.50
N ARG H 57 -23.01 -20.65 22.24
CA ARG H 57 -24.00 -21.67 21.92
C ARG H 57 -25.39 -21.08 21.98
N SER H 58 -26.15 -21.20 20.90
CA SER H 58 -27.42 -20.55 20.76
C SER H 58 -28.66 -21.43 20.99
N THR H 59 -28.55 -22.75 20.81
CA THR H 59 -29.70 -23.65 21.03
C THR H 59 -29.85 -23.89 22.51
N SER H 60 -31.01 -23.54 23.10
CA SER H 60 -31.22 -23.71 24.52
CA SER H 60 -31.23 -23.70 24.53
C SER H 60 -31.29 -25.15 24.95
N ILE H 61 -30.87 -25.43 26.17
CA ILE H 61 -30.93 -26.77 26.72
C ILE H 61 -31.99 -26.82 27.81
N ILE H 62 -32.94 -27.75 27.67
CA ILE H 62 -33.95 -27.97 28.70
C ILE H 62 -33.55 -29.24 29.47
N ALA H 63 -33.40 -29.13 30.78
CA ALA H 63 -33.06 -30.28 31.62
C ALA H 63 -34.25 -30.63 32.50
N THR H 64 -34.69 -31.89 32.49
CA THR H 64 -35.77 -32.34 33.35
C THR H 64 -35.21 -32.55 34.76
N ILE H 65 -35.88 -31.97 35.77
CA ILE H 65 -35.48 -32.02 37.18
C ILE H 65 -36.03 -33.30 37.82
N GLY H 66 -35.20 -33.96 38.60
CA GLY H 66 -35.56 -35.17 39.33
C GLY H 66 -34.54 -35.46 40.42
N PRO H 67 -34.55 -36.70 40.94
CA PRO H 67 -33.59 -37.06 42.01
C PRO H 67 -32.12 -36.85 41.70
N ALA H 68 -31.73 -36.88 40.40
CA ALA H 68 -30.31 -36.66 40.06
C ALA H 68 -29.95 -35.15 39.93
N SER H 69 -30.94 -34.25 40.00
CA SER H 69 -30.71 -32.83 39.71
C SER H 69 -31.51 -31.89 40.59
N ARG H 70 -31.79 -32.29 41.81
CA ARG H 70 -32.57 -31.45 42.73
C ARG H 70 -31.73 -30.67 43.71
N SER H 71 -30.55 -31.15 44.00
CA SER H 71 -29.64 -30.52 44.93
C SER H 71 -29.31 -29.10 44.45
N VAL H 72 -29.39 -28.11 45.36
CA VAL H 72 -29.03 -26.75 45.03
C VAL H 72 -27.60 -26.66 44.44
N GLU H 73 -26.64 -27.39 45.04
CA GLU H 73 -25.26 -27.36 44.56
CA GLU H 73 -25.27 -27.38 44.57
C GLU H 73 -25.13 -28.04 43.19
N ARG H 74 -25.88 -29.11 42.94
CA ARG H 74 -25.84 -29.78 41.64
C ARG H 74 -26.51 -28.83 40.57
N LEU H 75 -27.59 -28.12 40.95
CA LEU H 75 -28.27 -27.18 40.06
C LEU H 75 -27.36 -26.01 39.67
N LYS H 76 -26.49 -25.57 40.59
CA LYS H 76 -25.51 -24.52 40.26
C LYS H 76 -24.54 -25.03 39.19
N GLU H 77 -24.11 -26.31 39.30
CA GLU H 77 -23.21 -26.86 38.29
C GLU H 77 -23.92 -27.05 36.94
N MET H 78 -25.21 -27.37 36.95
CA MET H 78 -25.98 -27.52 35.71
CA MET H 78 -25.97 -27.51 35.70
C MET H 78 -26.18 -26.16 35.01
N ILE H 79 -26.37 -25.08 35.80
CA ILE H 79 -26.52 -23.74 35.25
C ILE H 79 -25.17 -23.33 34.61
N LYS H 80 -24.06 -23.61 35.29
CA LYS H 80 -22.73 -23.32 34.74
C LYS H 80 -22.43 -24.14 33.48
N ALA H 81 -22.90 -25.40 33.43
CA ALA H 81 -22.71 -26.30 32.27
C ALA H 81 -23.54 -25.86 31.05
N GLY H 82 -24.60 -25.07 31.28
CA GLY H 82 -25.41 -24.57 30.19
C GLY H 82 -26.92 -24.76 30.24
N MET H 83 -27.48 -25.29 31.35
CA MET H 83 -28.94 -25.47 31.44
C MET H 83 -29.66 -24.11 31.38
N ASN H 84 -30.65 -23.99 30.49
CA ASN H 84 -31.39 -22.76 30.37
C ASN H 84 -32.81 -22.86 30.87
N ILE H 85 -33.42 -24.04 30.75
CA ILE H 85 -34.80 -24.27 31.16
C ILE H 85 -34.86 -25.53 32.03
N ALA H 86 -35.53 -25.45 33.18
CA ALA H 86 -35.72 -26.56 34.10
C ALA H 86 -37.14 -27.10 33.84
N ARG H 87 -37.26 -28.35 33.43
CA ARG H 87 -38.56 -28.95 33.14
C ARG H 87 -39.02 -29.76 34.36
N LEU H 88 -40.26 -29.53 34.83
CA LEU H 88 -40.89 -30.26 35.95
C LEU H 88 -41.89 -31.21 35.32
N ASN H 89 -41.62 -32.54 35.38
CA ASN H 89 -42.52 -33.50 34.76
C ASN H 89 -43.61 -33.92 35.73
N PHE H 90 -44.81 -33.34 35.55
CA PHE H 90 -45.95 -33.55 36.44
C PHE H 90 -46.60 -34.94 36.26
N SER H 91 -46.04 -35.79 35.39
CA SER H 91 -46.48 -37.20 35.32
C SER H 91 -45.94 -37.96 36.55
N HIS H 92 -44.95 -37.40 37.28
CA HIS H 92 -44.37 -38.00 38.48
C HIS H 92 -44.36 -36.98 39.63
N GLY H 93 -44.42 -37.47 40.84
CA GLY H 93 -44.33 -36.64 42.03
C GLY H 93 -45.59 -35.86 42.38
N SER H 94 -45.64 -35.37 43.60
CA SER H 94 -46.77 -34.59 44.09
C SER H 94 -46.52 -33.08 43.92
N HIS H 95 -47.52 -32.23 44.25
CA HIS H 95 -47.37 -30.78 44.23
C HIS H 95 -46.26 -30.35 45.18
N GLU H 96 -46.14 -31.01 46.34
CA GLU H 96 -45.11 -30.68 47.32
C GLU H 96 -43.73 -30.97 46.73
N TYR H 97 -43.59 -32.08 45.98
CA TYR H 97 -42.31 -32.43 45.38
C TYR H 97 -41.93 -31.34 44.34
N HIS H 98 -42.85 -30.96 43.49
CA HIS H 98 -42.56 -29.94 42.46
C HIS H 98 -42.32 -28.54 43.05
N ALA H 99 -42.99 -28.22 44.16
CA ALA H 99 -42.75 -26.93 44.83
C ALA H 99 -41.32 -26.87 45.38
N GLU H 100 -40.81 -27.99 45.89
CA GLU H 100 -39.43 -28.07 46.39
C GLU H 100 -38.45 -27.95 45.20
N SER H 101 -38.76 -28.57 44.04
CA SER H 101 -37.87 -28.47 42.86
C SER H 101 -37.76 -27.01 42.44
N ILE H 102 -38.90 -26.32 42.40
CA ILE H 102 -38.94 -24.91 42.02
C ILE H 102 -38.11 -24.07 42.98
N ALA H 103 -38.27 -24.29 44.29
CA ALA H 103 -37.52 -23.53 45.30
C ALA H 103 -36.01 -23.76 45.15
N ASN H 104 -35.58 -25.01 44.88
CA ASN H 104 -34.15 -25.31 44.71
C ASN H 104 -33.59 -24.69 43.44
N VAL H 105 -34.36 -24.74 42.34
CA VAL H 105 -33.92 -24.11 41.08
C VAL H 105 -33.76 -22.58 41.32
N ARG H 106 -34.77 -21.95 41.93
CA ARG H 106 -34.67 -20.51 42.21
C ARG H 106 -33.53 -20.16 43.13
N GLU H 107 -33.25 -20.99 44.16
CA GLU H 107 -32.13 -20.74 45.05
C GLU H 107 -30.81 -20.85 44.28
N ALA H 108 -30.65 -21.86 43.42
CA ALA H 108 -29.42 -22.00 42.65
C ALA H 108 -29.25 -20.83 41.68
N VAL H 109 -30.31 -20.43 41.00
CA VAL H 109 -30.27 -19.30 40.05
C VAL H 109 -29.91 -18.00 40.75
N GLU H 110 -30.60 -17.71 41.87
CA GLU H 110 -30.36 -16.47 42.61
C GLU H 110 -29.04 -16.42 43.34
N SER H 111 -28.34 -17.56 43.50
CA SER H 111 -27.01 -17.55 44.13
C SER H 111 -25.99 -16.80 43.27
N PHE H 112 -26.27 -16.58 41.98
CA PHE H 112 -25.38 -15.83 41.09
C PHE H 112 -25.85 -14.38 40.90
N ALA H 113 -26.95 -13.94 41.51
CA ALA H 113 -27.51 -12.60 41.32
C ALA H 113 -26.62 -11.46 41.80
N GLY H 114 -25.64 -11.72 42.70
CA GLY H 114 -24.76 -10.66 43.18
C GLY H 114 -23.72 -10.19 42.15
N SER H 115 -23.64 -10.86 40.99
CA SER H 115 -22.78 -10.46 39.88
C SER H 115 -23.74 -10.26 38.69
N PRO H 116 -24.35 -9.07 38.60
CA PRO H 116 -25.37 -8.84 37.55
C PRO H 116 -24.91 -8.99 36.10
N LEU H 117 -23.62 -8.75 35.82
CA LEU H 117 -23.08 -8.86 34.46
C LEU H 117 -22.96 -10.31 33.98
N SER H 118 -22.96 -11.28 34.91
CA SER H 118 -22.84 -12.68 34.49
C SER H 118 -24.05 -13.55 34.91
N TYR H 119 -25.02 -12.99 35.68
CA TYR H 119 -26.23 -13.71 36.12
C TYR H 119 -26.96 -14.38 34.95
N ARG H 120 -27.31 -15.66 35.10
CA ARG H 120 -28.04 -16.34 34.03
C ARG H 120 -29.45 -16.69 34.46
N PRO H 121 -30.47 -16.06 33.84
CA PRO H 121 -31.85 -16.47 34.12
C PRO H 121 -32.08 -17.91 33.68
N VAL H 122 -32.96 -18.64 34.38
CA VAL H 122 -33.32 -20.04 34.04
C VAL H 122 -34.84 -20.14 34.10
N ALA H 123 -35.47 -20.58 33.03
CA ALA H 123 -36.92 -20.69 33.00
C ALA H 123 -37.39 -21.95 33.73
N ILE H 124 -38.63 -21.93 34.20
CA ILE H 124 -39.23 -23.08 34.84
C ILE H 124 -40.43 -23.45 34.00
N ALA H 125 -40.42 -24.67 33.47
CA ALA H 125 -41.47 -25.18 32.62
C ALA H 125 -42.20 -26.32 33.30
N LEU H 126 -43.54 -26.31 33.25
CA LEU H 126 -44.37 -27.35 33.83
C LEU H 126 -44.82 -28.25 32.70
N ASP H 127 -44.50 -29.54 32.75
CA ASP H 127 -44.91 -30.47 31.73
C ASP H 127 -46.11 -31.26 32.28
N THR H 128 -47.29 -31.11 31.67
CA THR H 128 -48.49 -31.75 32.22
C THR H 128 -48.54 -33.27 32.06
N LYS H 129 -49.34 -33.91 32.93
CA LYS H 129 -49.55 -35.35 32.87
C LYS H 129 -50.27 -35.75 31.59
N GLY H 130 -51.25 -34.97 31.19
CA GLY H 130 -51.97 -35.26 29.94
C GLY H 130 -53.39 -35.75 30.13
N PRO H 131 -54.09 -35.91 29.00
CA PRO H 131 -55.52 -36.29 29.06
C PRO H 131 -55.81 -37.73 29.42
N GLY H 132 -54.83 -38.62 29.25
CA GLY H 132 -55.01 -40.04 29.52
C GLY H 132 -56.01 -40.63 28.56
N SER H 133 -57.05 -41.29 29.09
CA SER H 133 -58.11 -41.90 28.26
C SER H 133 -59.18 -40.88 27.92
N GLY H 134 -59.09 -39.69 28.48
CA GLY H 134 -60.17 -38.70 28.30
C GLY H 134 -60.13 -37.94 27.00
N PRO H 135 -61.22 -37.23 26.65
CA PRO H 135 -61.31 -36.50 25.39
C PRO H 135 -60.37 -35.28 25.32
N GLY H 136 -60.16 -34.62 26.46
CA GLY H 136 -59.35 -33.39 26.50
C GLY H 136 -58.80 -33.10 27.87
N LEU H 137 -59.01 -31.88 28.37
CA LEU H 137 -58.35 -31.47 29.64
C LEU H 137 -58.85 -32.26 30.85
N SER H 138 -57.95 -32.99 31.48
CA SER H 138 -58.26 -33.77 32.68
C SER H 138 -58.38 -32.89 33.94
N GLU H 139 -59.00 -33.41 35.00
CA GLU H 139 -59.13 -32.68 36.25
C GLU H 139 -57.79 -32.52 36.95
N GLN H 140 -56.89 -33.52 36.81
CA GLN H 140 -55.56 -33.39 37.42
C GLN H 140 -54.77 -32.27 36.71
N ASP H 141 -54.92 -32.14 35.38
CA ASP H 141 -54.24 -31.08 34.64
C ASP H 141 -54.77 -29.71 35.07
N VAL H 142 -56.08 -29.58 35.35
CA VAL H 142 -56.64 -28.31 35.86
C VAL H 142 -55.96 -27.92 37.17
N ARG H 143 -55.81 -28.87 38.08
CA ARG H 143 -55.16 -28.62 39.35
C ARG H 143 -53.68 -28.30 39.21
N ASP H 144 -52.98 -29.03 38.32
CA ASP H 144 -51.56 -28.80 38.10
C ASP H 144 -51.32 -27.45 37.43
N LEU H 145 -52.17 -27.06 36.48
CA LEU H 145 -52.07 -25.76 35.82
C LEU H 145 -52.30 -24.64 36.82
N ARG H 146 -53.26 -24.80 37.77
CA ARG H 146 -53.47 -23.75 38.78
CA ARG H 146 -53.49 -23.78 38.79
C ARG H 146 -52.26 -23.70 39.70
N PHE H 147 -51.65 -24.87 40.03
CA PHE H 147 -50.42 -24.89 40.84
C PHE H 147 -49.31 -24.09 40.11
N GLY H 148 -49.20 -24.27 38.80
CA GLY H 148 -48.20 -23.58 37.99
C GLY H 148 -48.33 -22.08 38.07
N VAL H 149 -49.57 -21.57 37.94
CA VAL H 149 -49.83 -20.12 38.03
C VAL H 149 -49.48 -19.62 39.42
N GLU H 150 -49.92 -20.34 40.47
CA GLU H 150 -49.65 -19.93 41.85
C GLU H 150 -48.17 -19.93 42.18
N HIS H 151 -47.38 -20.80 41.51
CA HIS H 151 -45.93 -20.84 41.77
C HIS H 151 -45.09 -20.07 40.73
N GLY H 152 -45.74 -19.31 39.85
CA GLY H 152 -45.05 -18.46 38.89
C GLY H 152 -44.22 -19.19 37.83
N VAL H 153 -44.70 -20.32 37.31
CA VAL H 153 -43.96 -21.00 36.23
C VAL H 153 -43.99 -20.12 34.97
N ASP H 154 -42.98 -20.26 34.13
CA ASP H 154 -42.87 -19.43 32.92
C ASP H 154 -43.53 -20.05 31.71
N ILE H 155 -43.48 -21.39 31.63
CA ILE H 155 -43.89 -22.11 30.44
C ILE H 155 -44.67 -23.35 30.82
N VAL H 156 -45.61 -23.75 29.97
CA VAL H 156 -46.32 -24.99 30.12
C VAL H 156 -46.01 -25.83 28.86
N PHE H 157 -45.55 -27.06 29.04
CA PHE H 157 -45.39 -28.00 27.94
C PHE H 157 -46.68 -28.84 28.07
N ALA H 158 -47.67 -28.60 27.22
CA ALA H 158 -48.96 -29.29 27.30
C ALA H 158 -48.93 -30.65 26.60
N SER H 159 -49.05 -31.74 27.35
CA SER H 159 -48.99 -33.07 26.81
C SER H 159 -50.20 -33.45 25.93
N PHE H 160 -49.91 -34.26 24.90
CA PHE H 160 -50.90 -34.82 23.98
C PHE H 160 -51.88 -33.80 23.42
N VAL H 161 -51.37 -32.69 22.85
CA VAL H 161 -52.25 -31.70 22.25
C VAL H 161 -52.67 -32.29 20.90
N ARG H 162 -53.98 -32.42 20.69
CA ARG H 162 -54.52 -33.02 19.48
C ARG H 162 -55.28 -32.04 18.58
N LYS H 163 -55.64 -30.85 19.08
CA LYS H 163 -56.43 -29.89 18.32
C LYS H 163 -56.37 -28.53 18.99
N ALA H 164 -56.79 -27.47 18.29
CA ALA H 164 -56.77 -26.12 18.82
C ALA H 164 -57.57 -25.95 20.12
N SER H 165 -58.70 -26.66 20.27
CA SER H 165 -59.50 -26.55 21.49
C SER H 165 -58.76 -27.07 22.72
N ASP H 166 -57.79 -27.98 22.55
CA ASP H 166 -56.98 -28.45 23.70
C ASP H 166 -56.13 -27.28 24.23
N VAL H 167 -55.60 -26.44 23.33
CA VAL H 167 -54.79 -25.31 23.72
C VAL H 167 -55.65 -24.26 24.43
N ALA H 168 -56.86 -24.01 23.89
CA ALA H 168 -57.81 -23.06 24.50
C ALA H 168 -58.18 -23.50 25.90
N ALA H 169 -58.34 -24.82 26.12
CA ALA H 169 -58.67 -25.34 27.44
C ALA H 169 -57.51 -25.12 28.42
N VAL H 170 -56.25 -25.30 27.98
CA VAL H 170 -55.09 -25.06 28.85
C VAL H 170 -55.03 -23.57 29.19
N ARG H 171 -55.28 -22.69 28.20
N ARG H 171 -55.27 -22.69 28.19
CA ARG H 171 -55.25 -21.25 28.38
CA ARG H 171 -55.24 -21.25 28.41
C ARG H 171 -56.32 -20.81 29.41
C ARG H 171 -56.32 -20.83 29.44
N ALA H 172 -57.52 -21.40 29.33
CA ALA H 172 -58.62 -21.10 30.26
C ALA H 172 -58.27 -21.57 31.66
N ALA H 173 -57.64 -22.76 31.78
CA ALA H 173 -57.25 -23.29 33.08
C ALA H 173 -56.14 -22.47 33.75
N LEU H 174 -55.36 -21.71 32.98
CA LEU H 174 -54.33 -20.83 33.56
C LEU H 174 -54.97 -19.54 34.18
N GLY H 175 -56.21 -19.22 33.79
CA GLY H 175 -56.96 -18.10 34.33
C GLY H 175 -56.43 -16.72 33.98
N PRO H 176 -56.99 -15.69 34.62
CA PRO H 176 -56.56 -14.31 34.34
C PRO H 176 -55.15 -14.00 34.81
N GLU H 177 -54.66 -14.68 35.84
CA GLU H 177 -53.29 -14.43 36.33
C GLU H 177 -52.19 -15.14 35.52
N GLY H 178 -52.56 -16.07 34.65
CA GLY H 178 -51.59 -16.81 33.85
C GLY H 178 -51.55 -16.45 32.39
N HIS H 179 -52.01 -15.23 32.03
CA HIS H 179 -52.02 -14.76 30.65
CA HIS H 179 -52.02 -14.76 30.65
C HIS H 179 -50.63 -14.69 30.01
N GLY H 180 -49.61 -14.43 30.83
CA GLY H 180 -48.23 -14.29 30.36
C GLY H 180 -47.46 -15.58 30.19
N ILE H 181 -48.01 -16.72 30.66
CA ILE H 181 -47.34 -18.01 30.57
C ILE H 181 -47.34 -18.52 29.12
N LYS H 182 -46.18 -18.99 28.62
CA LYS H 182 -46.11 -19.51 27.27
C LYS H 182 -46.63 -20.93 27.23
N ILE H 183 -47.46 -21.26 26.23
CA ILE H 183 -47.97 -22.61 26.08
C ILE H 183 -47.27 -23.25 24.89
N ILE H 184 -46.46 -24.26 25.16
CA ILE H 184 -45.76 -25.04 24.13
C ILE H 184 -46.54 -26.33 23.99
N SER H 185 -47.18 -26.55 22.84
CA SER H 185 -47.97 -27.75 22.63
C SER H 185 -47.09 -28.94 22.27
N LYS H 186 -47.24 -30.05 23.02
CA LYS H 186 -46.50 -31.27 22.72
C LYS H 186 -47.28 -32.07 21.69
N ILE H 187 -46.63 -32.43 20.59
CA ILE H 187 -47.23 -33.23 19.52
C ILE H 187 -46.73 -34.63 19.73
N GLU H 188 -47.64 -35.54 20.11
CA GLU H 188 -47.27 -36.88 20.52
C GLU H 188 -48.00 -37.99 19.83
N ASN H 189 -48.88 -37.69 18.87
CA ASN H 189 -49.63 -38.73 18.18
C ASN H 189 -50.02 -38.30 16.77
N HIS H 190 -50.67 -39.23 16.03
CA HIS H 190 -51.04 -38.98 14.65
C HIS H 190 -51.95 -37.77 14.49
N GLU H 191 -52.96 -37.62 15.37
CA GLU H 191 -53.88 -36.50 15.28
C GLU H 191 -53.19 -35.16 15.44
N GLY H 192 -52.30 -35.04 16.42
CA GLY H 192 -51.52 -33.83 16.63
C GLY H 192 -50.70 -33.45 15.41
N VAL H 193 -50.10 -34.46 14.73
CA VAL H 193 -49.33 -34.20 13.50
C VAL H 193 -50.26 -33.73 12.37
N LYS H 194 -51.39 -34.41 12.18
CA LYS H 194 -52.35 -34.03 11.14
C LYS H 194 -53.04 -32.68 11.35
N ARG H 195 -53.30 -32.32 12.59
CA ARG H 195 -53.87 -31.02 12.91
C ARG H 195 -52.82 -29.99 13.36
N PHE H 196 -51.56 -30.20 12.97
CA PHE H 196 -50.46 -29.34 13.36
C PHE H 196 -50.70 -27.85 13.09
N ASP H 197 -51.15 -27.49 11.88
CA ASP H 197 -51.32 -26.07 11.54
C ASP H 197 -52.29 -25.35 12.47
N GLU H 198 -53.42 -25.97 12.81
CA GLU H 198 -54.39 -25.35 13.71
C GLU H 198 -53.83 -25.26 15.14
N ILE H 199 -53.04 -26.24 15.55
CA ILE H 199 -52.44 -26.23 16.90
C ILE H 199 -51.36 -25.13 16.98
N LEU H 200 -50.47 -25.06 15.99
CA LEU H 200 -49.40 -24.06 15.98
C LEU H 200 -49.95 -22.64 15.99
N GLU H 201 -51.03 -22.41 15.25
CA GLU H 201 -51.67 -21.10 15.15
C GLU H 201 -52.03 -20.51 16.50
N VAL H 202 -52.55 -21.33 17.42
CA VAL H 202 -52.95 -20.85 18.75
C VAL H 202 -51.92 -21.11 19.86
N SER H 203 -50.79 -21.78 19.55
CA SER H 203 -49.79 -22.08 20.57
C SER H 203 -48.65 -21.05 20.50
N ASP H 204 -47.89 -20.93 21.56
CA ASP H 204 -46.70 -20.10 21.55
C ASP H 204 -45.51 -20.85 20.87
N GLY H 205 -45.61 -22.17 20.79
CA GLY H 205 -44.57 -23.00 20.20
C GLY H 205 -44.93 -24.47 20.28
N ILE H 206 -43.99 -25.34 19.86
CA ILE H 206 -44.25 -26.78 19.78
C ILE H 206 -43.13 -27.60 20.38
N MET H 207 -43.47 -28.77 20.93
CA MET H 207 -42.46 -29.74 21.34
C MET H 207 -42.69 -31.00 20.51
N VAL H 208 -41.64 -31.50 19.84
CA VAL H 208 -41.69 -32.75 19.11
C VAL H 208 -41.39 -33.82 20.19
N ALA H 209 -42.46 -34.39 20.76
CA ALA H 209 -42.34 -35.32 21.89
C ALA H 209 -42.16 -36.70 21.32
N ARG H 210 -40.91 -37.06 20.96
CA ARG H 210 -40.60 -38.27 20.21
C ARG H 210 -40.85 -39.59 20.94
N GLY H 211 -40.89 -39.58 22.28
CA GLY H 211 -41.15 -40.78 23.06
C GLY H 211 -42.50 -41.39 22.70
N ASP H 212 -43.58 -40.66 22.99
CA ASP H 212 -44.91 -41.09 22.63
C ASP H 212 -45.12 -41.11 21.14
N LEU H 213 -44.58 -40.13 20.38
CA LEU H 213 -44.74 -40.10 18.94
C LEU H 213 -44.21 -41.41 18.29
N GLY H 214 -43.09 -41.91 18.78
CA GLY H 214 -42.50 -43.15 18.26
C GLY H 214 -43.22 -44.43 18.64
N ILE H 215 -44.24 -44.33 19.50
CA ILE H 215 -45.12 -45.44 19.85
C ILE H 215 -46.49 -45.28 19.18
N GLU H 216 -46.93 -44.04 18.98
CA GLU H 216 -48.22 -43.72 18.35
C GLU H 216 -48.17 -43.84 16.84
N ILE H 217 -47.02 -43.54 16.23
CA ILE H 217 -46.84 -43.69 14.79
C ILE H 217 -45.65 -44.65 14.56
N PRO H 218 -45.46 -45.23 13.36
CA PRO H 218 -44.30 -46.12 13.16
C PRO H 218 -43.00 -45.40 13.50
N ALA H 219 -42.10 -46.07 14.22
CA ALA H 219 -40.84 -45.49 14.66
C ALA H 219 -40.02 -44.87 13.52
N GLU H 220 -40.05 -45.51 12.36
CA GLU H 220 -39.32 -45.08 11.17
C GLU H 220 -39.88 -43.81 10.52
N LYS H 221 -41.02 -43.30 10.99
CA LYS H 221 -41.62 -42.07 10.42
C LYS H 221 -41.38 -40.85 11.35
N VAL H 222 -40.88 -41.05 12.58
CA VAL H 222 -40.71 -39.94 13.52
C VAL H 222 -39.83 -38.82 12.96
N PHE H 223 -38.76 -39.17 12.23
CA PHE H 223 -37.86 -38.14 11.69
C PHE H 223 -38.59 -37.21 10.69
N LEU H 224 -39.59 -37.74 9.96
CA LEU H 224 -40.37 -36.95 9.00
C LEU H 224 -41.24 -35.95 9.79
N ALA H 225 -41.90 -36.39 10.86
CA ALA H 225 -42.73 -35.51 11.69
C ALA H 225 -41.83 -34.44 12.34
N GLN H 226 -40.66 -34.83 12.84
CA GLN H 226 -39.73 -33.89 13.47
C GLN H 226 -39.28 -32.80 12.48
N LYS H 227 -38.81 -33.21 11.29
CA LYS H 227 -38.32 -32.26 10.29
C LYS H 227 -39.43 -31.33 9.79
N MET H 228 -40.63 -31.89 9.58
CA MET H 228 -41.79 -31.12 9.14
C MET H 228 -42.16 -30.06 10.20
N MET H 229 -42.29 -30.47 11.46
CA MET H 229 -42.71 -29.55 12.52
C MET H 229 -41.66 -28.48 12.78
N ILE H 230 -40.38 -28.85 12.74
CA ILE H 230 -39.32 -27.86 12.93
C ILE H 230 -39.35 -26.83 11.78
N GLY H 231 -39.51 -27.30 10.54
CA GLY H 231 -39.58 -26.46 9.35
C GLY H 231 -40.75 -25.49 9.43
N ARG H 232 -41.95 -25.99 9.80
CA ARG H 232 -43.13 -25.13 9.93
C ARG H 232 -43.02 -24.11 11.07
N CYS H 233 -42.42 -24.50 12.20
CA CYS H 233 -42.21 -23.56 13.31
C CYS H 233 -41.21 -22.50 12.87
N ASN H 234 -40.16 -22.89 12.16
CA ASN H 234 -39.16 -21.91 11.66
C ASN H 234 -39.85 -20.91 10.72
N LEU H 235 -40.73 -21.40 9.84
CA LEU H 235 -41.47 -20.54 8.93
C LEU H 235 -42.40 -19.56 9.71
N ALA H 236 -43.08 -20.08 10.74
CA ALA H 236 -43.97 -19.28 11.59
C ALA H 236 -43.25 -18.36 12.56
N GLY H 237 -41.93 -18.51 12.73
CA GLY H 237 -41.17 -17.73 13.71
C GLY H 237 -41.54 -18.08 15.15
N LYS H 238 -41.91 -19.34 15.40
CA LYS H 238 -42.27 -19.78 16.77
C LYS H 238 -41.33 -20.86 17.28
N PRO H 239 -41.03 -20.87 18.59
CA PRO H 239 -40.09 -21.87 19.11
C PRO H 239 -40.49 -23.33 18.96
N VAL H 240 -39.49 -24.18 18.67
CA VAL H 240 -39.74 -25.62 18.56
C VAL H 240 -38.67 -26.34 19.36
N VAL H 241 -39.11 -27.30 20.15
CA VAL H 241 -38.23 -28.11 20.98
C VAL H 241 -38.11 -29.52 20.41
N CYS H 242 -36.91 -30.05 20.31
CA CYS H 242 -36.73 -31.46 19.94
C CYS H 242 -36.50 -32.20 21.28
N ALA H 243 -37.26 -33.29 21.53
CA ALA H 243 -37.18 -33.96 22.81
C ALA H 243 -37.09 -35.47 22.73
N THR H 244 -36.55 -36.10 23.80
CA THR H 244 -36.60 -37.51 24.19
C THR H 244 -35.57 -38.42 23.53
N GLN H 245 -34.80 -39.10 24.42
CA GLN H 245 -33.75 -40.08 24.08
C GLN H 245 -32.62 -39.50 23.26
N MET H 246 -32.37 -38.19 23.33
CA MET H 246 -31.28 -37.58 22.55
C MET H 246 -29.92 -38.10 22.98
N LEU H 247 -29.70 -38.25 24.28
CA LEU H 247 -28.43 -38.78 24.82
C LEU H 247 -28.76 -39.92 25.83
N GLU H 248 -29.75 -40.74 25.50
CA GLU H 248 -30.27 -41.80 26.39
C GLU H 248 -29.20 -42.66 27.09
N SER H 249 -28.18 -43.14 26.37
CA SER H 249 -27.17 -43.99 26.97
C SER H 249 -26.40 -43.29 28.10
N MET H 250 -26.38 -41.93 28.14
CA MET H 250 -25.72 -41.21 29.22
C MET H 250 -26.47 -41.27 30.55
N ILE H 251 -27.63 -41.95 30.61
CA ILE H 251 -28.29 -42.17 31.91
C ILE H 251 -27.34 -43.08 32.77
N THR H 252 -26.63 -44.03 32.12
CA THR H 252 -25.75 -44.97 32.80
C THR H 252 -24.29 -44.89 32.36
N LYS H 253 -24.00 -44.37 31.16
CA LYS H 253 -22.63 -44.31 30.65
C LYS H 253 -22.06 -42.90 30.56
N PRO H 254 -20.75 -42.73 30.76
CA PRO H 254 -20.16 -41.38 30.77
C PRO H 254 -20.09 -40.68 29.40
N ARG H 255 -20.15 -41.46 28.31
CA ARG H 255 -20.06 -40.93 26.96
C ARG H 255 -21.23 -41.46 26.14
N PRO H 256 -21.75 -40.63 25.21
CA PRO H 256 -22.90 -41.09 24.40
C PRO H 256 -22.51 -41.95 23.20
N THR H 257 -23.50 -42.56 22.53
CA THR H 257 -23.20 -43.35 21.33
C THR H 257 -23.01 -42.41 20.13
N ARG H 258 -22.52 -42.95 19.01
CA ARG H 258 -22.35 -42.18 17.77
C ARG H 258 -23.67 -41.71 17.22
N ALA H 259 -24.76 -42.49 17.40
CA ALA H 259 -26.08 -42.11 16.93
C ALA H 259 -26.64 -40.95 17.76
N GLU H 260 -26.36 -40.92 19.06
CA GLU H 260 -26.84 -39.87 19.95
C GLU H 260 -26.20 -38.51 19.65
N THR H 261 -24.87 -38.47 19.42
CA THR H 261 -24.24 -37.18 19.08
C THR H 261 -24.76 -36.68 17.73
N SER H 262 -24.94 -37.61 16.78
CA SER H 262 -25.47 -37.31 15.48
C SER H 262 -26.91 -36.75 15.62
N ASP H 263 -27.75 -37.36 16.45
CA ASP H 263 -29.13 -36.93 16.68
C ASP H 263 -29.19 -35.49 17.22
N VAL H 264 -28.33 -35.15 18.20
CA VAL H 264 -28.30 -33.79 18.75
C VAL H 264 -27.87 -32.80 17.64
N ALA H 265 -26.80 -33.11 16.91
CA ALA H 265 -26.30 -32.23 15.86
C ALA H 265 -27.35 -32.02 14.78
N ASN H 266 -28.04 -33.09 14.38
CA ASN H 266 -29.07 -33.02 13.35
C ASN H 266 -30.32 -32.27 13.82
N ALA H 267 -30.67 -32.33 15.10
CA ALA H 267 -31.82 -31.54 15.62
C ALA H 267 -31.49 -30.03 15.47
N VAL H 268 -30.23 -29.63 15.77
CA VAL H 268 -29.81 -28.25 15.61
C VAL H 268 -29.79 -27.85 14.12
N LEU H 269 -29.21 -28.71 13.26
CA LEU H 269 -29.18 -28.43 11.83
C LEU H 269 -30.59 -28.40 11.25
N ASP H 270 -31.54 -29.20 11.78
CA ASP H 270 -32.94 -29.19 11.32
C ASP H 270 -33.59 -27.80 11.57
N GLY H 271 -33.18 -27.12 12.65
CA GLY H 271 -33.67 -25.81 13.01
C GLY H 271 -34.29 -25.71 14.39
N ALA H 272 -34.04 -26.72 15.28
CA ALA H 272 -34.68 -26.69 16.60
C ALA H 272 -34.19 -25.50 17.41
N ASP H 273 -35.11 -24.83 18.09
CA ASP H 273 -34.71 -23.73 18.98
C ASP H 273 -34.14 -24.28 20.26
N CYS H 274 -34.72 -25.39 20.78
CA CYS H 274 -34.28 -26.01 22.03
C CYS H 274 -34.07 -27.49 21.83
N ILE H 275 -33.20 -28.05 22.64
CA ILE H 275 -33.03 -29.49 22.71
C ILE H 275 -33.26 -29.88 24.20
N MET H 276 -33.67 -31.10 24.45
CA MET H 276 -34.07 -31.51 25.79
C MET H 276 -33.39 -32.77 26.29
N LEU H 277 -33.29 -32.87 27.60
CA LEU H 277 -32.77 -34.01 28.34
C LEU H 277 -33.90 -34.39 29.33
N SER H 278 -34.22 -35.69 29.39
CA SER H 278 -35.27 -36.20 30.26
C SER H 278 -34.62 -37.10 31.30
N GLY H 279 -34.55 -38.42 31.08
CA GLY H 279 -33.90 -39.30 32.06
C GLY H 279 -32.44 -38.94 32.28
N GLU H 280 -31.77 -38.40 31.26
CA GLU H 280 -30.35 -38.02 31.31
C GLU H 280 -30.06 -37.04 32.46
N THR H 281 -31.01 -36.12 32.79
CA THR H 281 -30.80 -35.19 33.90
C THR H 281 -31.72 -35.48 35.11
N ALA H 282 -32.86 -36.15 34.89
CA ALA H 282 -33.81 -36.39 35.97
C ALA H 282 -33.36 -37.50 36.89
N LYS H 283 -32.82 -38.60 36.34
CA LYS H 283 -32.49 -39.74 37.18
C LYS H 283 -31.15 -40.41 36.92
N GLY H 284 -30.42 -39.97 35.90
CA GLY H 284 -29.16 -40.60 35.53
C GLY H 284 -27.95 -40.27 36.39
N ASN H 285 -26.84 -40.96 36.13
CA ASN H 285 -25.62 -40.72 36.90
C ASN H 285 -24.73 -39.62 36.30
N PHE H 286 -25.10 -39.04 35.15
CA PHE H 286 -24.26 -38.03 34.51
C PHE H 286 -25.06 -36.77 34.10
N PRO H 287 -25.87 -36.17 35.02
CA PRO H 287 -26.68 -35.03 34.60
C PRO H 287 -25.88 -33.81 34.12
N VAL H 288 -24.78 -33.48 34.79
CA VAL H 288 -23.97 -32.32 34.41
C VAL H 288 -23.25 -32.62 33.09
N GLU H 289 -22.71 -33.84 32.94
CA GLU H 289 -22.01 -34.23 31.71
C GLU H 289 -22.96 -34.28 30.53
N ALA H 290 -24.23 -34.65 30.73
CA ALA H 290 -25.21 -34.70 29.66
C ALA H 290 -25.48 -33.27 29.15
N VAL H 291 -25.58 -32.30 30.06
CA VAL H 291 -25.78 -30.89 29.69
C VAL H 291 -24.54 -30.40 28.93
N LYS H 292 -23.35 -30.74 29.44
CA LYS H 292 -22.08 -30.33 28.78
C LYS H 292 -21.96 -30.93 27.37
N MET H 293 -22.45 -32.16 27.18
CA MET H 293 -22.37 -32.82 25.87
C MET H 293 -23.32 -32.15 24.89
N GLN H 294 -24.55 -31.82 25.33
CA GLN H 294 -25.48 -31.11 24.45
C GLN H 294 -24.93 -29.74 24.11
N HIS H 295 -24.32 -29.06 25.07
CA HIS H 295 -23.67 -27.75 24.83
C HIS H 295 -22.57 -27.86 23.75
N ALA H 296 -21.65 -28.82 23.91
CA ALA H 296 -20.54 -28.98 22.97
C ALA H 296 -21.01 -29.34 21.55
N ILE H 297 -21.98 -30.25 21.42
CA ILE H 297 -22.49 -30.63 20.09
C ILE H 297 -23.23 -29.46 19.44
N ALA H 298 -24.11 -28.79 20.20
CA ALA H 298 -24.89 -27.68 19.66
C ALA H 298 -24.00 -26.56 19.12
N ARG H 299 -22.93 -26.23 19.83
CA ARG H 299 -21.99 -25.20 19.38
C ARG H 299 -21.36 -25.58 18.04
N GLU H 300 -20.97 -26.87 17.87
CA GLU H 300 -20.35 -27.32 16.62
C GLU H 300 -21.38 -27.27 15.49
N ALA H 301 -22.62 -27.75 15.76
CA ALA H 301 -23.66 -27.79 14.76
C ALA H 301 -24.14 -26.42 14.33
N GLU H 302 -24.20 -25.45 15.25
CA GLU H 302 -24.62 -24.08 14.90
C GLU H 302 -23.65 -23.43 13.92
N ALA H 303 -22.35 -23.68 14.09
CA ALA H 303 -21.36 -23.14 13.14
C ALA H 303 -21.53 -23.79 11.74
N ALA H 304 -22.01 -25.04 11.69
CA ALA H 304 -22.22 -25.78 10.44
C ALA H 304 -23.53 -25.46 9.73
N VAL H 305 -24.37 -24.59 10.28
CA VAL H 305 -25.63 -24.21 9.61
C VAL H 305 -25.27 -23.44 8.32
N TYR H 306 -25.95 -23.73 7.21
CA TYR H 306 -25.67 -23.05 5.93
C TYR H 306 -26.54 -21.80 5.87
N HIS H 307 -26.12 -20.73 6.55
CA HIS H 307 -26.88 -19.48 6.66
C HIS H 307 -27.21 -18.84 5.33
N ARG H 308 -26.34 -18.99 4.33
CA ARG H 308 -26.58 -18.41 3.01
C ARG H 308 -27.93 -18.89 2.42
N GLN H 309 -28.20 -20.20 2.48
CA GLN H 309 -29.46 -20.72 1.98
C GLN H 309 -30.59 -20.47 2.98
N LEU H 310 -30.32 -20.71 4.26
CA LEU H 310 -31.33 -20.53 5.29
C LEU H 310 -31.92 -19.10 5.33
N PHE H 311 -31.07 -18.07 5.36
CA PHE H 311 -31.55 -16.68 5.41
C PHE H 311 -32.34 -16.34 4.14
N GLU H 312 -31.85 -16.78 2.98
CA GLU H 312 -32.51 -16.58 1.69
C GLU H 312 -33.91 -17.22 1.71
N GLU H 313 -34.02 -18.46 2.19
CA GLU H 313 -35.30 -19.15 2.25
C GLU H 313 -36.24 -18.58 3.29
N LEU H 314 -35.73 -18.13 4.44
CA LEU H 314 -36.58 -17.51 5.47
C LEU H 314 -37.16 -16.22 4.93
N ARG H 315 -36.36 -15.41 4.19
CA ARG H 315 -36.90 -14.15 3.69
C ARG H 315 -37.86 -14.39 2.52
N ARG H 316 -37.56 -15.34 1.63
CA ARG H 316 -38.44 -15.67 0.50
C ARG H 316 -39.78 -16.22 0.95
N ALA H 317 -39.80 -17.05 2.01
CA ALA H 317 -41.04 -17.66 2.46
C ALA H 317 -41.86 -16.76 3.35
N ALA H 318 -41.20 -15.90 4.13
CA ALA H 318 -41.90 -14.99 5.01
C ALA H 318 -42.65 -13.96 4.18
N PRO H 319 -43.92 -13.72 4.51
CA PRO H 319 -44.68 -12.71 3.76
C PRO H 319 -44.22 -11.29 4.08
N LEU H 320 -44.60 -10.31 3.24
CA LEU H 320 -44.32 -8.90 3.50
C LEU H 320 -44.95 -8.51 4.84
N SER H 321 -44.35 -7.54 5.53
CA SER H 321 -44.89 -7.13 6.81
C SER H 321 -44.93 -5.65 6.95
N ARG H 322 -45.98 -5.16 7.57
CA ARG H 322 -46.10 -3.75 7.88
C ARG H 322 -45.87 -3.51 9.41
N ASP H 323 -45.40 -4.53 10.14
CA ASP H 323 -45.15 -4.38 11.56
C ASP H 323 -43.73 -3.80 11.70
N PRO H 324 -43.57 -2.63 12.32
CA PRO H 324 -42.21 -2.05 12.41
C PRO H 324 -41.18 -2.91 13.16
N THR H 325 -41.61 -3.71 14.15
CA THR H 325 -40.67 -4.56 14.88
C THR H 325 -40.10 -5.62 13.91
N GLU H 326 -40.97 -6.21 13.10
CA GLU H 326 -40.58 -7.23 12.12
C GLU H 326 -39.66 -6.61 11.05
N VAL H 327 -40.01 -5.43 10.57
CA VAL H 327 -39.23 -4.72 9.56
C VAL H 327 -37.85 -4.35 10.09
N THR H 328 -37.76 -3.86 11.34
CA THR H 328 -36.46 -3.51 11.93
C THR H 328 -35.64 -4.78 12.15
N ALA H 329 -36.29 -5.89 12.56
CA ALA H 329 -35.59 -7.15 12.81
C ALA H 329 -34.87 -7.67 11.56
N ILE H 330 -35.54 -7.69 10.39
CA ILE H 330 -34.88 -8.17 9.18
C ILE H 330 -33.76 -7.24 8.74
N GLY H 331 -33.93 -5.93 8.94
CA GLY H 331 -32.88 -4.96 8.62
C GLY H 331 -31.67 -5.16 9.52
N ALA H 332 -31.92 -5.44 10.81
CA ALA H 332 -30.86 -5.64 11.77
C ALA H 332 -30.08 -6.93 11.48
N VAL H 333 -30.78 -8.00 11.10
CA VAL H 333 -30.12 -9.28 10.80
C VAL H 333 -29.31 -9.14 9.52
N GLU H 334 -29.84 -8.45 8.51
CA GLU H 334 -29.11 -8.20 7.26
CA GLU H 334 -29.11 -8.20 7.26
C GLU H 334 -27.84 -7.39 7.56
N ALA H 335 -27.95 -6.36 8.39
CA ALA H 335 -26.81 -5.52 8.76
C ALA H 335 -25.77 -6.33 9.55
N ALA H 336 -26.22 -7.19 10.48
CA ALA H 336 -25.29 -8.04 11.25
C ALA H 336 -24.47 -8.98 10.34
N PHE H 337 -25.10 -9.59 9.34
CA PHE H 337 -24.41 -10.46 8.37
C PHE H 337 -23.38 -9.65 7.53
N LYS H 338 -23.73 -8.42 7.13
CA LYS H 338 -22.88 -7.57 6.31
C LYS H 338 -21.54 -7.25 6.97
N CYS H 339 -21.53 -7.04 8.28
CA CYS H 339 -20.33 -6.65 8.98
C CYS H 339 -19.77 -7.73 9.89
N CYS H 340 -20.34 -8.96 9.89
CA CYS H 340 -19.92 -10.03 10.79
C CYS H 340 -20.02 -9.54 12.23
N ALA H 341 -21.15 -8.88 12.57
CA ALA H 341 -21.35 -8.31 13.89
C ALA H 341 -21.18 -9.38 14.98
N ALA H 342 -20.51 -9.04 16.08
CA ALA H 342 -20.35 -9.99 17.19
C ALA H 342 -21.71 -10.24 17.89
N ALA H 343 -22.62 -9.23 17.88
CA ALA H 343 -23.90 -9.35 18.56
C ALA H 343 -24.91 -8.31 18.06
N ILE H 344 -26.19 -8.60 18.30
CA ILE H 344 -27.30 -7.71 18.09
C ILE H 344 -27.82 -7.47 19.53
N ILE H 345 -27.70 -6.27 20.07
CA ILE H 345 -28.20 -5.95 21.40
C ILE H 345 -29.59 -5.37 21.24
N VAL H 346 -30.59 -5.99 21.88
CA VAL H 346 -31.96 -5.54 21.74
C VAL H 346 -32.61 -5.27 23.10
N LEU H 347 -33.37 -4.18 23.19
CA LEU H 347 -34.11 -3.88 24.41
C LEU H 347 -35.50 -4.48 24.22
N THR H 348 -36.00 -5.19 25.23
CA THR H 348 -37.31 -5.85 25.09
C THR H 348 -38.04 -5.94 26.43
N THR H 349 -39.36 -5.73 26.42
CA THR H 349 -40.16 -5.79 27.62
C THR H 349 -40.80 -7.19 27.73
N THR H 350 -41.38 -7.71 26.64
CA THR H 350 -42.06 -9.00 26.61
C THR H 350 -41.22 -10.13 25.98
N GLY H 351 -40.10 -9.80 25.34
CA GLY H 351 -39.29 -10.76 24.60
C GLY H 351 -39.53 -10.75 23.10
N ARG H 352 -40.64 -10.15 22.67
CA ARG H 352 -41.04 -10.17 21.27
C ARG H 352 -40.00 -9.62 20.27
N SER H 353 -39.36 -8.49 20.58
CA SER H 353 -38.36 -7.93 19.63
C SER H 353 -37.19 -8.90 19.44
N ALA H 354 -36.81 -9.64 20.51
CA ALA H 354 -35.74 -10.62 20.40
C ALA H 354 -36.20 -11.85 19.60
N GLN H 355 -37.47 -12.27 19.77
CA GLN H 355 -38.02 -13.40 19.03
C GLN H 355 -38.04 -13.11 17.53
N LEU H 356 -38.39 -11.87 17.14
CA LEU H 356 -38.42 -11.52 15.73
C LEU H 356 -37.03 -11.44 15.11
N LEU H 357 -35.99 -11.16 15.91
CA LEU H 357 -34.63 -11.17 15.41
C LEU H 357 -34.22 -12.66 15.23
N SER H 358 -34.48 -13.49 16.24
CA SER H 358 -34.18 -14.91 16.27
C SER H 358 -34.78 -15.69 15.07
N ARG H 359 -35.98 -15.33 14.62
CA ARG H 359 -36.63 -16.05 13.51
C ARG H 359 -35.81 -15.99 12.20
N TYR H 360 -34.93 -14.96 12.04
CA TYR H 360 -34.08 -14.87 10.85
C TYR H 360 -32.75 -15.59 11.00
N ARG H 361 -32.52 -16.24 12.16
CA ARG H 361 -31.36 -17.03 12.43
C ARG H 361 -30.04 -16.28 12.16
N PRO H 362 -29.79 -15.13 12.82
CA PRO H 362 -28.50 -14.47 12.62
C PRO H 362 -27.39 -15.33 13.20
N ARG H 363 -26.20 -15.18 12.65
CA ARG H 363 -25.01 -15.81 13.23
C ARG H 363 -24.63 -15.01 14.51
N ALA H 364 -24.86 -13.68 14.52
CA ALA H 364 -24.56 -12.82 15.68
C ALA H 364 -25.49 -13.21 16.84
N ALA H 365 -24.94 -13.23 18.06
CA ALA H 365 -25.73 -13.50 19.27
C ALA H 365 -26.75 -12.38 19.48
N VAL H 366 -27.97 -12.69 19.91
CA VAL H 366 -28.98 -11.67 20.18
C VAL H 366 -28.98 -11.46 21.70
N ILE H 367 -28.38 -10.39 22.17
CA ILE H 367 -28.31 -10.09 23.61
C ILE H 367 -29.53 -9.27 23.97
N ALA H 368 -30.48 -9.88 24.69
CA ALA H 368 -31.74 -9.23 25.00
C ALA H 368 -31.73 -8.63 26.41
N VAL H 369 -31.76 -7.32 26.51
CA VAL H 369 -31.75 -6.64 27.79
C VAL H 369 -33.16 -6.34 28.20
N THR H 370 -33.58 -6.83 29.37
CA THR H 370 -34.94 -6.62 29.83
C THR H 370 -35.01 -6.40 31.32
N ARG H 371 -36.05 -5.69 31.78
CA ARG H 371 -36.32 -5.56 33.22
C ARG H 371 -37.29 -6.64 33.70
N SER H 372 -37.96 -7.34 32.78
CA SER H 372 -38.94 -8.35 33.15
C SER H 372 -38.20 -9.67 33.43
N ALA H 373 -38.21 -10.11 34.70
CA ALA H 373 -37.57 -11.37 35.06
C ALA H 373 -38.23 -12.54 34.30
N GLN H 374 -39.55 -12.48 34.12
CA GLN H 374 -40.26 -13.54 33.39
C GLN H 374 -39.89 -13.54 31.91
N ALA H 375 -39.80 -12.35 31.27
CA ALA H 375 -39.42 -12.31 29.85
C ALA H 375 -38.00 -12.82 29.66
N ALA H 376 -37.10 -12.50 30.58
CA ALA H 376 -35.72 -12.96 30.54
C ALA H 376 -35.66 -14.50 30.57
N ARG H 377 -36.51 -15.13 31.38
CA ARG H 377 -36.58 -16.56 31.43
C ARG H 377 -37.21 -17.15 30.15
N GLN H 378 -38.32 -16.57 29.70
CA GLN H 378 -39.03 -17.09 28.52
C GLN H 378 -38.29 -17.00 27.18
N VAL H 379 -37.45 -15.97 26.98
CA VAL H 379 -36.76 -15.84 25.71
C VAL H 379 -35.76 -16.97 25.44
N HIS H 380 -35.44 -17.80 26.45
CA HIS H 380 -34.61 -18.99 26.22
C HIS H 380 -35.28 -19.93 25.22
N LEU H 381 -36.60 -19.82 24.99
CA LEU H 381 -37.29 -20.66 24.01
C LEU H 381 -36.82 -20.33 22.58
N CYS H 382 -36.23 -19.14 22.34
CA CYS H 382 -35.85 -18.67 21.00
C CYS H 382 -34.38 -18.84 20.77
N ARG H 383 -33.99 -19.56 19.70
CA ARG H 383 -32.58 -19.79 19.44
C ARG H 383 -31.77 -18.50 19.33
N GLY H 384 -30.62 -18.49 19.97
CA GLY H 384 -29.68 -17.38 19.84
C GLY H 384 -29.99 -16.16 20.66
N VAL H 385 -30.95 -16.26 21.58
CA VAL H 385 -31.27 -15.13 22.46
C VAL H 385 -30.62 -15.36 23.79
N PHE H 386 -29.77 -14.44 24.24
CA PHE H 386 -29.05 -14.47 25.50
C PHE H 386 -29.65 -13.37 26.39
N PRO H 387 -30.52 -13.76 27.33
CA PRO H 387 -31.19 -12.73 28.17
C PRO H 387 -30.33 -12.16 29.27
N LEU H 388 -30.43 -10.84 29.47
CA LEU H 388 -29.75 -10.15 30.54
C LEU H 388 -30.82 -9.43 31.33
N LEU H 389 -30.95 -9.76 32.62
CA LEU H 389 -31.94 -9.10 33.46
C LEU H 389 -31.33 -7.82 34.04
N TYR H 390 -31.93 -6.68 33.71
CA TYR H 390 -31.46 -5.38 34.18
C TYR H 390 -32.23 -5.01 35.44
N ARG H 391 -31.55 -4.69 36.52
CA ARG H 391 -32.24 -4.42 37.80
C ARG H 391 -32.25 -2.97 38.26
N GLU H 392 -31.50 -2.09 37.62
CA GLU H 392 -31.42 -0.69 38.02
C GLU H 392 -32.73 0.07 37.82
N PRO H 393 -33.08 0.97 38.76
CA PRO H 393 -34.32 1.74 38.60
C PRO H 393 -34.19 2.72 37.41
N PRO H 394 -35.32 3.03 36.76
CA PRO H 394 -35.28 3.92 35.59
C PRO H 394 -34.65 5.27 35.81
N GLU H 395 -33.90 5.74 34.81
CA GLU H 395 -33.34 7.07 34.80
C GLU H 395 -34.51 8.05 34.51
N ALA H 396 -34.37 9.30 34.94
CA ALA H 396 -35.39 10.32 34.71
C ALA H 396 -35.52 10.64 33.22
N ILE H 397 -34.39 10.65 32.49
CA ILE H 397 -34.41 10.90 31.06
C ILE H 397 -34.43 9.55 30.33
N TRP H 398 -35.51 9.28 29.59
CA TRP H 398 -35.71 8.00 28.95
C TRP H 398 -34.56 7.61 28.01
N ALA H 399 -34.06 8.56 27.19
CA ALA H 399 -32.92 8.25 26.32
C ALA H 399 -31.67 7.79 27.11
N ASP H 400 -31.45 8.34 28.32
CA ASP H 400 -30.33 7.90 29.16
C ASP H 400 -30.59 6.50 29.71
N ASP H 401 -31.85 6.19 30.06
CA ASP H 401 -32.19 4.86 30.57
C ASP H 401 -31.94 3.80 29.46
N VAL H 402 -32.30 4.13 28.22
CA VAL H 402 -32.05 3.27 27.07
C VAL H 402 -30.55 3.06 26.90
N ASP H 403 -29.75 4.17 26.90
CA ASP H 403 -28.30 4.08 26.77
C ASP H 403 -27.67 3.23 27.87
N ARG H 404 -28.10 3.41 29.12
CA ARG H 404 -27.57 2.63 30.24
C ARG H 404 -27.80 1.14 30.05
N ARG H 405 -28.96 0.76 29.51
CA ARG H 405 -29.28 -0.64 29.27
C ARG H 405 -28.43 -1.22 28.13
N VAL H 406 -28.14 -0.42 27.10
CA VAL H 406 -27.29 -0.81 26.00
C VAL H 406 -25.86 -1.02 26.55
N GLN H 407 -25.38 -0.09 27.39
CA GLN H 407 -24.05 -0.22 28.00
C GLN H 407 -23.98 -1.46 28.91
N PHE H 408 -25.06 -1.79 29.58
CA PHE H 408 -25.13 -2.99 30.41
C PHE H 408 -24.98 -4.26 29.54
N GLY H 409 -25.61 -4.24 28.35
CA GLY H 409 -25.51 -5.32 27.38
C GLY H 409 -24.08 -5.45 26.88
N ILE H 410 -23.43 -4.34 26.58
CA ILE H 410 -22.03 -4.34 26.14
C ILE H 410 -21.09 -4.84 27.23
N GLU H 411 -21.21 -4.35 28.46
CA GLU H 411 -20.35 -4.77 29.56
C GLU H 411 -20.54 -6.24 29.92
N SER H 412 -21.80 -6.77 29.88
CA SER H 412 -22.04 -8.20 30.13
C SER H 412 -21.39 -9.00 29.01
N GLY H 413 -21.56 -8.53 27.76
CA GLY H 413 -20.99 -9.16 26.60
C GLY H 413 -19.48 -9.24 26.65
N LYS H 414 -18.80 -8.17 27.12
CA LYS H 414 -17.34 -8.18 27.22
C LYS H 414 -16.91 -9.16 28.31
N LEU H 415 -17.58 -9.14 29.46
CA LEU H 415 -17.26 -10.02 30.57
C LEU H 415 -17.42 -11.48 30.18
N ARG H 416 -18.48 -11.80 29.41
CA ARG H 416 -18.76 -13.19 29.04
C ARG H 416 -18.06 -13.69 27.79
N GLY H 417 -17.27 -12.85 27.13
CA GLY H 417 -16.54 -13.26 25.94
C GLY H 417 -17.27 -13.08 24.62
N PHE H 418 -18.49 -12.53 24.64
CA PHE H 418 -19.24 -12.28 23.41
C PHE H 418 -18.61 -11.16 22.59
N LEU H 419 -18.10 -10.13 23.27
CA LEU H 419 -17.62 -8.90 22.65
C LEU H 419 -16.24 -8.52 23.09
N ARG H 420 -15.57 -7.77 22.23
CA ARG H 420 -14.23 -7.23 22.52
C ARG H 420 -14.15 -5.86 21.87
N VAL H 421 -13.27 -4.98 22.36
CA VAL H 421 -13.02 -3.65 21.77
C VAL H 421 -12.69 -3.79 20.28
N GLY H 422 -13.35 -3.00 19.44
CA GLY H 422 -13.15 -3.11 18.01
C GLY H 422 -14.27 -3.85 17.29
N ASP H 423 -15.06 -4.66 18.03
CA ASP H 423 -16.17 -5.37 17.42
C ASP H 423 -17.26 -4.39 16.98
N LEU H 424 -18.06 -4.79 15.99
CA LEU H 424 -19.23 -4.02 15.61
C LEU H 424 -20.43 -4.77 16.18
N VAL H 425 -21.41 -4.06 16.71
CA VAL H 425 -22.66 -4.62 17.15
C VAL H 425 -23.79 -3.82 16.49
N ILE H 426 -24.95 -4.47 16.37
CA ILE H 426 -26.16 -3.86 15.90
C ILE H 426 -27.00 -3.64 17.16
N VAL H 427 -27.56 -2.44 17.35
CA VAL H 427 -28.37 -2.14 18.54
C VAL H 427 -29.79 -1.86 18.09
N VAL H 428 -30.76 -2.59 18.66
CA VAL H 428 -32.16 -2.50 18.29
C VAL H 428 -32.99 -1.91 19.46
N THR H 429 -33.64 -0.79 19.21
CA THR H 429 -34.41 -0.08 20.22
C THR H 429 -35.74 0.43 19.60
N GLY H 430 -36.58 1.12 20.40
CA GLY H 430 -37.81 1.71 19.92
C GLY H 430 -37.89 3.23 20.13
N TRP H 431 -38.97 3.86 19.65
CA TRP H 431 -39.10 5.33 19.69
C TRP H 431 -39.79 5.87 20.94
N ARG H 432 -40.40 5.01 21.75
CA ARG H 432 -41.06 5.46 23.00
C ARG H 432 -41.03 4.30 24.03
N PRO H 433 -41.27 4.59 25.33
CA PRO H 433 -41.33 3.51 26.33
C PRO H 433 -42.53 2.59 26.08
N GLY H 434 -42.47 1.41 26.67
CA GLY H 434 -43.54 0.45 26.56
C GLY H 434 -43.28 -0.51 25.42
N SER H 435 -43.91 -1.69 25.52
CA SER H 435 -43.82 -2.78 24.56
CA SER H 435 -43.75 -2.75 24.52
C SER H 435 -44.45 -2.43 23.22
N GLY H 436 -43.89 -2.95 22.13
CA GLY H 436 -44.51 -2.82 20.80
C GLY H 436 -44.04 -1.70 19.91
N TYR H 437 -43.06 -0.92 20.35
CA TYR H 437 -42.60 0.23 19.56
C TYR H 437 -41.17 0.13 19.06
N THR H 438 -40.62 -1.10 18.93
CA THR H 438 -39.29 -1.25 18.33
C THR H 438 -39.32 -0.77 16.87
N ASN H 439 -38.38 0.11 16.50
CA ASN H 439 -38.35 0.62 15.12
C ASN H 439 -36.96 1.16 14.74
N ILE H 440 -35.92 0.94 15.55
CA ILE H 440 -34.61 1.53 15.25
C ILE H 440 -33.53 0.49 15.28
N MET H 441 -32.64 0.52 14.30
CA MET H 441 -31.44 -0.28 14.33
C MET H 441 -30.23 0.66 14.12
N ARG H 442 -29.17 0.46 14.91
CA ARG H 442 -27.96 1.30 14.83
CA ARG H 442 -27.97 1.28 14.74
C ARG H 442 -26.70 0.45 14.78
N VAL H 443 -25.68 0.90 14.06
CA VAL H 443 -24.40 0.21 13.99
C VAL H 443 -23.45 0.88 14.94
N LEU H 444 -22.94 0.14 15.89
CA LEU H 444 -22.10 0.69 16.95
C LEU H 444 -20.76 -0.05 17.03
N SER H 445 -19.68 0.70 17.22
CA SER H 445 -18.35 0.14 17.36
C SER H 445 -18.05 0.02 18.86
N ILE H 446 -17.63 -1.14 19.33
CA ILE H 446 -17.33 -1.37 20.74
C ILE H 446 -16.04 -0.68 21.16
N SER H 447 -16.12 0.19 22.19
CA SER H 447 -14.97 0.90 22.74
C SER H 447 -14.65 0.40 24.16
P1 FBP I . 47.77 27.32 44.12
O1P FBP I . 48.63 28.48 44.22
O2P FBP I . 46.34 27.61 44.52
O3P FBP I . 48.20 26.02 44.84
O1 FBP I . 47.78 26.90 42.55
C1 FBP I . 47.11 25.74 42.06
C2 FBP I . 46.99 25.93 40.53
O2 FBP I . 46.45 24.74 40.02
C3 FBP I . 48.34 26.29 39.88
O3 FBP I . 49.15 25.14 39.70
C4 FBP I . 47.88 26.97 38.62
O4 FBP I . 48.86 27.80 38.03
C5 FBP I . 46.74 27.83 39.16
O5 FBP I . 46.14 27.03 40.19
C6 FBP I . 45.73 28.25 38.12
O6 FBP I . 45.19 29.55 38.47
P2 FBP I . 44.74 30.53 37.26
O4P FBP I . 45.90 30.66 36.30
O5P FBP I . 44.47 31.87 37.86
O6P FBP I . 43.49 29.88 36.64
C1 OXL J . 19.42 49.06 29.09
C2 OXL J . 20.28 48.95 30.36
O1 OXL J . 19.29 50.13 28.54
O2 OXL J . 20.90 50.04 30.73
O3 OXL J . 18.92 47.95 28.63
O4 OXL J . 20.30 47.87 30.98
C2 I7V K . 16.41 49.85 39.94
C4 I7V K . 14.23 50.73 40.59
C5 I7V K . 15.59 50.50 40.90
C6 I7V K . 16.15 50.98 42.18
C8 I7V K . 15.79 52.22 44.30
C9 I7V K . 14.98 52.92 45.17
C10 I7V K . 13.64 53.12 44.88
O7 I7V K . 14.59 48.01 36.48
S I7V K . 13.78 49.09 36.94
O I7V K . 12.40 48.84 37.25
N I7V K . 13.79 50.22 35.76
C19 I7V K . 15.05 50.98 35.59
C17 I7V K . 15.17 51.44 34.13
C18 I7V K . 16.26 52.47 33.95
O6 I7V K . 17.00 52.81 34.85
O5 I7V K . 16.34 52.93 32.72
C16 I7V K . 13.81 51.94 33.63
C15 I7V K . 12.87 52.29 34.79
C14 I7V K . 12.60 51.08 35.65
C I7V K . 14.55 49.78 38.37
C3 I7V K . 13.74 50.36 39.34
C13 I7V K . 13.33 51.41 41.54
O3 I7V K . 12.14 51.56 41.30
C12 I7V K . 13.91 51.91 42.82
C11 I7V K . 13.10 52.61 43.71
C7 I7V K . 15.26 51.71 43.12
O4 I7V K . 17.33 50.80 42.47
O2 I7V K . 17.68 49.43 40.25
C1 I7V K . 15.91 49.52 38.66
O1 I7V K . 16.74 48.99 37.72
H3 I7V K . 16.84 52.08 44.55
H4 I7V K . 15.39 53.34 46.09
H5 I7V K . 13.01 53.67 45.57
H15 I7V K . 15.12 51.80 36.29
H16 I7V K . 15.93 50.35 35.81
H13 I7V K . 15.45 50.58 33.53
H14 I7V K . 17.08 53.60 32.64
H11 I7V K . 13.93 52.80 32.98
H12 I7V K . 13.31 51.19 33.00
H9 I7V K . 13.28 53.11 35.37
H10 I7V K . 11.94 52.69 34.39
H8 I7V K . 12.31 51.40 36.66
H7 I7V K . 11.75 50.52 35.27
H2 I7V K . 12.70 50.55 39.09
H6 I7V K . 12.04 52.77 43.51
H1 I7V K . 17.94 49.61 41.19
H I7V K . 16.27 48.29 37.20
MG MG L . 20.55 51.59 29.47
K K M . 22.39 52.29 35.31
P1 FBP N . 56.21 1.85 34.53
O1P FBP N . 57.13 1.67 33.31
O2P FBP N . 55.74 0.46 34.94
O3P FBP N . 56.85 2.68 35.57
O1 FBP N . 54.90 2.61 34.00
C1 FBP N . 54.96 3.95 33.50
C2 FBP N . 53.67 4.14 32.67
O2 FBP N . 53.65 5.48 32.26
C3 FBP N . 52.43 3.74 33.49
O3 FBP N . 52.03 4.76 34.39
C4 FBP N . 51.43 3.46 32.38
O4 FBP N . 50.36 2.63 32.80
C5 FBP N . 52.30 2.68 31.40
O5 FBP N . 53.62 3.29 31.53
C6 FBP N . 51.81 2.71 29.98
O6 FBP N . 52.16 1.47 29.33
P2 FBP N . 51.19 0.82 28.23
O4P FBP N . 51.30 1.78 27.03
O5P FBP N . 51.55 -0.55 27.84
O6P FBP N . 49.79 0.86 28.75
C1 OXL O . 52.13 -10.74 -1.99
C2 OXL O . 52.92 -11.19 -0.73
O1 OXL O . 52.18 -9.58 -2.34
O2 OXL O . 53.68 -10.32 -0.10
O3 OXL O . 51.44 -11.64 -2.64
O4 OXL O . 52.80 -12.36 -0.36
C2 I7V P . 63.27 -13.78 -0.71
C4 I7V P . 64.78 -14.28 -2.57
C5 I7V P . 64.42 -14.45 -1.22
C6 I7V P . 65.18 -15.42 -0.37
C8 I7V P . 66.92 -17.18 -0.24
C9 I7V P . 67.88 -17.98 -0.83
C10 I7V P . 68.21 -17.81 -2.15
O7 I7V P . 62.93 -11.21 -4.95
S I7V P . 61.99 -11.74 -4.01
O I7V P . 61.21 -10.84 -3.23
N I7V P . 60.95 -12.67 -4.85
C19 I7V P . 59.54 -12.65 -4.39
C17 I7V P . 58.74 -13.76 -5.07
C18 I7V P . 57.87 -14.56 -4.12
O6 I7V P . 58.13 -14.68 -2.94
O5 I7V P . 56.83 -15.12 -4.70
C16 I7V P . 59.61 -14.68 -5.92
C15 I7V P . 60.42 -13.88 -6.95
C14 I7V P . 61.09 -12.67 -6.32
C I7V P . 62.87 -12.81 -2.90
C3 I7V P . 64.01 -13.45 -3.38
C13 I7V P . 65.89 -15.04 -3.18
O3 I7V P . 66.21 -14.86 -4.35
C12 I7V P . 66.61 -16.03 -2.34
C11 I7V P . 67.59 -16.83 -2.91
C7 I7V P . 66.27 -16.20 -0.99
O4 I7V P . 64.92 -15.55 0.82
O2 I7V P . 62.92 -13.85 0.61
C1 I7V P . 62.48 -12.99 -1.56
O1 I7V P . 61.30 -12.46 -1.09
H3 I7V P . 66.68 -17.33 0.82
H4 I7V P . 68.37 -18.76 -0.24
H5 I7V P . 68.97 -18.44 -2.61
H15 I7V P . 59.49 -12.72 -3.30
H16 I7V P . 59.08 -11.69 -4.61
H13 I7V P . 58.07 -13.24 -5.75
H14 I7V P . 56.76 -14.95 -5.67
H11 I7V P . 60.28 -15.26 -5.27
H12 I7V P . 59.03 -15.43 -6.45
H9 I7V P . 59.77 -13.58 -7.77
H10 I7V P . 61.16 -14.53 -7.42
H8 I7V P . 60.64 -11.75 -6.70
H7 I7V P . 62.13 -12.65 -6.65
H2 I7V P . 64.28 -13.30 -4.42
H6 I7V P . 67.89 -16.70 -3.95
H1 I7V P . 63.54 -14.40 1.16
H I7V P . 61.48 -11.78 -0.39
MG MG Q . 51.71 -13.57 -1.40
K K R . 55.85 -15.73 2.04
P1 FBP S . -1.44 25.99 -17.94
O1P FBP S . -1.22 26.62 -19.28
O2P FBP S . -1.74 27.04 -16.90
O3P FBP S . -2.52 24.92 -17.98
O1 FBP S . -0.09 25.30 -17.46
C1 FBP S . 1.16 25.99 -17.31
C2 FBP S . 2.03 25.13 -16.40
O2 FBP S . 3.32 25.66 -16.43
C3 FBP S . 2.01 23.62 -16.77
O3 FBP S . 2.84 23.31 -17.87
C4 FBP S . 2.42 23.02 -15.45
O4 FBP S . 2.10 21.64 -15.39
C5 FBP S . 1.50 23.80 -14.52
O5 FBP S . 1.52 25.13 -15.05
C6 FBP S . 1.95 23.81 -13.08
O6 FBP S . 0.81 23.96 -12.21
P2 FBP S . 0.90 23.28 -10.75
O4P FBP S . 1.89 24.04 -9.93
O5P FBP S . -0.51 23.39 -10.19
O6P FBP S . 1.21 21.86 -10.99
C2 I7V T . -10.94 37.18 18.18
C4 I7V T . -11.75 38.81 19.80
C5 I7V T . -11.96 38.07 18.61
C6 I7V T . -13.25 38.15 17.89
C8 I7V T . -15.56 39.02 17.82
C9 I7V T . -16.58 39.80 18.34
C10 I7V T . -16.38 40.55 19.47
O7 I7V T . -7.97 38.85 21.83
S I7V T . -8.11 37.62 21.09
O I7V T . -7.09 37.21 20.19
N I7V T . -8.27 36.43 22.20
C19 I7V T . -9.04 35.21 21.85
C17 I7V T . -8.41 33.95 22.47
C18 I7V T . -9.27 32.74 22.14
O6 I7V T . -9.99 32.22 22.97
O5 I7V T . -9.16 32.31 20.90
C16 I7V T . -8.17 34.08 23.98
C15 I7V T . -7.70 35.48 24.38
C14 I7V T . -7.18 36.25 23.18
C I7V T . -9.62 37.72 20.14
C3 I7V T . -10.58 38.63 20.53
C13 I7V T . -12.82 39.71 20.33
O3 I7V T . -12.60 40.43 21.29
C12 I7V T . -14.12 39.74 19.61
C11 I7V T . -15.16 40.52 20.12
C7 I7V T . -14.32 38.99 18.44
O4 I7V T . -13.44 37.52 16.85
O2 I7V T . -11.02 36.54 16.99
C1 I7V T . -9.78 36.98 18.96
O1 I7V T . -8.85 36.05 18.56
H3 I7V T . -15.75 38.45 16.91
H4 I7V T . -17.56 39.82 17.84
H5 I7V T . -17.19 41.16 19.87
H15 I7V T . -10.08 35.31 22.14
H16 I7V T . -9.08 35.06 20.77
H13 I7V T . -7.45 33.78 21.99
H14 I7V T . -8.54 32.84 20.34
H11 I7V T . -9.07 33.83 24.53
H12 I7V T . -7.43 33.35 24.31
H9 I7V T . -6.94 35.40 25.14
H10 I7V T . -8.53 36.01 24.85
H8 I7V T . -6.35 35.73 22.71
H7 I7V T . -6.78 37.21 23.52
H2 I7V T . -10.43 39.20 21.45
H6 I7V T . -15.03 41.12 21.02
H1 I7V T . -11.84 36.76 16.47
H I7V T . -9.30 35.20 18.32
C1 OXL U . -3.41 29.33 20.67
C2 OXL U . -4.29 29.52 19.42
O1 OXL U . -2.25 29.88 20.64
O2 OXL U . -3.91 30.26 18.51
O3 OXL U . -3.82 28.67 21.63
O4 OXL U . -5.46 28.92 19.44
MG MG V . -5.70 27.64 21.22
K K W . -10.33 29.48 17.82
P1 FBP X . 21.95 25.23 -33.30
O1P FBP X . 22.58 26.38 -33.97
O2P FBP X . 22.80 23.93 -33.39
O3P FBP X . 20.48 24.89 -33.73
O1 FBP X . 21.88 25.56 -31.76
C1 FBP X . 21.38 24.66 -30.77
C2 FBP X . 21.88 25.13 -29.39
O2 FBP X . 21.18 24.36 -28.46
C3 FBP X . 21.70 26.66 -29.20
O3 FBP X . 20.37 26.99 -28.78
C4 FBP X . 22.74 26.97 -28.18
O4 FBP X . 23.15 28.33 -28.10
C5 FBP X . 23.90 26.15 -28.71
O5 FBP X . 23.30 24.95 -29.22
C6 FBP X . 24.91 25.84 -27.62
O6 FBP X . 26.22 25.69 -28.21
P2 FBP X . 27.52 26.12 -27.34
O4P FBP X . 28.67 26.11 -28.32
O5P FBP X . 27.35 27.41 -26.63
O6P FBP X . 27.69 25.00 -26.32
C1 OXL Y . 55.82 14.36 -22.05
C2 OXL Y . 56.55 14.03 -20.73
O1 OXL Y . 56.36 15.19 -22.79
O2 OXL Y . 57.72 14.61 -20.53
O3 OXL Y . 54.69 13.71 -22.35
O4 OXL Y . 56.01 13.31 -19.90
MG MG Z . 58.21 16.04 -22.16
K K AA . 56.83 16.04 -27.93
P1 FBP BA . -39.21 -42.19 -41.13
O1P FBP BA . -38.82 -40.94 -41.84
O2P FBP BA . -40.70 -42.37 -41.34
O3P FBP BA . -38.29 -43.37 -41.38
O1 FBP BA . -39.05 -41.96 -39.54
C1 FBP BA . -37.77 -41.69 -38.93
C2 FBP BA . -38.08 -41.09 -37.55
O2 FBP BA . -36.85 -40.98 -36.87
C3 FBP BA . -39.11 -41.94 -36.77
O3 FBP BA . -38.50 -43.06 -36.16
C4 FBP BA . -39.65 -40.91 -35.81
O4 FBP BA . -40.92 -41.28 -35.29
C5 FBP BA . -39.82 -39.72 -36.75
O5 FBP BA . -38.70 -39.81 -37.66
C6 FBP BA . -39.86 -38.37 -36.07
O6 FBP BA . -40.70 -37.48 -36.81
P2 FBP BA . -41.50 -36.32 -36.01
O4P FBP BA . -40.46 -35.34 -35.55
O5P FBP BA . -42.46 -35.69 -36.99
O6P FBP BA . -42.27 -37.00 -34.90
C1 OXL CA . -47.10 -5.53 -38.80
C2 OXL CA . -46.91 -4.41 -37.72
O1 OXL CA . -46.04 -6.26 -39.16
O2 OXL CA . -45.86 -4.36 -37.13
O3 OXL CA . -48.23 -5.67 -39.31
O4 OXL CA . -47.91 -3.63 -37.43
C2 I7V DA . -43.21 -1.21 -49.61
C4 I7V DA . -44.49 -3.25 -50.07
C5 I7V DA . -43.88 -2.06 -50.54
C6 I7V DA . -43.99 -1.67 -51.95
C8 I7V DA . -45.01 -2.11 -54.17
C9 I7V DA . -45.83 -2.86 -55.01
C10 I7V DA . -46.41 -4.02 -54.55
O7 I7V DA . -42.22 -3.33 -45.82
S I7V DA . -43.62 -3.30 -46.13
O I7V DA . -44.41 -4.49 -45.98
N I7V DA . -44.30 -2.15 -45.20
C19 I7V DA . -45.74 -1.90 -45.41
C17 I7V DA . -46.33 -1.38 -44.10
C18 I7V DA . -47.85 -1.33 -44.13
O6 I7V DA . -48.53 -2.36 -44.08
O5 I7V DA . -48.35 -0.12 -44.20
C16 I7V DA . -45.66 -0.01 -43.90
C15 I7V DA . -44.15 -0.16 -43.74
C14 I7V DA . -43.54 -0.91 -44.92
C I7V DA . -43.77 -2.74 -47.81
C3 I7V DA . -44.43 -3.57 -48.72
C13 I7V DA . -45.24 -4.14 -50.99
O3 I7V DA . -45.75 -5.18 -50.58
C12 I7V DA . -45.39 -3.71 -52.40
C11 I7V DA . -46.20 -4.45 -53.26
C7 I7V DA . -44.79 -2.53 -52.86
O4 I7V DA . -43.39 -0.69 -52.39
O2 I7V DA . -42.69 0.00 -49.98
C1 I7V DA . -43.13 -1.57 -48.25
O1 I7V DA . -42.33 -0.87 -47.41
H3 I7V DA . -44.56 -1.20 -54.55
H4 I7V DA . -46.01 -2.53 -56.03
H5 I7V DA . -47.06 -4.60 -55.21
H15 I7V DA . -45.90 -1.20 -46.22
H16 I7V DA . -46.29 -2.80 -45.70
H13 I7V DA . -46.04 -2.05 -43.29
H14 I7V DA . -49.34 -0.13 -44.22
H11 I7V DA . -45.88 0.63 -44.74
H12 I7V DA . -46.05 0.52 -43.03
H9 I7V DA . -43.68 0.81 -43.64
H10 I7V DA . -43.92 -0.67 -42.80
H8 I7V DA . -42.51 -1.18 -44.68
H7 I7V DA . -43.48 -0.27 -45.79
H2 I7V DA . -44.90 -4.48 -48.36
H6 I7V DA . -46.66 -5.38 -52.93
H1 I7V DA . -42.81 0.22 -50.93
H I7V DA . -41.70 -1.46 -46.93
MG MG EA . -49.55 -4.44 -38.57
K K FA . -50.30 -7.18 -43.90
P1 FBP GA . -21.62 -57.10 -23.65
O1P FBP GA . -20.14 -57.37 -23.84
O2P FBP GA . -22.10 -57.66 -22.30
O3P FBP GA . -22.57 -57.61 -24.75
O1 FBP GA . -21.78 -55.51 -23.65
C1 FBP GA . -23.06 -54.89 -23.50
C2 FBP GA . -22.79 -53.43 -23.05
O2 FBP GA . -24.03 -52.76 -23.05
C3 FBP GA . -21.75 -52.75 -23.97
O3 FBP GA . -22.31 -52.27 -25.19
C4 FBP GA . -21.25 -51.67 -23.03
O4 FBP GA . -19.99 -51.15 -23.42
C5 FBP GA . -21.11 -52.45 -21.73
O5 FBP GA . -22.21 -53.38 -21.75
C6 FBP GA . -21.11 -51.60 -20.49
O6 FBP GA . -20.29 -52.24 -19.49
P2 FBP GA . -19.52 -51.31 -18.44
O4P FBP GA . -18.76 -50.23 -19.21
O5P FBP GA . -18.59 -52.19 -17.67
O6P FBP GA . -20.61 -50.68 -17.54
C2 I7V HA . -17.20 -59.65 15.19
C4 I7V HA . -17.83 -60.64 17.34
C5 I7V HA . -17.24 -60.77 16.06
C6 I7V HA . -16.60 -62.04 15.67
C8 I7V HA . -15.89 -64.34 16.32
C9 I7V HA . -15.84 -65.37 17.24
C10 I7V HA . -16.46 -65.25 18.47
O7 I7V HA . -19.24 -55.98 16.35
S I7V HA . -18.95 -56.77 17.51
O I7V HA . -19.98 -57.11 18.42
N I7V HA . -17.80 -55.96 18.35
C19 I7V HA . -16.56 -55.60 17.66
C17 I7V HA . -15.92 -54.37 18.33
C18 I7V HA . -14.60 -53.95 17.71
O6 I7V HA . -13.88 -53.13 18.24
O5 I7V HA . -14.31 -54.54 16.58
C16 I7V HA . -15.74 -54.65 19.83
C15 I7V HA . -17.03 -55.13 20.50
C14 I7V HA . -17.60 -56.33 19.76
C I7V HA . -18.22 -58.29 16.92
C3 I7V HA . -18.31 -59.40 17.75
C13 I7V HA . -17.86 -61.77 18.30
O3 I7V HA . -18.42 -61.68 19.37
C12 I7V HA . -17.19 -63.03 17.90
C11 I7V HA . -17.13 -64.09 18.80
C7 I7V HA . -16.57 -63.17 16.64
O4 I7V HA . -16.06 -62.17 14.58
O2 I7V HA . -16.80 -59.76 13.90
C1 I7V HA . -17.67 -58.40 15.64
O1 I7V HA . -17.52 -57.30 14.83
H3 I7V HA . -15.40 -64.46 15.36
H4 I7V HA . -15.32 -66.29 16.99
H5 I7V HA . -16.42 -66.08 19.18
H15 I7V HA . -15.87 -56.44 17.63
H16 I7V HA . -16.73 -55.37 16.61
H13 I7V HA . -16.61 -53.53 18.22
H14 I7V HA . -13.44 -54.23 16.22
H11 I7V HA . -14.94 -55.38 19.97
H12 I7V HA . -15.39 -53.76 20.36
H9 I7V HA . -16.83 -55.38 21.54
H10 I7V HA . -17.74 -54.32 20.54
H8 I7V HA . -18.53 -56.63 20.23
H7 I7V HA . -16.93 -57.19 19.85
H2 I7V HA . -18.76 -59.29 18.73
H6 I7V HA . -17.59 -64.02 19.79
H1 I7V HA . -16.55 -60.68 13.64
H I7V HA . -18.05 -56.54 15.18
C1 OXL IA . -15.17 -48.29 13.60
C2 OXL IA . -15.03 -49.49 12.64
O1 OXL IA . -14.12 -47.90 14.27
O2 OXL IA . -13.85 -50.03 12.58
O3 OXL IA . -16.25 -47.76 13.70
O4 OXL IA . -16.02 -49.86 11.99
MG MG JA . -12.32 -49.07 13.78
K K KA . -11.70 -54.68 11.81
P1 FBP LA . -25.60 17.04 9.67
O1P FBP LA . -24.20 17.56 9.81
O2P FBP LA . -26.17 17.40 8.28
O3P FBP LA . -26.48 17.39 10.87
O1 FBP LA . -25.47 15.44 9.67
C1 FBP LA . -26.62 14.62 9.50
C2 FBP LA . -26.11 13.23 9.09
O2 FBP LA . -27.23 12.37 9.16
C3 FBP LA . -24.92 12.74 9.94
O3 FBP LA . -25.30 12.10 11.14
C4 FBP LA . -24.27 11.79 8.94
O4 FBP LA . -22.91 11.49 9.23
C5 FBP LA . -24.32 12.62 7.67
O5 FBP LA . -25.59 13.30 7.75
C6 FBP LA . -24.26 11.79 6.41
O6 FBP LA . -23.77 12.58 5.30
P2 FBP LA . -22.81 11.83 4.22
O4P FBP LA . -22.15 12.93 3.42
O5P FBP LA . -23.77 11.06 3.29
O6P FBP LA . -21.86 10.96 4.94
C1 OXL MA . -20.40 9.33 -28.11
C2 OXL MA . -20.35 10.56 -27.20
O1 OXL MA . -19.39 9.11 -28.89
O2 OXL MA . -19.34 11.27 -27.20
O3 OXL MA . -21.38 8.62 -28.09
O4 OXL MA . -21.43 10.76 -26.43
C2 I7V NA . -24.46 20.10 -33.19
C4 I7V NA . -24.45 20.43 -30.78
C5 I7V NA . -24.38 20.97 -32.07
C6 I7V NA . -24.17 22.42 -32.25
C8 I7V NA . -23.73 24.63 -31.20
C9 I7V NA . -23.47 25.41 -30.09
C10 I7V NA . -23.48 24.85 -28.84
O7 I7V NA . -25.35 16.31 -30.01
S I7V NA . -25.17 16.53 -31.40
O I7V NA . -26.21 16.18 -32.32
N I7V NA . -23.86 15.68 -31.84
C19 I7V NA . -22.55 16.33 -31.66
C17 I7V NA . -21.47 15.25 -31.53
C18 I7V NA . -20.13 15.85 -31.24
O6 I7V NA . -19.62 15.83 -30.15
O5 I7V NA . -19.58 16.39 -32.27
C16 I7V NA . -21.47 14.41 -32.80
C15 I7V NA . -22.84 13.80 -33.05
C14 I7V NA . -23.92 14.86 -33.06
C I7V NA . -24.75 18.22 -31.70
C3 I7V NA . -24.65 19.06 -30.60
C13 I7V NA . -24.30 21.27 -29.58
O3 I7V NA . -24.39 20.79 -28.46
C12 I7V NA . -24.05 22.71 -29.76
C11 I7V NA . -23.78 23.51 -28.66
C7 I7V NA . -24.00 23.27 -31.05
O4 I7V NA . -24.15 22.92 -33.37
O2 I7V NA . -24.37 20.53 -34.47
C1 I7V NA . -24.63 18.73 -33.00
O1 I7V NA . -24.64 17.92 -34.08
H3 I7V NA . -23.72 25.09 -32.18
H4 I7V NA . -23.25 26.46 -30.20
H5 I7V NA . -23.23 25.45 -27.96
H15 I7V NA . -22.33 17.00 -32.49
H16 I7V NA . -22.54 16.96 -30.77
H13 I7V NA . -21.74 14.62 -30.68
H14 I7V NA . -18.68 16.78 -32.06
H11 I7V NA . -21.20 15.03 -33.64
H12 I7V NA . -20.72 13.63 -32.76
H9 I7V NA . -22.84 13.24 -33.98
H10 I7V NA . -23.06 13.05 -32.27
H8 I7V NA . -24.89 14.38 -33.14
H7 I7V NA . -23.81 15.46 -33.96
H2 I7V NA . -24.72 18.64 -29.60
H6 I7V NA . -23.80 23.12 -27.65
H1 I7V NA . -24.24 21.51 -34.54
H I7V NA . -25.07 17.07 -33.80
MG MG OA . -17.87 10.56 -28.64
K K PA . -17.83 16.05 -26.63
P1 FBP QA . -38.84 0.62 27.99
O1P FBP QA . -38.03 1.91 28.22
O2P FBP QA . -38.17 -0.58 28.64
O3P FBP QA . -40.28 0.76 28.36
O1 FBP QA . -38.83 0.44 26.42
C1 FBP QA . -37.61 0.29 25.66
C2 FBP QA . -38.01 -0.39 24.33
O2 FBP QA . -36.85 -0.38 23.55
C3 FBP QA . -39.21 0.31 23.67
O3 FBP QA . -38.81 1.46 22.95
C4 FBP QA . -39.74 -0.78 22.80
O4 FBP QA . -41.09 -0.59 22.41
C5 FBP QA . -39.67 -1.97 23.74
O5 FBP QA . -38.47 -1.74 24.50
C6 FBP QA . -39.62 -3.32 23.05
O6 FBP QA . -40.27 -4.31 23.87
P2 FBP QA . -41.05 -5.52 23.14
O4P FBP QA . -39.94 -6.42 22.59
O5P FBP QA . -41.96 -5.06 22.05
O6P FBP QA . -41.76 -6.25 24.25
C1 OXL RA . -42.67 -36.61 26.16
C2 OXL RA . -42.55 -37.75 25.12
O1 OXL RA . -41.73 -35.83 26.35
O2 OXL RA . -41.45 -37.75 24.42
O3 OXL RA . -43.85 -36.49 26.71
O4 OXL RA . -43.44 -38.57 24.97
MG MG SA . -45.13 -37.99 26.05
K K TA . -45.62 -35.25 31.24
#